data_3TTY
#
_entry.id   3TTY
#
_cell.length_a   228.200
_cell.length_b   228.200
_cell.length_c   246.800
_cell.angle_alpha   90.00
_cell.angle_beta   90.00
_cell.angle_gamma   120.00
#
_symmetry.space_group_name_H-M   'H 3'
#
loop_
_entity.id
_entity.type
_entity.pdbx_description
1 polymer Beta-galactosidase
2 non-polymer 'ZINC ION'
3 non-polymer alpha-D-galactopyranose
4 water water
#
_entity_poly.entity_id   1
_entity_poly.type   'polypeptide(L)'
_entity_poly.pdbx_seq_one_letter_code
;MINEKFPKIWYGGDYNPEQWDKATMEEDMRMFNLAGIDVATVNVFSWAKIQRDEVSYDFTWLDDIIERLTKENIYLCLAT
STGAHPAWMAKKYPDVLRVDYEGRKRKFGGRHNSCPNSPTYRKYAKILAGKLAERYKDHPQIVMWHVSNEYGGYCYCDNC
EKQFRVWLKERYGTLEALNKAWNTSFWSHTFYDWDEIVAPNALSEEWSGNRTNFQGISLDYRRFQSDSLLECFKMERDEL
KRWTPDIPVTTNLMGFYPELDYFKWAKEMDVVSWDNYPSMDTPFSFTAMAHNLMRGLKSGQPFMLMEQTPGVQNWQPYNS
AKRPGVMRLWSYQAVAHGADTVMFFQLRRSVGACEKYHGAVIEHVGHEHTRVFRECAELGKELQQLGDTILDARSEAKVA
VMYDWENRWALELSSGPSIALNYVNEVHKYYDALYKQNIQTDMISVEEDLSKYKVVIAPVMYMVKPGFAERVERFVAQGG
TFVTTFFSGIVNENDLVTLGGYPGELRNVMGIWAEEIDALLPGHQNEIVLRQDWGGLRGSYSCGILCDVIHAETAEVLAE
YGADYYKGTPVLTRNKFGNGQSYYVASSPDADFLQGLIANLCEEQGVKPLLNTPDGVEVAERVKNGTSYLFVMNHNAEEM
TFDAGASRQRDLLTGKTISGQATIPARGVMILERA
;
_entity_poly.pdbx_strand_id   A,B,C,D,E,F
#
# COMPACT_ATOMS: atom_id res chain seq x y z
N MET A 1 40.57 38.52 10.78
CA MET A 1 40.98 37.39 9.93
C MET A 1 40.04 36.20 10.11
N ILE A 2 39.82 35.45 9.03
CA ILE A 2 38.94 34.30 9.10
C ILE A 2 39.42 33.40 10.23
N ASN A 3 40.73 33.24 10.32
CA ASN A 3 41.33 32.53 11.44
C ASN A 3 42.75 33.04 11.69
N GLU A 4 42.97 33.61 12.87
CA GLU A 4 44.23 34.26 13.19
C GLU A 4 45.44 33.34 13.11
N LYS A 5 45.22 32.03 13.16
CA LYS A 5 46.38 31.15 13.19
C LYS A 5 46.93 30.86 11.77
N PHE A 6 46.31 31.48 10.78
CA PHE A 6 46.54 31.15 9.37
C PHE A 6 46.42 32.46 8.62
N PRO A 7 47.44 33.33 8.75
CA PRO A 7 47.38 34.75 8.37
C PRO A 7 47.79 35.05 6.93
N LYS A 8 47.17 34.35 5.98
CA LYS A 8 47.35 34.65 4.57
C LYS A 8 46.07 34.28 3.84
N ILE A 9 46.05 34.50 2.53
CA ILE A 9 44.98 34.01 1.70
C ILE A 9 45.17 32.50 1.56
N TRP A 10 44.33 31.72 2.22
CA TRP A 10 44.44 30.27 2.16
C TRP A 10 44.47 29.76 0.72
N TYR A 11 45.20 28.68 0.50
CA TYR A 11 45.34 28.13 -0.84
C TYR A 11 45.34 26.60 -0.80
N GLY A 12 44.36 25.99 -1.46
CA GLY A 12 44.17 24.55 -1.37
C GLY A 12 42.76 24.20 -1.81
N GLY A 13 42.13 23.25 -1.13
CA GLY A 13 40.74 22.92 -1.45
C GLY A 13 40.33 21.50 -1.11
N ASP A 14 39.26 21.04 -1.75
CA ASP A 14 38.74 19.69 -1.51
C ASP A 14 39.82 18.65 -1.82
N TYR A 15 40.00 17.73 -0.88
CA TYR A 15 41.04 16.71 -0.98
C TYR A 15 40.45 15.42 -0.45
N ASN A 16 40.63 14.33 -1.19
CA ASN A 16 39.93 13.07 -0.92
C ASN A 16 40.83 11.85 -1.01
N PRO A 17 41.85 11.79 -0.13
CA PRO A 17 42.84 10.71 -0.16
C PRO A 17 42.20 9.37 0.15
N GLU A 18 41.03 9.35 0.80
CA GLU A 18 40.38 8.08 1.09
C GLU A 18 39.91 7.37 -0.20
N GLN A 19 39.99 8.06 -1.34
CA GLN A 19 39.74 7.45 -2.65
C GLN A 19 41.03 6.80 -3.16
N TRP A 20 42.14 7.05 -2.46
CA TRP A 20 43.44 6.64 -2.97
C TRP A 20 44.16 5.68 -2.01
N ASP A 21 45.43 5.94 -1.72
CA ASP A 21 46.19 5.14 -0.76
C ASP A 21 47.36 5.95 -0.24
N LYS A 22 48.20 5.34 0.59
CA LYS A 22 49.28 6.11 1.23
C LYS A 22 50.36 6.58 0.26
N ALA A 23 50.75 5.71 -0.67
CA ALA A 23 51.75 6.09 -1.65
C ALA A 23 51.31 7.35 -2.42
N THR A 24 50.08 7.38 -2.92
CA THR A 24 49.69 8.58 -3.66
C THR A 24 49.66 9.80 -2.74
N MET A 25 49.33 9.57 -1.49
CA MET A 25 49.34 10.62 -0.49
C MET A 25 50.73 11.24 -0.34
N GLU A 26 51.79 10.43 -0.44
CA GLU A 26 53.14 10.97 -0.42
C GLU A 26 53.39 11.89 -1.62
N GLU A 27 52.92 11.49 -2.80
CA GLU A 27 53.00 12.36 -3.97
C GLU A 27 52.16 13.63 -3.79
N ASP A 28 50.98 13.51 -3.17
CA ASP A 28 50.15 14.69 -2.92
C ASP A 28 50.93 15.73 -2.10
N MET A 29 51.46 15.30 -0.96
CA MET A 29 52.20 16.22 -0.08
C MET A 29 53.32 16.90 -0.85
N ARG A 30 54.07 16.10 -1.61
CA ARG A 30 55.20 16.62 -2.37
C ARG A 30 54.74 17.69 -3.35
N MET A 31 53.69 17.39 -4.11
CA MET A 31 53.16 18.35 -5.08
C MET A 31 52.45 19.56 -4.44
N PHE A 32 51.78 19.34 -3.30
CA PHE A 32 51.13 20.45 -2.58
C PHE A 32 52.20 21.46 -2.14
N ASN A 33 53.35 20.97 -1.70
CA ASN A 33 54.44 21.88 -1.32
C ASN A 33 55.00 22.64 -2.51
N LEU A 34 55.18 21.95 -3.64
CA LEU A 34 55.58 22.62 -4.88
C LEU A 34 54.62 23.73 -5.27
N ALA A 35 53.33 23.51 -5.06
CA ALA A 35 52.32 24.46 -5.52
C ALA A 35 51.94 25.52 -4.46
N GLY A 36 52.53 25.42 -3.27
CA GLY A 36 52.24 26.35 -2.19
C GLY A 36 50.81 26.20 -1.68
N ILE A 37 50.30 24.97 -1.73
CA ILE A 37 48.99 24.64 -1.18
C ILE A 37 49.10 24.37 0.31
N ASP A 38 48.34 25.11 1.12
CA ASP A 38 48.47 25.05 2.57
C ASP A 38 47.14 24.80 3.32
N VAL A 39 46.07 24.54 2.58
CA VAL A 39 44.81 24.15 3.20
C VAL A 39 44.13 22.99 2.49
N ALA A 40 43.60 22.05 3.26
CA ALA A 40 42.90 20.91 2.71
C ALA A 40 41.51 20.85 3.32
N THR A 41 40.50 20.65 2.47
CA THR A 41 39.12 20.46 2.91
C THR A 41 38.83 18.98 2.81
N VAL A 42 38.80 18.29 3.94
CA VAL A 42 38.74 16.84 3.93
C VAL A 42 37.47 16.30 4.55
N ASN A 43 37.19 15.02 4.31
CA ASN A 43 36.05 14.33 4.89
C ASN A 43 34.67 14.87 4.47
N VAL A 44 34.57 15.42 3.26
CA VAL A 44 33.28 15.96 2.81
C VAL A 44 32.29 14.83 2.51
N PHE A 45 32.80 13.71 2.00
CA PHE A 45 31.91 12.67 1.48
C PHE A 45 32.28 11.28 1.95
N SER A 46 32.34 11.09 3.27
CA SER A 46 32.80 9.81 3.80
C SER A 46 31.95 9.34 4.95
N TRP A 47 30.68 9.72 4.94
CA TRP A 47 29.78 9.32 6.00
C TRP A 47 29.80 7.79 6.10
N ALA A 48 29.62 7.10 4.98
CA ALA A 48 29.57 5.64 5.00
C ALA A 48 30.91 5.01 5.38
N LYS A 49 32.02 5.64 5.02
CA LYS A 49 33.31 5.09 5.44
C LYS A 49 33.46 5.14 6.96
N ILE A 50 32.93 6.21 7.55
CA ILE A 50 33.00 6.36 8.98
C ILE A 50 31.99 5.46 9.67
N GLN A 51 30.75 5.52 9.21
CA GLN A 51 29.69 4.82 9.93
C GLN A 51 28.97 3.77 9.10
N ARG A 52 29.19 2.50 9.42
CA ARG A 52 28.67 1.40 8.62
C ARG A 52 27.31 0.86 9.09
N ASP A 53 26.89 1.29 10.26
CA ASP A 53 25.58 0.93 10.81
C ASP A 53 25.23 1.89 11.96
N GLU A 54 24.11 1.65 12.64
CA GLU A 54 23.58 2.62 13.59
C GLU A 54 24.51 2.86 14.77
N VAL A 55 25.45 1.94 14.93
CA VAL A 55 26.18 1.82 16.18
C VAL A 55 27.71 1.92 16.02
N SER A 56 28.22 1.81 14.80
CA SER A 56 29.65 1.68 14.59
C SER A 56 30.29 2.88 13.90
N TYR A 57 31.38 3.38 14.49
CA TYR A 57 32.11 4.54 13.97
C TYR A 57 33.61 4.25 13.86
N ASP A 58 34.18 4.51 12.69
CA ASP A 58 35.61 4.31 12.48
C ASP A 58 36.27 5.59 12.00
N PHE A 59 37.16 6.14 12.82
CA PHE A 59 37.84 7.38 12.50
C PHE A 59 39.34 7.17 12.28
N THR A 60 39.81 5.94 12.44
CA THR A 60 41.25 5.67 12.36
C THR A 60 41.85 6.10 11.01
N TRP A 61 41.10 5.89 9.93
CA TRP A 61 41.54 6.28 8.59
C TRP A 61 41.72 7.79 8.53
N LEU A 62 40.79 8.50 9.15
CA LEU A 62 40.80 9.96 9.13
C LEU A 62 41.92 10.52 10.03
N ASP A 63 42.14 9.90 11.19
CA ASP A 63 43.28 10.25 12.04
C ASP A 63 44.56 10.34 11.21
N ASP A 64 44.78 9.32 10.37
CA ASP A 64 46.01 9.22 9.60
C ASP A 64 46.14 10.32 8.57
N ILE A 65 45.04 10.60 7.88
CA ILE A 65 45.00 11.68 6.92
C ILE A 65 45.35 13.02 7.59
N ILE A 66 44.74 13.28 8.73
CA ILE A 66 44.95 14.53 9.43
C ILE A 66 46.39 14.65 9.96
N GLU A 67 46.90 13.54 10.48
CA GLU A 67 48.27 13.51 10.99
C GLU A 67 49.25 13.78 9.86
N ARG A 68 49.08 13.10 8.74
CA ARG A 68 49.99 13.27 7.62
C ARG A 68 50.08 14.71 7.13
N LEU A 69 48.93 15.36 6.99
CA LEU A 69 48.86 16.76 6.59
C LEU A 69 49.47 17.68 7.64
N THR A 70 49.22 17.37 8.90
CA THR A 70 49.77 18.15 9.99
C THR A 70 51.31 18.12 9.92
N LYS A 71 51.87 16.99 9.51
CA LYS A 71 53.31 16.88 9.32
C LYS A 71 53.84 17.91 8.31
N GLU A 72 53.05 18.20 7.28
CA GLU A 72 53.41 19.23 6.30
C GLU A 72 52.94 20.61 6.74
N ASN A 73 52.40 20.71 7.94
CA ASN A 73 51.84 21.97 8.44
C ASN A 73 50.77 22.54 7.48
N ILE A 74 50.05 21.66 6.80
CA ILE A 74 48.89 22.05 6.03
C ILE A 74 47.69 22.12 6.95
N TYR A 75 46.90 23.18 6.80
CA TYR A 75 45.75 23.43 7.66
C TYR A 75 44.49 22.73 7.17
N LEU A 76 43.56 22.48 8.09
CA LEU A 76 42.40 21.65 7.79
C LEU A 76 41.07 22.40 7.84
N CYS A 77 40.37 22.36 6.72
CA CYS A 77 38.97 22.72 6.68
C CYS A 77 38.19 21.39 6.80
N LEU A 78 37.75 21.05 8.00
CA LEU A 78 37.20 19.73 8.25
C LEU A 78 35.69 19.69 8.05
N ALA A 79 35.24 18.83 7.14
CA ALA A 79 33.80 18.70 6.86
C ALA A 79 33.15 17.65 7.77
N THR A 80 31.86 17.82 8.03
CA THR A 80 31.11 16.88 8.85
C THR A 80 30.66 15.62 8.10
N SER A 81 30.80 15.64 6.76
CA SER A 81 30.46 14.48 5.94
C SER A 81 28.96 14.23 5.81
N THR A 82 28.14 15.20 6.19
CA THR A 82 26.70 15.01 6.16
C THR A 82 26.00 15.34 4.83
N GLY A 83 26.77 15.70 3.81
CA GLY A 83 26.18 16.07 2.52
C GLY A 83 25.69 14.89 1.68
N ALA A 84 26.04 13.67 2.09
CA ALA A 84 25.55 12.49 1.41
C ALA A 84 25.46 11.35 2.41
N HIS A 85 24.26 10.83 2.62
CA HIS A 85 24.04 9.79 3.61
C HIS A 85 24.46 8.42 3.08
N PRO A 86 24.65 7.44 3.98
CA PRO A 86 25.05 6.09 3.57
C PRO A 86 23.93 5.27 2.92
N ALA A 87 24.30 4.41 1.98
CA ALA A 87 23.33 3.54 1.32
C ALA A 87 22.52 2.71 2.34
N TRP A 88 23.17 2.26 3.42
CA TRP A 88 22.46 1.47 4.45
C TRP A 88 21.43 2.31 5.17
N MET A 89 21.67 3.60 5.27
CA MET A 89 20.75 4.46 6.00
C MET A 89 19.51 4.68 5.12
N ALA A 90 19.75 4.88 3.83
CA ALA A 90 18.65 5.03 2.88
C ALA A 90 17.86 3.72 2.83
N LYS A 91 18.55 2.59 2.92
CA LYS A 91 17.88 1.30 2.85
C LYS A 91 17.08 1.01 4.12
N LYS A 92 17.72 1.14 5.27
CA LYS A 92 17.07 0.86 6.55
C LYS A 92 16.11 1.95 6.98
N TYR A 93 16.42 3.21 6.67
CA TYR A 93 15.61 4.34 7.16
C TYR A 93 15.18 5.26 6.02
N PRO A 94 14.21 4.80 5.22
CA PRO A 94 13.73 5.53 4.05
C PRO A 94 13.21 6.96 4.36
N ASP A 95 12.90 7.26 5.63
CA ASP A 95 12.49 8.64 5.99
C ASP A 95 13.61 9.64 5.67
N VAL A 96 14.78 9.11 5.42
CA VAL A 96 15.93 9.94 5.08
C VAL A 96 15.84 10.44 3.63
N LEU A 97 15.03 9.75 2.83
CA LEU A 97 14.96 10.01 1.39
C LEU A 97 13.85 11.01 1.04
N ARG A 98 14.12 11.83 0.04
CA ARG A 98 13.16 12.87 -0.36
C ARG A 98 12.04 12.34 -1.26
N VAL A 99 10.96 13.11 -1.32
CA VAL A 99 9.93 12.93 -2.32
C VAL A 99 10.04 14.14 -3.24
N ASP A 100 10.09 13.90 -4.55
CA ASP A 100 10.38 14.99 -5.46
C ASP A 100 9.15 15.80 -5.88
N TYR A 101 9.42 16.82 -6.66
CA TYR A 101 8.41 17.72 -7.18
C TYR A 101 7.32 16.97 -7.96
N GLU A 102 7.65 15.79 -8.48
CA GLU A 102 6.66 15.02 -9.22
C GLU A 102 5.91 14.05 -8.31
N GLY A 103 6.18 14.10 -7.02
CA GLY A 103 5.50 13.26 -6.03
C GLY A 103 6.15 11.91 -5.77
N ARG A 104 7.29 11.68 -6.41
CA ARG A 104 7.94 10.36 -6.36
C ARG A 104 8.84 10.22 -5.15
N LYS A 105 8.71 9.10 -4.44
CA LYS A 105 9.66 8.77 -3.37
C LYS A 105 11.02 8.32 -3.95
N ARG A 106 12.07 9.05 -3.65
CA ARG A 106 13.39 8.70 -4.17
C ARG A 106 13.92 7.40 -3.54
N LYS A 107 14.90 6.82 -4.21
CA LYS A 107 15.67 5.68 -3.72
C LYS A 107 17.08 6.18 -3.50
N PHE A 108 17.98 5.33 -2.98
CA PHE A 108 19.36 5.75 -2.74
C PHE A 108 20.06 6.19 -4.00
N GLY A 109 20.72 7.33 -3.95
CA GLY A 109 21.54 7.78 -5.06
C GLY A 109 21.85 9.26 -4.96
N GLY A 110 22.83 9.74 -5.74
CA GLY A 110 23.19 11.14 -5.74
C GLY A 110 23.74 11.63 -4.41
N ARG A 111 23.41 12.87 -4.05
CA ARG A 111 23.90 13.50 -2.83
C ARG A 111 23.03 14.73 -2.53
N HIS A 112 23.32 15.42 -1.43
CA HIS A 112 22.67 16.69 -1.08
C HIS A 112 21.15 16.59 -1.04
N ASN A 113 20.63 15.39 -0.75
CA ASN A 113 19.21 15.15 -0.93
C ASN A 113 18.56 14.41 0.27
N SER A 114 19.07 14.64 1.47
CA SER A 114 18.41 14.09 2.66
C SER A 114 17.20 14.94 3.04
N CYS A 115 16.10 14.32 3.44
CA CYS A 115 14.94 15.12 3.84
C CYS A 115 15.34 15.93 5.08
N PRO A 116 15.20 17.26 5.00
CA PRO A 116 15.65 18.13 6.09
C PRO A 116 14.72 18.03 7.30
N ASN A 117 13.58 17.38 7.12
CA ASN A 117 12.66 17.18 8.23
C ASN A 117 12.65 15.72 8.69
N SER A 118 13.74 15.02 8.41
CA SER A 118 13.85 13.59 8.71
C SER A 118 14.40 13.33 10.12
N PRO A 119 13.66 12.55 10.92
CA PRO A 119 14.15 12.26 12.27
C PRO A 119 15.44 11.43 12.23
N THR A 120 15.54 10.53 11.27
CA THR A 120 16.75 9.72 11.17
C THR A 120 17.96 10.56 10.80
N TYR A 121 17.82 11.36 9.75
CA TYR A 121 18.91 12.22 9.30
C TYR A 121 19.38 13.18 10.40
N ARG A 122 18.43 13.82 11.08
CA ARG A 122 18.80 14.76 12.12
C ARG A 122 19.48 14.07 13.29
N LYS A 123 18.98 12.89 13.66
CA LYS A 123 19.61 12.08 14.71
C LYS A 123 21.08 11.74 14.40
N TYR A 124 21.34 11.15 13.25
CA TYR A 124 22.72 10.70 12.98
C TYR A 124 23.66 11.82 12.50
N ALA A 125 23.10 12.83 11.85
CA ALA A 125 23.92 13.94 11.40
C ALA A 125 24.45 14.72 12.60
N LYS A 126 23.59 14.96 13.59
CA LYS A 126 24.02 15.58 14.85
C LYS A 126 25.08 14.74 15.58
N ILE A 127 24.82 13.45 15.74
CA ILE A 127 25.82 12.58 16.36
C ILE A 127 27.16 12.63 15.62
N LEU A 128 27.14 12.50 14.30
CA LEU A 128 28.39 12.49 13.52
C LEU A 128 29.22 13.76 13.73
N ALA A 129 28.57 14.91 13.61
CA ALA A 129 29.24 16.18 13.82
C ALA A 129 29.77 16.26 15.25
N GLY A 130 28.98 15.78 16.20
CA GLY A 130 29.41 15.75 17.59
C GLY A 130 30.67 14.93 17.82
N LYS A 131 30.68 13.70 17.33
CA LYS A 131 31.81 12.81 17.52
C LYS A 131 33.08 13.33 16.85
N LEU A 132 32.94 13.95 15.69
CA LEU A 132 34.11 14.52 15.02
C LEU A 132 34.71 15.66 15.85
N ALA A 133 33.86 16.55 16.35
CA ALA A 133 34.37 17.71 17.08
C ALA A 133 34.97 17.25 18.40
N GLU A 134 34.32 16.29 19.04
CA GLU A 134 34.85 15.74 20.27
C GLU A 134 36.21 15.09 20.03
N ARG A 135 36.31 14.27 19.00
CA ARG A 135 37.55 13.53 18.75
C ARG A 135 38.70 14.48 18.45
N TYR A 136 38.43 15.56 17.72
CA TYR A 136 39.49 16.45 17.29
C TYR A 136 39.48 17.80 18.00
N LYS A 137 38.83 17.85 19.17
CA LYS A 137 38.60 19.11 19.88
C LYS A 137 39.89 19.83 20.25
N ASP A 138 40.99 19.09 20.34
CA ASP A 138 42.26 19.68 20.73
C ASP A 138 43.26 19.71 19.60
N HIS A 139 42.80 19.40 18.39
CA HIS A 139 43.71 19.39 17.26
C HIS A 139 43.92 20.80 16.75
N PRO A 140 45.20 21.22 16.69
CA PRO A 140 45.68 22.57 16.37
C PRO A 140 45.52 22.99 14.91
N GLN A 141 45.40 22.03 14.00
CA GLN A 141 45.43 22.35 12.57
C GLN A 141 44.06 22.75 12.00
N ILE A 142 43.00 22.36 12.68
CA ILE A 142 41.64 22.63 12.20
C ILE A 142 41.30 24.11 12.32
N VAL A 143 41.11 24.77 11.19
CA VAL A 143 40.92 26.20 11.17
C VAL A 143 39.50 26.58 10.82
N MET A 144 38.70 25.59 10.42
CA MET A 144 37.35 25.85 9.90
C MET A 144 36.55 24.55 9.86
N TRP A 145 35.27 24.62 10.25
CA TRP A 145 34.34 23.50 10.06
C TRP A 145 33.52 23.73 8.80
N HIS A 146 33.36 22.67 8.02
CA HIS A 146 32.65 22.71 6.74
C HIS A 146 31.43 21.78 6.90
N VAL A 147 30.32 22.38 7.36
CA VAL A 147 29.10 21.61 7.65
C VAL A 147 28.44 21.11 6.39
N SER A 148 28.21 19.79 6.34
CA SER A 148 27.53 19.20 5.19
C SER A 148 28.26 19.61 3.90
N ASN A 149 27.49 19.81 2.83
CA ASN A 149 28.00 20.31 1.56
C ASN A 149 26.83 20.77 0.70
N GLU A 150 26.94 21.99 0.17
CA GLU A 150 25.90 22.59 -0.68
C GLU A 150 24.45 22.13 -0.34
N TYR A 151 23.95 22.55 0.82
CA TYR A 151 22.53 22.39 1.13
C TYR A 151 21.64 22.91 -0.02
N GLY A 152 20.57 22.18 -0.34
CA GLY A 152 19.72 22.61 -1.43
C GLY A 152 18.70 21.59 -1.89
N GLY A 153 17.83 22.01 -2.81
CA GLY A 153 16.74 21.17 -3.28
C GLY A 153 15.57 21.17 -2.31
N TYR A 154 14.36 20.95 -2.82
CA TYR A 154 13.18 20.90 -1.99
C TYR A 154 12.70 19.47 -1.83
N CYS A 155 11.98 19.22 -0.73
CA CYS A 155 11.37 17.93 -0.48
C CYS A 155 9.87 18.13 -0.28
N TYR A 156 9.08 17.14 -0.70
CA TYR A 156 7.63 17.21 -0.63
C TYR A 156 7.05 15.99 0.04
N CYS A 157 7.84 15.34 0.91
CA CYS A 157 7.39 14.11 1.56
C CYS A 157 6.34 14.38 2.66
N ASP A 158 5.82 13.32 3.24
CA ASP A 158 4.85 13.45 4.34
C ASP A 158 5.34 14.25 5.55
N ASN A 159 6.59 14.03 5.94
CA ASN A 159 7.14 14.74 7.08
C ASN A 159 7.29 16.24 6.83
N CYS A 160 7.72 16.60 5.62
CA CYS A 160 7.79 18.01 5.26
C CYS A 160 6.40 18.58 5.24
N GLU A 161 5.44 17.80 4.73
CA GLU A 161 4.08 18.30 4.60
C GLU A 161 3.49 18.59 5.98
N LYS A 162 3.62 17.63 6.89
CA LYS A 162 3.15 17.83 8.26
C LYS A 162 3.88 18.99 8.94
N GLN A 163 5.17 19.09 8.71
CA GLN A 163 5.94 20.13 9.37
C GLN A 163 5.62 21.49 8.74
N PHE A 164 5.32 21.50 7.44
CA PHE A 164 4.81 22.70 6.79
C PHE A 164 3.62 23.30 7.56
N ARG A 165 2.71 22.43 8.02
CA ARG A 165 1.53 22.88 8.72
C ARG A 165 1.88 23.50 10.06
N VAL A 166 2.87 22.91 10.75
CA VAL A 166 3.33 23.44 12.04
C VAL A 166 3.92 24.81 11.80
N TRP A 167 4.71 24.92 10.74
CA TRP A 167 5.37 26.17 10.39
C TRP A 167 4.37 27.28 10.05
N LEU A 168 3.22 26.89 9.52
CA LEU A 168 2.14 27.83 9.21
C LEU A 168 1.38 28.23 10.47
N LYS A 169 1.23 27.30 11.41
CA LYS A 169 0.64 27.63 12.71
C LYS A 169 1.51 28.65 13.46
N GLU A 170 2.83 28.51 13.34
CA GLU A 170 3.75 29.45 13.98
C GLU A 170 3.70 30.79 13.28
N ARG A 171 3.57 30.77 11.96
CA ARG A 171 3.64 32.02 11.21
C ARG A 171 2.36 32.82 11.39
N TYR A 172 1.21 32.17 11.20
CA TYR A 172 -0.03 32.90 11.08
C TYR A 172 -0.94 32.85 12.32
N GLY A 173 -0.77 31.83 13.14
CA GLY A 173 -1.52 31.73 14.38
C GLY A 173 -2.89 31.11 14.24
N THR A 174 -3.69 31.64 13.31
CA THR A 174 -5.04 31.14 13.14
C THR A 174 -5.33 30.82 11.67
N LEU A 175 -6.30 29.96 11.43
CA LEU A 175 -6.76 29.75 10.06
C LEU A 175 -7.28 31.06 9.46
N GLU A 176 -7.84 31.92 10.29
CA GLU A 176 -8.40 33.14 9.74
C GLU A 176 -7.28 33.99 9.13
N ALA A 177 -6.15 34.09 9.81
CA ALA A 177 -5.02 34.86 9.30
C ALA A 177 -4.40 34.16 8.11
N LEU A 178 -4.37 32.83 8.14
CA LEU A 178 -3.84 32.10 7.01
C LEU A 178 -4.70 32.32 5.76
N ASN A 179 -6.01 32.12 5.90
CA ASN A 179 -6.90 32.27 4.76
C ASN A 179 -6.81 33.66 4.15
N LYS A 180 -6.57 34.67 4.98
CA LYS A 180 -6.42 36.04 4.45
C LYS A 180 -5.05 36.25 3.78
N ALA A 181 -3.99 35.87 4.45
CA ALA A 181 -2.65 35.98 3.87
C ALA A 181 -2.58 35.31 2.50
N TRP A 182 -3.33 34.22 2.33
CA TRP A 182 -3.26 33.43 1.09
C TRP A 182 -4.36 33.77 0.10
N ASN A 183 -5.27 34.65 0.50
CA ASN A 183 -6.45 35.01 -0.31
C ASN A 183 -7.30 33.80 -0.74
N THR A 184 -7.59 32.90 0.20
CA THR A 184 -8.19 31.64 -0.16
C THR A 184 -9.67 31.70 -0.57
N SER A 185 -10.29 32.87 -0.47
CA SER A 185 -11.66 32.98 -0.98
C SER A 185 -11.66 32.84 -2.51
N PHE A 186 -10.49 33.06 -3.12
CA PHE A 186 -10.28 32.81 -4.54
C PHE A 186 -10.30 31.31 -4.81
N TRP A 187 -10.98 30.90 -5.88
CA TRP A 187 -11.13 29.48 -6.25
C TRP A 187 -11.55 28.57 -5.08
N SER A 188 -12.50 29.01 -4.27
CA SER A 188 -13.06 28.18 -3.20
C SER A 188 -11.95 27.45 -2.43
N HIS A 189 -10.90 28.18 -2.06
CA HIS A 189 -9.74 27.58 -1.40
C HIS A 189 -9.79 27.65 0.13
N THR A 190 -10.92 28.08 0.68
CA THR A 190 -11.06 28.21 2.12
C THR A 190 -10.63 26.95 2.87
N PHE A 191 -9.69 27.13 3.79
CA PHE A 191 -9.29 26.05 4.66
C PHE A 191 -10.02 26.07 5.99
N TYR A 192 -10.58 24.94 6.40
CA TYR A 192 -11.26 24.85 7.69
C TYR A 192 -10.47 24.05 8.70
N ASP A 193 -9.38 23.45 8.24
CA ASP A 193 -8.46 22.71 9.12
C ASP A 193 -7.06 22.71 8.53
N TRP A 194 -6.03 22.71 9.39
CA TRP A 194 -4.66 22.76 8.91
C TRP A 194 -4.30 21.53 8.04
N ASP A 195 -4.86 20.38 8.38
CA ASP A 195 -4.53 19.17 7.64
C ASP A 195 -5.07 19.17 6.21
N GLU A 196 -5.89 20.17 5.85
CA GLU A 196 -6.40 20.29 4.50
C GLU A 196 -5.37 20.93 3.54
N ILE A 197 -4.36 21.56 4.13
CA ILE A 197 -3.28 22.20 3.40
C ILE A 197 -2.28 21.15 2.93
N VAL A 198 -1.90 21.21 1.65
CA VAL A 198 -0.90 20.27 1.15
C VAL A 198 0.33 21.01 0.61
N ALA A 199 1.44 20.30 0.47
CA ALA A 199 2.63 20.91 -0.13
C ALA A 199 2.33 21.20 -1.59
N PRO A 200 2.83 22.33 -2.10
CA PRO A 200 2.60 22.67 -3.51
C PRO A 200 3.65 22.06 -4.43
N ASN A 201 3.25 21.07 -5.22
CA ASN A 201 4.11 20.54 -6.27
C ASN A 201 3.23 20.09 -7.42
N ALA A 202 3.72 19.19 -8.27
CA ALA A 202 2.98 18.81 -9.46
C ALA A 202 1.65 18.09 -9.16
N LEU A 203 1.48 17.59 -7.95
CA LEU A 203 0.25 16.91 -7.58
C LEU A 203 -0.83 17.89 -7.14
N SER A 204 -0.46 19.15 -6.89
CA SER A 204 -1.37 20.08 -6.23
C SER A 204 -1.52 21.43 -6.93
N GLU A 205 -0.76 22.46 -6.52
CA GLU A 205 -0.92 23.80 -7.07
C GLU A 205 0.06 24.18 -8.18
N GLU A 206 1.10 23.37 -8.38
CA GLU A 206 2.22 23.82 -9.22
C GLU A 206 2.38 22.96 -10.46
N TRP A 207 3.03 23.53 -11.47
CA TRP A 207 3.39 22.75 -12.63
C TRP A 207 4.55 23.42 -13.36
N SER A 208 5.22 22.62 -14.19
CA SER A 208 6.30 23.13 -15.04
C SER A 208 7.40 23.80 -14.25
N GLY A 209 7.57 23.39 -13.00
CA GLY A 209 8.71 23.80 -12.20
C GLY A 209 8.64 25.19 -11.59
N ASN A 210 7.92 26.12 -12.23
CA ASN A 210 7.86 27.50 -11.76
C ASN A 210 6.48 28.16 -11.85
N ARG A 211 5.45 27.38 -12.17
CA ARG A 211 4.10 27.94 -12.30
C ARG A 211 3.26 27.50 -11.11
N THR A 212 2.29 28.33 -10.71
CA THR A 212 1.44 27.99 -9.58
C THR A 212 0.08 28.68 -9.66
N ASN A 213 -0.93 28.03 -9.09
CA ASN A 213 -2.27 28.61 -8.97
C ASN A 213 -2.39 29.51 -7.74
N PHE A 214 -1.57 29.24 -6.73
CA PHE A 214 -1.64 29.93 -5.45
C PHE A 214 -0.26 30.38 -4.97
N GLN A 215 0.17 31.58 -5.37
CA GLN A 215 1.55 31.96 -5.08
C GLN A 215 1.85 32.06 -3.58
N GLY A 216 0.84 32.40 -2.80
CA GLY A 216 1.02 32.54 -1.37
C GLY A 216 1.50 31.24 -0.73
N ILE A 217 0.91 30.14 -1.18
CA ILE A 217 1.31 28.81 -0.71
C ILE A 217 2.73 28.47 -1.20
N SER A 218 2.96 28.64 -2.49
CA SER A 218 4.26 28.34 -3.09
C SER A 218 5.36 29.16 -2.45
N LEU A 219 5.09 30.43 -2.20
CA LEU A 219 6.04 31.34 -1.58
C LEU A 219 6.40 30.86 -0.17
N ASP A 220 5.39 30.60 0.65
CA ASP A 220 5.59 30.08 2.00
C ASP A 220 6.29 28.73 2.06
N TYR A 221 6.04 27.88 1.08
CA TYR A 221 6.68 26.57 1.12
C TYR A 221 8.19 26.71 0.87
N ARG A 222 8.56 27.61 -0.03
CA ARG A 222 9.97 27.90 -0.29
C ARG A 222 10.63 28.51 0.95
N ARG A 223 9.94 29.41 1.66
CA ARG A 223 10.47 29.91 2.93
C ARG A 223 10.72 28.72 3.86
N PHE A 224 9.73 27.85 3.96
CA PHE A 224 9.73 26.72 4.88
C PHE A 224 10.87 25.74 4.60
N GLN A 225 10.98 25.33 3.34
CA GLN A 225 12.07 24.45 2.90
C GLN A 225 13.44 25.07 3.22
N SER A 226 13.59 26.34 2.90
CA SER A 226 14.81 27.05 3.21
C SER A 226 15.04 27.04 4.73
N ASP A 227 14.04 27.41 5.51
CA ASP A 227 14.15 27.37 6.98
C ASP A 227 14.53 25.97 7.49
N SER A 228 13.94 24.91 6.92
CA SER A 228 14.15 23.54 7.37
C SER A 228 15.61 23.09 7.16
N LEU A 229 16.14 23.39 5.98
CA LEU A 229 17.54 23.11 5.72
C LEU A 229 18.45 23.95 6.61
N LEU A 230 18.07 25.21 6.85
CA LEU A 230 18.84 26.06 7.76
C LEU A 230 18.89 25.45 9.16
N GLU A 231 17.76 24.91 9.61
CA GLU A 231 17.70 24.24 10.90
C GLU A 231 18.74 23.10 10.95
N CYS A 232 18.84 22.34 9.87
CA CYS A 232 19.85 21.29 9.83
C CYS A 232 21.25 21.87 10.02
N PHE A 233 21.59 22.93 9.28
CA PHE A 233 22.88 23.57 9.46
C PHE A 233 23.15 23.97 10.91
N LYS A 234 22.19 24.71 11.48
CA LYS A 234 22.29 25.21 12.85
C LYS A 234 22.43 24.08 13.85
N MET A 235 21.69 23.01 13.61
CA MET A 235 21.77 21.85 14.48
C MET A 235 23.21 21.31 14.54
N GLU A 236 23.89 21.23 13.40
CA GLU A 236 25.26 20.71 13.40
C GLU A 236 26.24 21.75 13.95
N ARG A 237 26.06 22.99 13.53
CA ARG A 237 26.85 24.10 14.01
C ARG A 237 26.89 24.06 15.54
N ASP A 238 25.73 23.91 16.17
CA ASP A 238 25.65 23.93 17.64
C ASP A 238 26.39 22.79 18.30
N GLU A 239 26.28 21.60 17.72
CA GLU A 239 26.97 20.43 18.27
C GLU A 239 28.48 20.60 18.12
N LEU A 240 28.92 21.19 17.02
CA LEU A 240 30.33 21.49 16.78
C LEU A 240 30.88 22.48 17.80
N LYS A 241 30.18 23.60 17.96
CA LYS A 241 30.60 24.64 18.88
C LYS A 241 30.60 24.18 20.35
N ARG A 242 29.76 23.22 20.69
CA ARG A 242 29.75 22.64 22.03
C ARG A 242 31.14 22.08 22.40
N TRP A 243 31.82 21.50 21.42
CA TRP A 243 33.12 20.88 21.65
C TRP A 243 34.28 21.77 21.23
N THR A 244 34.09 22.58 20.20
CA THR A 244 35.15 23.48 19.77
C THR A 244 34.61 24.88 19.52
N PRO A 245 34.32 25.61 20.60
CA PRO A 245 33.67 26.93 20.54
C PRO A 245 34.48 28.01 19.81
N ASP A 246 35.79 27.82 19.67
CA ASP A 246 36.64 28.83 19.03
C ASP A 246 37.01 28.47 17.60
N ILE A 247 36.51 27.34 17.11
CA ILE A 247 36.69 27.02 15.70
C ILE A 247 35.49 27.53 14.93
N PRO A 248 35.72 28.39 13.91
CA PRO A 248 34.62 28.96 13.12
C PRO A 248 33.92 27.91 12.27
N VAL A 249 32.67 28.17 11.92
CA VAL A 249 31.84 27.20 11.22
C VAL A 249 31.22 27.83 10.00
N THR A 250 31.29 27.13 8.87
CA THR A 250 30.63 27.58 7.66
C THR A 250 29.96 26.42 6.95
N THR A 251 29.23 26.75 5.90
CA THR A 251 28.81 25.75 4.92
C THR A 251 28.94 26.42 3.56
N ASN A 252 29.04 25.64 2.48
CA ASN A 252 29.37 26.27 1.20
C ASN A 252 28.14 26.59 0.33
N LEU A 253 28.01 27.88 -0.01
CA LEU A 253 26.82 28.39 -0.69
C LEU A 253 27.06 28.54 -2.19
N MET A 254 25.99 28.84 -2.92
CA MET A 254 26.06 28.76 -4.39
C MET A 254 25.69 30.07 -5.08
N GLY A 255 26.06 31.18 -4.46
CA GLY A 255 25.89 32.49 -5.08
C GLY A 255 24.43 32.82 -5.29
N PHE A 256 24.06 33.06 -6.55
CA PHE A 256 22.69 33.43 -6.91
C PHE A 256 21.76 32.23 -7.05
N TYR A 257 22.09 31.14 -6.37
CA TYR A 257 21.23 29.97 -6.29
C TYR A 257 19.84 30.42 -5.86
N PRO A 258 18.82 30.03 -6.65
CA PRO A 258 17.47 30.57 -6.40
C PRO A 258 16.70 29.98 -5.21
N GLU A 259 17.06 28.79 -4.72
CA GLU A 259 16.16 28.06 -3.82
C GLU A 259 16.29 28.35 -2.32
N LEU A 260 17.33 29.04 -1.91
CA LEU A 260 17.55 29.32 -0.49
C LEU A 260 17.72 30.82 -0.24
N ASP A 261 17.17 31.32 0.86
CA ASP A 261 17.32 32.72 1.23
C ASP A 261 18.64 32.91 1.98
N TYR A 262 19.72 33.16 1.25
CA TYR A 262 21.05 33.17 1.84
C TYR A 262 21.25 34.29 2.87
N PHE A 263 20.55 35.40 2.72
CA PHE A 263 20.62 36.48 3.70
C PHE A 263 20.26 35.98 5.07
N LYS A 264 19.21 35.17 5.13
CA LYS A 264 18.79 34.55 6.38
C LYS A 264 19.77 33.45 6.80
N TRP A 265 20.33 32.73 5.83
CA TRP A 265 21.35 31.73 6.16
C TRP A 265 22.60 32.36 6.79
N ALA A 266 23.07 33.47 6.24
CA ALA A 266 24.37 34.03 6.61
C ALA A 266 24.40 34.51 8.06
N LYS A 267 23.24 34.89 8.58
CA LYS A 267 23.15 35.35 9.96
C LYS A 267 23.53 34.23 10.91
N GLU A 268 23.36 32.98 10.46
CA GLU A 268 23.64 31.82 11.29
C GLU A 268 25.04 31.27 11.09
N MET A 269 25.78 31.87 10.16
CA MET A 269 27.13 31.40 9.78
C MET A 269 28.23 32.34 10.28
N ASP A 270 29.35 31.78 10.74
CA ASP A 270 30.45 32.62 11.23
C ASP A 270 31.12 33.40 10.11
N VAL A 271 31.16 32.78 8.94
CA VAL A 271 31.73 33.37 7.75
C VAL A 271 31.05 32.73 6.55
N VAL A 272 30.89 33.49 5.48
CA VAL A 272 30.31 32.97 4.27
C VAL A 272 31.39 32.24 3.48
N SER A 273 31.00 31.22 2.73
CA SER A 273 31.91 30.60 1.77
C SER A 273 31.06 30.21 0.59
N TRP A 274 31.67 30.10 -0.58
CA TRP A 274 30.90 29.78 -1.78
C TRP A 274 31.72 29.15 -2.87
N ASP A 275 31.01 28.66 -3.89
CA ASP A 275 31.61 27.83 -4.92
C ASP A 275 31.37 28.50 -6.27
N ASN A 276 32.45 29.03 -6.86
CA ASN A 276 32.34 29.82 -8.09
C ASN A 276 32.75 29.07 -9.34
N TYR A 277 31.76 28.79 -10.18
CA TYR A 277 31.96 28.02 -11.42
C TYR A 277 31.39 28.74 -12.63
N PRO A 278 32.13 29.74 -13.14
CA PRO A 278 31.62 30.42 -14.33
C PRO A 278 31.90 29.54 -15.53
N SER A 279 31.01 29.60 -16.52
CA SER A 279 31.28 29.00 -17.82
C SER A 279 32.05 29.96 -18.72
N MET A 280 32.63 29.44 -19.79
CA MET A 280 33.23 30.25 -20.84
C MET A 280 32.24 31.36 -21.21
N ASP A 281 30.95 31.06 -20.99
CA ASP A 281 29.80 31.81 -21.48
C ASP A 281 29.28 32.89 -20.52
N THR A 282 29.76 32.85 -19.28
CA THR A 282 29.20 33.71 -18.22
C THR A 282 29.78 35.12 -18.27
N PRO A 283 28.91 36.14 -18.25
CA PRO A 283 29.41 37.52 -18.20
C PRO A 283 30.34 37.75 -17.00
N PHE A 284 31.51 38.33 -17.26
CA PHE A 284 32.48 38.57 -16.20
C PHE A 284 31.91 39.46 -15.09
N SER A 285 31.05 40.41 -15.47
CA SER A 285 30.43 41.31 -14.50
C SER A 285 29.40 40.54 -13.65
N PHE A 286 28.87 39.46 -14.19
CA PHE A 286 27.99 38.62 -13.41
C PHE A 286 28.72 37.86 -12.31
N THR A 287 29.84 37.21 -12.62
CA THR A 287 30.53 36.52 -11.54
C THR A 287 31.06 37.51 -10.50
N ALA A 288 31.40 38.72 -10.94
CA ALA A 288 31.74 39.77 -9.98
C ALA A 288 30.54 40.12 -9.08
N MET A 289 29.36 40.23 -9.68
CA MET A 289 28.15 40.49 -8.91
C MET A 289 27.89 39.37 -7.89
N ALA A 290 28.20 38.13 -8.25
CA ALA A 290 28.04 37.01 -7.32
C ALA A 290 29.02 37.03 -6.12
N HIS A 291 30.30 37.30 -6.38
CA HIS A 291 31.25 37.44 -5.28
C HIS A 291 30.76 38.58 -4.41
N ASN A 292 30.35 39.67 -5.07
CA ASN A 292 29.85 40.85 -4.39
C ASN A 292 28.71 40.50 -3.44
N LEU A 293 27.72 39.78 -3.95
CA LEU A 293 26.59 39.37 -3.14
C LEU A 293 27.04 38.55 -1.94
N MET A 294 28.11 37.77 -2.11
CA MET A 294 28.53 36.90 -1.03
C MET A 294 29.15 37.74 0.08
N ARG A 295 29.78 38.83 -0.31
CA ARG A 295 30.31 39.79 0.64
C ARG A 295 29.15 40.46 1.37
N GLY A 296 28.07 40.73 0.64
CA GLY A 296 26.94 41.43 1.21
C GLY A 296 26.13 40.59 2.19
N LEU A 297 26.25 39.27 2.09
CA LEU A 297 25.44 38.41 2.95
C LEU A 297 25.69 38.75 4.42
N LYS A 298 26.92 39.11 4.77
CA LYS A 298 27.20 39.53 6.14
C LYS A 298 27.67 40.97 6.19
N SER A 299 27.00 41.80 5.39
CA SER A 299 27.21 43.25 5.41
C SER A 299 28.67 43.70 5.20
N GLY A 300 29.37 43.06 4.28
CA GLY A 300 30.73 43.48 3.97
C GLY A 300 31.83 42.56 4.46
N GLN A 301 31.51 41.66 5.38
CA GLN A 301 32.53 40.75 5.90
C GLN A 301 33.14 39.92 4.79
N PRO A 302 34.48 39.82 4.78
CA PRO A 302 35.13 39.02 3.73
C PRO A 302 34.66 37.57 3.80
N PHE A 303 34.72 36.85 2.67
CA PHE A 303 34.24 35.47 2.66
C PHE A 303 35.32 34.48 2.21
N MET A 304 35.01 33.19 2.29
CA MET A 304 35.85 32.16 1.69
C MET A 304 35.38 31.86 0.28
N LEU A 305 36.31 31.79 -0.67
CA LEU A 305 36.08 31.09 -1.92
C LEU A 305 36.40 29.66 -1.51
N MET A 306 35.37 28.84 -1.36
CA MET A 306 35.59 27.45 -0.94
C MET A 306 35.95 26.61 -2.13
N GLU A 307 35.35 26.91 -3.29
CA GLU A 307 35.67 26.18 -4.51
C GLU A 307 35.65 27.01 -5.79
N GLN A 308 36.33 26.45 -6.79
CA GLN A 308 36.34 26.90 -8.17
C GLN A 308 37.17 25.79 -8.81
N THR A 309 37.03 25.56 -10.11
CA THR A 309 37.89 24.55 -10.72
C THR A 309 39.25 25.16 -11.10
N PRO A 310 40.33 24.38 -10.96
CA PRO A 310 41.62 24.85 -11.49
C PRO A 310 41.69 24.80 -13.02
N GLY A 311 40.75 24.08 -13.66
CA GLY A 311 40.70 24.00 -15.10
C GLY A 311 39.28 23.90 -15.65
N VAL A 312 38.87 22.70 -16.04
CA VAL A 312 37.52 22.47 -16.57
C VAL A 312 36.52 22.06 -15.48
N GLN A 313 35.23 22.14 -15.80
CA GLN A 313 34.20 21.62 -14.92
C GLN A 313 33.32 20.67 -15.73
N ASN A 314 33.19 19.44 -15.25
CA ASN A 314 32.48 18.41 -15.98
C ASN A 314 31.01 18.75 -16.18
N TRP A 315 30.43 19.49 -15.23
CA TRP A 315 29.00 19.81 -15.25
C TRP A 315 28.59 20.77 -16.36
N GLN A 316 29.51 21.54 -16.89
CA GLN A 316 29.15 22.48 -17.96
C GLN A 316 28.86 21.71 -19.25
N PRO A 317 27.88 22.19 -20.02
CA PRO A 317 27.51 21.54 -21.29
C PRO A 317 28.75 21.31 -22.13
N TYR A 318 29.61 22.33 -22.18
CA TYR A 318 30.86 22.25 -22.91
C TYR A 318 32.02 22.47 -21.95
N ASN A 319 32.75 21.38 -21.64
CA ASN A 319 33.90 21.46 -20.74
C ASN A 319 35.04 22.21 -21.40
N SER A 320 34.93 23.53 -21.48
CA SER A 320 35.99 24.33 -22.07
C SER A 320 37.08 24.62 -21.04
N ALA A 321 38.32 24.59 -21.48
CA ALA A 321 39.45 24.84 -20.60
C ALA A 321 39.50 26.34 -20.27
N LYS A 322 39.96 26.67 -19.06
CA LYS A 322 40.33 28.05 -18.75
C LYS A 322 41.62 28.34 -19.50
N ARG A 323 41.60 29.35 -20.37
CA ARG A 323 42.80 29.69 -21.14
C ARG A 323 43.91 30.15 -20.19
N PRO A 324 45.16 30.13 -20.67
CA PRO A 324 46.31 30.52 -19.86
C PRO A 324 46.08 31.81 -19.07
N GLY A 325 46.33 31.78 -17.77
CA GLY A 325 46.19 32.96 -16.93
C GLY A 325 44.76 33.21 -16.43
N VAL A 326 43.78 32.52 -17.01
CA VAL A 326 42.39 32.81 -16.66
C VAL A 326 42.06 32.30 -15.25
N MET A 327 42.59 31.14 -14.90
CA MET A 327 42.40 30.61 -13.55
C MET A 327 42.88 31.64 -12.54
N ARG A 328 44.02 32.27 -12.84
CA ARG A 328 44.59 33.30 -11.97
C ARG A 328 43.72 34.57 -11.94
N LEU A 329 43.30 35.01 -13.12
CA LEU A 329 42.39 36.16 -13.26
C LEU A 329 41.17 36.00 -12.36
N TRP A 330 40.48 34.88 -12.48
CA TRP A 330 39.23 34.62 -11.77
C TRP A 330 39.41 34.39 -10.26
N SER A 331 40.62 33.98 -9.86
CA SER A 331 40.95 33.88 -8.43
C SER A 331 41.10 35.26 -7.81
N TYR A 332 41.88 36.14 -8.46
CA TYR A 332 42.01 37.50 -7.95
C TYR A 332 40.73 38.31 -8.09
N GLN A 333 39.87 37.94 -9.03
CA GLN A 333 38.57 38.58 -9.12
C GLN A 333 37.78 38.30 -7.83
N ALA A 334 37.84 37.07 -7.34
CA ALA A 334 37.20 36.74 -6.08
C ALA A 334 37.79 37.57 -4.94
N VAL A 335 39.12 37.59 -4.85
CA VAL A 335 39.78 38.33 -3.79
C VAL A 335 39.38 39.80 -3.83
N ALA A 336 39.33 40.35 -5.04
CA ALA A 336 38.97 41.75 -5.28
C ALA A 336 37.59 42.07 -4.68
N HIS A 337 36.73 41.07 -4.58
CA HIS A 337 35.37 41.32 -4.10
C HIS A 337 35.11 40.87 -2.67
N GLY A 338 36.17 40.45 -1.97
CA GLY A 338 36.05 40.18 -0.55
C GLY A 338 36.55 38.83 -0.10
N ALA A 339 37.00 38.00 -1.05
CA ALA A 339 37.47 36.66 -0.71
C ALA A 339 38.83 36.70 0.00
N ASP A 340 38.93 36.02 1.13
CA ASP A 340 40.18 35.94 1.88
C ASP A 340 40.77 34.54 1.84
N THR A 341 40.24 33.73 0.94
CA THR A 341 40.83 32.44 0.62
C THR A 341 40.65 32.21 -0.88
N VAL A 342 41.54 31.44 -1.49
CA VAL A 342 41.22 30.85 -2.78
C VAL A 342 41.45 29.34 -2.76
N MET A 343 40.35 28.60 -2.87
CA MET A 343 40.39 27.16 -2.73
C MET A 343 39.64 26.50 -3.89
N PHE A 344 40.06 25.27 -4.20
CA PHE A 344 39.60 24.56 -5.39
C PHE A 344 38.72 23.37 -5.05
N PHE A 345 37.87 22.99 -5.99
CA PHE A 345 37.55 21.58 -6.15
C PHE A 345 38.27 21.12 -7.42
N GLN A 346 39.10 20.08 -7.36
CA GLN A 346 39.61 19.49 -6.13
C GLN A 346 41.12 19.34 -6.31
N LEU A 347 41.82 18.85 -5.29
CA LEU A 347 43.27 18.78 -5.34
C LEU A 347 43.83 17.64 -6.22
N ARG A 348 43.10 16.53 -6.32
CA ARG A 348 43.49 15.45 -7.23
C ARG A 348 42.26 14.76 -7.82
N ARG A 349 42.25 14.60 -9.14
CA ARG A 349 41.08 14.10 -9.86
C ARG A 349 40.66 12.71 -9.40
N SER A 350 39.34 12.51 -9.39
CA SER A 350 38.73 11.21 -9.12
C SER A 350 38.77 10.37 -10.39
N VAL A 351 38.25 9.15 -10.32
CA VAL A 351 38.70 8.09 -11.21
C VAL A 351 37.69 7.20 -12.02
N GLY A 352 36.43 6.98 -11.61
CA GLY A 352 35.81 7.54 -10.44
C GLY A 352 34.40 8.12 -10.57
N ALA A 353 33.49 7.52 -11.35
CA ALA A 353 32.12 8.08 -11.45
C ALA A 353 32.03 9.49 -12.08
N CYS A 354 31.01 10.27 -11.71
CA CYS A 354 30.61 11.45 -12.53
C CYS A 354 31.55 12.66 -12.58
N GLU A 355 32.49 12.76 -11.65
CA GLU A 355 33.37 13.92 -11.65
C GLU A 355 34.81 13.65 -12.15
N LYS A 356 35.06 12.47 -12.71
CA LYS A 356 36.42 12.15 -13.15
C LYS A 356 36.97 13.11 -14.21
N TYR A 357 36.09 13.86 -14.90
CA TYR A 357 36.52 14.84 -15.89
C TYR A 357 36.32 16.24 -15.37
N HIS A 358 36.16 16.34 -14.05
CA HIS A 358 36.35 17.61 -13.36
C HIS A 358 37.84 17.87 -13.17
N GLY A 359 38.26 19.11 -13.41
CA GLY A 359 39.64 19.52 -13.23
C GLY A 359 40.13 19.42 -11.80
N ALA A 360 41.44 19.28 -11.65
CA ALA A 360 42.07 19.26 -10.33
C ALA A 360 43.49 19.78 -10.46
N VAL A 361 44.11 20.09 -9.33
CA VAL A 361 45.50 20.53 -9.34
C VAL A 361 46.41 19.40 -9.84
N ILE A 362 46.22 18.20 -9.29
CA ILE A 362 46.89 17.00 -9.78
C ILE A 362 45.92 16.14 -10.57
N GLU A 363 46.28 15.80 -11.80
CA GLU A 363 45.30 15.19 -12.69
C GLU A 363 45.66 13.75 -13.06
N HIS A 364 45.05 13.19 -14.11
CA HIS A 364 45.17 11.76 -14.34
C HIS A 364 46.59 11.32 -14.70
N VAL A 365 47.37 12.22 -15.30
CA VAL A 365 48.79 11.96 -15.55
C VAL A 365 49.56 11.71 -14.26
N GLY A 366 49.12 12.35 -13.18
CA GLY A 366 49.69 12.12 -11.87
C GLY A 366 51.02 12.79 -11.58
N HIS A 367 51.33 13.90 -12.24
CA HIS A 367 52.57 14.62 -11.96
C HIS A 367 52.38 16.12 -12.21
N GLU A 368 53.39 16.90 -11.83
CA GLU A 368 53.29 18.35 -11.78
C GLU A 368 53.64 19.03 -13.10
N HIS A 369 54.09 18.24 -14.06
CA HIS A 369 54.59 18.81 -15.32
C HIS A 369 53.45 18.99 -16.29
N THR A 370 52.64 19.98 -16.00
CA THR A 370 51.42 20.21 -16.73
C THR A 370 51.07 21.69 -16.72
N ARG A 371 50.37 22.14 -17.75
CA ARG A 371 49.96 23.53 -17.85
C ARG A 371 49.14 23.95 -16.62
N VAL A 372 48.10 23.17 -16.31
CA VAL A 372 47.26 23.42 -15.15
C VAL A 372 48.05 23.50 -13.83
N PHE A 373 48.95 22.54 -13.62
CA PHE A 373 49.70 22.53 -12.36
C PHE A 373 50.58 23.78 -12.23
N ARG A 374 51.26 24.15 -13.32
CA ARG A 374 52.16 25.29 -13.28
C ARG A 374 51.43 26.58 -12.96
N GLU A 375 50.23 26.74 -13.52
CA GLU A 375 49.42 27.92 -13.26
C GLU A 375 48.97 27.94 -11.81
N CYS A 376 48.67 26.78 -11.27
CA CYS A 376 48.35 26.68 -9.85
C CYS A 376 49.56 27.05 -9.00
N ALA A 377 50.73 26.55 -9.40
CA ALA A 377 51.95 26.76 -8.62
C ALA A 377 52.29 28.24 -8.57
N GLU A 378 52.17 28.89 -9.73
CA GLU A 378 52.48 30.30 -9.86
C GLU A 378 51.62 31.13 -8.92
N LEU A 379 50.31 30.86 -8.92
CA LEU A 379 49.37 31.59 -8.05
C LEU A 379 49.72 31.29 -6.60
N GLY A 380 49.94 30.00 -6.31
CA GLY A 380 50.36 29.59 -4.99
C GLY A 380 51.52 30.44 -4.48
N LYS A 381 52.50 30.68 -5.34
CA LYS A 381 53.66 31.49 -4.96
C LYS A 381 53.29 32.95 -4.62
N GLU A 382 52.53 33.60 -5.48
CA GLU A 382 52.07 34.96 -5.22
C GLU A 382 51.29 35.06 -3.89
N LEU A 383 50.38 34.11 -3.67
CA LEU A 383 49.61 34.11 -2.43
C LEU A 383 50.52 34.04 -1.21
N GLN A 384 51.59 33.25 -1.30
CA GLN A 384 52.56 33.21 -0.22
C GLN A 384 53.22 34.58 -0.04
N GLN A 385 53.58 35.21 -1.15
CA GLN A 385 54.26 36.49 -1.12
C GLN A 385 53.35 37.62 -0.61
N LEU A 386 52.04 37.49 -0.81
CA LEU A 386 51.10 38.51 -0.34
C LEU A 386 50.98 38.51 1.17
N GLY A 387 51.16 37.33 1.78
CA GLY A 387 51.00 37.21 3.22
C GLY A 387 49.66 37.78 3.68
N ASP A 388 49.69 38.62 4.71
CA ASP A 388 48.45 39.07 5.33
C ASP A 388 47.92 40.38 4.78
N THR A 389 48.59 40.91 3.75
CA THR A 389 48.37 42.27 3.27
C THR A 389 46.90 42.67 3.09
N ILE A 390 46.13 41.83 2.40
CA ILE A 390 44.78 42.16 1.98
C ILE A 390 43.72 41.73 3.00
N LEU A 391 44.06 40.79 3.87
CA LEU A 391 43.09 40.23 4.78
C LEU A 391 42.27 41.31 5.50
N ASP A 392 40.99 41.03 5.73
CA ASP A 392 40.08 41.94 6.43
C ASP A 392 39.80 43.26 5.70
N ALA A 393 40.42 43.46 4.55
CA ALA A 393 40.14 44.66 3.76
C ALA A 393 38.67 44.69 3.35
N ARG A 394 38.08 45.88 3.30
CA ARG A 394 36.64 45.97 3.07
C ARG A 394 36.26 46.96 1.97
N SER A 395 35.04 46.83 1.46
CA SER A 395 34.51 47.78 0.48
C SER A 395 34.09 49.07 1.16
N GLU A 396 34.34 50.20 0.48
CA GLU A 396 33.83 51.49 0.93
C GLU A 396 32.93 52.12 -0.12
N ALA A 397 32.19 51.25 -0.81
CA ALA A 397 31.22 51.65 -1.81
C ALA A 397 30.31 52.75 -1.31
N LYS A 398 29.94 53.65 -2.22
CA LYS A 398 28.96 54.70 -1.95
C LYS A 398 27.71 54.39 -2.73
N VAL A 399 27.77 53.34 -3.54
CA VAL A 399 26.61 52.93 -4.32
C VAL A 399 26.23 51.50 -3.92
N ALA A 400 24.93 51.26 -3.69
CA ALA A 400 24.43 49.94 -3.32
C ALA A 400 23.35 49.48 -4.28
N VAL A 401 23.31 48.16 -4.53
CA VAL A 401 22.22 47.56 -5.29
C VAL A 401 21.62 46.36 -4.55
N MET A 402 20.30 46.42 -4.40
CA MET A 402 19.54 45.53 -3.56
C MET A 402 19.12 44.30 -4.34
N TYR A 403 19.12 43.18 -3.63
CA TYR A 403 18.69 41.91 -4.17
C TYR A 403 18.00 41.19 -3.01
N ASP A 404 16.93 40.46 -3.29
CA ASP A 404 16.21 39.78 -2.22
C ASP A 404 15.63 38.48 -2.72
N TRP A 405 15.80 37.41 -1.95
CA TRP A 405 15.33 36.08 -2.39
C TRP A 405 13.82 35.93 -2.39
N GLU A 406 13.15 36.59 -1.43
CA GLU A 406 11.69 36.44 -1.29
C GLU A 406 11.01 37.21 -2.40
N ASN A 407 11.54 38.39 -2.69
CA ASN A 407 11.11 39.14 -3.86
C ASN A 407 11.30 38.29 -5.13
N ARG A 408 12.45 37.63 -5.24
CA ARG A 408 12.72 36.75 -6.38
C ARG A 408 11.68 35.63 -6.52
N TRP A 409 11.44 34.90 -5.45
CA TRP A 409 10.45 33.83 -5.45
C TRP A 409 9.07 34.31 -5.90
N ALA A 410 8.60 35.41 -5.32
CA ALA A 410 7.29 35.95 -5.71
C ALA A 410 7.26 36.34 -7.20
N LEU A 411 8.29 37.03 -7.67
CA LEU A 411 8.39 37.37 -9.08
C LEU A 411 8.38 36.14 -9.96
N GLU A 412 9.16 35.12 -9.58
CA GLU A 412 9.27 33.96 -10.45
C GLU A 412 8.04 33.06 -10.42
N LEU A 413 7.24 33.17 -9.36
CA LEU A 413 6.03 32.36 -9.22
C LEU A 413 4.82 33.10 -9.80
N SER A 414 4.97 34.39 -10.02
CA SER A 414 3.88 35.22 -10.51
C SER A 414 3.34 34.74 -11.85
N SER A 415 2.02 34.75 -11.98
CA SER A 415 1.39 34.50 -13.27
C SER A 415 1.22 35.81 -14.04
N GLY A 416 2.16 36.09 -14.94
CA GLY A 416 2.24 37.38 -15.61
C GLY A 416 3.11 38.30 -14.78
N PRO A 417 3.42 39.51 -15.31
CA PRO A 417 2.93 40.06 -16.58
C PRO A 417 3.74 39.65 -17.82
N SER A 418 4.89 39.00 -17.66
CA SER A 418 5.67 38.55 -18.82
C SER A 418 6.68 37.46 -18.48
N ILE A 419 6.69 36.39 -19.26
CA ILE A 419 7.74 35.39 -19.11
C ILE A 419 9.10 35.90 -19.60
N ALA A 420 9.15 37.09 -20.16
CA ALA A 420 10.42 37.71 -20.54
C ALA A 420 11.02 38.54 -19.41
N LEU A 421 10.31 38.63 -18.29
CA LEU A 421 10.87 39.31 -17.12
C LEU A 421 11.71 38.34 -16.33
N ASN A 422 12.99 38.67 -16.21
CA ASN A 422 13.91 37.87 -15.43
C ASN A 422 14.55 38.76 -14.38
N TYR A 423 14.21 38.51 -13.12
CA TYR A 423 14.64 39.37 -12.00
C TYR A 423 16.14 39.57 -11.96
N VAL A 424 16.89 38.48 -11.92
CA VAL A 424 18.33 38.57 -11.83
C VAL A 424 18.93 39.31 -13.03
N ASN A 425 18.40 39.06 -14.22
CA ASN A 425 18.89 39.77 -15.41
C ASN A 425 18.76 41.29 -15.23
N GLU A 426 17.61 41.74 -14.76
CA GLU A 426 17.40 43.17 -14.50
C GLU A 426 18.34 43.70 -13.44
N VAL A 427 18.50 42.98 -12.33
CA VAL A 427 19.42 43.43 -11.30
C VAL A 427 20.82 43.58 -11.90
N HIS A 428 21.23 42.62 -12.71
CA HIS A 428 22.53 42.64 -13.37
C HIS A 428 22.70 43.80 -14.38
N LYS A 429 21.63 44.18 -15.08
CA LYS A 429 21.74 45.29 -16.04
C LYS A 429 22.23 46.55 -15.32
N TYR A 430 21.78 46.73 -14.09
CA TYR A 430 22.16 47.91 -13.31
C TYR A 430 23.56 47.73 -12.74
N TYR A 431 23.87 46.52 -12.27
CA TYR A 431 25.19 46.24 -11.75
C TYR A 431 26.28 46.37 -12.82
N ASP A 432 26.01 45.81 -14.00
CA ASP A 432 26.90 45.89 -15.16
C ASP A 432 27.26 47.34 -15.44
N ALA A 433 26.25 48.19 -15.55
CA ALA A 433 26.43 49.61 -15.84
C ALA A 433 27.42 50.25 -14.87
N LEU A 434 27.35 49.85 -13.60
CA LEU A 434 28.28 50.37 -12.62
C LEU A 434 29.67 49.75 -12.86
N TYR A 435 29.69 48.44 -13.02
CA TYR A 435 30.90 47.68 -13.29
C TYR A 435 31.71 48.33 -14.40
N LYS A 436 31.05 48.68 -15.50
CA LYS A 436 31.74 49.23 -16.66
C LYS A 436 32.40 50.57 -16.42
N GLN A 437 32.06 51.22 -15.31
CA GLN A 437 32.59 52.53 -15.01
C GLN A 437 33.47 52.47 -13.77
N ASN A 438 33.71 51.26 -13.29
CA ASN A 438 34.55 51.08 -12.11
C ASN A 438 34.02 51.86 -10.91
N ILE A 439 32.69 51.95 -10.81
CA ILE A 439 32.08 52.58 -9.64
C ILE A 439 31.98 51.49 -8.60
N GLN A 440 32.64 51.71 -7.46
CA GLN A 440 32.63 50.73 -6.38
C GLN A 440 31.21 50.56 -5.87
N THR A 441 30.75 49.31 -5.82
CA THR A 441 29.36 49.03 -5.49
C THR A 441 29.23 47.81 -4.58
N ASP A 442 28.25 47.85 -3.69
CA ASP A 442 27.92 46.71 -2.84
C ASP A 442 26.54 46.17 -3.21
N MET A 443 26.46 44.85 -3.35
CA MET A 443 25.16 44.18 -3.37
C MET A 443 24.68 44.08 -1.93
N ILE A 444 23.44 44.47 -1.67
CA ILE A 444 22.95 44.51 -0.29
C ILE A 444 21.55 43.93 -0.15
N SER A 445 21.20 43.54 1.07
CA SER A 445 19.83 43.12 1.36
C SER A 445 18.90 44.35 1.42
N VAL A 446 17.60 44.11 1.31
CA VAL A 446 16.63 45.17 1.46
C VAL A 446 16.64 45.72 2.89
N GLU A 447 17.33 45.03 3.80
CA GLU A 447 17.37 45.40 5.22
C GLU A 447 18.65 46.11 5.65
N GLU A 448 19.61 46.24 4.75
CA GLU A 448 20.90 46.82 5.09
C GLU A 448 20.76 48.27 5.58
N ASP A 449 21.61 48.66 6.53
CA ASP A 449 21.72 50.04 6.97
C ASP A 449 22.10 50.91 5.76
N LEU A 450 21.21 51.81 5.37
CA LEU A 450 21.39 52.56 4.12
C LEU A 450 22.25 53.80 4.31
N SER A 451 22.58 54.12 5.56
CA SER A 451 23.21 55.39 5.87
C SER A 451 24.57 55.62 5.20
N LYS A 452 25.32 54.54 5.01
CA LYS A 452 26.67 54.66 4.43
C LYS A 452 26.65 54.91 2.91
N TYR A 453 25.48 54.81 2.30
CA TYR A 453 25.41 54.96 0.85
C TYR A 453 24.95 56.35 0.42
N LYS A 454 25.25 56.66 -0.83
CA LYS A 454 24.78 57.89 -1.45
C LYS A 454 23.80 57.57 -2.56
N VAL A 455 23.94 56.39 -3.17
CA VAL A 455 23.01 55.97 -4.21
C VAL A 455 22.55 54.54 -3.97
N VAL A 456 21.24 54.33 -3.86
CA VAL A 456 20.70 52.99 -3.61
C VAL A 456 19.77 52.60 -4.75
N ILE A 457 20.09 51.50 -5.42
CA ILE A 457 19.32 51.07 -6.59
C ILE A 457 18.58 49.75 -6.32
N ALA A 458 17.28 49.74 -6.58
CA ALA A 458 16.45 48.56 -6.32
C ALA A 458 15.67 48.18 -7.58
N PRO A 459 16.29 47.40 -8.46
CA PRO A 459 15.63 46.95 -9.69
C PRO A 459 14.47 46.02 -9.36
N VAL A 460 13.28 46.34 -9.87
CA VAL A 460 12.09 45.51 -9.73
C VAL A 460 11.86 45.07 -8.28
N MET A 461 11.70 46.05 -7.38
CA MET A 461 11.37 45.78 -6.00
C MET A 461 9.87 45.55 -5.95
N TYR A 462 9.47 44.44 -6.56
CA TYR A 462 8.09 43.99 -6.64
C TYR A 462 7.49 43.78 -5.26
N MET A 463 8.19 43.04 -4.40
CA MET A 463 7.75 42.89 -3.02
C MET A 463 8.36 43.93 -2.08
N VAL A 464 7.49 44.66 -1.37
CA VAL A 464 7.91 45.61 -0.36
C VAL A 464 7.56 45.09 1.02
N LYS A 465 8.58 44.84 1.84
CA LYS A 465 8.42 44.24 3.16
C LYS A 465 8.23 45.33 4.22
N PRO A 466 7.70 44.96 5.39
CA PRO A 466 7.46 45.95 6.46
C PRO A 466 8.74 46.69 6.79
N GLY A 467 8.62 48.00 7.01
CA GLY A 467 9.75 48.84 7.35
C GLY A 467 10.59 49.30 6.17
N PHE A 468 10.43 48.66 5.02
CA PHE A 468 11.26 49.01 3.87
C PHE A 468 10.97 50.42 3.34
N ALA A 469 9.72 50.70 3.02
CA ALA A 469 9.37 52.04 2.52
C ALA A 469 9.82 53.15 3.48
N GLU A 470 9.62 52.94 4.77
CA GLU A 470 10.01 53.92 5.77
C GLU A 470 11.52 54.12 5.71
N ARG A 471 12.22 53.00 5.59
CA ARG A 471 13.67 53.02 5.54
C ARG A 471 14.17 53.82 4.34
N VAL A 472 13.58 53.63 3.16
CA VAL A 472 14.06 54.40 2.02
C VAL A 472 13.59 55.84 2.01
N GLU A 473 12.39 56.10 2.52
CA GLU A 473 11.98 57.49 2.72
C GLU A 473 12.98 58.22 3.61
N ARG A 474 13.37 57.59 4.72
CA ARG A 474 14.35 58.20 5.59
C ARG A 474 15.72 58.39 4.93
N PHE A 475 16.18 57.37 4.20
CA PHE A 475 17.42 57.46 3.42
C PHE A 475 17.39 58.61 2.42
N VAL A 476 16.31 58.69 1.65
CA VAL A 476 16.20 59.72 0.62
C VAL A 476 16.05 61.12 1.22
N ALA A 477 15.23 61.26 2.25
CA ALA A 477 15.01 62.56 2.88
C ALA A 477 16.30 63.12 3.48
N GLN A 478 17.19 62.23 3.94
CA GLN A 478 18.45 62.67 4.52
C GLN A 478 19.47 63.05 3.46
N GLY A 479 19.13 62.84 2.20
CA GLY A 479 19.99 63.29 1.12
C GLY A 479 20.43 62.24 0.11
N GLY A 480 20.01 61.00 0.30
CA GLY A 480 20.42 59.91 -0.57
C GLY A 480 19.66 59.92 -1.87
N THR A 481 20.15 59.22 -2.89
CA THR A 481 19.30 58.97 -4.04
C THR A 481 18.89 57.51 -4.15
N PHE A 482 17.62 57.33 -4.50
CA PHE A 482 17.06 55.99 -4.57
C PHE A 482 16.55 55.77 -5.97
N VAL A 483 16.80 54.58 -6.51
CA VAL A 483 16.32 54.26 -7.85
C VAL A 483 15.46 52.99 -7.84
N THR A 484 14.28 53.04 -8.46
CA THR A 484 13.51 51.81 -8.62
C THR A 484 12.83 51.79 -10.00
N THR A 485 12.07 50.74 -10.29
CA THR A 485 11.67 50.52 -11.67
C THR A 485 10.20 50.14 -11.81
N PHE A 486 9.78 49.95 -13.06
CA PHE A 486 8.50 49.34 -13.36
C PHE A 486 8.33 48.08 -12.51
N PHE A 487 7.08 47.80 -12.15
CA PHE A 487 6.70 46.59 -11.41
C PHE A 487 7.32 46.50 -10.01
N SER A 488 7.49 47.65 -9.37
CA SER A 488 8.00 47.68 -8.00
C SER A 488 6.92 48.20 -7.07
N GLY A 489 6.99 47.81 -5.80
CA GLY A 489 6.00 48.22 -4.83
C GLY A 489 4.61 47.70 -5.12
N ILE A 490 4.52 46.51 -5.73
CA ILE A 490 3.24 45.95 -6.10
C ILE A 490 2.61 45.17 -4.95
N VAL A 491 3.39 44.36 -4.24
CA VAL A 491 2.84 43.50 -3.20
C VAL A 491 3.54 43.60 -1.84
N ASN A 492 2.93 42.99 -0.81
CA ASN A 492 3.58 42.88 0.48
C ASN A 492 4.19 41.49 0.65
N GLU A 493 4.58 41.17 1.88
CA GLU A 493 5.31 39.95 2.20
C GLU A 493 4.54 38.68 1.90
N ASN A 494 3.22 38.77 1.70
CA ASN A 494 2.45 37.59 1.35
C ASN A 494 2.03 37.57 -0.11
N ASP A 495 2.64 38.43 -0.91
CA ASP A 495 2.31 38.52 -2.32
C ASP A 495 0.88 38.99 -2.51
N LEU A 496 0.41 39.81 -1.58
CA LEU A 496 -0.90 40.45 -1.71
C LEU A 496 -0.70 41.86 -2.23
N VAL A 497 -1.50 42.24 -3.23
CA VAL A 497 -1.33 43.54 -3.86
C VAL A 497 -1.61 44.66 -2.89
N THR A 498 -0.72 45.65 -2.87
CA THR A 498 -0.97 46.88 -2.12
C THR A 498 -1.88 47.76 -2.95
N LEU A 499 -3.12 47.91 -2.49
CA LEU A 499 -4.14 48.60 -3.25
C LEU A 499 -4.01 50.12 -3.22
N GLY A 500 -4.65 50.78 -4.18
CA GLY A 500 -4.76 52.22 -4.16
C GLY A 500 -3.83 52.93 -5.13
N GLY A 501 -3.07 52.14 -5.89
CA GLY A 501 -2.20 52.66 -6.93
C GLY A 501 -0.75 52.26 -6.80
N TYR A 502 -0.22 51.65 -7.85
CA TYR A 502 1.21 51.32 -7.86
C TYR A 502 1.97 52.64 -7.89
N PRO A 503 3.14 52.70 -7.24
CA PRO A 503 3.83 51.66 -6.48
C PRO A 503 3.51 51.65 -4.97
N GLY A 504 2.23 51.75 -4.64
CA GLY A 504 1.79 51.48 -3.27
C GLY A 504 2.55 52.26 -2.21
N GLU A 505 3.28 51.56 -1.35
CA GLU A 505 3.99 52.22 -0.26
C GLU A 505 5.14 53.11 -0.74
N LEU A 506 5.55 52.93 -2.00
CA LEU A 506 6.63 53.72 -2.58
C LEU A 506 6.11 54.90 -3.41
N ARG A 507 4.78 55.09 -3.42
CA ARG A 507 4.16 56.11 -4.27
C ARG A 507 4.59 57.53 -3.89
N ASN A 508 4.64 57.81 -2.59
CA ASN A 508 5.02 59.13 -2.15
C ASN A 508 6.46 59.47 -2.46
N VAL A 509 7.36 58.54 -2.17
CA VAL A 509 8.76 58.82 -2.33
C VAL A 509 9.14 58.89 -3.81
N MET A 510 8.44 58.11 -4.64
CA MET A 510 8.74 58.10 -6.08
C MET A 510 8.04 59.26 -6.81
N GLY A 511 6.93 59.73 -6.27
CA GLY A 511 6.22 60.89 -6.81
C GLY A 511 5.52 60.63 -8.12
N ILE A 512 5.22 59.35 -8.38
CA ILE A 512 4.50 58.99 -9.60
C ILE A 512 3.46 57.95 -9.27
N TRP A 513 2.43 57.88 -10.10
CA TRP A 513 1.42 56.85 -10.02
C TRP A 513 1.52 56.03 -11.28
N ALA A 514 1.81 54.74 -11.12
CA ALA A 514 1.81 53.82 -12.25
C ALA A 514 0.41 53.22 -12.45
N GLU A 515 -0.25 53.62 -13.54
CA GLU A 515 -1.62 53.19 -13.83
C GLU A 515 -1.74 51.74 -14.30
N GLU A 516 -0.97 51.38 -15.33
CA GLU A 516 -1.03 50.02 -15.88
C GLU A 516 0.31 49.64 -16.48
N ILE A 517 0.54 48.35 -16.67
CA ILE A 517 1.81 47.92 -17.22
C ILE A 517 1.60 47.10 -18.50
N ASP A 518 2.44 47.37 -19.51
CA ASP A 518 2.34 46.73 -20.80
C ASP A 518 3.51 45.76 -21.08
N ALA A 519 3.17 44.50 -21.36
CA ALA A 519 4.18 43.50 -21.72
C ALA A 519 4.45 43.50 -23.23
N LEU A 520 5.70 43.69 -23.62
CA LEU A 520 6.04 43.65 -25.04
C LEU A 520 6.28 42.21 -25.53
N LEU A 521 5.74 41.89 -26.69
CA LEU A 521 6.03 40.62 -27.32
C LEU A 521 7.52 40.59 -27.70
N PRO A 522 8.12 39.39 -27.79
CA PRO A 522 9.55 39.27 -28.11
C PRO A 522 9.94 40.03 -29.39
N GLY A 523 11.05 40.77 -29.33
CA GLY A 523 11.49 41.53 -30.49
C GLY A 523 10.80 42.87 -30.69
N HIS A 524 9.87 43.21 -29.81
CA HIS A 524 9.29 44.54 -29.82
C HIS A 524 9.99 45.40 -28.78
N GLN A 525 10.20 46.66 -29.12
CA GLN A 525 10.85 47.60 -28.23
C GLN A 525 10.11 48.92 -28.29
N ASN A 526 10.46 49.83 -27.39
CA ASN A 526 9.98 51.20 -27.43
C ASN A 526 11.20 52.11 -27.34
N GLU A 527 10.96 53.39 -27.12
CA GLU A 527 11.99 54.39 -27.23
C GLU A 527 11.94 55.32 -26.03
N ILE A 528 13.09 55.52 -25.40
CA ILE A 528 13.24 56.49 -24.33
C ILE A 528 13.73 57.79 -24.97
N VAL A 529 12.90 58.83 -24.89
CA VAL A 529 13.19 60.10 -25.54
C VAL A 529 13.39 61.19 -24.51
N LEU A 530 14.63 61.62 -24.33
CA LEU A 530 14.91 62.68 -23.36
C LEU A 530 14.25 64.04 -23.69
N ARG A 531 13.72 64.67 -22.66
CA ARG A 531 13.06 65.96 -22.82
C ARG A 531 14.09 67.00 -23.26
N GLN A 532 15.28 66.90 -22.67
CA GLN A 532 16.39 67.77 -23.01
C GLN A 532 17.69 67.11 -22.59
N ASP A 533 18.80 67.54 -23.19
CA ASP A 533 20.08 66.97 -22.82
C ASP A 533 20.18 67.06 -21.30
N TRP A 534 20.59 65.96 -20.68
CA TRP A 534 20.77 65.92 -19.23
C TRP A 534 21.99 65.07 -18.90
N GLY A 535 23.09 65.74 -18.59
CA GLY A 535 24.34 65.07 -18.33
C GLY A 535 24.70 64.16 -19.48
N GLY A 536 25.07 62.93 -19.17
CA GLY A 536 25.45 61.97 -20.18
C GLY A 536 24.28 61.38 -20.96
N LEU A 537 23.07 61.87 -20.73
CA LEU A 537 21.89 61.32 -21.41
C LEU A 537 21.34 62.31 -22.43
N ARG A 538 21.09 61.85 -23.65
CA ARG A 538 20.77 62.75 -24.75
C ARG A 538 20.14 62.03 -25.94
N GLY A 539 19.11 62.62 -26.51
CA GLY A 539 18.42 62.02 -27.65
C GLY A 539 17.59 60.80 -27.26
N SER A 540 17.64 59.76 -28.09
CA SER A 540 16.81 58.58 -27.93
C SER A 540 17.59 57.34 -27.53
N TYR A 541 16.96 56.47 -26.73
CA TYR A 541 17.51 55.15 -26.44
C TYR A 541 16.41 54.11 -26.60
N SER A 542 16.77 52.83 -26.64
CA SER A 542 15.73 51.80 -26.74
C SER A 542 15.41 51.25 -25.35
N CYS A 543 14.19 50.75 -25.20
CA CYS A 543 13.82 50.05 -23.97
C CYS A 543 12.89 48.91 -24.33
N GLY A 544 12.66 47.99 -23.41
CA GLY A 544 11.89 46.81 -23.74
C GLY A 544 11.35 45.99 -22.58
N ILE A 545 10.83 44.82 -22.92
CA ILE A 545 10.31 43.85 -21.97
C ILE A 545 9.00 44.32 -21.34
N LEU A 546 9.07 45.29 -20.44
CA LEU A 546 7.84 45.84 -19.86
C LEU A 546 7.84 47.37 -19.90
N CYS A 547 6.67 47.95 -20.12
CA CYS A 547 6.54 49.40 -20.12
C CYS A 547 5.47 49.81 -19.12
N ASP A 548 5.88 50.48 -18.05
CA ASP A 548 4.93 51.05 -17.10
C ASP A 548 4.32 52.33 -17.68
N VAL A 549 2.99 52.46 -17.63
CA VAL A 549 2.35 53.71 -18.07
C VAL A 549 2.07 54.52 -16.81
N ILE A 550 2.79 55.62 -16.60
CA ILE A 550 2.73 56.30 -15.30
C ILE A 550 2.31 57.76 -15.35
N HIS A 551 1.99 58.33 -14.20
CA HIS A 551 1.65 59.76 -14.13
C HIS A 551 2.54 60.50 -13.14
N ALA A 552 3.15 61.58 -13.59
CA ALA A 552 3.96 62.41 -12.69
C ALA A 552 3.02 63.17 -11.76
N GLU A 553 3.25 63.02 -10.46
CA GLU A 553 2.45 63.72 -9.46
C GLU A 553 3.31 64.82 -8.84
N THR A 554 4.37 64.44 -8.16
CA THR A 554 5.31 65.41 -7.60
C THR A 554 6.63 65.39 -8.40
N ALA A 555 6.80 64.34 -9.19
CA ALA A 555 8.05 64.11 -9.90
C ALA A 555 8.19 64.90 -11.21
N GLU A 556 9.40 65.35 -11.47
CA GLU A 556 9.75 65.96 -12.76
C GLU A 556 9.95 64.86 -13.80
N VAL A 557 9.50 65.11 -15.02
CA VAL A 557 9.66 64.17 -16.13
C VAL A 557 10.94 64.50 -16.90
N LEU A 558 11.85 63.53 -16.99
CA LEU A 558 13.12 63.74 -17.68
C LEU A 558 13.12 63.13 -19.07
N ALA A 559 12.24 62.17 -19.30
CA ALA A 559 12.16 61.46 -20.58
C ALA A 559 10.81 60.79 -20.76
N GLU A 560 10.37 60.67 -22.01
CA GLU A 560 9.06 60.13 -22.34
C GLU A 560 9.17 59.00 -23.37
N TYR A 561 8.14 58.17 -23.43
CA TYR A 561 8.07 57.11 -24.44
C TYR A 561 7.99 57.70 -25.85
N GLY A 562 8.48 56.96 -26.83
CA GLY A 562 8.54 57.45 -28.19
C GLY A 562 7.52 56.86 -29.13
N ALA A 563 6.86 55.76 -28.72
CA ALA A 563 5.96 55.04 -29.61
C ALA A 563 4.80 54.40 -28.87
N ASP A 564 3.89 53.78 -29.64
CA ASP A 564 2.77 53.04 -29.08
C ASP A 564 1.77 54.01 -28.44
N TYR A 565 0.64 53.48 -27.94
CA TYR A 565 -0.44 54.34 -27.42
C TYR A 565 -0.04 55.20 -26.22
N TYR A 566 1.02 54.81 -25.51
CA TYR A 566 1.50 55.63 -24.39
C TYR A 566 2.62 56.60 -24.79
N LYS A 567 2.83 56.75 -26.09
CA LYS A 567 3.79 57.72 -26.59
C LYS A 567 3.62 59.07 -25.89
N GLY A 568 4.74 59.64 -25.44
CA GLY A 568 4.73 60.96 -24.85
C GLY A 568 4.43 60.97 -23.36
N THR A 569 4.34 59.79 -22.75
CA THR A 569 4.12 59.72 -21.31
C THR A 569 5.46 59.41 -20.65
N PRO A 570 5.59 59.69 -19.35
CA PRO A 570 6.89 59.59 -18.67
C PRO A 570 7.48 58.18 -18.63
N VAL A 571 8.78 58.08 -18.89
CA VAL A 571 9.50 56.81 -18.73
C VAL A 571 10.68 56.98 -17.77
N LEU A 572 11.16 58.21 -17.64
CA LEU A 572 12.14 58.52 -16.58
C LEU A 572 11.71 59.74 -15.78
N THR A 573 11.63 59.58 -14.46
CA THR A 573 11.23 60.67 -13.60
C THR A 573 12.22 60.88 -12.46
N ARG A 574 12.27 62.12 -11.96
CA ARG A 574 13.09 62.47 -10.81
C ARG A 574 12.23 63.21 -9.79
N ASN A 575 12.12 62.65 -8.58
CA ASN A 575 11.38 63.30 -7.50
C ASN A 575 12.28 63.83 -6.42
N LYS A 576 12.18 65.13 -6.12
CA LYS A 576 12.91 65.68 -4.97
C LYS A 576 12.15 65.41 -3.68
N PHE A 577 12.84 64.89 -2.69
CA PHE A 577 12.17 64.38 -1.49
C PHE A 577 13.11 64.65 -0.32
N GLY A 578 12.81 65.69 0.45
CA GLY A 578 13.74 66.18 1.45
C GLY A 578 15.00 66.63 0.73
N ASN A 579 16.17 66.34 1.31
CA ASN A 579 17.43 66.69 0.66
C ASN A 579 17.88 65.72 -0.44
N GLY A 580 17.15 64.61 -0.61
CA GLY A 580 17.47 63.59 -1.60
C GLY A 580 16.61 63.60 -2.86
N GLN A 581 16.71 62.53 -3.64
CA GLN A 581 16.12 62.44 -4.97
C GLN A 581 15.74 60.99 -5.20
N SER A 582 14.67 60.75 -5.94
CA SER A 582 14.32 59.40 -6.35
C SER A 582 14.02 59.35 -7.84
N TYR A 583 14.50 58.28 -8.49
CA TYR A 583 14.37 58.12 -9.93
C TYR A 583 13.58 56.86 -10.25
N TYR A 584 12.53 57.02 -11.04
CA TYR A 584 11.73 55.87 -11.45
C TYR A 584 11.98 55.58 -12.92
N VAL A 585 12.38 54.35 -13.23
CA VAL A 585 12.67 53.96 -14.60
C VAL A 585 11.57 53.02 -15.07
N ALA A 586 10.67 53.54 -15.91
CA ALA A 586 9.42 52.84 -16.22
C ALA A 586 9.53 51.69 -17.21
N SER A 587 10.72 51.44 -17.71
CA SER A 587 10.93 50.32 -18.63
C SER A 587 12.30 49.72 -18.40
N SER A 588 12.60 48.65 -19.12
CA SER A 588 13.93 48.05 -19.08
C SER A 588 14.74 48.63 -20.23
N PRO A 589 15.71 49.49 -19.89
CA PRO A 589 16.41 50.31 -20.88
C PRO A 589 17.70 49.64 -21.39
N ASP A 590 18.12 49.99 -22.60
CA ASP A 590 19.38 49.48 -23.15
C ASP A 590 20.59 49.97 -22.35
N ALA A 591 21.76 49.43 -22.68
CA ALA A 591 22.96 49.61 -21.89
C ALA A 591 23.50 51.02 -21.97
N ASP A 592 23.33 51.66 -23.12
CA ASP A 592 23.80 53.03 -23.28
C ASP A 592 23.02 53.96 -22.35
N PHE A 593 21.71 53.75 -22.26
CA PHE A 593 20.90 54.56 -21.34
C PHE A 593 21.40 54.39 -19.91
N LEU A 594 21.53 53.14 -19.46
CA LEU A 594 22.01 52.87 -18.11
C LEU A 594 23.40 53.41 -17.85
N GLN A 595 24.25 53.41 -18.88
CA GLN A 595 25.54 54.07 -18.76
C GLN A 595 25.36 55.52 -18.36
N GLY A 596 24.57 56.26 -19.13
CA GLY A 596 24.30 57.66 -18.87
C GLY A 596 23.64 57.93 -17.53
N LEU A 597 22.60 57.17 -17.22
CA LEU A 597 21.88 57.29 -15.97
C LEU A 597 22.80 57.16 -14.76
N ILE A 598 23.55 56.05 -14.75
CA ILE A 598 24.51 55.78 -13.69
C ILE A 598 25.54 56.89 -13.54
N ALA A 599 26.09 57.32 -14.66
CA ALA A 599 27.04 58.43 -14.68
C ALA A 599 26.44 59.69 -14.07
N ASN A 600 25.20 59.98 -14.41
CA ASN A 600 24.52 61.16 -13.88
C ASN A 600 24.31 61.04 -12.38
N LEU A 601 23.73 59.93 -11.96
CA LEU A 601 23.42 59.72 -10.56
C LEU A 601 24.68 59.80 -9.70
N CYS A 602 25.78 59.23 -10.19
CA CYS A 602 27.04 59.27 -9.44
C CYS A 602 27.63 60.68 -9.36
N GLU A 603 27.63 61.41 -10.48
CA GLU A 603 28.14 62.77 -10.46
C GLU A 603 27.31 63.61 -9.48
N GLU A 604 26.00 63.42 -9.51
CA GLU A 604 25.10 64.19 -8.66
C GLU A 604 25.49 64.07 -7.20
N GLN A 605 25.91 62.87 -6.81
CA GLN A 605 26.27 62.61 -5.43
C GLN A 605 27.78 62.71 -5.24
N GLY A 606 28.47 63.25 -6.25
CA GLY A 606 29.90 63.40 -6.19
C GLY A 606 30.67 62.08 -6.07
N VAL A 607 30.13 61.00 -6.61
CA VAL A 607 30.86 59.73 -6.58
C VAL A 607 31.52 59.48 -7.91
N LYS A 608 32.77 59.03 -7.86
CA LYS A 608 33.62 58.96 -9.05
C LYS A 608 34.18 57.55 -9.28
N PRO A 609 34.43 57.20 -10.55
CA PRO A 609 35.13 55.95 -10.86
C PRO A 609 36.39 55.78 -10.03
N LEU A 610 36.70 54.53 -9.67
CA LEU A 610 37.96 54.21 -9.03
C LEU A 610 39.08 54.67 -9.96
N LEU A 611 38.92 54.33 -11.23
CA LEU A 611 39.92 54.51 -12.26
C LEU A 611 39.16 54.50 -13.57
N ASN A 612 39.69 55.20 -14.59
CA ASN A 612 39.17 55.05 -15.93
C ASN A 612 40.00 54.03 -16.68
N THR A 613 39.36 53.03 -17.26
CA THR A 613 40.06 51.95 -17.94
C THR A 613 39.32 51.52 -19.20
N PRO A 614 40.03 50.83 -20.10
CA PRO A 614 39.43 50.32 -21.33
C PRO A 614 38.37 49.29 -21.05
N ASP A 615 37.55 48.99 -22.05
CA ASP A 615 36.50 47.99 -21.91
C ASP A 615 37.10 46.65 -21.51
N GLY A 616 36.53 46.02 -20.50
CA GLY A 616 36.96 44.70 -20.09
C GLY A 616 38.09 44.72 -19.07
N VAL A 617 38.47 45.92 -18.64
CA VAL A 617 39.47 46.03 -17.60
C VAL A 617 38.76 46.42 -16.32
N GLU A 618 38.52 45.43 -15.48
CA GLU A 618 37.74 45.64 -14.28
C GLU A 618 38.58 46.23 -13.16
N VAL A 619 38.04 47.24 -12.50
CA VAL A 619 38.69 47.76 -11.31
C VAL A 619 37.78 47.72 -10.09
N ALA A 620 38.28 47.19 -8.99
CA ALA A 620 37.52 47.14 -7.75
C ALA A 620 38.43 47.42 -6.58
N GLU A 621 37.86 47.87 -5.46
CA GLU A 621 38.64 48.36 -4.37
C GLU A 621 38.32 47.67 -3.04
N ARG A 622 39.37 47.31 -2.31
CA ARG A 622 39.24 46.94 -0.92
C ARG A 622 40.13 47.86 -0.09
N VAL A 623 39.68 48.22 1.09
CA VAL A 623 40.34 49.20 1.94
C VAL A 623 40.63 48.62 3.31
N LYS A 624 41.85 48.80 3.79
CA LYS A 624 42.24 48.27 5.08
C LYS A 624 42.92 49.40 5.86
N ASN A 625 42.24 49.84 6.91
CA ASN A 625 42.66 51.02 7.69
C ASN A 625 42.84 52.29 6.84
N GLY A 626 44.08 52.71 6.60
CA GLY A 626 44.29 53.90 5.79
C GLY A 626 44.73 53.60 4.37
N THR A 627 44.64 52.33 3.96
CA THR A 627 45.25 51.91 2.72
C THR A 627 44.23 51.36 1.72
N SER A 628 44.36 51.79 0.47
CA SER A 628 43.45 51.36 -0.58
C SER A 628 44.13 50.44 -1.60
N TYR A 629 43.54 49.26 -1.81
CA TYR A 629 44.02 48.33 -2.82
C TYR A 629 43.11 48.31 -4.04
N LEU A 630 43.64 48.77 -5.18
CA LEU A 630 42.90 48.72 -6.43
C LEU A 630 43.24 47.46 -7.18
N PHE A 631 42.27 46.55 -7.29
CA PHE A 631 42.43 45.34 -8.06
C PHE A 631 42.12 45.64 -9.52
N VAL A 632 43.15 45.56 -10.37
CA VAL A 632 42.97 45.82 -11.79
C VAL A 632 43.06 44.51 -12.54
N MET A 633 42.04 44.22 -13.33
CA MET A 633 41.89 42.91 -13.92
C MET A 633 41.51 43.02 -15.37
N ASN A 634 42.42 42.59 -16.23
CA ASN A 634 42.21 42.70 -17.66
C ASN A 634 41.65 41.41 -18.22
N HIS A 635 40.35 41.41 -18.50
CA HIS A 635 39.69 40.24 -19.06
C HIS A 635 39.94 40.04 -20.56
N ASN A 636 40.48 41.06 -21.22
CA ASN A 636 40.77 40.98 -22.66
C ASN A 636 41.92 40.02 -22.98
N ALA A 637 41.87 39.44 -24.18
CA ALA A 637 42.95 38.54 -24.63
C ALA A 637 44.13 39.34 -25.17
N GLU A 638 44.07 40.66 -25.01
CA GLU A 638 45.10 41.54 -25.53
C GLU A 638 45.63 42.45 -24.41
N GLU A 639 46.89 42.84 -24.51
CA GLU A 639 47.49 43.84 -23.62
C GLU A 639 46.68 45.14 -23.67
N MET A 640 46.60 45.82 -22.53
CA MET A 640 45.77 47.03 -22.44
C MET A 640 46.49 48.10 -21.64
N THR A 641 46.22 49.37 -21.95
CA THR A 641 46.86 50.48 -21.25
C THR A 641 45.85 51.43 -20.61
N PHE A 642 46.23 52.04 -19.50
CA PHE A 642 45.31 52.91 -18.79
C PHE A 642 46.08 53.89 -17.92
N ASP A 643 45.47 55.03 -17.65
CA ASP A 643 46.05 56.01 -16.73
C ASP A 643 45.83 55.50 -15.32
N ALA A 644 46.90 55.26 -14.60
CA ALA A 644 46.80 54.68 -13.27
C ALA A 644 46.72 55.77 -12.22
N GLY A 645 46.67 57.02 -12.67
CA GLY A 645 46.71 58.16 -11.78
C GLY A 645 48.14 58.51 -11.40
N ALA A 646 48.34 59.69 -10.83
CA ALA A 646 49.69 60.18 -10.58
C ALA A 646 50.23 59.82 -9.19
N SER A 647 49.44 59.10 -8.40
CA SER A 647 49.80 58.82 -7.00
C SER A 647 51.05 57.96 -6.83
N ARG A 648 51.61 58.00 -5.61
CA ARG A 648 52.65 57.06 -5.21
C ARG A 648 51.98 55.72 -4.92
N GLN A 649 52.25 54.74 -5.77
CA GLN A 649 51.62 53.44 -5.62
C GLN A 649 52.46 52.33 -6.24
N ARG A 650 52.45 51.16 -5.60
CA ARG A 650 53.12 50.01 -6.17
C ARG A 650 52.17 48.87 -6.49
N ASP A 651 52.52 48.10 -7.50
CA ASP A 651 51.82 46.89 -7.83
C ASP A 651 52.28 45.81 -6.85
N LEU A 652 51.38 45.33 -6.01
CA LEU A 652 51.76 44.37 -4.99
C LEU A 652 52.39 43.12 -5.60
N LEU A 653 51.97 42.78 -6.81
CA LEU A 653 52.35 41.51 -7.42
C LEU A 653 53.72 41.53 -8.11
N THR A 654 54.10 42.68 -8.65
CA THR A 654 55.42 42.86 -9.28
C THR A 654 56.42 43.58 -8.37
N GLY A 655 55.91 44.32 -7.38
CA GLY A 655 56.75 45.13 -6.53
C GLY A 655 57.12 46.46 -7.19
N LYS A 656 56.70 46.67 -8.43
CA LYS A 656 57.05 47.89 -9.17
C LYS A 656 56.22 49.09 -8.77
N THR A 657 56.74 50.28 -9.06
CA THR A 657 56.05 51.52 -8.79
C THR A 657 55.31 51.95 -10.04
N ILE A 658 54.01 52.23 -9.90
CA ILE A 658 53.19 52.58 -11.04
C ILE A 658 52.67 54.01 -10.96
N SER A 659 52.74 54.73 -12.07
CA SER A 659 52.31 56.13 -12.11
C SER A 659 51.94 56.53 -13.52
N GLY A 660 50.85 57.29 -13.65
CA GLY A 660 50.38 57.70 -14.96
C GLY A 660 50.08 56.52 -15.85
N GLN A 661 50.56 56.57 -17.08
CA GLN A 661 50.29 55.51 -18.04
C GLN A 661 50.87 54.17 -17.60
N ALA A 662 50.03 53.13 -17.57
CA ALA A 662 50.48 51.79 -17.26
C ALA A 662 49.86 50.80 -18.22
N THR A 663 50.61 49.72 -18.50
CA THR A 663 50.06 48.64 -19.29
C THR A 663 49.85 47.42 -18.39
N ILE A 664 48.93 46.57 -18.83
CA ILE A 664 48.56 45.38 -18.10
C ILE A 664 48.38 44.31 -19.15
N PRO A 665 49.03 43.17 -18.97
CA PRO A 665 49.03 42.12 -20.01
C PRO A 665 47.65 41.51 -20.17
N ALA A 666 47.44 40.82 -21.29
CA ALA A 666 46.27 39.98 -21.44
C ALA A 666 46.07 39.14 -20.18
N ARG A 667 44.84 39.03 -19.72
CA ARG A 667 44.51 38.24 -18.53
C ARG A 667 45.22 38.72 -17.28
N GLY A 668 45.80 39.91 -17.33
CA GLY A 668 46.69 40.37 -16.28
C GLY A 668 45.97 40.85 -15.03
N VAL A 669 46.69 40.89 -13.93
CA VAL A 669 46.15 41.39 -12.66
C VAL A 669 47.21 42.28 -12.01
N MET A 670 46.80 43.46 -11.58
CA MET A 670 47.65 44.32 -10.77
C MET A 670 46.86 44.66 -9.51
N ILE A 671 47.57 44.82 -8.41
CA ILE A 671 46.96 45.27 -7.18
C ILE A 671 47.71 46.51 -6.71
N LEU A 672 47.18 47.67 -7.08
CA LEU A 672 47.81 48.94 -6.77
C LEU A 672 47.59 49.30 -5.32
N GLU A 673 48.68 49.49 -4.59
CA GLU A 673 48.62 49.92 -3.20
C GLU A 673 48.78 51.44 -3.09
N ARG A 674 47.75 52.11 -2.59
CA ARG A 674 47.77 53.56 -2.44
C ARG A 674 47.09 54.01 -1.15
N ALA A 675 46.89 55.31 -0.99
CA ALA A 675 46.24 55.84 0.22
C ALA A 675 44.83 56.34 -0.06
N MET B 1 -35.31 35.85 -27.34
CA MET B 1 -34.19 36.41 -26.61
C MET B 1 -33.64 35.38 -25.63
N ILE B 2 -32.41 35.60 -25.18
CA ILE B 2 -31.82 34.75 -24.17
C ILE B 2 -32.74 34.76 -22.95
N ASN B 3 -33.20 35.94 -22.57
CA ASN B 3 -34.23 36.05 -21.55
C ASN B 3 -35.11 37.30 -21.71
N GLU B 4 -36.39 37.09 -22.01
CA GLU B 4 -37.32 38.17 -22.32
C GLU B 4 -37.24 39.26 -21.25
N LYS B 5 -36.99 38.84 -20.02
CA LYS B 5 -36.96 39.75 -18.88
C LYS B 5 -35.89 40.85 -18.98
N PHE B 6 -34.92 40.65 -19.87
CA PHE B 6 -33.69 41.44 -19.87
C PHE B 6 -33.35 41.77 -21.34
N PRO B 7 -34.17 42.63 -21.98
CA PRO B 7 -34.16 42.82 -23.44
C PRO B 7 -33.13 43.81 -23.99
N LYS B 8 -31.86 43.59 -23.67
CA LYS B 8 -30.78 44.28 -24.35
C LYS B 8 -29.56 43.35 -24.38
N ILE B 9 -28.43 43.84 -24.84
CA ILE B 9 -27.21 43.07 -24.77
C ILE B 9 -26.68 43.20 -23.35
N TRP B 10 -26.67 42.08 -22.63
CA TRP B 10 -26.31 42.11 -21.22
C TRP B 10 -24.89 42.61 -21.11
N TYR B 11 -24.63 43.42 -20.09
CA TYR B 11 -23.29 43.97 -19.88
C TYR B 11 -22.89 43.82 -18.43
N GLY B 12 -21.81 43.08 -18.18
CA GLY B 12 -21.34 42.83 -16.84
C GLY B 12 -20.38 41.66 -16.82
N GLY B 13 -20.59 40.72 -15.89
CA GLY B 13 -19.74 39.53 -15.83
C GLY B 13 -19.36 39.12 -14.41
N ASP B 14 -18.33 38.28 -14.32
CA ASP B 14 -17.90 37.67 -13.07
C ASP B 14 -17.67 38.69 -11.96
N TYR B 15 -18.34 38.45 -10.83
CA TYR B 15 -18.33 39.37 -9.71
C TYR B 15 -18.11 38.59 -8.42
N ASN B 16 -17.11 39.00 -7.64
CA ASN B 16 -16.72 38.23 -6.45
C ASN B 16 -16.58 39.05 -5.17
N PRO B 17 -17.65 39.74 -4.78
CA PRO B 17 -17.61 40.61 -3.60
C PRO B 17 -17.27 39.84 -2.33
N GLU B 18 -17.49 38.53 -2.31
CA GLU B 18 -17.11 37.73 -1.15
C GLU B 18 -15.59 37.67 -0.89
N GLN B 19 -14.79 38.08 -1.87
CA GLN B 19 -13.35 38.30 -1.65
C GLN B 19 -13.09 39.65 -0.95
N TRP B 20 -14.12 40.50 -0.86
CA TRP B 20 -13.97 41.85 -0.34
C TRP B 20 -14.79 42.05 0.93
N ASP B 21 -15.13 43.29 1.27
CA ASP B 21 -16.04 43.54 2.39
C ASP B 21 -17.27 44.30 1.94
N LYS B 22 -18.30 44.34 2.79
CA LYS B 22 -19.56 44.97 2.42
C LYS B 22 -19.33 46.38 1.92
N ALA B 23 -18.36 47.05 2.52
CA ALA B 23 -18.08 48.44 2.18
C ALA B 23 -17.69 48.60 0.71
N THR B 24 -16.82 47.73 0.19
CA THR B 24 -16.41 47.89 -1.20
C THR B 24 -17.57 47.62 -2.16
N MET B 25 -18.58 46.87 -1.72
CA MET B 25 -19.76 46.68 -2.55
C MET B 25 -20.46 48.00 -2.86
N GLU B 26 -20.40 48.95 -1.92
CA GLU B 26 -20.98 50.26 -2.18
C GLU B 26 -20.26 50.90 -3.36
N GLU B 27 -18.94 50.92 -3.33
CA GLU B 27 -18.15 51.41 -4.45
C GLU B 27 -18.37 50.62 -5.77
N ASP B 28 -18.48 49.29 -5.69
CA ASP B 28 -18.75 48.48 -6.87
C ASP B 28 -20.05 48.95 -7.52
N MET B 29 -21.11 49.06 -6.71
CA MET B 29 -22.41 49.52 -7.20
C MET B 29 -22.31 50.88 -7.88
N ARG B 30 -21.62 51.81 -7.22
CA ARG B 30 -21.51 53.16 -7.78
C ARG B 30 -20.85 53.13 -9.16
N MET B 31 -19.76 52.36 -9.26
CA MET B 31 -19.03 52.28 -10.51
C MET B 31 -19.74 51.45 -11.60
N PHE B 32 -20.46 50.40 -11.19
CA PHE B 32 -21.25 49.59 -12.13
C PHE B 32 -22.33 50.44 -12.84
N ASN B 33 -23.05 51.26 -12.07
CA ASN B 33 -23.99 52.19 -12.70
C ASN B 33 -23.29 53.18 -13.64
N LEU B 34 -22.17 53.76 -13.20
CA LEU B 34 -21.35 54.58 -14.08
C LEU B 34 -21.00 53.86 -15.39
N ALA B 35 -20.70 52.55 -15.27
CA ALA B 35 -20.21 51.77 -16.41
C ALA B 35 -21.31 51.22 -17.33
N GLY B 36 -22.56 51.27 -16.88
CA GLY B 36 -23.65 50.70 -17.65
C GLY B 36 -23.80 49.20 -17.44
N ILE B 37 -23.23 48.70 -16.34
CA ILE B 37 -23.21 47.27 -16.05
C ILE B 37 -24.51 46.82 -15.40
N ASP B 38 -25.17 45.83 -16.01
CA ASP B 38 -26.49 45.40 -15.53
C ASP B 38 -26.62 43.89 -15.34
N VAL B 39 -25.51 43.17 -15.42
CA VAL B 39 -25.55 41.74 -15.11
C VAL B 39 -24.33 41.32 -14.30
N ALA B 40 -24.54 40.52 -13.26
CA ALA B 40 -23.42 39.97 -12.50
C ALA B 40 -23.42 38.44 -12.46
N THR B 41 -22.25 37.84 -12.71
CA THR B 41 -22.14 36.39 -12.62
C THR B 41 -21.56 36.11 -11.26
N VAL B 42 -22.41 35.64 -10.34
CA VAL B 42 -21.97 35.46 -8.96
C VAL B 42 -21.92 34.00 -8.50
N ASN B 43 -21.22 33.78 -7.40
CA ASN B 43 -21.11 32.47 -6.79
C ASN B 43 -20.39 31.43 -7.65
N VAL B 44 -19.47 31.88 -8.51
CA VAL B 44 -18.72 30.91 -9.30
C VAL B 44 -17.80 30.05 -8.43
N PHE B 45 -17.10 30.67 -7.48
CA PHE B 45 -16.07 29.94 -6.74
C PHE B 45 -16.15 30.02 -5.21
N SER B 46 -17.29 29.64 -4.66
CA SER B 46 -17.45 29.72 -3.22
C SER B 46 -18.10 28.47 -2.64
N TRP B 47 -17.84 27.32 -3.24
CA TRP B 47 -18.36 26.08 -2.71
C TRP B 47 -17.97 25.93 -1.22
N ALA B 48 -16.71 26.17 -0.91
CA ALA B 48 -16.19 25.97 0.45
C ALA B 48 -16.79 26.97 1.45
N LYS B 49 -16.96 28.21 1.02
CA LYS B 49 -17.62 29.22 1.85
C LYS B 49 -19.07 28.84 2.19
N ILE B 50 -19.77 28.24 1.23
CA ILE B 50 -21.14 27.78 1.43
C ILE B 50 -21.22 26.55 2.34
N GLN B 51 -20.39 25.55 2.04
CA GLN B 51 -20.50 24.23 2.66
C GLN B 51 -19.20 23.86 3.39
N ARG B 52 -19.22 23.82 4.71
CA ARG B 52 -17.97 23.61 5.46
C ARG B 52 -17.75 22.16 5.89
N ASP B 53 -18.78 21.34 5.70
CA ASP B 53 -18.71 19.91 5.96
C ASP B 53 -19.88 19.24 5.30
N GLU B 54 -19.99 17.93 5.48
CA GLU B 54 -21.00 17.14 4.78
C GLU B 54 -22.42 17.64 4.99
N VAL B 55 -22.65 18.46 6.01
CA VAL B 55 -24.00 18.69 6.51
C VAL B 55 -24.39 20.18 6.72
N SER B 56 -23.39 21.07 6.71
CA SER B 56 -23.63 22.48 6.97
C SER B 56 -23.61 23.32 5.69
N TYR B 57 -24.62 24.17 5.54
CA TYR B 57 -24.74 25.05 4.39
C TYR B 57 -25.04 26.47 4.84
N ASP B 58 -24.27 27.42 4.33
CA ASP B 58 -24.50 28.82 4.64
C ASP B 58 -24.66 29.63 3.35
N PHE B 59 -25.87 30.15 3.14
CA PHE B 59 -26.18 31.00 2.00
C PHE B 59 -26.44 32.44 2.41
N THR B 60 -26.34 32.73 3.71
CA THR B 60 -26.68 34.10 4.18
C THR B 60 -25.81 35.15 3.51
N TRP B 61 -24.54 34.83 3.27
CA TRP B 61 -23.62 35.76 2.62
C TRP B 61 -24.11 36.04 1.21
N LEU B 62 -24.55 34.98 0.53
CA LEU B 62 -25.04 35.09 -0.84
C LEU B 62 -26.39 35.81 -0.90
N ASP B 63 -27.25 35.56 0.08
CA ASP B 63 -28.46 36.35 0.22
C ASP B 63 -28.15 37.86 0.11
N ASP B 64 -27.17 38.33 0.87
CA ASP B 64 -26.86 39.77 0.95
C ASP B 64 -26.33 40.35 -0.37
N ILE B 65 -25.51 39.57 -1.05
CA ILE B 65 -25.05 39.96 -2.37
C ILE B 65 -26.23 40.07 -3.32
N ILE B 66 -27.05 39.02 -3.37
CA ILE B 66 -28.19 39.00 -4.27
C ILE B 66 -29.14 40.17 -3.99
N GLU B 67 -29.34 40.47 -2.71
CA GLU B 67 -30.24 41.56 -2.38
C GLU B 67 -29.66 42.93 -2.73
N ARG B 68 -28.36 43.12 -2.54
CA ARG B 68 -27.72 44.39 -2.84
C ARG B 68 -27.78 44.72 -4.33
N LEU B 69 -27.52 43.72 -5.16
CA LEU B 69 -27.57 43.89 -6.60
C LEU B 69 -29.02 44.13 -7.05
N THR B 70 -29.97 43.51 -6.36
CA THR B 70 -31.36 43.67 -6.74
C THR B 70 -31.80 45.13 -6.52
N LYS B 71 -31.26 45.76 -5.48
CA LYS B 71 -31.57 47.16 -5.20
C LYS B 71 -31.14 48.04 -6.36
N GLU B 72 -30.12 47.62 -7.10
CA GLU B 72 -29.63 48.41 -8.24
C GLU B 72 -30.27 47.93 -9.52
N ASN B 73 -31.24 47.02 -9.40
CA ASN B 73 -31.83 46.42 -10.58
C ASN B 73 -30.80 45.74 -11.49
N ILE B 74 -29.72 45.27 -10.90
CA ILE B 74 -28.76 44.45 -11.62
C ILE B 74 -29.22 42.99 -11.67
N TYR B 75 -29.23 42.38 -12.85
CA TYR B 75 -29.67 40.99 -12.99
C TYR B 75 -28.57 39.98 -12.65
N LEU B 76 -28.98 38.75 -12.38
CA LEU B 76 -28.06 37.74 -11.86
C LEU B 76 -27.89 36.54 -12.78
N CYS B 77 -26.63 36.26 -13.11
CA CYS B 77 -26.25 35.00 -13.71
C CYS B 77 -25.62 34.18 -12.58
N LEU B 78 -26.43 33.30 -11.98
CA LEU B 78 -26.05 32.61 -10.76
C LEU B 78 -25.37 31.27 -11.02
N ALA B 79 -24.13 31.18 -10.56
CA ALA B 79 -23.39 29.93 -10.70
C ALA B 79 -23.68 29.00 -9.52
N THR B 80 -23.41 27.71 -9.73
CA THR B 80 -23.68 26.68 -8.75
C THR B 80 -22.47 26.40 -7.87
N SER B 81 -21.34 27.02 -8.22
CA SER B 81 -20.10 26.93 -7.45
C SER B 81 -19.38 25.57 -7.51
N THR B 82 -19.87 24.65 -8.33
CA THR B 82 -19.29 23.31 -8.36
C THR B 82 -17.99 23.24 -9.17
N GLY B 83 -17.57 24.37 -9.72
CA GLY B 83 -16.32 24.45 -10.47
C GLY B 83 -15.02 24.14 -9.72
N ALA B 84 -15.04 24.20 -8.39
CA ALA B 84 -13.88 23.83 -7.59
C ALA B 84 -14.36 23.33 -6.26
N HIS B 85 -14.01 22.08 -5.93
CA HIS B 85 -14.50 21.48 -4.69
C HIS B 85 -13.73 22.00 -3.47
N PRO B 86 -14.30 21.84 -2.26
CA PRO B 86 -13.63 22.36 -1.07
C PRO B 86 -12.44 21.50 -0.66
N ALA B 87 -11.47 22.14 -0.02
CA ALA B 87 -10.28 21.44 0.44
C ALA B 87 -10.66 20.34 1.43
N TRP B 88 -11.65 20.58 2.29
CA TRP B 88 -12.10 19.52 3.21
C TRP B 88 -12.65 18.30 2.47
N MET B 89 -13.30 18.52 1.33
CA MET B 89 -13.86 17.41 0.57
C MET B 89 -12.77 16.55 -0.08
N ALA B 90 -11.72 17.20 -0.55
CA ALA B 90 -10.62 16.49 -1.18
C ALA B 90 -9.87 15.69 -0.13
N LYS B 91 -9.83 16.22 1.09
CA LYS B 91 -9.17 15.57 2.21
C LYS B 91 -9.94 14.34 2.74
N LYS B 92 -11.21 14.54 3.07
CA LYS B 92 -12.07 13.46 3.59
C LYS B 92 -12.55 12.49 2.50
N TYR B 93 -12.68 12.98 1.27
CA TYR B 93 -13.20 12.14 0.17
C TYR B 93 -12.32 12.22 -1.07
N PRO B 94 -11.14 11.60 -1.02
CA PRO B 94 -10.19 11.66 -2.14
C PRO B 94 -10.75 11.11 -3.46
N ASP B 95 -11.85 10.37 -3.42
CA ASP B 95 -12.46 9.89 -4.67
C ASP B 95 -12.84 11.08 -5.58
N VAL B 96 -12.88 12.27 -4.99
CA VAL B 96 -13.18 13.50 -5.71
C VAL B 96 -12.00 13.97 -6.58
N LEU B 97 -10.81 13.57 -6.18
CA LEU B 97 -9.57 13.98 -6.83
C LEU B 97 -9.23 13.06 -8.01
N ARG B 98 -8.77 13.67 -9.10
CA ARG B 98 -8.38 12.93 -10.30
C ARG B 98 -7.05 12.21 -10.16
N VAL B 99 -6.84 11.23 -11.04
CA VAL B 99 -5.54 10.66 -11.29
C VAL B 99 -5.16 11.17 -12.68
N ASP B 100 -3.94 11.67 -12.84
CA ASP B 100 -3.60 12.37 -14.06
C ASP B 100 -3.08 11.46 -15.16
N TYR B 101 -2.67 12.08 -16.26
CA TYR B 101 -2.17 11.38 -17.44
C TYR B 101 -0.90 10.58 -17.15
N GLU B 102 -0.10 11.04 -16.21
CA GLU B 102 1.11 10.31 -15.81
C GLU B 102 0.80 9.24 -14.79
N GLY B 103 -0.47 9.08 -14.45
CA GLY B 103 -0.88 8.03 -13.54
C GLY B 103 -0.79 8.37 -12.05
N ARG B 104 -0.59 9.65 -11.77
CA ARG B 104 -0.46 10.11 -10.39
C ARG B 104 -1.79 10.56 -9.76
N LYS B 105 -2.03 10.15 -8.53
CA LYS B 105 -3.20 10.61 -7.78
C LYS B 105 -2.94 12.05 -7.32
N ARG B 106 -3.77 12.99 -7.77
CA ARG B 106 -3.59 14.39 -7.34
C ARG B 106 -3.94 14.61 -5.89
N LYS B 107 -3.49 15.74 -5.34
CA LYS B 107 -3.96 16.21 -4.04
C LYS B 107 -4.77 17.46 -4.29
N PHE B 108 -5.22 18.12 -3.22
CA PHE B 108 -6.00 19.34 -3.36
C PHE B 108 -5.21 20.48 -4.01
N GLY B 109 -5.82 21.12 -4.98
CA GLY B 109 -5.24 22.30 -5.59
C GLY B 109 -5.92 22.59 -6.92
N GLY B 110 -5.71 23.78 -7.45
CA GLY B 110 -6.24 24.13 -8.75
C GLY B 110 -7.76 24.20 -8.71
N ARG B 111 -8.38 23.75 -9.81
CA ARG B 111 -9.81 23.89 -10.00
C ARG B 111 -10.20 23.09 -11.24
N HIS B 112 -11.51 23.02 -11.53
CA HIS B 112 -12.00 22.35 -12.74
C HIS B 112 -11.48 20.91 -12.78
N ASN B 113 -11.31 20.28 -11.63
CA ASN B 113 -10.60 19.01 -11.64
C ASN B 113 -11.16 17.96 -10.71
N SER B 114 -12.49 17.96 -10.55
CA SER B 114 -13.14 16.87 -9.81
C SER B 114 -13.27 15.68 -10.74
N CYS B 115 -13.11 14.47 -10.21
CA CYS B 115 -13.35 13.29 -11.03
C CYS B 115 -14.83 13.22 -11.39
N PRO B 116 -15.15 13.20 -12.70
CA PRO B 116 -16.53 13.22 -13.20
C PRO B 116 -17.27 11.93 -12.89
N ASN B 117 -16.55 10.91 -12.48
CA ASN B 117 -17.19 9.68 -12.07
C ASN B 117 -17.12 9.42 -10.56
N SER B 118 -16.84 10.49 -9.82
CA SER B 118 -16.76 10.45 -8.35
C SER B 118 -18.14 10.41 -7.69
N PRO B 119 -18.39 9.39 -6.86
CA PRO B 119 -19.67 9.31 -6.12
C PRO B 119 -19.84 10.51 -5.19
N THR B 120 -18.78 10.89 -4.50
CA THR B 120 -18.84 12.01 -3.58
C THR B 120 -19.14 13.30 -4.33
N TYR B 121 -18.38 13.55 -5.39
CA TYR B 121 -18.55 14.77 -6.15
C TYR B 121 -19.98 14.85 -6.70
N ARG B 122 -20.47 13.76 -7.28
CA ARG B 122 -21.83 13.78 -7.81
C ARG B 122 -22.88 13.99 -6.75
N LYS B 123 -22.69 13.34 -5.62
CA LYS B 123 -23.59 13.49 -4.48
C LYS B 123 -23.70 14.96 -4.02
N TYR B 124 -22.59 15.58 -3.67
CA TYR B 124 -22.63 16.95 -3.16
C TYR B 124 -22.85 18.04 -4.21
N ALA B 125 -22.40 17.81 -5.43
CA ALA B 125 -22.68 18.73 -6.51
C ALA B 125 -24.18 18.82 -6.76
N LYS B 126 -24.86 17.68 -6.76
CA LYS B 126 -26.29 17.66 -7.03
C LYS B 126 -27.06 18.36 -5.93
N ILE B 127 -26.69 18.07 -4.68
CA ILE B 127 -27.33 18.71 -3.54
C ILE B 127 -27.11 20.22 -3.54
N LEU B 128 -25.90 20.66 -3.90
CA LEU B 128 -25.63 22.09 -3.92
C LEU B 128 -26.49 22.80 -4.97
N ALA B 129 -26.53 22.25 -6.19
CA ALA B 129 -27.34 22.85 -7.23
C ALA B 129 -28.78 22.92 -6.75
N GLY B 130 -29.26 21.82 -6.20
CA GLY B 130 -30.61 21.75 -5.67
C GLY B 130 -30.91 22.77 -4.59
N LYS B 131 -30.02 22.92 -3.62
CA LYS B 131 -30.29 23.86 -2.54
C LYS B 131 -30.27 25.28 -3.07
N LEU B 132 -29.39 25.54 -4.03
CA LEU B 132 -29.32 26.86 -4.62
C LEU B 132 -30.62 27.22 -5.36
N ALA B 133 -31.15 26.29 -6.15
CA ALA B 133 -32.35 26.57 -6.92
C ALA B 133 -33.63 26.61 -6.08
N GLU B 134 -33.72 25.76 -5.07
CA GLU B 134 -34.88 25.79 -4.19
C GLU B 134 -34.93 27.09 -3.40
N ARG B 135 -33.78 27.52 -2.87
CA ARG B 135 -33.71 28.77 -2.12
C ARG B 135 -34.13 30.00 -2.94
N TYR B 136 -33.63 30.11 -4.17
CA TYR B 136 -33.88 31.32 -4.95
C TYR B 136 -34.93 31.16 -6.03
N LYS B 137 -35.72 30.10 -5.94
CA LYS B 137 -36.65 29.75 -7.00
C LYS B 137 -37.59 30.90 -7.36
N ASP B 138 -37.95 31.71 -6.37
CA ASP B 138 -38.91 32.76 -6.63
C ASP B 138 -38.28 34.13 -6.86
N HIS B 139 -36.95 34.18 -6.84
CA HIS B 139 -36.25 35.47 -7.00
C HIS B 139 -36.35 36.05 -8.41
N PRO B 140 -36.78 37.32 -8.51
CA PRO B 140 -37.01 38.01 -9.77
C PRO B 140 -35.74 38.44 -10.54
N GLN B 141 -34.55 38.42 -9.93
CA GLN B 141 -33.37 38.93 -10.64
C GLN B 141 -32.55 37.86 -11.40
N ILE B 142 -32.83 36.59 -11.15
CA ILE B 142 -32.03 35.54 -11.78
C ILE B 142 -32.43 35.34 -13.24
N VAL B 143 -31.49 35.60 -14.15
CA VAL B 143 -31.78 35.45 -15.58
C VAL B 143 -31.08 34.26 -16.23
N MET B 144 -30.17 33.62 -15.52
CA MET B 144 -29.38 32.54 -16.11
C MET B 144 -28.70 31.74 -15.00
N TRP B 145 -28.68 30.42 -15.16
CA TRP B 145 -27.91 29.55 -14.29
C TRP B 145 -26.60 29.21 -14.99
N HIS B 146 -25.52 29.23 -14.21
CA HIS B 146 -24.15 29.07 -14.68
C HIS B 146 -23.57 27.81 -14.01
N VAL B 147 -23.88 26.64 -14.57
CA VAL B 147 -23.48 25.38 -13.96
C VAL B 147 -21.96 25.26 -13.93
N SER B 148 -21.42 24.99 -12.76
CA SER B 148 -19.98 24.75 -12.61
C SER B 148 -19.15 25.88 -13.23
N ASN B 149 -18.05 25.51 -13.87
CA ASN B 149 -17.20 26.46 -14.59
C ASN B 149 -16.20 25.69 -15.45
N GLU B 150 -16.12 26.10 -16.71
CA GLU B 150 -15.25 25.47 -17.71
C GLU B 150 -14.92 24.02 -17.41
N TYR B 151 -15.88 23.14 -17.59
CA TYR B 151 -15.63 21.72 -17.51
C TYR B 151 -14.48 21.40 -18.44
N GLY B 152 -13.59 20.52 -18.03
CA GLY B 152 -12.53 20.07 -18.91
C GLY B 152 -11.51 19.20 -18.19
N GLY B 153 -10.57 18.66 -18.96
CA GLY B 153 -9.51 17.84 -18.41
C GLY B 153 -9.99 16.41 -18.28
N TYR B 154 -9.06 15.47 -18.42
CA TYR B 154 -9.38 14.04 -18.35
C TYR B 154 -8.91 13.43 -17.04
N CYS B 155 -9.62 12.41 -16.58
CA CYS B 155 -9.23 11.69 -15.36
C CYS B 155 -8.95 10.23 -15.72
N TYR B 156 -8.02 9.60 -15.01
CA TYR B 156 -7.66 8.22 -15.31
C TYR B 156 -7.68 7.36 -14.04
N CYS B 157 -8.50 7.75 -13.07
CA CYS B 157 -8.54 7.04 -11.81
C CYS B 157 -9.28 5.73 -11.98
N ASP B 158 -9.31 4.96 -10.90
CA ASP B 158 -10.01 3.68 -10.91
C ASP B 158 -11.52 3.76 -11.21
N ASN B 159 -12.21 4.71 -10.60
CA ASN B 159 -13.64 4.86 -10.87
C ASN B 159 -13.93 5.13 -12.34
N CYS B 160 -13.12 5.98 -12.97
CA CYS B 160 -13.24 6.24 -14.39
C CYS B 160 -12.93 4.99 -15.21
N GLU B 161 -11.92 4.25 -14.78
CA GLU B 161 -11.57 3.00 -15.47
C GLU B 161 -12.72 1.98 -15.43
N LYS B 162 -13.29 1.74 -14.25
CA LYS B 162 -14.41 0.79 -14.14
C LYS B 162 -15.63 1.26 -14.94
N GLN B 163 -15.88 2.57 -14.97
CA GLN B 163 -17.04 3.08 -15.68
C GLN B 163 -16.79 3.13 -17.19
N PHE B 164 -15.52 3.24 -17.59
CA PHE B 164 -15.14 3.10 -19.01
C PHE B 164 -15.61 1.73 -19.51
N ARG B 165 -15.39 0.70 -18.69
CA ARG B 165 -15.79 -0.64 -19.08
C ARG B 165 -17.29 -0.75 -19.25
N VAL B 166 -18.04 -0.14 -18.33
CA VAL B 166 -19.50 -0.09 -18.43
C VAL B 166 -19.92 0.66 -19.68
N TRP B 167 -19.31 1.81 -19.92
CA TRP B 167 -19.60 2.61 -21.10
C TRP B 167 -19.35 1.80 -22.39
N LEU B 168 -18.33 0.95 -22.36
CA LEU B 168 -17.98 0.09 -23.50
C LEU B 168 -18.97 -1.05 -23.69
N LYS B 169 -19.39 -1.67 -22.59
CA LYS B 169 -20.44 -2.68 -22.62
C LYS B 169 -21.72 -2.11 -23.25
N GLU B 170 -22.03 -0.85 -22.91
CA GLU B 170 -23.22 -0.23 -23.47
C GLU B 170 -23.02 0.14 -24.92
N ARG B 171 -21.81 0.60 -25.27
CA ARG B 171 -21.56 1.03 -26.65
C ARG B 171 -21.47 -0.15 -27.63
N TYR B 172 -20.80 -1.24 -27.25
CA TYR B 172 -20.57 -2.34 -28.18
C TYR B 172 -21.40 -3.61 -27.90
N GLY B 173 -21.88 -3.76 -26.66
CA GLY B 173 -22.68 -4.92 -26.30
C GLY B 173 -21.89 -6.19 -26.00
N THR B 174 -20.97 -6.54 -26.89
CA THR B 174 -20.22 -7.78 -26.75
C THR B 174 -18.74 -7.53 -26.91
N LEU B 175 -17.93 -8.42 -26.37
CA LEU B 175 -16.49 -8.31 -26.55
C LEU B 175 -16.10 -8.53 -28.00
N GLU B 176 -16.87 -9.36 -28.69
CA GLU B 176 -16.61 -9.61 -30.09
C GLU B 176 -16.67 -8.28 -30.88
N ALA B 177 -17.67 -7.45 -30.59
CA ALA B 177 -17.84 -6.19 -31.30
C ALA B 177 -16.78 -5.19 -30.88
N LEU B 178 -16.44 -5.20 -29.60
CA LEU B 178 -15.37 -4.36 -29.09
C LEU B 178 -14.02 -4.70 -29.75
N ASN B 179 -13.67 -5.98 -29.75
CA ASN B 179 -12.40 -6.42 -30.33
C ASN B 179 -12.30 -6.03 -31.79
N LYS B 180 -13.42 -6.09 -32.49
CA LYS B 180 -13.44 -5.73 -33.89
C LYS B 180 -13.31 -4.21 -34.05
N ALA B 181 -14.10 -3.47 -33.30
CA ALA B 181 -14.09 -2.01 -33.45
C ALA B 181 -12.71 -1.44 -33.16
N TRP B 182 -12.00 -2.07 -32.23
CA TRP B 182 -10.66 -1.66 -31.83
C TRP B 182 -9.53 -2.34 -32.62
N ASN B 183 -9.91 -3.26 -33.51
CA ASN B 183 -8.92 -4.03 -34.26
C ASN B 183 -7.85 -4.68 -33.38
N THR B 184 -8.31 -5.33 -32.31
CA THR B 184 -7.39 -5.87 -31.30
C THR B 184 -6.56 -7.09 -31.71
N SER B 185 -6.82 -7.64 -32.90
CA SER B 185 -5.97 -8.73 -33.39
C SER B 185 -4.55 -8.22 -33.62
N PHE B 186 -4.42 -6.91 -33.83
CA PHE B 186 -3.13 -6.23 -33.94
C PHE B 186 -2.39 -6.19 -32.59
N TRP B 187 -1.10 -6.55 -32.60
CA TRP B 187 -0.29 -6.62 -31.37
C TRP B 187 -0.94 -7.45 -30.26
N SER B 188 -1.49 -8.60 -30.62
CA SER B 188 -2.01 -9.55 -29.62
C SER B 188 -2.87 -8.85 -28.54
N HIS B 189 -3.74 -7.93 -28.95
CA HIS B 189 -4.53 -7.13 -28.01
C HIS B 189 -5.90 -7.70 -27.74
N THR B 190 -6.12 -8.93 -28.16
CA THR B 190 -7.43 -9.56 -27.93
C THR B 190 -7.85 -9.52 -26.46
N PHE B 191 -8.98 -8.89 -26.19
CA PHE B 191 -9.56 -8.90 -24.86
C PHE B 191 -10.55 -10.07 -24.67
N TYR B 192 -10.38 -10.80 -23.57
CA TYR B 192 -11.30 -11.89 -23.25
C TYR B 192 -12.28 -11.55 -22.12
N ASP B 193 -12.04 -10.41 -21.46
CA ASP B 193 -12.90 -9.94 -20.39
C ASP B 193 -12.77 -8.41 -20.27
N TRP B 194 -13.88 -7.74 -20.00
CA TRP B 194 -13.92 -6.29 -19.90
C TRP B 194 -12.91 -5.73 -18.89
N ASP B 195 -12.59 -6.51 -17.86
CA ASP B 195 -11.70 -6.02 -16.82
C ASP B 195 -10.25 -5.95 -17.30
N GLU B 196 -9.97 -6.56 -18.44
CA GLU B 196 -8.62 -6.53 -18.99
C GLU B 196 -8.34 -5.18 -19.61
N ILE B 197 -9.40 -4.44 -19.89
CA ILE B 197 -9.28 -3.14 -20.51
C ILE B 197 -8.90 -2.07 -19.50
N VAL B 198 -7.89 -1.28 -19.82
CA VAL B 198 -7.46 -0.21 -18.93
C VAL B 198 -7.52 1.13 -19.65
N ALA B 199 -7.47 2.21 -18.88
CA ALA B 199 -7.53 3.54 -19.46
C ALA B 199 -6.23 3.82 -20.21
N PRO B 200 -6.31 4.53 -21.34
CA PRO B 200 -5.10 4.90 -22.10
C PRO B 200 -4.43 6.16 -21.58
N ASN B 201 -3.28 5.99 -20.96
CA ASN B 201 -2.45 7.12 -20.58
C ASN B 201 -0.98 6.70 -20.63
N ALA B 202 -0.11 7.43 -19.93
CA ALA B 202 1.33 7.17 -20.02
C ALA B 202 1.73 5.82 -19.42
N LEU B 203 0.85 5.20 -18.64
CA LEU B 203 1.12 3.89 -18.05
C LEU B 203 0.82 2.74 -19.02
N SER B 204 0.10 3.03 -20.09
CA SER B 204 -0.45 1.96 -20.90
C SER B 204 -0.21 2.14 -22.41
N GLU B 205 -1.07 2.90 -23.05
CA GLU B 205 -1.19 2.92 -24.50
C GLU B 205 -0.66 4.23 -25.13
N GLU B 206 -0.48 5.27 -24.31
CA GLU B 206 -0.17 6.60 -24.83
C GLU B 206 1.16 7.14 -24.31
N TRP B 207 1.70 8.14 -25.01
CA TRP B 207 2.85 8.88 -24.51
C TRP B 207 2.92 10.32 -25.04
N SER B 208 3.68 11.14 -24.35
CA SER B 208 3.96 12.54 -24.71
C SER B 208 2.75 13.32 -25.22
N GLY B 209 1.60 13.11 -24.56
CA GLY B 209 0.47 13.99 -24.75
C GLY B 209 -0.53 13.64 -25.84
N ASN B 210 -0.07 13.22 -27.01
CA ASN B 210 -0.99 12.92 -28.10
C ASN B 210 -0.66 11.68 -28.92
N ARG B 211 0.27 10.88 -28.44
CA ARG B 211 0.63 9.68 -29.18
C ARG B 211 -0.08 8.47 -28.53
N THR B 212 -0.47 7.50 -29.35
CA THR B 212 -1.04 6.26 -28.83
C THR B 212 -0.66 5.09 -29.73
N ASN B 213 -0.72 3.88 -29.19
CA ASN B 213 -0.58 2.67 -29.99
C ASN B 213 -1.93 2.19 -30.49
N PHE B 214 -2.99 2.57 -29.78
CA PHE B 214 -4.31 2.08 -30.14
C PHE B 214 -5.32 3.21 -30.23
N GLN B 215 -5.40 3.84 -31.40
CA GLN B 215 -6.19 5.04 -31.49
C GLN B 215 -7.67 4.78 -31.18
N GLY B 216 -8.12 3.54 -31.40
CA GLY B 216 -9.50 3.17 -31.08
C GLY B 216 -9.80 3.27 -29.60
N ILE B 217 -8.89 2.76 -28.78
CA ILE B 217 -9.05 2.87 -27.33
C ILE B 217 -8.98 4.33 -26.90
N SER B 218 -8.03 5.08 -27.48
CA SER B 218 -7.80 6.47 -27.12
C SER B 218 -8.94 7.39 -27.56
N LEU B 219 -9.53 7.07 -28.71
CA LEU B 219 -10.64 7.85 -29.24
C LEU B 219 -11.86 7.60 -28.36
N ASP B 220 -12.12 6.35 -28.01
CA ASP B 220 -13.24 6.01 -27.16
C ASP B 220 -13.06 6.57 -25.73
N TYR B 221 -11.84 6.58 -25.21
CA TYR B 221 -11.69 7.13 -23.87
C TYR B 221 -12.02 8.61 -23.84
N ARG B 222 -11.69 9.32 -24.92
CA ARG B 222 -12.03 10.73 -25.04
C ARG B 222 -13.55 10.97 -25.12
N ARG B 223 -14.24 10.18 -25.95
CA ARG B 223 -15.69 10.18 -25.98
C ARG B 223 -16.24 9.95 -24.56
N PHE B 224 -15.72 8.92 -23.91
CA PHE B 224 -16.18 8.54 -22.58
C PHE B 224 -16.01 9.67 -21.58
N GLN B 225 -14.83 10.28 -21.58
CA GLN B 225 -14.54 11.37 -20.65
C GLN B 225 -15.46 12.55 -20.90
N SER B 226 -15.63 12.90 -22.18
CA SER B 226 -16.48 14.00 -22.55
C SER B 226 -17.92 13.73 -22.07
N ASP B 227 -18.43 12.52 -22.30
CA ASP B 227 -19.75 12.12 -21.82
C ASP B 227 -19.84 12.17 -20.30
N SER B 228 -18.84 11.62 -19.61
CA SER B 228 -18.82 11.62 -18.14
C SER B 228 -19.02 13.02 -17.60
N LEU B 229 -18.22 13.97 -18.11
CA LEU B 229 -18.33 15.35 -17.66
C LEU B 229 -19.70 15.92 -18.00
N LEU B 230 -20.17 15.64 -19.21
CA LEU B 230 -21.49 16.10 -19.65
C LEU B 230 -22.61 15.58 -18.73
N GLU B 231 -22.45 14.35 -18.24
CA GLU B 231 -23.40 13.79 -17.30
C GLU B 231 -23.43 14.61 -16.02
N CYS B 232 -22.28 15.15 -15.62
CA CYS B 232 -22.25 16.01 -14.43
C CYS B 232 -23.06 17.27 -14.69
N PHE B 233 -22.88 17.86 -15.88
CA PHE B 233 -23.63 19.05 -16.28
C PHE B 233 -25.15 18.81 -16.26
N LYS B 234 -25.55 17.73 -16.90
CA LYS B 234 -26.96 17.35 -17.01
C LYS B 234 -27.58 17.08 -15.64
N MET B 235 -26.81 16.42 -14.77
CA MET B 235 -27.25 16.13 -13.42
C MET B 235 -27.62 17.42 -12.67
N GLU B 236 -26.71 18.39 -12.67
CA GLU B 236 -26.97 19.69 -12.07
C GLU B 236 -28.10 20.43 -12.78
N ARG B 237 -28.08 20.43 -14.10
CA ARG B 237 -29.13 21.03 -14.90
C ARG B 237 -30.51 20.53 -14.49
N ASP B 238 -30.68 19.20 -14.44
CA ASP B 238 -31.97 18.59 -14.11
C ASP B 238 -32.45 19.04 -12.72
N GLU B 239 -31.52 19.13 -11.78
CA GLU B 239 -31.85 19.50 -10.41
C GLU B 239 -32.27 20.97 -10.33
N LEU B 240 -31.57 21.82 -11.07
CA LEU B 240 -31.95 23.23 -11.19
C LEU B 240 -33.36 23.36 -11.78
N LYS B 241 -33.59 22.70 -12.91
CA LYS B 241 -34.86 22.80 -13.62
C LYS B 241 -36.04 22.25 -12.81
N ARG B 242 -35.74 21.41 -11.83
CA ARG B 242 -36.76 20.86 -10.94
C ARG B 242 -37.42 21.98 -10.15
N TRP B 243 -36.64 22.98 -9.80
CA TRP B 243 -37.12 24.02 -8.91
C TRP B 243 -37.47 25.25 -9.71
N THR B 244 -36.71 25.50 -10.77
CA THR B 244 -36.94 26.68 -11.60
C THR B 244 -37.02 26.28 -13.07
N PRO B 245 -38.14 25.65 -13.46
CA PRO B 245 -38.28 25.12 -14.82
C PRO B 245 -38.16 26.18 -15.92
N ASP B 246 -38.32 27.45 -15.60
CA ASP B 246 -38.32 28.47 -16.64
C ASP B 246 -37.11 29.39 -16.65
N ILE B 247 -36.09 29.02 -15.88
CA ILE B 247 -34.86 29.79 -15.91
C ILE B 247 -33.84 29.05 -16.77
N PRO B 248 -33.28 29.73 -17.77
CA PRO B 248 -32.36 29.05 -18.69
C PRO B 248 -31.10 28.58 -17.95
N VAL B 249 -30.52 27.50 -18.46
CA VAL B 249 -29.29 26.96 -17.89
C VAL B 249 -28.19 26.85 -18.95
N THR B 250 -27.00 27.35 -18.63
CA THR B 250 -25.86 27.22 -19.52
C THR B 250 -24.64 26.78 -18.72
N THR B 251 -23.51 26.62 -19.42
CA THR B 251 -22.22 26.47 -18.78
C THR B 251 -21.18 27.04 -19.72
N ASN B 252 -20.05 27.52 -19.20
CA ASN B 252 -19.16 28.29 -20.05
C ASN B 252 -18.12 27.46 -20.81
N LEU B 253 -18.09 27.65 -22.12
CA LEU B 253 -17.27 26.84 -23.01
C LEU B 253 -16.04 27.58 -23.48
N MET B 254 -15.17 26.85 -24.17
CA MET B 254 -13.86 27.36 -24.47
C MET B 254 -13.55 27.33 -25.96
N GLY B 255 -14.57 27.42 -26.79
CA GLY B 255 -14.38 27.56 -28.22
C GLY B 255 -13.85 26.30 -28.88
N PHE B 256 -12.66 26.41 -29.49
CA PHE B 256 -12.01 25.28 -30.15
C PHE B 256 -11.19 24.43 -29.18
N TYR B 257 -11.55 24.51 -27.90
CA TYR B 257 -10.99 23.62 -26.87
C TYR B 257 -11.07 22.18 -27.38
N PRO B 258 -9.94 21.47 -27.39
CA PRO B 258 -9.94 20.15 -28.05
C PRO B 258 -10.58 18.98 -27.29
N GLU B 259 -10.68 19.04 -25.97
CA GLU B 259 -10.96 17.83 -25.20
C GLU B 259 -12.42 17.42 -25.06
N LEU B 260 -13.34 18.31 -25.38
CA LEU B 260 -14.77 18.05 -25.21
C LEU B 260 -15.53 18.19 -26.52
N ASP B 261 -16.44 17.26 -26.82
CA ASP B 261 -17.24 17.36 -28.05
C ASP B 261 -18.40 18.34 -27.86
N TYR B 262 -18.15 19.62 -28.08
CA TYR B 262 -19.14 20.65 -27.75
C TYR B 262 -20.43 20.55 -28.55
N PHE B 263 -20.41 19.85 -29.68
CA PHE B 263 -21.65 19.71 -30.46
C PHE B 263 -22.60 18.82 -29.71
N LYS B 264 -22.03 17.84 -29.00
CA LYS B 264 -22.80 16.96 -28.15
C LYS B 264 -23.27 17.72 -26.92
N TRP B 265 -22.37 18.45 -26.30
CA TRP B 265 -22.70 19.28 -25.16
C TRP B 265 -23.83 20.27 -25.43
N ALA B 266 -23.80 20.90 -26.60
CA ALA B 266 -24.73 22.00 -26.86
C ALA B 266 -26.18 21.54 -26.90
N LYS B 267 -26.40 20.28 -27.27
CA LYS B 267 -27.75 19.74 -27.32
C LYS B 267 -28.36 19.67 -25.93
N GLU B 268 -27.51 19.75 -24.90
CA GLU B 268 -27.99 19.64 -23.52
C GLU B 268 -28.16 21.00 -22.85
N MET B 269 -27.76 22.06 -23.53
CA MET B 269 -27.73 23.40 -22.93
C MET B 269 -28.83 24.28 -23.54
N ASP B 270 -29.46 25.13 -22.74
CA ASP B 270 -30.53 25.99 -23.22
C ASP B 270 -29.95 27.03 -24.16
N VAL B 271 -28.75 27.47 -23.84
CA VAL B 271 -28.05 28.43 -24.66
C VAL B 271 -26.54 28.22 -24.50
N VAL B 272 -25.77 28.49 -25.54
CA VAL B 272 -24.33 28.36 -25.44
C VAL B 272 -23.74 29.61 -24.81
N SER B 273 -22.71 29.44 -24.00
CA SER B 273 -21.93 30.57 -23.51
C SER B 273 -20.47 30.22 -23.65
N TRP B 274 -19.61 31.22 -23.84
CA TRP B 274 -18.19 30.94 -24.04
C TRP B 274 -17.25 32.07 -23.61
N ASP B 275 -15.98 31.72 -23.51
CA ASP B 275 -14.98 32.59 -22.88
C ASP B 275 -13.89 32.93 -23.89
N ASN B 276 -13.89 34.18 -24.34
CA ASN B 276 -13.02 34.57 -25.46
C ASN B 276 -11.79 35.35 -25.02
N TYR B 277 -10.62 34.71 -25.12
CA TYR B 277 -9.36 35.30 -24.68
C TYR B 277 -8.27 35.31 -25.77
N PRO B 278 -8.40 36.21 -26.74
CA PRO B 278 -7.41 36.23 -27.83
C PRO B 278 -6.09 36.86 -27.39
N SER B 279 -4.99 36.31 -27.84
CA SER B 279 -3.69 36.98 -27.68
C SER B 279 -3.54 38.13 -28.67
N MET B 280 -2.63 39.05 -28.37
CA MET B 280 -2.19 40.07 -29.31
C MET B 280 -1.83 39.38 -30.63
N ASP B 281 -1.34 38.15 -30.47
CA ASP B 281 -0.77 37.28 -31.49
C ASP B 281 -1.80 36.57 -32.39
N THR B 282 -3.03 36.45 -31.89
CA THR B 282 -4.05 35.59 -32.49
C THR B 282 -4.66 36.23 -33.74
N PRO B 283 -4.82 35.44 -34.82
CA PRO B 283 -5.47 35.98 -36.03
C PRO B 283 -6.88 36.42 -35.73
N PHE B 284 -7.19 37.67 -36.07
CA PHE B 284 -8.53 38.18 -35.83
C PHE B 284 -9.57 37.26 -36.47
N SER B 285 -9.23 36.68 -37.62
CA SER B 285 -10.17 35.81 -38.32
C SER B 285 -10.32 34.48 -37.60
N PHE B 286 -9.32 34.13 -36.78
CA PHE B 286 -9.49 32.92 -35.98
C PHE B 286 -10.53 33.13 -34.89
N THR B 287 -10.46 34.26 -34.20
CA THR B 287 -11.41 34.44 -33.12
C THR B 287 -12.82 34.64 -33.66
N ALA B 288 -12.90 35.21 -34.87
CA ALA B 288 -14.16 35.27 -35.61
C ALA B 288 -14.71 33.86 -35.83
N MET B 289 -13.83 32.96 -36.24
CA MET B 289 -14.21 31.57 -36.52
C MET B 289 -14.70 30.90 -35.25
N ALA B 290 -14.10 31.27 -34.13
CA ALA B 290 -14.42 30.69 -32.84
C ALA B 290 -15.82 31.13 -32.37
N HIS B 291 -16.12 32.41 -32.49
CA HIS B 291 -17.48 32.92 -32.19
C HIS B 291 -18.47 32.21 -33.09
N ASN B 292 -18.12 32.16 -34.37
CA ASN B 292 -18.91 31.48 -35.37
C ASN B 292 -19.23 30.02 -34.98
N LEU B 293 -18.20 29.29 -34.55
CA LEU B 293 -18.42 27.92 -34.08
C LEU B 293 -19.40 27.86 -32.90
N MET B 294 -19.28 28.81 -31.97
CA MET B 294 -20.18 28.88 -30.82
C MET B 294 -21.63 29.15 -31.26
N ARG B 295 -21.81 29.99 -32.27
CA ARG B 295 -23.12 30.15 -32.91
C ARG B 295 -23.61 28.83 -33.53
N GLY B 296 -22.70 28.15 -34.23
CA GLY B 296 -23.03 26.93 -34.94
C GLY B 296 -23.41 25.74 -34.07
N LEU B 297 -22.93 25.72 -32.83
CA LEU B 297 -23.20 24.60 -31.93
C LEU B 297 -24.70 24.33 -31.78
N LYS B 298 -25.51 25.38 -31.74
CA LYS B 298 -26.96 25.19 -31.73
C LYS B 298 -27.56 25.73 -33.03
N SER B 299 -26.90 25.44 -34.14
CA SER B 299 -27.46 25.70 -35.46
C SER B 299 -27.94 27.13 -35.69
N GLY B 300 -27.20 28.10 -35.16
CA GLY B 300 -27.49 29.48 -35.47
C GLY B 300 -28.08 30.28 -34.32
N GLN B 301 -28.46 29.60 -33.26
CA GLN B 301 -28.95 30.30 -32.06
C GLN B 301 -27.89 31.27 -31.55
N PRO B 302 -28.30 32.49 -31.21
CA PRO B 302 -27.34 33.41 -30.59
C PRO B 302 -26.81 32.83 -29.28
N PHE B 303 -25.62 33.25 -28.86
CA PHE B 303 -24.95 32.70 -27.69
C PHE B 303 -24.60 33.81 -26.71
N MET B 304 -24.18 33.44 -25.50
CA MET B 304 -23.66 34.42 -24.56
C MET B 304 -22.14 34.48 -24.69
N LEU B 305 -21.60 35.68 -24.68
CA LEU B 305 -20.19 35.92 -24.46
C LEU B 305 -20.11 36.05 -22.94
N MET B 306 -19.78 34.95 -22.28
CA MET B 306 -19.77 34.92 -20.82
C MET B 306 -18.55 35.65 -20.27
N GLU B 307 -17.43 35.55 -20.96
CA GLU B 307 -16.18 36.17 -20.50
C GLU B 307 -15.30 36.74 -21.63
N GLN B 308 -14.45 37.67 -21.22
CA GLN B 308 -13.37 38.22 -22.03
C GLN B 308 -12.71 39.18 -21.04
N THR B 309 -11.44 39.49 -21.21
CA THR B 309 -10.82 40.47 -20.31
C THR B 309 -11.11 41.89 -20.77
N PRO B 310 -11.33 42.79 -19.82
CA PRO B 310 -11.44 44.20 -20.21
C PRO B 310 -10.07 44.79 -20.56
N GLY B 311 -9.01 44.07 -20.23
CA GLY B 311 -7.66 44.53 -20.50
C GLY B 311 -6.68 43.40 -20.75
N VAL B 312 -5.78 43.17 -19.79
CA VAL B 312 -4.79 42.10 -19.90
C VAL B 312 -5.34 40.77 -19.38
N GLN B 313 -4.70 39.67 -19.80
CA GLN B 313 -5.00 38.37 -19.22
C GLN B 313 -3.69 37.81 -18.70
N ASN B 314 -3.66 37.53 -17.40
CA ASN B 314 -2.48 37.00 -16.75
C ASN B 314 -1.91 35.73 -17.43
N TRP B 315 -2.78 34.88 -17.96
CA TRP B 315 -2.38 33.55 -18.48
C TRP B 315 -1.54 33.57 -19.77
N GLN B 316 -1.59 34.69 -20.49
CA GLN B 316 -0.83 34.81 -21.73
C GLN B 316 0.65 34.98 -21.38
N PRO B 317 1.53 34.42 -22.20
CA PRO B 317 2.97 34.48 -21.90
C PRO B 317 3.45 35.93 -21.79
N TYR B 318 2.85 36.79 -22.59
CA TYR B 318 3.15 38.22 -22.53
C TYR B 318 1.86 38.99 -22.30
N ASN B 319 1.64 39.46 -21.08
CA ASN B 319 0.41 40.18 -20.72
C ASN B 319 0.32 41.50 -21.48
N SER B 320 -0.03 41.41 -22.76
CA SER B 320 -0.14 42.56 -23.63
C SER B 320 -1.42 43.33 -23.34
N ALA B 321 -1.33 44.65 -23.23
CA ALA B 321 -2.51 45.48 -23.03
C ALA B 321 -3.36 45.48 -24.29
N LYS B 322 -4.67 45.62 -24.14
CA LYS B 322 -5.52 45.85 -25.31
C LYS B 322 -5.35 47.32 -25.62
N ARG B 323 -4.98 47.63 -26.86
CA ARG B 323 -4.75 49.04 -27.23
C ARG B 323 -6.10 49.79 -27.21
N PRO B 324 -6.05 51.13 -27.13
CA PRO B 324 -7.27 51.93 -27.06
C PRO B 324 -8.28 51.51 -28.12
N GLY B 325 -9.49 51.16 -27.70
CA GLY B 325 -10.55 50.82 -28.62
C GLY B 325 -10.69 49.32 -28.91
N VAL B 326 -9.68 48.53 -28.53
CA VAL B 326 -9.65 47.11 -28.88
C VAL B 326 -10.63 46.26 -28.04
N MET B 327 -10.77 46.58 -26.76
CA MET B 327 -11.77 45.91 -25.94
C MET B 327 -13.14 46.02 -26.62
N ARG B 328 -13.48 47.23 -27.06
CA ARG B 328 -14.73 47.48 -27.78
C ARG B 328 -14.79 46.80 -29.14
N LEU B 329 -13.69 46.88 -29.89
CA LEU B 329 -13.63 46.25 -31.20
C LEU B 329 -13.97 44.76 -31.07
N TRP B 330 -13.33 44.10 -30.10
CA TRP B 330 -13.45 42.67 -29.94
C TRP B 330 -14.82 42.28 -29.37
N SER B 331 -15.41 43.18 -28.60
CA SER B 331 -16.74 42.95 -28.05
C SER B 331 -17.77 42.88 -29.18
N TYR B 332 -17.66 43.81 -30.12
CA TYR B 332 -18.64 43.86 -31.20
C TYR B 332 -18.38 42.74 -32.20
N GLN B 333 -17.13 42.26 -32.26
CA GLN B 333 -16.82 41.13 -33.13
C GLN B 333 -17.60 39.92 -32.62
N ALA B 334 -17.65 39.78 -31.30
CA ALA B 334 -18.45 38.72 -30.70
C ALA B 334 -19.91 38.90 -31.07
N VAL B 335 -20.44 40.10 -30.86
CA VAL B 335 -21.83 40.38 -31.20
C VAL B 335 -22.12 40.15 -32.69
N ALA B 336 -21.18 40.57 -33.55
CA ALA B 336 -21.33 40.40 -35.00
C ALA B 336 -21.51 38.93 -35.36
N HIS B 337 -20.89 38.04 -34.58
CA HIS B 337 -20.97 36.62 -34.89
C HIS B 337 -21.99 35.85 -34.06
N GLY B 338 -22.81 36.57 -33.29
CA GLY B 338 -23.94 35.95 -32.62
C GLY B 338 -24.08 36.13 -31.12
N ALA B 339 -23.17 36.85 -30.48
CA ALA B 339 -23.30 37.09 -29.04
C ALA B 339 -24.44 38.08 -28.76
N ASP B 340 -25.38 37.68 -27.90
CA ASP B 340 -26.43 38.58 -27.39
C ASP B 340 -26.12 39.08 -25.97
N THR B 341 -24.90 38.84 -25.52
CA THR B 341 -24.41 39.42 -24.26
C THR B 341 -22.93 39.76 -24.41
N VAL B 342 -22.47 40.79 -23.72
CA VAL B 342 -21.02 41.00 -23.57
C VAL B 342 -20.60 41.13 -22.11
N MET B 343 -19.90 40.10 -21.65
CA MET B 343 -19.58 39.98 -20.23
C MET B 343 -18.10 39.68 -20.04
N PHE B 344 -17.57 40.10 -18.90
CA PHE B 344 -16.13 40.08 -18.62
C PHE B 344 -15.75 39.11 -17.51
N PHE B 345 -14.51 38.65 -17.55
CA PHE B 345 -13.82 38.31 -16.32
C PHE B 345 -12.78 39.41 -16.11
N GLN B 346 -12.84 40.16 -15.01
CA GLN B 346 -13.92 40.12 -14.01
C GLN B 346 -14.23 41.57 -13.65
N LEU B 347 -15.14 41.80 -12.71
CA LEU B 347 -15.55 43.18 -12.41
C LEU B 347 -14.62 43.97 -11.47
N ARG B 348 -14.02 43.28 -10.50
CA ARG B 348 -12.95 43.87 -9.69
C ARG B 348 -11.78 42.91 -9.58
N ARG B 349 -10.57 43.40 -9.80
CA ARG B 349 -9.40 42.55 -9.77
C ARG B 349 -9.26 41.84 -8.40
N SER B 350 -8.72 40.62 -8.44
CA SER B 350 -8.38 39.90 -7.22
C SER B 350 -7.05 40.42 -6.65
N VAL B 351 -6.66 39.90 -5.50
CA VAL B 351 -5.66 40.59 -4.69
C VAL B 351 -4.28 39.93 -4.39
N GLY B 352 -4.13 38.60 -4.36
CA GLY B 352 -5.17 37.62 -4.58
C GLY B 352 -4.78 36.37 -5.37
N ALA B 353 -3.62 35.75 -5.11
CA ALA B 353 -3.20 34.54 -5.86
C ALA B 353 -2.97 34.75 -7.37
N CYS B 354 -3.27 33.74 -8.20
CA CYS B 354 -2.78 33.71 -9.59
C CYS B 354 -3.42 34.66 -10.60
N GLU B 355 -4.62 35.16 -10.32
CA GLU B 355 -5.25 36.07 -11.27
C GLU B 355 -5.26 37.56 -10.83
N LYS B 356 -4.44 37.92 -9.85
CA LYS B 356 -4.34 39.31 -9.43
C LYS B 356 -3.85 40.24 -10.55
N TYR B 357 -3.18 39.69 -11.55
CA TYR B 357 -2.78 40.50 -12.70
C TYR B 357 -3.62 40.22 -13.96
N HIS B 358 -4.81 39.67 -13.77
CA HIS B 358 -5.82 39.60 -14.81
C HIS B 358 -6.60 40.92 -14.78
N GLY B 359 -6.88 41.48 -15.94
CA GLY B 359 -7.62 42.73 -16.03
C GLY B 359 -9.03 42.64 -15.47
N ALA B 360 -9.55 43.76 -15.00
CA ALA B 360 -10.94 43.86 -14.55
C ALA B 360 -11.47 45.27 -14.85
N VAL B 361 -12.78 45.46 -14.74
CA VAL B 361 -13.33 46.80 -14.93
C VAL B 361 -12.76 47.74 -13.87
N ILE B 362 -12.85 47.32 -12.61
CA ILE B 362 -12.29 48.09 -11.50
C ILE B 362 -11.01 47.40 -11.06
N GLU B 363 -9.92 48.15 -10.96
CA GLU B 363 -8.63 47.53 -10.75
C GLU B 363 -7.93 47.99 -9.47
N HIS B 364 -6.65 47.68 -9.33
CA HIS B 364 -6.00 47.90 -8.04
C HIS B 364 -6.08 49.34 -7.46
N VAL B 365 -6.20 50.38 -8.30
CA VAL B 365 -6.38 51.73 -7.76
C VAL B 365 -7.71 51.89 -7.03
N GLY B 366 -8.72 51.13 -7.45
CA GLY B 366 -10.01 51.18 -6.78
C GLY B 366 -10.95 52.27 -7.25
N HIS B 367 -10.65 52.92 -8.36
CA HIS B 367 -11.50 54.00 -8.85
C HIS B 367 -11.69 53.96 -10.37
N GLU B 368 -12.50 54.88 -10.87
CA GLU B 368 -12.96 54.83 -12.25
C GLU B 368 -12.15 55.69 -13.22
N HIS B 369 -11.17 56.43 -12.70
CA HIS B 369 -10.41 57.39 -13.50
C HIS B 369 -9.22 56.69 -14.15
N THR B 370 -9.55 55.90 -15.16
CA THR B 370 -8.69 54.86 -15.65
C THR B 370 -9.01 54.63 -17.13
N ARG B 371 -7.97 54.47 -17.94
CA ARG B 371 -8.15 54.20 -19.37
C ARG B 371 -9.09 53.02 -19.58
N VAL B 372 -8.81 51.91 -18.89
CA VAL B 372 -9.61 50.71 -19.06
C VAL B 372 -11.06 50.94 -18.62
N PHE B 373 -11.24 51.63 -17.50
CA PHE B 373 -12.58 51.87 -17.01
C PHE B 373 -13.40 52.71 -17.98
N ARG B 374 -12.78 53.77 -18.51
CA ARG B 374 -13.44 54.64 -19.48
C ARG B 374 -13.93 53.90 -20.71
N GLU B 375 -13.06 53.06 -21.26
CA GLU B 375 -13.44 52.28 -22.44
C GLU B 375 -14.61 51.35 -22.11
N CYS B 376 -14.57 50.72 -20.93
CA CYS B 376 -15.68 49.89 -20.47
C CYS B 376 -16.97 50.69 -20.33
N ALA B 377 -16.87 51.84 -19.66
CA ALA B 377 -18.02 52.71 -19.47
C ALA B 377 -18.61 53.14 -20.83
N GLU B 378 -17.73 53.44 -21.77
CA GLU B 378 -18.15 53.89 -23.11
C GLU B 378 -18.94 52.80 -23.83
N LEU B 379 -18.45 51.56 -23.79
CA LEU B 379 -19.14 50.40 -24.36
C LEU B 379 -20.50 50.23 -23.71
N GLY B 380 -20.49 50.18 -22.37
CA GLY B 380 -21.71 50.06 -21.60
C GLY B 380 -22.79 50.99 -22.07
N LYS B 381 -22.43 52.26 -22.25
CA LYS B 381 -23.39 53.27 -22.71
C LYS B 381 -23.97 52.95 -24.11
N GLU B 382 -23.10 52.57 -25.05
CA GLU B 382 -23.58 52.19 -26.39
C GLU B 382 -24.53 51.00 -26.32
N LEU B 383 -24.23 50.05 -25.44
CA LEU B 383 -25.07 48.87 -25.30
C LEU B 383 -26.45 49.25 -24.77
N GLN B 384 -26.50 50.21 -23.86
CA GLN B 384 -27.77 50.76 -23.40
C GLN B 384 -28.58 51.33 -24.56
N GLN B 385 -27.90 52.08 -25.42
CA GLN B 385 -28.54 52.76 -26.54
C GLN B 385 -29.04 51.81 -27.61
N LEU B 386 -28.29 50.73 -27.87
CA LEU B 386 -28.71 49.73 -28.85
C LEU B 386 -30.02 49.05 -28.46
N GLY B 387 -30.26 48.93 -27.17
CA GLY B 387 -31.48 48.28 -26.69
C GLY B 387 -31.60 46.88 -27.24
N ASP B 388 -32.77 46.54 -27.78
CA ASP B 388 -33.03 45.16 -28.18
C ASP B 388 -32.80 44.96 -29.66
N THR B 389 -32.27 46.00 -30.31
CA THR B 389 -32.28 46.06 -31.76
C THR B 389 -31.77 44.79 -32.44
N ILE B 390 -30.63 44.30 -31.96
CA ILE B 390 -29.86 43.23 -32.58
C ILE B 390 -30.21 41.85 -32.05
N LEU B 391 -30.86 41.81 -30.89
CA LEU B 391 -31.16 40.56 -30.20
C LEU B 391 -31.89 39.55 -31.09
N ASP B 392 -31.47 38.28 -31.04
CA ASP B 392 -32.10 37.21 -31.84
C ASP B 392 -31.82 37.26 -33.34
N ALA B 393 -31.06 38.25 -33.79
CA ALA B 393 -30.70 38.31 -35.20
C ALA B 393 -29.84 37.09 -35.56
N ARG B 394 -29.95 36.63 -36.81
CA ARG B 394 -29.31 35.39 -37.22
C ARG B 394 -28.52 35.50 -38.51
N SER B 395 -27.57 34.59 -38.68
CA SER B 395 -26.81 34.47 -39.91
C SER B 395 -27.65 33.87 -41.04
N GLU B 396 -27.53 34.49 -42.21
CA GLU B 396 -28.12 33.92 -43.42
C GLU B 396 -27.06 33.45 -44.42
N ALA B 397 -25.96 32.91 -43.90
CA ALA B 397 -24.90 32.38 -44.74
C ALA B 397 -25.43 31.41 -45.79
N LYS B 398 -24.85 31.45 -46.98
CA LYS B 398 -25.15 30.45 -48.01
C LYS B 398 -23.93 29.52 -48.12
N VAL B 399 -22.92 29.79 -47.30
CA VAL B 399 -21.67 29.04 -47.34
C VAL B 399 -21.35 28.47 -45.95
N ALA B 400 -21.08 27.16 -45.90
CA ALA B 400 -20.80 26.48 -44.64
C ALA B 400 -19.44 25.78 -44.64
N VAL B 401 -18.72 25.87 -43.53
CA VAL B 401 -17.52 25.04 -43.34
C VAL B 401 -17.64 24.15 -42.09
N MET B 402 -17.35 22.87 -42.30
CA MET B 402 -17.62 21.85 -41.30
C MET B 402 -16.44 21.64 -40.36
N TYR B 403 -16.76 21.35 -39.11
CA TYR B 403 -15.80 21.05 -38.06
C TYR B 403 -16.41 19.97 -37.18
N ASP B 404 -15.56 19.07 -36.69
CA ASP B 404 -16.00 17.97 -35.85
C ASP B 404 -14.92 17.55 -34.85
N TRP B 405 -15.31 17.40 -33.59
CA TRP B 405 -14.39 17.01 -32.52
C TRP B 405 -13.88 15.57 -32.62
N GLU B 406 -14.74 14.63 -32.99
CA GLU B 406 -14.35 13.21 -33.10
C GLU B 406 -13.40 13.02 -34.27
N ASN B 407 -13.69 13.73 -35.35
CA ASN B 407 -12.75 13.83 -36.45
C ASN B 407 -11.39 14.37 -35.96
N ARG B 408 -11.44 15.48 -35.23
CA ARG B 408 -10.22 16.07 -34.68
C ARG B 408 -9.47 15.09 -33.77
N TRP B 409 -10.19 14.38 -32.92
CA TRP B 409 -9.56 13.43 -32.01
C TRP B 409 -8.81 12.36 -32.78
N ALA B 410 -9.47 11.78 -33.77
CA ALA B 410 -8.83 10.70 -34.53
C ALA B 410 -7.63 11.24 -35.28
N LEU B 411 -7.74 12.44 -35.84
CA LEU B 411 -6.60 13.03 -36.53
C LEU B 411 -5.44 13.31 -35.60
N GLU B 412 -5.73 13.76 -34.38
CA GLU B 412 -4.66 14.20 -33.51
C GLU B 412 -3.99 12.99 -32.84
N LEU B 413 -4.66 11.84 -32.87
CA LEU B 413 -4.13 10.60 -32.30
C LEU B 413 -3.47 9.73 -33.37
N SER B 414 -3.67 10.09 -34.63
CA SER B 414 -3.14 9.28 -35.70
C SER B 414 -1.61 9.23 -35.68
N SER B 415 -1.06 8.04 -35.89
CA SER B 415 0.38 7.93 -36.12
C SER B 415 0.60 8.05 -37.63
N GLY B 416 1.08 9.21 -38.06
CA GLY B 416 1.15 9.52 -39.47
C GLY B 416 -0.15 10.18 -39.89
N PRO B 417 -0.18 10.77 -41.08
CA PRO B 417 0.93 10.74 -42.04
C PRO B 417 1.90 11.90 -41.85
N SER B 418 1.55 12.88 -41.02
CA SER B 418 2.44 14.03 -40.83
C SER B 418 2.22 14.84 -39.55
N ILE B 419 3.29 15.05 -38.78
CA ILE B 419 3.18 15.92 -37.61
C ILE B 419 2.96 17.40 -37.96
N ALA B 420 3.19 17.79 -39.22
CA ALA B 420 2.89 19.15 -39.62
C ALA B 420 1.45 19.32 -40.08
N LEU B 421 0.68 18.24 -40.09
CA LEU B 421 -0.76 18.32 -40.35
C LEU B 421 -1.49 18.79 -39.09
N ASN B 422 -2.07 19.98 -39.16
CA ASN B 422 -2.83 20.52 -38.03
C ASN B 422 -4.24 20.83 -38.49
N TYR B 423 -5.20 20.11 -37.91
CA TYR B 423 -6.58 20.10 -38.40
C TYR B 423 -7.23 21.47 -38.35
N VAL B 424 -7.15 22.11 -37.19
CA VAL B 424 -7.75 23.42 -37.01
C VAL B 424 -7.08 24.42 -37.96
N ASN B 425 -5.77 24.33 -38.14
CA ASN B 425 -5.12 25.23 -39.09
C ASN B 425 -5.66 25.07 -40.51
N GLU B 426 -5.93 23.84 -40.92
CA GLU B 426 -6.50 23.58 -42.25
C GLU B 426 -7.91 24.15 -42.38
N VAL B 427 -8.77 23.85 -41.41
CA VAL B 427 -10.10 24.43 -41.38
C VAL B 427 -10.00 25.96 -41.45
N HIS B 428 -9.09 26.52 -40.68
CA HIS B 428 -8.94 27.97 -40.66
C HIS B 428 -8.40 28.57 -41.97
N LYS B 429 -7.60 27.81 -42.73
CA LYS B 429 -7.17 28.27 -44.05
C LYS B 429 -8.36 28.53 -44.98
N TYR B 430 -9.35 27.64 -44.97
CA TYR B 430 -10.55 27.86 -45.77
C TYR B 430 -11.44 28.99 -45.23
N TYR B 431 -11.60 29.03 -43.91
CA TYR B 431 -12.43 30.04 -43.26
C TYR B 431 -11.84 31.42 -43.52
N ASP B 432 -10.51 31.50 -43.40
CA ASP B 432 -9.82 32.76 -43.52
C ASP B 432 -10.04 33.30 -44.93
N ALA B 433 -10.04 32.41 -45.92
CA ALA B 433 -10.25 32.86 -47.31
C ALA B 433 -11.62 33.51 -47.48
N LEU B 434 -12.65 32.91 -46.90
CA LEU B 434 -14.00 33.46 -46.90
C LEU B 434 -14.03 34.81 -46.17
N TYR B 435 -13.52 34.81 -44.95
CA TYR B 435 -13.42 36.01 -44.13
C TYR B 435 -12.80 37.18 -44.87
N LYS B 436 -11.74 36.92 -45.64
CA LYS B 436 -11.05 37.98 -46.36
C LYS B 436 -11.89 38.62 -47.46
N GLN B 437 -12.87 37.89 -47.97
CA GLN B 437 -13.74 38.42 -49.01
C GLN B 437 -15.10 38.82 -48.44
N ASN B 438 -15.24 38.79 -47.13
CA ASN B 438 -16.50 39.14 -46.49
C ASN B 438 -17.65 38.31 -47.03
N ILE B 439 -17.40 37.03 -47.26
CA ILE B 439 -18.48 36.12 -47.60
C ILE B 439 -19.10 35.57 -46.32
N GLN B 440 -20.38 35.84 -46.11
CA GLN B 440 -21.05 35.38 -44.89
C GLN B 440 -20.98 33.86 -44.81
N THR B 441 -20.43 33.33 -43.72
CA THR B 441 -20.33 31.87 -43.56
C THR B 441 -20.64 31.31 -42.16
N ASP B 442 -21.16 30.09 -42.13
CA ASP B 442 -21.47 29.40 -40.89
C ASP B 442 -20.47 28.29 -40.66
N MET B 443 -19.88 28.24 -39.46
CA MET B 443 -19.25 27.01 -39.01
C MET B 443 -20.39 26.07 -38.59
N ILE B 444 -20.35 24.83 -39.08
CA ILE B 444 -21.43 23.89 -38.82
C ILE B 444 -20.88 22.52 -38.45
N SER B 445 -21.74 21.69 -37.86
CA SER B 445 -21.37 20.31 -37.55
C SER B 445 -21.56 19.44 -38.78
N VAL B 446 -21.04 18.22 -38.74
CA VAL B 446 -21.16 17.34 -39.89
C VAL B 446 -22.58 16.78 -40.02
N GLU B 447 -23.40 17.04 -39.01
CA GLU B 447 -24.78 16.55 -38.97
C GLU B 447 -25.78 17.63 -39.40
N GLU B 448 -25.30 18.87 -39.50
CA GLU B 448 -26.18 20.00 -39.79
C GLU B 448 -27.00 19.78 -41.06
N ASP B 449 -28.22 20.31 -41.08
CA ASP B 449 -29.03 20.27 -42.31
C ASP B 449 -28.38 21.15 -43.38
N LEU B 450 -28.08 20.56 -44.54
CA LEU B 450 -27.31 21.23 -45.59
C LEU B 450 -28.18 22.07 -46.55
N SER B 451 -29.49 21.84 -46.55
CA SER B 451 -30.37 22.38 -47.59
C SER B 451 -30.32 23.90 -47.71
N LYS B 452 -29.99 24.57 -46.61
CA LYS B 452 -29.93 26.02 -46.56
C LYS B 452 -28.72 26.61 -47.30
N TYR B 453 -27.75 25.76 -47.66
CA TYR B 453 -26.47 26.23 -48.17
C TYR B 453 -26.32 26.03 -49.68
N LYS B 454 -25.40 26.77 -50.27
CA LYS B 454 -25.00 26.59 -51.67
C LYS B 454 -23.58 26.02 -51.76
N VAL B 455 -22.73 26.37 -50.80
CA VAL B 455 -21.37 25.87 -50.76
C VAL B 455 -21.06 25.28 -49.39
N VAL B 456 -20.69 24.01 -49.38
CA VAL B 456 -20.29 23.32 -48.14
C VAL B 456 -18.84 22.83 -48.24
N ILE B 457 -18.01 23.31 -47.32
CA ILE B 457 -16.59 22.97 -47.31
C ILE B 457 -16.22 22.12 -46.10
N ALA B 458 -15.60 20.97 -46.35
CA ALA B 458 -15.21 20.07 -45.29
C ALA B 458 -13.72 19.77 -45.39
N PRO B 459 -12.90 20.62 -44.76
CA PRO B 459 -11.46 20.41 -44.89
C PRO B 459 -11.05 19.19 -44.07
N VAL B 460 -10.19 18.35 -44.64
CA VAL B 460 -9.70 17.15 -43.96
C VAL B 460 -10.78 16.41 -43.19
N MET B 461 -11.87 16.06 -43.88
CA MET B 461 -12.92 15.25 -43.30
C MET B 461 -12.48 13.80 -43.28
N TYR B 462 -11.46 13.54 -42.46
CA TYR B 462 -10.81 12.23 -42.32
C TYR B 462 -11.80 11.14 -41.89
N MET B 463 -12.60 11.42 -40.88
CA MET B 463 -13.60 10.47 -40.42
C MET B 463 -14.97 10.78 -41.03
N VAL B 464 -15.60 9.77 -41.63
CA VAL B 464 -16.91 9.91 -42.23
C VAL B 464 -17.88 9.04 -41.46
N LYS B 465 -18.89 9.70 -40.87
CA LYS B 465 -19.81 9.02 -39.97
C LYS B 465 -21.04 8.51 -40.71
N PRO B 466 -21.73 7.54 -40.12
CA PRO B 466 -22.96 7.03 -40.72
C PRO B 466 -23.89 8.16 -41.21
N GLY B 467 -24.43 8.01 -42.41
CA GLY B 467 -25.34 8.98 -42.94
C GLY B 467 -24.68 10.19 -43.58
N PHE B 468 -23.41 10.44 -43.25
CA PHE B 468 -22.70 11.57 -43.81
C PHE B 468 -22.64 11.57 -45.34
N ALA B 469 -22.18 10.47 -45.93
CA ALA B 469 -22.02 10.38 -47.39
C ALA B 469 -23.34 10.60 -48.15
N GLU B 470 -24.38 9.91 -47.72
CA GLU B 470 -25.67 10.01 -48.37
C GLU B 470 -26.21 11.43 -48.27
N ARG B 471 -25.93 12.09 -47.16
CA ARG B 471 -26.38 13.46 -46.95
C ARG B 471 -25.69 14.41 -47.94
N VAL B 472 -24.37 14.30 -48.07
CA VAL B 472 -23.69 15.19 -49.01
C VAL B 472 -24.04 14.88 -50.47
N GLU B 473 -24.30 13.62 -50.79
CA GLU B 473 -24.68 13.25 -52.15
C GLU B 473 -26.00 13.88 -52.55
N ARG B 474 -26.95 13.88 -51.63
CA ARG B 474 -28.25 14.47 -51.86
C ARG B 474 -28.05 15.96 -52.03
N PHE B 475 -27.19 16.55 -51.21
CA PHE B 475 -26.93 17.98 -51.24
C PHE B 475 -26.35 18.39 -52.60
N VAL B 476 -25.37 17.63 -53.08
CA VAL B 476 -24.72 17.98 -54.34
C VAL B 476 -25.68 17.77 -55.50
N ALA B 477 -26.34 16.63 -55.53
CA ALA B 477 -27.19 16.28 -56.67
C ALA B 477 -28.31 17.30 -56.84
N GLN B 478 -28.71 17.95 -55.75
CA GLN B 478 -29.78 18.93 -55.78
C GLN B 478 -29.30 20.32 -56.15
N GLY B 479 -28.00 20.47 -56.43
CA GLY B 479 -27.48 21.74 -56.90
C GLY B 479 -26.38 22.35 -56.07
N GLY B 480 -26.04 21.74 -54.94
CA GLY B 480 -25.04 22.31 -54.07
C GLY B 480 -23.60 22.07 -54.51
N THR B 481 -22.67 22.93 -54.10
CA THR B 481 -21.27 22.56 -54.28
C THR B 481 -20.60 22.10 -52.98
N PHE B 482 -19.93 20.95 -53.05
CA PHE B 482 -19.23 20.37 -51.91
C PHE B 482 -17.73 20.34 -52.16
N VAL B 483 -16.96 20.77 -51.17
CA VAL B 483 -15.51 20.75 -51.25
C VAL B 483 -14.93 19.90 -50.14
N THR B 484 -14.01 19.01 -50.49
CA THR B 484 -13.22 18.35 -49.45
C THR B 484 -11.76 18.23 -49.91
N THR B 485 -10.91 17.60 -49.12
CA THR B 485 -9.48 17.70 -49.35
C THR B 485 -8.72 16.38 -49.18
N PHE B 486 -7.39 16.46 -49.31
CA PHE B 486 -6.52 15.31 -49.05
C PHE B 486 -6.86 14.70 -47.69
N PHE B 487 -6.70 13.39 -47.60
CA PHE B 487 -6.83 12.69 -46.32
C PHE B 487 -8.25 12.80 -45.75
N SER B 488 -9.23 12.81 -46.65
CA SER B 488 -10.63 12.81 -46.26
C SER B 488 -11.21 11.49 -46.71
N GLY B 489 -12.22 11.01 -45.97
CA GLY B 489 -12.93 9.81 -46.34
C GLY B 489 -12.19 8.54 -45.97
N ILE B 490 -11.22 8.65 -45.07
CA ILE B 490 -10.33 7.53 -44.78
C ILE B 490 -10.94 6.50 -43.84
N VAL B 491 -11.55 6.98 -42.75
CA VAL B 491 -12.03 6.08 -41.69
C VAL B 491 -13.51 6.25 -41.31
N ASN B 492 -13.99 5.31 -40.51
CA ASN B 492 -15.34 5.39 -39.96
C ASN B 492 -15.26 5.87 -38.51
N GLU B 493 -16.37 5.78 -37.79
CA GLU B 493 -16.48 6.32 -36.44
C GLU B 493 -15.54 5.64 -35.43
N ASN B 494 -14.99 4.50 -35.81
CA ASN B 494 -14.09 3.75 -34.95
C ASN B 494 -12.63 3.88 -35.36
N ASP B 495 -12.36 4.80 -36.26
CA ASP B 495 -11.01 5.01 -36.79
C ASP B 495 -10.55 3.75 -37.51
N LEU B 496 -11.50 3.02 -38.07
CA LEU B 496 -11.20 1.90 -38.95
C LEU B 496 -11.20 2.39 -40.41
N VAL B 497 -10.18 2.02 -41.17
CA VAL B 497 -10.10 2.44 -42.57
C VAL B 497 -11.25 1.88 -43.40
N THR B 498 -11.90 2.77 -44.15
CA THR B 498 -12.86 2.35 -45.16
C THR B 498 -12.09 1.81 -46.37
N LEU B 499 -12.14 0.50 -46.55
CA LEU B 499 -11.34 -0.17 -47.58
C LEU B 499 -11.89 0.01 -48.99
N GLY B 500 -11.04 -0.26 -49.98
CA GLY B 500 -11.45 -0.22 -51.38
C GLY B 500 -11.06 1.05 -52.11
N GLY B 501 -10.31 1.92 -51.44
CA GLY B 501 -9.77 3.12 -52.07
C GLY B 501 -10.33 4.43 -51.52
N TYR B 502 -9.44 5.32 -51.11
CA TYR B 502 -9.83 6.64 -50.66
C TYR B 502 -10.42 7.38 -51.84
N PRO B 503 -11.39 8.27 -51.58
CA PRO B 503 -11.87 8.61 -50.25
C PRO B 503 -13.12 7.84 -49.84
N GLY B 504 -13.09 6.52 -50.00
CA GLY B 504 -14.10 5.66 -49.43
C GLY B 504 -15.54 5.97 -49.78
N GLU B 505 -16.32 6.35 -48.77
CA GLU B 505 -17.74 6.61 -48.95
C GLU B 505 -17.95 7.89 -49.76
N LEU B 506 -16.91 8.71 -49.88
CA LEU B 506 -17.01 9.94 -50.65
C LEU B 506 -16.43 9.79 -52.07
N ARG B 507 -15.96 8.58 -52.40
CA ARG B 507 -15.33 8.37 -53.70
C ARG B 507 -16.30 8.64 -54.87
N ASN B 508 -17.51 8.12 -54.76
CA ASN B 508 -18.49 8.30 -55.80
C ASN B 508 -18.84 9.76 -56.02
N VAL B 509 -19.06 10.51 -54.94
CA VAL B 509 -19.43 11.91 -55.08
C VAL B 509 -18.26 12.83 -55.48
N MET B 510 -17.02 12.45 -55.15
CA MET B 510 -15.86 13.31 -55.48
C MET B 510 -15.34 13.02 -56.89
N GLY B 511 -15.67 11.85 -57.42
CA GLY B 511 -15.26 11.46 -58.76
C GLY B 511 -13.80 11.13 -58.89
N ILE B 512 -13.12 10.91 -57.78
CA ILE B 512 -11.70 10.58 -57.82
C ILE B 512 -11.32 9.39 -56.92
N TRP B 513 -10.21 8.74 -57.27
CA TRP B 513 -9.60 7.73 -56.41
C TRP B 513 -8.25 8.27 -55.96
N ALA B 514 -8.08 8.39 -54.65
CA ALA B 514 -6.81 8.84 -54.08
C ALA B 514 -5.92 7.63 -53.78
N GLU B 515 -4.86 7.43 -54.57
CA GLU B 515 -4.04 6.22 -54.49
C GLU B 515 -3.12 6.23 -53.27
N GLU B 516 -2.37 7.32 -53.08
CA GLU B 516 -1.44 7.40 -51.95
C GLU B 516 -1.13 8.84 -51.60
N ILE B 517 -0.72 9.04 -50.35
CA ILE B 517 -0.44 10.38 -49.87
C ILE B 517 1.03 10.51 -49.47
N ASP B 518 1.61 11.66 -49.81
CA ASP B 518 3.01 11.95 -49.56
C ASP B 518 3.19 13.10 -48.56
N ALA B 519 3.93 12.87 -47.49
CA ALA B 519 4.18 13.95 -46.53
C ALA B 519 5.44 14.72 -46.87
N LEU B 520 5.31 16.03 -47.00
CA LEU B 520 6.45 16.85 -47.35
C LEU B 520 7.26 17.21 -46.11
N LEU B 521 8.58 17.16 -46.24
CA LEU B 521 9.45 17.59 -45.16
C LEU B 521 9.28 19.10 -45.02
N PRO B 522 9.55 19.64 -43.82
CA PRO B 522 9.32 21.07 -43.57
C PRO B 522 10.19 21.90 -44.50
N GLY B 523 9.61 22.96 -45.08
CA GLY B 523 10.34 23.80 -46.00
C GLY B 523 10.19 23.34 -47.44
N HIS B 524 9.60 22.17 -47.62
CA HIS B 524 9.36 21.65 -48.96
C HIS B 524 7.95 21.98 -49.39
N GLN B 525 7.81 22.37 -50.65
CA GLN B 525 6.52 22.73 -51.20
C GLN B 525 6.41 22.11 -52.57
N ASN B 526 5.19 22.12 -53.11
CA ASN B 526 4.98 21.74 -54.50
C ASN B 526 4.24 22.89 -55.18
N GLU B 527 3.70 22.62 -56.37
CA GLU B 527 3.03 23.65 -57.15
C GLU B 527 1.66 23.17 -57.60
N ILE B 528 0.69 24.07 -57.57
CA ILE B 528 -0.61 23.87 -58.21
C ILE B 528 -0.57 24.62 -59.54
N VAL B 529 -0.62 23.88 -60.63
CA VAL B 529 -0.54 24.47 -61.97
C VAL B 529 -1.89 24.36 -62.66
N LEU B 530 -2.52 25.48 -62.96
CA LEU B 530 -3.80 25.42 -63.66
C LEU B 530 -3.67 24.94 -65.10
N ARG B 531 -4.59 24.09 -65.52
CA ARG B 531 -4.58 23.54 -66.88
C ARG B 531 -5.02 24.58 -67.88
N GLN B 532 -5.92 25.45 -67.44
CA GLN B 532 -6.35 26.60 -68.21
C GLN B 532 -6.89 27.62 -67.20
N ASP B 533 -7.03 28.87 -67.62
CA ASP B 533 -7.60 29.89 -66.74
C ASP B 533 -9.00 29.50 -66.30
N TRP B 534 -9.31 29.82 -65.05
CA TRP B 534 -10.60 29.51 -64.49
C TRP B 534 -10.95 30.59 -63.49
N GLY B 535 -11.95 31.41 -63.83
CA GLY B 535 -12.30 32.54 -62.99
C GLY B 535 -11.05 33.29 -62.57
N GLY B 536 -10.84 33.48 -61.27
CA GLY B 536 -9.69 34.22 -60.80
C GLY B 536 -8.43 33.39 -60.62
N LEU B 537 -8.45 32.13 -61.02
CA LEU B 537 -7.26 31.29 -60.92
C LEU B 537 -6.50 31.25 -62.25
N ARG B 538 -5.20 31.55 -62.18
CA ARG B 538 -4.35 31.49 -63.36
C ARG B 538 -2.92 31.10 -63.00
N GLY B 539 -2.35 30.17 -63.75
CA GLY B 539 -0.95 29.86 -63.61
C GLY B 539 -0.65 28.96 -62.44
N SER B 540 0.35 29.35 -61.66
CA SER B 540 0.91 28.47 -60.66
C SER B 540 0.83 29.06 -59.24
N TYR B 541 0.46 28.21 -58.28
CA TYR B 541 0.38 28.57 -56.86
C TYR B 541 1.14 27.52 -56.06
N SER B 542 1.46 27.84 -54.81
CA SER B 542 2.15 26.88 -53.95
C SER B 542 1.16 26.04 -53.17
N CYS B 543 1.61 24.87 -52.75
CA CYS B 543 0.87 24.03 -51.85
C CYS B 543 1.88 23.26 -51.01
N GLY B 544 1.46 22.71 -49.88
CA GLY B 544 2.41 21.99 -49.06
C GLY B 544 1.82 20.99 -48.09
N ILE B 545 2.67 20.56 -47.15
CA ILE B 545 2.29 19.66 -46.07
C ILE B 545 2.00 18.23 -46.53
N LEU B 546 0.89 18.04 -47.23
CA LEU B 546 0.55 16.73 -47.75
C LEU B 546 0.15 16.84 -49.22
N CYS B 547 0.61 15.91 -50.04
CA CYS B 547 0.15 15.88 -51.43
C CYS B 547 -0.49 14.53 -51.72
N ASP B 548 -1.79 14.55 -51.96
CA ASP B 548 -2.48 13.34 -52.37
C ASP B 548 -2.21 13.08 -53.85
N VAL B 549 -1.93 11.82 -54.19
CA VAL B 549 -1.75 11.39 -55.56
C VAL B 549 -3.04 10.70 -56.00
N ILE B 550 -3.77 11.33 -56.92
CA ILE B 550 -5.12 10.87 -57.22
C ILE B 550 -5.34 10.63 -58.71
N HIS B 551 -6.43 9.93 -59.03
CA HIS B 551 -6.79 9.62 -60.40
C HIS B 551 -8.19 10.11 -60.64
N ALA B 552 -8.35 10.93 -61.68
CA ALA B 552 -9.68 11.38 -62.07
C ALA B 552 -10.46 10.19 -62.59
N GLU B 553 -11.63 9.95 -62.04
CA GLU B 553 -12.44 8.89 -62.57
C GLU B 553 -13.58 9.51 -63.35
N THR B 554 -14.51 10.13 -62.64
CA THR B 554 -15.63 10.79 -63.25
C THR B 554 -15.34 12.29 -63.34
N ALA B 555 -14.41 12.76 -62.50
CA ALA B 555 -14.19 14.20 -62.34
C ALA B 555 -13.30 14.79 -63.42
N GLU B 556 -13.39 16.11 -63.57
CA GLU B 556 -12.59 16.86 -64.52
C GLU B 556 -11.35 17.38 -63.80
N VAL B 557 -10.21 17.40 -64.49
CA VAL B 557 -8.99 17.93 -63.88
C VAL B 557 -8.85 19.42 -64.17
N LEU B 558 -8.75 20.22 -63.12
CA LEU B 558 -8.62 21.66 -63.27
C LEU B 558 -7.18 22.14 -63.07
N ALA B 559 -6.41 21.43 -62.25
CA ALA B 559 -5.01 21.79 -62.04
C ALA B 559 -4.15 20.58 -61.72
N GLU B 560 -2.88 20.66 -62.03
CA GLU B 560 -1.98 19.51 -61.84
C GLU B 560 -0.81 19.91 -60.96
N TYR B 561 -0.13 18.91 -60.39
CA TYR B 561 1.10 19.17 -59.64
C TYR B 561 2.19 19.58 -60.61
N GLY B 562 3.04 20.52 -60.20
CA GLY B 562 4.09 20.99 -61.08
C GLY B 562 5.47 20.39 -60.86
N ALA B 563 5.61 19.50 -59.87
CA ALA B 563 6.91 18.97 -59.50
C ALA B 563 6.87 17.61 -58.82
N ASP B 564 8.05 17.04 -58.56
CA ASP B 564 8.18 15.73 -57.93
C ASP B 564 7.66 14.60 -58.83
N TYR B 565 7.65 13.38 -58.30
CA TYR B 565 7.30 12.20 -59.12
C TYR B 565 5.83 12.17 -59.55
N TYR B 566 4.98 12.90 -58.84
CA TYR B 566 3.59 13.01 -59.25
C TYR B 566 3.28 14.27 -60.06
N LYS B 567 4.33 14.91 -60.59
CA LYS B 567 4.12 16.03 -61.51
C LYS B 567 3.17 15.63 -62.65
N GLY B 568 2.29 16.54 -63.03
CA GLY B 568 1.37 16.30 -64.12
C GLY B 568 0.13 15.50 -63.73
N THR B 569 0.09 15.05 -62.48
CA THR B 569 -1.11 14.38 -61.97
C THR B 569 -2.02 15.38 -61.22
N PRO B 570 -3.32 15.05 -61.09
CA PRO B 570 -4.31 16.03 -60.66
C PRO B 570 -4.15 16.51 -59.22
N VAL B 571 -4.32 17.81 -59.00
CA VAL B 571 -4.31 18.36 -57.65
C VAL B 571 -5.61 19.11 -57.33
N LEU B 572 -6.32 19.58 -58.36
CA LEU B 572 -7.65 20.14 -58.17
C LEU B 572 -8.59 19.57 -59.21
N THR B 573 -9.68 18.95 -58.74
CA THR B 573 -10.65 18.34 -59.62
C THR B 573 -12.06 18.85 -59.34
N ARG B 574 -12.92 18.74 -60.33
CA ARG B 574 -14.30 19.17 -60.21
C ARG B 574 -15.15 18.10 -60.83
N ASN B 575 -16.03 17.53 -60.02
CA ASN B 575 -16.92 16.46 -60.48
C ASN B 575 -18.35 16.97 -60.56
N LYS B 576 -18.96 16.88 -61.74
CA LYS B 576 -20.39 17.17 -61.88
C LYS B 576 -21.19 15.99 -61.33
N PHE B 577 -22.07 16.26 -60.37
CA PHE B 577 -22.83 15.20 -59.70
C PHE B 577 -24.28 15.67 -59.58
N GLY B 578 -25.20 15.01 -60.30
CA GLY B 578 -26.55 15.51 -60.41
C GLY B 578 -26.56 16.94 -60.93
N ASN B 579 -27.18 17.85 -60.18
CA ASN B 579 -27.20 19.27 -60.57
C ASN B 579 -26.06 20.09 -59.98
N GLY B 580 -25.31 19.50 -59.05
CA GLY B 580 -24.25 20.23 -58.36
C GLY B 580 -22.86 19.83 -58.80
N GLN B 581 -21.89 20.15 -57.96
CA GLN B 581 -20.46 19.96 -58.22
C GLN B 581 -19.75 19.60 -56.91
N SER B 582 -18.70 18.80 -56.99
CA SER B 582 -17.80 18.62 -55.87
C SER B 582 -16.36 18.91 -56.31
N TYR B 583 -15.63 19.65 -55.50
CA TYR B 583 -14.21 19.88 -55.74
C TYR B 583 -13.34 19.11 -54.74
N TYR B 584 -12.30 18.46 -55.26
CA TYR B 584 -11.28 17.80 -54.43
C TYR B 584 -9.97 18.59 -54.50
N VAL B 585 -9.49 19.03 -53.33
CA VAL B 585 -8.24 19.76 -53.25
C VAL B 585 -7.20 18.86 -52.61
N ALA B 586 -6.28 18.36 -53.42
CA ALA B 586 -5.42 17.24 -53.04
C ALA B 586 -4.20 17.66 -52.22
N SER B 587 -4.08 18.94 -51.93
CA SER B 587 -2.95 19.39 -51.14
C SER B 587 -3.38 20.63 -50.36
N SER B 588 -2.49 21.16 -49.52
CA SER B 588 -2.80 22.35 -48.76
C SER B 588 -2.22 23.57 -49.47
N PRO B 589 -3.09 24.38 -50.08
CA PRO B 589 -2.72 25.49 -50.97
C PRO B 589 -2.37 26.75 -50.21
N ASP B 590 -1.71 27.69 -50.88
CA ASP B 590 -1.43 29.00 -50.29
C ASP B 590 -2.66 29.90 -50.32
N ALA B 591 -2.53 31.06 -49.70
CA ALA B 591 -3.67 31.95 -49.52
C ALA B 591 -4.15 32.46 -50.86
N ASP B 592 -3.23 32.69 -51.79
CA ASP B 592 -3.60 33.21 -53.10
C ASP B 592 -4.45 32.20 -53.84
N PHE B 593 -4.04 30.94 -53.82
CA PHE B 593 -4.86 29.92 -54.44
C PHE B 593 -6.25 29.85 -53.83
N LEU B 594 -6.32 29.83 -52.50
CA LEU B 594 -7.64 29.69 -51.85
C LEU B 594 -8.51 30.93 -52.06
N GLN B 595 -7.90 32.10 -52.15
CA GLN B 595 -8.63 33.30 -52.50
C GLN B 595 -9.34 33.08 -53.83
N GLY B 596 -8.57 32.71 -54.85
CA GLY B 596 -9.13 32.44 -56.16
C GLY B 596 -10.17 31.33 -56.17
N LEU B 597 -9.89 30.24 -55.47
CA LEU B 597 -10.83 29.14 -55.38
C LEU B 597 -12.14 29.61 -54.76
N ILE B 598 -12.05 30.27 -53.61
CA ILE B 598 -13.26 30.71 -52.94
C ILE B 598 -14.08 31.67 -53.82
N ALA B 599 -13.40 32.60 -54.50
CA ALA B 599 -14.11 33.55 -55.35
C ALA B 599 -14.88 32.81 -56.43
N ASN B 600 -14.25 31.80 -57.02
CA ASN B 600 -14.85 30.97 -58.07
C ASN B 600 -16.05 30.18 -57.57
N LEU B 601 -15.90 29.54 -56.41
CA LEU B 601 -16.96 28.69 -55.90
C LEU B 601 -18.20 29.52 -55.58
N CYS B 602 -17.98 30.69 -54.99
CA CYS B 602 -19.06 31.60 -54.67
C CYS B 602 -19.75 32.12 -55.93
N GLU B 603 -18.96 32.57 -56.89
CA GLU B 603 -19.48 33.10 -58.13
C GLU B 603 -20.31 32.06 -58.87
N GLU B 604 -19.87 30.80 -58.83
CA GLU B 604 -20.58 29.71 -59.48
C GLU B 604 -21.96 29.49 -58.86
N GLN B 605 -22.11 29.83 -57.59
CA GLN B 605 -23.37 29.64 -56.90
C GLN B 605 -24.13 30.96 -56.71
N GLY B 606 -23.54 32.06 -57.16
CA GLY B 606 -24.25 33.34 -57.09
C GLY B 606 -24.18 33.97 -55.72
N VAL B 607 -23.25 33.49 -54.88
CA VAL B 607 -23.07 34.16 -53.61
C VAL B 607 -22.01 35.26 -53.72
N LYS B 608 -22.28 36.38 -53.06
CA LYS B 608 -21.51 37.59 -53.25
C LYS B 608 -21.00 38.09 -51.92
N PRO B 609 -19.89 38.83 -51.95
CA PRO B 609 -19.40 39.51 -50.75
C PRO B 609 -20.48 40.42 -50.16
N LEU B 610 -20.54 40.50 -48.84
CA LEU B 610 -21.43 41.39 -48.13
C LEU B 610 -21.10 42.80 -48.60
N LEU B 611 -19.81 43.08 -48.61
CA LEU B 611 -19.26 44.40 -48.88
C LEU B 611 -17.82 44.18 -49.36
N ASN B 612 -17.30 45.10 -50.17
CA ASN B 612 -15.88 45.09 -50.47
C ASN B 612 -15.14 46.09 -49.58
N THR B 613 -14.10 45.63 -48.91
CA THR B 613 -13.37 46.46 -47.96
C THR B 613 -11.86 46.19 -48.02
N PRO B 614 -11.04 47.15 -47.55
CA PRO B 614 -9.59 46.94 -47.44
C PRO B 614 -9.28 45.79 -46.49
N ASP B 615 -8.11 45.18 -46.65
CA ASP B 615 -7.62 44.17 -45.71
C ASP B 615 -7.79 44.57 -44.26
N GLY B 616 -8.20 43.64 -43.41
CA GLY B 616 -8.33 43.89 -41.99
C GLY B 616 -9.60 44.63 -41.60
N VAL B 617 -10.38 45.07 -42.60
CA VAL B 617 -11.72 45.57 -42.32
C VAL B 617 -12.74 44.45 -42.48
N GLU B 618 -13.13 43.85 -41.37
CA GLU B 618 -14.02 42.69 -41.36
C GLU B 618 -15.50 43.06 -41.46
N VAL B 619 -16.26 42.30 -42.24
CA VAL B 619 -17.69 42.52 -42.37
C VAL B 619 -18.46 41.22 -42.16
N ALA B 620 -19.40 41.23 -41.21
CA ALA B 620 -20.29 40.09 -40.98
C ALA B 620 -21.74 40.56 -40.83
N GLU B 621 -22.69 39.68 -41.11
CA GLU B 621 -24.10 40.08 -41.15
C GLU B 621 -24.99 39.28 -40.20
N ARG B 622 -25.91 39.97 -39.52
CA ARG B 622 -26.99 39.31 -38.78
C ARG B 622 -28.32 39.88 -39.28
N VAL B 623 -29.30 39.01 -39.45
CA VAL B 623 -30.58 39.42 -40.03
C VAL B 623 -31.73 39.17 -39.05
N LYS B 624 -32.56 40.20 -38.87
CA LYS B 624 -33.71 40.13 -37.98
C LYS B 624 -34.97 40.46 -38.78
N ASN B 625 -35.89 39.49 -38.84
CA ASN B 625 -37.01 39.55 -39.77
C ASN B 625 -36.60 39.93 -41.19
N GLY B 626 -36.90 41.15 -41.60
CA GLY B 626 -36.46 41.61 -42.90
C GLY B 626 -35.36 42.67 -42.87
N THR B 627 -34.59 42.71 -41.79
CA THR B 627 -33.61 43.77 -41.66
C THR B 627 -32.19 43.22 -41.55
N SER B 628 -31.29 43.80 -42.33
CA SER B 628 -29.90 43.38 -42.35
C SER B 628 -29.00 44.30 -41.54
N TYR B 629 -28.21 43.71 -40.66
CA TYR B 629 -27.25 44.48 -39.86
C TYR B 629 -25.84 44.06 -40.26
N LEU B 630 -25.14 44.93 -40.96
CA LEU B 630 -23.76 44.67 -41.34
C LEU B 630 -22.86 45.29 -40.30
N PHE B 631 -22.09 44.44 -39.62
CA PHE B 631 -21.07 44.88 -38.68
C PHE B 631 -19.79 45.09 -39.44
N VAL B 632 -19.27 46.31 -39.38
CA VAL B 632 -18.02 46.65 -40.04
C VAL B 632 -16.99 46.95 -38.96
N MET B 633 -15.92 46.17 -38.96
CA MET B 633 -14.95 46.25 -37.87
C MET B 633 -13.56 46.44 -38.44
N ASN B 634 -12.95 47.58 -38.10
CA ASN B 634 -11.64 47.91 -38.66
C ASN B 634 -10.53 47.54 -37.72
N HIS B 635 -9.93 46.38 -37.98
CA HIS B 635 -8.84 45.85 -37.15
C HIS B 635 -7.53 46.62 -37.30
N ASN B 636 -7.48 47.50 -38.30
CA ASN B 636 -6.28 48.29 -38.56
C ASN B 636 -6.04 49.44 -37.58
N ALA B 637 -4.77 49.72 -37.31
CA ALA B 637 -4.43 50.84 -36.44
C ALA B 637 -4.63 52.17 -37.17
N GLU B 638 -5.12 52.10 -38.40
CA GLU B 638 -5.34 53.30 -39.21
C GLU B 638 -6.76 53.42 -39.72
N GLU B 639 -7.19 54.64 -39.96
CA GLU B 639 -8.48 54.91 -40.56
C GLU B 639 -8.56 54.26 -41.94
N MET B 640 -9.74 53.81 -42.32
CA MET B 640 -9.92 53.11 -43.58
C MET B 640 -11.18 53.64 -44.23
N THR B 641 -11.24 53.61 -45.55
CA THR B 641 -12.45 54.02 -46.26
C THR B 641 -12.94 52.87 -47.15
N PHE B 642 -14.24 52.84 -47.44
CA PHE B 642 -14.82 51.76 -48.22
C PHE B 642 -16.16 52.17 -48.83
N ASP B 643 -16.59 51.44 -49.84
CA ASP B 643 -17.88 51.67 -50.47
C ASP B 643 -19.00 50.93 -49.72
N ALA B 644 -19.86 51.69 -49.05
CA ALA B 644 -20.90 51.13 -48.18
C ALA B 644 -22.15 50.71 -48.94
N GLY B 645 -22.14 50.88 -50.25
CA GLY B 645 -23.31 50.63 -51.05
C GLY B 645 -24.10 51.91 -51.28
N ALA B 646 -25.12 51.83 -52.13
CA ALA B 646 -25.96 52.99 -52.41
C ALA B 646 -27.26 52.97 -51.61
N SER B 647 -27.53 51.84 -50.97
CA SER B 647 -28.73 51.64 -50.18
C SER B 647 -28.92 52.74 -49.13
N ARG B 648 -30.16 52.94 -48.70
CA ARG B 648 -30.45 53.85 -47.61
C ARG B 648 -30.17 53.13 -46.30
N GLN B 649 -29.15 53.59 -45.56
CA GLN B 649 -28.79 52.90 -44.32
C GLN B 649 -28.20 53.85 -43.27
N ARG B 650 -28.41 53.53 -42.00
CA ARG B 650 -27.78 54.30 -40.94
C ARG B 650 -26.84 53.45 -40.11
N ASP B 651 -25.87 54.11 -39.51
CA ASP B 651 -24.95 53.46 -38.59
C ASP B 651 -25.52 53.59 -37.18
N LEU B 652 -25.88 52.47 -36.57
CA LEU B 652 -26.50 52.48 -35.25
C LEU B 652 -25.66 53.14 -34.17
N LEU B 653 -24.34 53.07 -34.31
CA LEU B 653 -23.48 53.58 -33.25
C LEU B 653 -23.28 55.10 -33.31
N THR B 654 -23.73 55.74 -34.38
CA THR B 654 -23.65 57.21 -34.50
C THR B 654 -24.97 57.87 -34.88
N GLY B 655 -25.92 57.07 -35.35
CA GLY B 655 -27.19 57.58 -35.83
C GLY B 655 -27.13 58.17 -37.23
N LYS B 656 -25.92 58.40 -37.74
CA LYS B 656 -25.75 59.02 -39.05
C LYS B 656 -26.23 58.12 -40.19
N THR B 657 -26.70 58.75 -41.26
CA THR B 657 -26.98 58.03 -42.49
C THR B 657 -25.68 57.85 -43.24
N ILE B 658 -25.51 56.66 -43.82
CA ILE B 658 -24.30 56.35 -44.58
C ILE B 658 -24.67 55.90 -45.98
N SER B 659 -23.93 56.40 -46.97
CA SER B 659 -24.18 56.05 -48.36
C SER B 659 -22.93 56.31 -49.19
N GLY B 660 -22.64 55.41 -50.11
CA GLY B 660 -21.45 55.52 -50.93
C GLY B 660 -20.21 55.37 -50.10
N GLN B 661 -19.22 56.23 -50.35
CA GLN B 661 -17.94 56.18 -49.67
C GLN B 661 -18.05 56.51 -48.19
N ALA B 662 -17.48 55.64 -47.35
CA ALA B 662 -17.49 55.88 -45.91
C ALA B 662 -16.15 55.59 -45.30
N THR B 663 -15.76 56.36 -44.29
CA THR B 663 -14.51 56.08 -43.60
C THR B 663 -14.80 55.57 -42.19
N ILE B 664 -13.97 54.64 -41.72
CA ILE B 664 -14.15 54.06 -40.40
C ILE B 664 -12.87 54.25 -39.63
N PRO B 665 -12.96 54.71 -38.38
CA PRO B 665 -11.76 55.03 -37.60
C PRO B 665 -10.89 53.81 -37.37
N ALA B 666 -9.62 54.05 -37.01
CA ALA B 666 -8.77 52.97 -36.50
C ALA B 666 -9.52 52.23 -35.41
N ARG B 667 -9.45 50.90 -35.42
CA ARG B 667 -10.10 50.11 -34.36
C ARG B 667 -11.63 50.33 -34.30
N GLY B 668 -12.19 50.95 -35.33
CA GLY B 668 -13.58 51.40 -35.25
C GLY B 668 -14.63 50.36 -35.64
N VAL B 669 -15.87 50.64 -35.29
CA VAL B 669 -16.97 49.72 -35.56
C VAL B 669 -18.18 50.48 -36.05
N MET B 670 -18.76 50.03 -37.15
CA MET B 670 -20.04 50.53 -37.59
C MET B 670 -21.01 49.37 -37.58
N ILE B 671 -22.27 49.66 -37.30
CA ILE B 671 -23.32 48.67 -37.49
C ILE B 671 -24.34 49.26 -38.46
N LEU B 672 -24.23 48.88 -39.73
CA LEU B 672 -25.12 49.37 -40.77
C LEU B 672 -26.48 48.69 -40.74
N GLU B 673 -27.53 49.48 -40.53
CA GLU B 673 -28.91 48.98 -40.57
C GLU B 673 -29.53 49.21 -41.93
N ARG B 674 -30.00 48.14 -42.57
CA ARG B 674 -30.53 48.22 -43.93
C ARG B 674 -31.56 47.13 -44.19
N ALA B 675 -32.23 47.21 -45.34
CA ALA B 675 -33.16 46.16 -45.73
C ALA B 675 -32.44 45.06 -46.52
N MET C 1 24.21 -21.10 -47.36
CA MET C 1 22.96 -20.38 -47.53
C MET C 1 22.23 -20.31 -46.20
N ILE C 2 21.32 -19.35 -46.08
CA ILE C 2 20.58 -19.22 -44.84
C ILE C 2 19.79 -20.49 -44.61
N ASN C 3 19.24 -21.03 -45.68
CA ASN C 3 18.57 -22.32 -45.61
C ASN C 3 18.61 -23.00 -46.97
N GLU C 4 19.33 -24.12 -47.02
CA GLU C 4 19.54 -24.88 -48.25
C GLU C 4 18.27 -25.15 -49.04
N LYS C 5 17.13 -25.31 -48.35
CA LYS C 5 15.91 -25.66 -49.09
C LYS C 5 15.26 -24.49 -49.82
N PHE C 6 15.84 -23.30 -49.65
CA PHE C 6 15.26 -22.06 -50.17
C PHE C 6 16.36 -21.24 -50.85
N PRO C 7 16.84 -21.71 -52.01
CA PRO C 7 18.09 -21.21 -52.63
C PRO C 7 17.93 -19.98 -53.50
N LYS C 8 17.43 -18.89 -52.93
CA LYS C 8 17.46 -17.60 -53.57
C LYS C 8 17.35 -16.55 -52.47
N ILE C 9 17.43 -15.29 -52.85
CA ILE C 9 17.13 -14.20 -51.92
C ILE C 9 15.63 -14.20 -51.58
N TRP C 10 15.30 -14.63 -50.36
CA TRP C 10 13.90 -14.72 -49.95
C TRP C 10 13.20 -13.38 -50.17
N TYR C 11 11.94 -13.42 -50.57
CA TYR C 11 11.21 -12.19 -50.83
C TYR C 11 9.78 -12.29 -50.29
N GLY C 12 9.46 -11.45 -49.31
CA GLY C 12 8.18 -11.46 -48.65
C GLY C 12 8.22 -10.63 -47.37
N GLY C 13 7.65 -11.14 -46.30
CA GLY C 13 7.78 -10.46 -45.02
C GLY C 13 6.63 -10.71 -44.08
N ASP C 14 6.55 -9.88 -43.03
CA ASP C 14 5.45 -9.97 -42.07
C ASP C 14 4.10 -10.10 -42.80
N TYR C 15 3.32 -11.08 -42.36
CA TYR C 15 2.04 -11.39 -42.94
C TYR C 15 1.11 -11.73 -41.79
N ASN C 16 -0.09 -11.14 -41.80
CA ASN C 16 -1.00 -11.24 -40.66
C ASN C 16 -2.43 -11.55 -41.06
N PRO C 17 -2.64 -12.67 -41.75
CA PRO C 17 -3.97 -13.00 -42.27
C PRO C 17 -4.99 -13.16 -41.15
N GLU C 18 -4.55 -13.44 -39.92
CA GLU C 18 -5.49 -13.55 -38.79
C GLU C 18 -6.20 -12.23 -38.48
N GLN C 19 -5.75 -11.15 -39.08
CA GLN C 19 -6.43 -9.87 -38.98
C GLN C 19 -7.57 -9.78 -40.00
N TRP C 20 -7.69 -10.79 -40.86
CA TRP C 20 -8.63 -10.73 -41.99
C TRP C 20 -9.48 -11.99 -42.04
N ASP C 21 -10.07 -12.29 -43.19
CA ASP C 21 -10.88 -13.49 -43.33
C ASP C 21 -10.31 -14.39 -44.42
N LYS C 22 -10.96 -15.53 -44.65
CA LYS C 22 -10.48 -16.49 -45.63
C LYS C 22 -10.40 -15.89 -47.04
N ALA C 23 -11.45 -15.19 -47.45
CA ALA C 23 -11.53 -14.63 -48.79
C ALA C 23 -10.35 -13.72 -49.09
N THR C 24 -9.95 -12.90 -48.12
CA THR C 24 -8.81 -12.00 -48.40
C THR C 24 -7.50 -12.80 -48.56
N MET C 25 -7.42 -13.95 -47.91
CA MET C 25 -6.23 -14.77 -48.04
C MET C 25 -6.09 -15.32 -49.48
N GLU C 26 -7.23 -15.68 -50.06
CA GLU C 26 -7.25 -16.06 -51.47
C GLU C 26 -6.65 -14.96 -52.32
N GLU C 27 -7.09 -13.73 -52.09
CA GLU C 27 -6.52 -12.58 -52.80
C GLU C 27 -5.04 -12.40 -52.49
N ASP C 28 -4.66 -12.60 -51.22
CA ASP C 28 -3.24 -12.52 -50.83
C ASP C 28 -2.42 -13.49 -51.68
N MET C 29 -2.77 -14.78 -51.66
CA MET C 29 -2.04 -15.78 -52.45
C MET C 29 -1.88 -15.34 -53.90
N ARG C 30 -2.97 -14.85 -54.51
CA ARG C 30 -2.95 -14.47 -55.92
C ARG C 30 -1.96 -13.33 -56.14
N MET C 31 -2.02 -12.33 -55.27
CA MET C 31 -1.15 -11.18 -55.44
C MET C 31 0.30 -11.50 -55.04
N PHE C 32 0.49 -12.38 -54.08
CA PHE C 32 1.82 -12.81 -53.69
C PHE C 32 2.52 -13.49 -54.86
N ASN C 33 1.78 -14.30 -55.59
CA ASN C 33 2.34 -15.02 -56.72
C ASN C 33 2.72 -14.06 -57.84
N LEU C 34 1.89 -13.05 -58.00
CA LEU C 34 2.10 -11.99 -58.99
C LEU C 34 3.38 -11.24 -58.66
N ALA C 35 3.58 -10.94 -57.37
CA ALA C 35 4.72 -10.14 -56.93
C ALA C 35 6.03 -10.94 -56.77
N GLY C 36 5.95 -12.27 -56.76
CA GLY C 36 7.13 -13.09 -56.55
C GLY C 36 7.48 -13.29 -55.08
N ILE C 37 6.48 -13.14 -54.22
CA ILE C 37 6.67 -13.27 -52.79
C ILE C 37 6.65 -14.73 -52.43
N ASP C 38 7.76 -15.21 -51.88
CA ASP C 38 7.89 -16.63 -51.58
C ASP C 38 8.19 -16.92 -50.11
N VAL C 39 8.20 -15.89 -49.27
CA VAL C 39 8.29 -16.13 -47.83
C VAL C 39 7.33 -15.26 -47.02
N ALA C 40 6.76 -15.83 -45.96
CA ALA C 40 5.88 -15.11 -45.06
C ALA C 40 6.34 -15.26 -43.60
N THR C 41 6.48 -14.13 -42.92
CA THR C 41 6.80 -14.10 -41.49
C THR C 41 5.49 -14.04 -40.69
N VAL C 42 5.06 -15.17 -40.15
CA VAL C 42 3.74 -15.26 -39.56
C VAL C 42 3.80 -15.43 -38.04
N ASN C 43 2.66 -15.20 -37.39
CA ASN C 43 2.48 -15.43 -35.96
C ASN C 43 3.33 -14.57 -35.02
N VAL C 44 3.68 -13.36 -35.44
CA VAL C 44 4.46 -12.47 -34.59
C VAL C 44 3.66 -11.96 -33.39
N PHE C 45 2.39 -11.62 -33.62
CA PHE C 45 1.62 -10.91 -32.61
C PHE C 45 0.28 -11.54 -32.32
N SER C 46 0.28 -12.83 -32.00
CA SER C 46 -0.99 -13.51 -31.71
C SER C 46 -0.98 -14.38 -30.45
N TRP C 47 -0.11 -14.04 -29.49
CA TRP C 47 -0.10 -14.77 -28.21
C TRP C 47 -1.51 -14.94 -27.62
N ALA C 48 -2.25 -13.83 -27.52
CA ALA C 48 -3.60 -13.87 -26.99
C ALA C 48 -4.54 -14.77 -27.79
N LYS C 49 -4.45 -14.72 -29.13
CA LYS C 49 -5.28 -15.59 -29.97
C LYS C 49 -5.00 -17.09 -29.70
N ILE C 50 -3.72 -17.44 -29.53
CA ILE C 50 -3.35 -18.83 -29.24
C ILE C 50 -3.78 -19.24 -27.83
N GLN C 51 -3.40 -18.43 -26.84
CA GLN C 51 -3.57 -18.78 -25.44
C GLN C 51 -4.51 -17.81 -24.71
N ARG C 52 -5.71 -18.28 -24.37
CA ARG C 52 -6.72 -17.40 -23.75
C ARG C 52 -6.70 -17.39 -22.20
N ASP C 53 -6.00 -18.37 -21.63
CA ASP C 53 -5.77 -18.45 -20.18
C ASP C 53 -4.54 -19.34 -19.89
N GLU C 54 -4.29 -19.63 -18.61
CA GLU C 54 -3.05 -20.33 -18.19
C GLU C 54 -2.89 -21.73 -18.79
N VAL C 55 -4.00 -22.29 -19.25
CA VAL C 55 -4.06 -23.70 -19.57
C VAL C 55 -4.53 -24.01 -21.01
N SER C 56 -5.12 -23.03 -21.69
CA SER C 56 -5.73 -23.27 -23.00
C SER C 56 -4.91 -22.76 -24.17
N TYR C 57 -4.64 -23.66 -25.12
CA TYR C 57 -3.90 -23.32 -26.34
C TYR C 57 -4.72 -23.71 -27.57
N ASP C 58 -4.83 -22.80 -28.52
CA ASP C 58 -5.50 -23.06 -29.80
C ASP C 58 -4.61 -22.69 -30.98
N PHE C 59 -4.17 -23.70 -31.74
CA PHE C 59 -3.32 -23.49 -32.91
C PHE C 59 -4.02 -23.74 -34.25
N THR C 60 -5.32 -24.01 -34.22
CA THR C 60 -6.00 -24.45 -35.44
C THR C 60 -6.00 -23.33 -36.48
N TRP C 61 -6.14 -22.09 -36.02
CA TRP C 61 -6.15 -20.95 -36.91
C TRP C 61 -4.79 -20.80 -37.60
N LEU C 62 -3.73 -21.19 -36.89
CA LEU C 62 -2.38 -21.10 -37.43
C LEU C 62 -2.12 -22.26 -38.41
N ASP C 63 -2.59 -23.45 -38.06
CA ASP C 63 -2.52 -24.60 -38.97
C ASP C 63 -3.06 -24.21 -40.35
N ASP C 64 -4.24 -23.59 -40.35
CA ASP C 64 -4.91 -23.24 -41.59
C ASP C 64 -4.03 -22.34 -42.42
N ILE C 65 -3.42 -21.37 -41.74
CA ILE C 65 -2.58 -20.41 -42.40
C ILE C 65 -1.34 -21.07 -43.01
N ILE C 66 -0.66 -21.89 -42.22
CA ILE C 66 0.52 -22.58 -42.70
C ILE C 66 0.15 -23.46 -43.90
N GLU C 67 -0.92 -24.22 -43.77
CA GLU C 67 -1.35 -25.10 -44.85
C GLU C 67 -1.66 -24.34 -46.14
N ARG C 68 -2.43 -23.27 -46.05
CA ARG C 68 -2.75 -22.45 -47.21
C ARG C 68 -1.51 -21.92 -47.93
N LEU C 69 -0.55 -21.42 -47.15
CA LEU C 69 0.70 -20.93 -47.73
C LEU C 69 1.49 -22.09 -48.37
N THR C 70 1.44 -23.26 -47.73
CA THR C 70 2.17 -24.40 -48.23
C THR C 70 1.67 -24.81 -49.61
N LYS C 71 0.38 -24.68 -49.83
CA LYS C 71 -0.19 -24.97 -51.13
C LYS C 71 0.43 -24.10 -52.22
N GLU C 72 0.88 -22.91 -51.85
CA GLU C 72 1.52 -21.99 -52.79
C GLU C 72 3.03 -22.18 -52.81
N ASN C 73 3.51 -23.12 -52.01
CA ASN C 73 4.94 -23.32 -51.78
C ASN C 73 5.65 -22.09 -51.26
N ILE C 74 4.91 -21.22 -50.58
CA ILE C 74 5.49 -20.10 -49.87
C ILE C 74 6.16 -20.64 -48.60
N TYR C 75 7.39 -20.22 -48.33
CA TYR C 75 8.10 -20.66 -47.14
C TYR C 75 7.71 -19.84 -45.90
N LEU C 76 7.95 -20.40 -44.72
CA LEU C 76 7.49 -19.82 -43.47
C LEU C 76 8.62 -19.39 -42.54
N CYS C 77 8.62 -18.10 -42.21
CA CYS C 77 9.46 -17.61 -41.12
C CYS C 77 8.54 -17.51 -39.90
N LEU C 78 8.61 -18.51 -39.04
CA LEU C 78 7.61 -18.66 -37.99
C LEU C 78 8.06 -18.01 -36.70
N ALA C 79 7.25 -17.06 -36.25
CA ALA C 79 7.53 -16.31 -35.03
C ALA C 79 6.91 -17.03 -33.84
N THR C 80 7.47 -16.79 -32.66
CA THR C 80 6.98 -17.44 -31.45
C THR C 80 5.84 -16.68 -30.75
N SER C 81 5.49 -15.51 -31.27
CA SER C 81 4.41 -14.69 -30.70
C SER C 81 4.68 -14.04 -29.34
N THR C 82 5.91 -14.14 -28.83
CA THR C 82 6.22 -13.64 -27.49
C THR C 82 6.59 -12.15 -27.46
N GLY C 83 6.45 -11.47 -28.59
CA GLY C 83 6.77 -10.06 -28.63
C GLY C 83 5.74 -9.17 -27.96
N ALA C 84 4.61 -9.75 -27.54
CA ALA C 84 3.54 -8.99 -26.88
C ALA C 84 2.65 -9.94 -26.09
N HIS C 85 2.60 -9.79 -24.77
CA HIS C 85 1.85 -10.72 -23.93
C HIS C 85 0.35 -10.42 -23.97
N PRO C 86 -0.48 -11.41 -23.62
CA PRO C 86 -1.95 -11.22 -23.61
C PRO C 86 -2.42 -10.29 -22.50
N ALA C 87 -3.52 -9.56 -22.76
CA ALA C 87 -4.13 -8.70 -21.77
C ALA C 87 -4.49 -9.45 -20.49
N TRP C 88 -4.96 -10.69 -20.60
CA TRP C 88 -5.30 -11.46 -19.40
C TRP C 88 -4.06 -11.75 -18.55
N MET C 89 -2.91 -11.87 -19.19
CA MET C 89 -1.71 -12.22 -18.45
C MET C 89 -1.20 -10.99 -17.70
N ALA C 90 -1.28 -9.85 -18.38
CA ALA C 90 -0.91 -8.61 -17.75
C ALA C 90 -1.88 -8.34 -16.58
N LYS C 91 -3.14 -8.76 -16.70
CA LYS C 91 -4.09 -8.52 -15.62
C LYS C 91 -3.92 -9.48 -14.43
N LYS C 92 -3.89 -10.78 -14.72
CA LYS C 92 -3.74 -11.82 -13.71
C LYS C 92 -2.31 -11.90 -13.13
N TYR C 93 -1.30 -11.60 -13.95
CA TYR C 93 0.10 -11.72 -13.53
C TYR C 93 0.90 -10.45 -13.82
N PRO C 94 0.67 -9.40 -13.04
CA PRO C 94 1.31 -8.08 -13.20
C PRO C 94 2.85 -8.15 -13.19
N ASP C 95 3.42 -9.27 -12.74
CA ASP C 95 4.88 -9.37 -12.67
C ASP C 95 5.45 -9.36 -14.07
N VAL C 96 4.56 -9.57 -15.03
CA VAL C 96 4.87 -9.52 -16.43
C VAL C 96 5.14 -8.08 -16.94
N LEU C 97 4.57 -7.08 -16.25
CA LEU C 97 4.68 -5.68 -16.67
C LEU C 97 5.90 -4.95 -16.13
N ARG C 98 6.48 -4.08 -16.92
CA ARG C 98 7.65 -3.36 -16.48
C ARG C 98 7.33 -2.21 -15.54
N VAL C 99 8.39 -1.72 -14.89
CA VAL C 99 8.39 -0.46 -14.19
C VAL C 99 9.33 0.40 -15.02
N ASP C 100 8.90 1.61 -15.39
CA ASP C 100 9.70 2.40 -16.30
C ASP C 100 10.80 3.22 -15.62
N TYR C 101 11.47 4.03 -16.43
CA TYR C 101 12.56 4.90 -16.03
C TYR C 101 12.13 5.92 -14.98
N GLU C 102 10.87 6.33 -15.05
CA GLU C 102 10.32 7.28 -14.09
C GLU C 102 9.85 6.59 -12.83
N GLY C 103 10.02 5.28 -12.75
CA GLY C 103 9.64 4.55 -11.55
C GLY C 103 8.19 4.06 -11.52
N ARG C 104 7.46 4.27 -12.61
CA ARG C 104 6.07 3.84 -12.66
C ARG C 104 5.89 2.39 -13.07
N LYS C 105 4.96 1.71 -12.41
CA LYS C 105 4.54 0.37 -12.80
C LYS C 105 3.56 0.55 -13.96
N ARG C 106 3.84 -0.10 -15.08
CA ARG C 106 2.99 0.03 -16.27
C ARG C 106 1.72 -0.78 -16.12
N LYS C 107 0.72 -0.48 -16.95
CA LYS C 107 -0.46 -1.31 -17.08
C LYS C 107 -0.41 -1.96 -18.47
N PHE C 108 -1.34 -2.86 -18.78
CA PHE C 108 -1.37 -3.47 -20.10
C PHE C 108 -1.37 -2.43 -21.23
N GLY C 109 -0.57 -2.69 -22.25
CA GLY C 109 -0.55 -1.85 -23.43
C GLY C 109 0.77 -1.91 -24.18
N GLY C 110 0.76 -1.45 -25.44
CA GLY C 110 1.95 -1.43 -26.25
C GLY C 110 2.41 -2.82 -26.60
N ARG C 111 3.72 -3.02 -26.62
CA ARG C 111 4.32 -4.29 -27.00
C ARG C 111 5.80 -4.24 -26.63
N HIS C 112 6.50 -5.35 -26.82
CA HIS C 112 7.94 -5.39 -26.60
C HIS C 112 8.30 -4.96 -25.17
N ASN C 113 7.41 -5.22 -24.22
CA ASN C 113 7.62 -4.65 -22.88
C ASN C 113 7.37 -5.61 -21.73
N SER C 114 7.71 -6.88 -21.93
CA SER C 114 7.63 -7.85 -20.85
C SER C 114 8.90 -7.72 -20.03
N CYS C 115 8.76 -7.81 -18.71
CA CYS C 115 9.92 -7.76 -17.82
C CYS C 115 10.74 -9.01 -18.10
N PRO C 116 12.02 -8.84 -18.49
CA PRO C 116 12.88 -9.97 -18.86
C PRO C 116 13.18 -10.85 -17.67
N ASN C 117 12.95 -10.33 -16.47
CA ASN C 117 13.14 -11.13 -15.26
C ASN C 117 11.83 -11.57 -14.60
N SER C 118 10.75 -11.61 -15.40
CA SER C 118 9.45 -12.03 -14.91
C SER C 118 9.31 -13.54 -14.90
N PRO C 119 8.97 -14.12 -13.75
CA PRO C 119 8.75 -15.57 -13.69
C PRO C 119 7.58 -16.02 -14.55
N THR C 120 6.51 -15.23 -14.58
CA THR C 120 5.35 -15.57 -15.40
C THR C 120 5.67 -15.53 -16.90
N TYR C 121 6.29 -14.44 -17.34
CA TYR C 121 6.70 -14.31 -18.73
C TYR C 121 7.62 -15.45 -19.18
N ARG C 122 8.66 -15.74 -18.42
CA ARG C 122 9.60 -16.79 -18.82
C ARG C 122 8.93 -18.15 -18.83
N LYS C 123 8.08 -18.39 -17.86
CA LYS C 123 7.30 -19.63 -17.79
C LYS C 123 6.48 -19.86 -19.06
N TYR C 124 5.63 -18.90 -19.41
CA TYR C 124 4.71 -19.09 -20.54
C TYR C 124 5.34 -18.91 -21.93
N ALA C 125 6.30 -18.00 -22.05
CA ALA C 125 7.06 -17.83 -23.27
C ALA C 125 7.78 -19.12 -23.67
N LYS C 126 8.41 -19.76 -22.68
CA LYS C 126 9.11 -21.02 -22.93
C LYS C 126 8.14 -22.10 -23.37
N ILE C 127 7.02 -22.20 -22.67
CA ILE C 127 6.00 -23.19 -22.99
C ILE C 127 5.43 -22.96 -24.39
N LEU C 128 5.24 -21.70 -24.75
CA LEU C 128 4.66 -21.35 -26.06
C LEU C 128 5.64 -21.68 -27.17
N ALA C 129 6.90 -21.30 -27.00
CA ALA C 129 7.95 -21.64 -27.94
C ALA C 129 7.98 -23.17 -28.15
N GLY C 130 7.99 -23.91 -27.04
CA GLY C 130 8.08 -25.36 -27.10
C GLY C 130 6.90 -26.04 -27.75
N LYS C 131 5.71 -25.48 -27.56
CA LYS C 131 4.51 -26.04 -28.16
C LYS C 131 4.48 -25.80 -29.67
N LEU C 132 4.88 -24.62 -30.10
CA LEU C 132 4.98 -24.31 -31.52
C LEU C 132 5.96 -25.28 -32.20
N ALA C 133 7.20 -25.29 -31.72
CA ALA C 133 8.21 -26.19 -32.25
C ALA C 133 7.71 -27.62 -32.29
N GLU C 134 7.09 -28.08 -31.21
CA GLU C 134 6.67 -29.48 -31.17
C GLU C 134 5.60 -29.76 -32.19
N ARG C 135 4.63 -28.85 -32.28
CA ARG C 135 3.50 -29.05 -33.15
C ARG C 135 3.90 -29.11 -34.62
N TYR C 136 4.91 -28.32 -34.97
CA TYR C 136 5.29 -28.15 -36.37
C TYR C 136 6.65 -28.73 -36.69
N LYS C 137 7.15 -29.61 -35.83
CA LYS C 137 8.51 -30.15 -35.99
C LYS C 137 8.76 -30.85 -37.33
N ASP C 138 7.72 -31.40 -37.93
CA ASP C 138 7.88 -32.19 -39.15
C ASP C 138 7.49 -31.41 -40.41
N HIS C 139 7.06 -30.16 -40.25
CA HIS C 139 6.58 -29.38 -41.38
C HIS C 139 7.72 -28.87 -42.26
N PRO C 140 7.64 -29.19 -43.56
CA PRO C 140 8.69 -28.91 -44.56
C PRO C 140 8.91 -27.44 -44.88
N GLN C 141 7.90 -26.60 -44.70
CA GLN C 141 7.99 -25.21 -45.14
C GLN C 141 8.64 -24.22 -44.16
N ILE C 142 8.87 -24.63 -42.92
CA ILE C 142 9.48 -23.70 -41.97
C ILE C 142 10.99 -23.60 -42.24
N VAL C 143 11.45 -22.40 -42.59
CA VAL C 143 12.85 -22.20 -42.92
C VAL C 143 13.61 -21.35 -41.89
N MET C 144 12.91 -20.83 -40.89
CA MET C 144 13.51 -19.92 -39.92
C MET C 144 12.57 -19.71 -38.73
N TRP C 145 13.13 -19.65 -37.52
CA TRP C 145 12.37 -19.20 -36.34
C TRP C 145 12.64 -17.72 -36.05
N HIS C 146 11.57 -16.98 -35.78
CA HIS C 146 11.62 -15.55 -35.54
C HIS C 146 11.22 -15.37 -34.07
N VAL C 147 12.19 -15.39 -33.16
CA VAL C 147 11.89 -15.43 -31.73
C VAL C 147 11.43 -14.06 -31.29
N SER C 148 10.26 -13.99 -30.66
CA SER C 148 9.74 -12.73 -30.12
C SER C 148 9.68 -11.66 -31.22
N ASN C 149 9.87 -10.40 -30.85
CA ASN C 149 10.00 -9.34 -31.84
C ASN C 149 10.70 -8.14 -31.22
N GLU C 150 11.76 -7.68 -31.89
CA GLU C 150 12.52 -6.52 -31.44
C GLU C 150 12.61 -6.40 -29.91
N TYR C 151 13.32 -7.33 -29.28
CA TYR C 151 13.72 -7.18 -27.90
C TYR C 151 14.28 -5.78 -27.68
N GLY C 152 13.88 -5.13 -26.59
CA GLY C 152 14.43 -3.82 -26.27
C GLY C 152 13.76 -3.16 -25.09
N GLY C 153 14.33 -2.05 -24.64
CA GLY C 153 13.77 -1.27 -23.56
C GLY C 153 14.20 -1.81 -22.22
N TYR C 154 14.34 -0.92 -21.24
CA TYR C 154 14.79 -1.29 -19.91
C TYR C 154 13.64 -1.37 -18.92
N CYS C 155 13.81 -2.25 -17.94
CA CYS C 155 12.84 -2.41 -16.87
C CYS C 155 13.56 -2.10 -15.57
N TYR C 156 12.83 -1.54 -14.61
CA TYR C 156 13.40 -1.12 -13.34
C TYR C 156 12.58 -1.63 -12.16
N CYS C 157 11.86 -2.72 -12.37
CA CYS C 157 10.96 -3.26 -11.36
C CYS C 157 11.72 -4.07 -10.30
N ASP C 158 11.02 -4.50 -9.27
CA ASP C 158 11.66 -5.19 -8.15
C ASP C 158 12.39 -6.46 -8.53
N ASN C 159 11.81 -7.22 -9.44
CA ASN C 159 12.45 -8.45 -9.85
C ASN C 159 13.76 -8.14 -10.55
N CYS C 160 13.79 -7.11 -11.38
CA CYS C 160 15.03 -6.73 -12.06
C CYS C 160 16.06 -6.26 -11.04
N GLU C 161 15.60 -5.57 -10.01
CA GLU C 161 16.51 -5.04 -9.01
C GLU C 161 17.11 -6.19 -8.20
N LYS C 162 16.27 -7.14 -7.83
CA LYS C 162 16.77 -8.27 -7.07
C LYS C 162 17.75 -9.09 -7.91
N GLN C 163 17.49 -9.17 -9.21
CA GLN C 163 18.30 -10.00 -10.10
C GLN C 163 19.58 -9.27 -10.50
N PHE C 164 19.51 -7.95 -10.60
CA PHE C 164 20.71 -7.13 -10.79
C PHE C 164 21.71 -7.39 -9.67
N ARG C 165 21.23 -7.46 -8.43
CA ARG C 165 22.10 -7.81 -7.31
C ARG C 165 22.79 -9.16 -7.52
N VAL C 166 22.07 -10.16 -8.03
CA VAL C 166 22.65 -11.49 -8.28
C VAL C 166 23.69 -11.46 -9.38
N TRP C 167 23.36 -10.81 -10.49
CA TRP C 167 24.30 -10.55 -11.58
C TRP C 167 25.58 -9.92 -11.04
N LEU C 168 25.44 -8.95 -10.14
CA LEU C 168 26.60 -8.30 -9.50
C LEU C 168 27.42 -9.26 -8.64
N LYS C 169 26.76 -10.20 -7.96
CA LYS C 169 27.52 -11.15 -7.15
C LYS C 169 28.35 -12.05 -8.07
N GLU C 170 27.76 -12.44 -9.19
CA GLU C 170 28.46 -13.30 -10.13
C GLU C 170 29.57 -12.57 -10.88
N ARG C 171 29.37 -11.28 -11.14
CA ARG C 171 30.37 -10.52 -11.87
C ARG C 171 31.55 -10.12 -10.99
N TYR C 172 31.26 -9.58 -9.81
CA TYR C 172 32.33 -9.06 -8.95
C TYR C 172 32.77 -9.99 -7.81
N GLY C 173 31.90 -10.89 -7.37
CA GLY C 173 32.29 -11.84 -6.35
C GLY C 173 32.19 -11.27 -4.95
N THR C 174 32.78 -10.10 -4.74
CA THR C 174 32.81 -9.52 -3.40
C THR C 174 32.41 -8.07 -3.45
N LEU C 175 31.95 -7.54 -2.32
CA LEU C 175 31.60 -6.14 -2.27
C LEU C 175 32.85 -5.29 -2.41
N GLU C 176 33.97 -5.83 -1.93
CA GLU C 176 35.24 -5.14 -2.07
C GLU C 176 35.52 -4.83 -3.55
N ALA C 177 35.45 -5.86 -4.36
CA ALA C 177 35.62 -5.75 -5.81
C ALA C 177 34.53 -4.88 -6.44
N LEU C 178 33.30 -5.02 -5.98
CA LEU C 178 32.25 -4.16 -6.51
C LEU C 178 32.50 -2.68 -6.16
N ASN C 179 32.78 -2.41 -4.88
CA ASN C 179 33.04 -1.04 -4.41
C ASN C 179 34.21 -0.39 -5.17
N LYS C 180 35.21 -1.20 -5.50
CA LYS C 180 36.36 -0.69 -6.24
C LYS C 180 35.99 -0.38 -7.70
N ALA C 181 35.32 -1.33 -8.34
CA ALA C 181 34.91 -1.15 -9.73
C ALA C 181 34.04 0.09 -9.91
N TRP C 182 33.20 0.37 -8.91
CA TRP C 182 32.26 1.48 -9.03
C TRP C 182 32.82 2.79 -8.47
N ASN C 183 34.03 2.75 -7.91
CA ASN C 183 34.63 3.92 -7.25
C ASN C 183 33.72 4.59 -6.21
N THR C 184 33.12 3.76 -5.36
CA THR C 184 32.11 4.18 -4.39
C THR C 184 32.62 4.98 -3.19
N SER C 185 33.92 5.23 -3.09
CA SER C 185 34.44 6.07 -2.03
C SER C 185 34.03 7.51 -2.32
N PHE C 186 33.70 7.74 -3.59
CA PHE C 186 33.18 9.01 -4.07
C PHE C 186 31.75 9.18 -3.61
N TRP C 187 31.40 10.38 -3.16
CA TRP C 187 30.06 10.69 -2.68
C TRP C 187 29.54 9.64 -1.69
N SER C 188 30.41 9.15 -0.81
CA SER C 188 29.99 8.27 0.26
C SER C 188 29.06 7.14 -0.24
N HIS C 189 29.43 6.52 -1.36
CA HIS C 189 28.60 5.46 -1.93
C HIS C 189 28.95 4.03 -1.50
N THR C 190 29.77 3.93 -0.46
CA THR C 190 30.27 2.62 -0.01
C THR C 190 29.11 1.71 0.28
N PHE C 191 29.11 0.51 -0.31
CA PHE C 191 28.06 -0.46 -0.06
C PHE C 191 28.54 -1.50 0.94
N TYR C 192 27.74 -1.78 1.96
CA TYR C 192 28.08 -2.83 2.93
C TYR C 192 27.22 -4.07 2.76
N ASP C 193 26.22 -3.99 1.90
CA ASP C 193 25.40 -5.16 1.61
C ASP C 193 24.78 -5.05 0.22
N TRP C 194 24.64 -6.16 -0.47
CA TRP C 194 24.11 -6.16 -1.83
C TRP C 194 22.70 -5.54 -1.90
N ASP C 195 21.88 -5.74 -0.88
CA ASP C 195 20.51 -5.21 -0.97
C ASP C 195 20.48 -3.69 -0.92
N GLU C 196 21.61 -3.08 -0.61
CA GLU C 196 21.71 -1.62 -0.55
C GLU C 196 21.76 -1.00 -1.95
N ILE C 197 22.08 -1.83 -2.95
CA ILE C 197 22.22 -1.38 -4.32
C ILE C 197 20.87 -1.36 -5.00
N VAL C 198 20.58 -0.25 -5.69
CA VAL C 198 19.31 -0.12 -6.40
C VAL C 198 19.51 0.18 -7.89
N ALA C 199 18.48 -0.12 -8.66
CA ALA C 199 18.48 0.16 -10.10
C ALA C 199 18.64 1.66 -10.32
N PRO C 200 19.48 2.03 -11.30
CA PRO C 200 19.69 3.44 -11.67
C PRO C 200 18.64 3.98 -12.66
N ASN C 201 17.74 4.84 -12.16
CA ASN C 201 16.79 5.51 -13.02
C ASN C 201 16.42 6.84 -12.38
N ALA C 202 15.31 7.43 -12.79
CA ALA C 202 14.97 8.77 -12.31
C ALA C 202 14.78 8.90 -10.79
N LEU C 203 14.62 7.78 -10.09
CA LEU C 203 14.46 7.80 -8.63
C LEU C 203 15.78 7.73 -7.87
N SER C 204 16.87 7.41 -8.57
CA SER C 204 18.12 7.11 -7.90
C SER C 204 19.32 7.89 -8.46
N GLU C 205 20.02 7.31 -9.43
CA GLU C 205 21.25 7.92 -9.92
C GLU C 205 21.10 8.69 -11.23
N GLU C 206 20.00 8.47 -11.95
CA GLU C 206 19.88 9.02 -13.30
C GLU C 206 18.83 10.12 -13.45
N TRP C 207 18.96 10.92 -14.52
CA TRP C 207 17.96 11.93 -14.84
C TRP C 207 18.03 12.31 -16.30
N SER C 208 16.95 12.90 -16.80
CA SER C 208 16.81 13.37 -18.19
C SER C 208 17.23 12.39 -19.28
N GLY C 209 17.13 11.09 -18.99
CA GLY C 209 17.29 10.06 -19.98
C GLY C 209 18.70 9.56 -20.21
N ASN C 210 19.70 10.44 -20.09
CA ASN C 210 21.06 10.04 -20.42
C ASN C 210 22.13 10.44 -19.39
N ARG C 211 21.75 11.14 -18.34
CA ARG C 211 22.70 11.58 -17.34
C ARG C 211 22.72 10.60 -16.15
N THR C 212 23.83 10.58 -15.42
CA THR C 212 23.97 9.75 -14.22
C THR C 212 25.05 10.32 -13.29
N ASN C 213 24.90 10.08 -11.99
CA ASN C 213 25.95 10.40 -11.03
C ASN C 213 27.00 9.30 -10.94
N PHE C 214 26.57 8.07 -11.16
CA PHE C 214 27.47 6.92 -11.04
C PHE C 214 27.52 6.08 -12.31
N GLN C 215 28.43 6.43 -13.23
CA GLN C 215 28.40 5.77 -14.53
C GLN C 215 28.65 4.27 -14.49
N GLY C 216 29.41 3.81 -13.50
CA GLY C 216 29.70 2.39 -13.38
C GLY C 216 28.45 1.59 -13.05
N ILE C 217 27.56 2.19 -12.28
CA ILE C 217 26.31 1.52 -11.92
C ILE C 217 25.40 1.55 -13.15
N SER C 218 25.30 2.70 -13.79
CA SER C 218 24.48 2.82 -15.00
C SER C 218 24.98 1.89 -16.12
N LEU C 219 26.30 1.83 -16.26
CA LEU C 219 26.94 0.97 -17.27
C LEU C 219 26.63 -0.50 -16.99
N ASP C 220 26.85 -0.94 -15.76
CA ASP C 220 26.54 -2.33 -15.42
C ASP C 220 25.05 -2.65 -15.52
N TYR C 221 24.19 -1.68 -15.20
CA TYR C 221 22.75 -1.96 -15.34
C TYR C 221 22.34 -2.23 -16.77
N ARG C 222 22.91 -1.45 -17.69
CA ARG C 222 22.67 -1.65 -19.12
C ARG C 222 23.20 -3.02 -19.57
N ARG C 223 24.42 -3.38 -19.17
CA ARG C 223 24.93 -4.74 -19.43
C ARG C 223 23.96 -5.77 -18.94
N PHE C 224 23.48 -5.58 -17.70
CA PHE C 224 22.61 -6.55 -17.06
C PHE C 224 21.27 -6.66 -17.78
N GLN C 225 20.70 -5.51 -18.17
CA GLN C 225 19.43 -5.46 -18.89
C GLN C 225 19.54 -6.17 -20.25
N SER C 226 20.62 -5.87 -20.96
CA SER C 226 20.94 -6.53 -22.22
C SER C 226 21.03 -8.05 -22.07
N ASP C 227 21.79 -8.49 -21.07
CA ASP C 227 21.91 -9.91 -20.75
C ASP C 227 20.58 -10.57 -20.39
N SER C 228 19.72 -9.83 -19.70
CA SER C 228 18.46 -10.39 -19.20
C SER C 228 17.53 -10.70 -20.37
N LEU C 229 17.40 -9.73 -21.26
CA LEU C 229 16.68 -9.95 -22.50
C LEU C 229 17.33 -11.08 -23.34
N LEU C 230 18.66 -11.11 -23.38
CA LEU C 230 19.34 -12.16 -24.13
C LEU C 230 18.98 -13.55 -23.57
N GLU C 231 18.85 -13.65 -22.25
CA GLU C 231 18.45 -14.90 -21.60
C GLU C 231 17.07 -15.37 -22.05
N CYS C 232 16.14 -14.43 -22.14
CA CYS C 232 14.82 -14.72 -22.68
C CYS C 232 14.93 -15.32 -24.08
N PHE C 233 15.72 -14.67 -24.95
CA PHE C 233 15.90 -15.17 -26.31
C PHE C 233 16.49 -16.57 -26.34
N LYS C 234 17.63 -16.76 -25.66
CA LYS C 234 18.29 -18.07 -25.60
C LYS C 234 17.34 -19.12 -25.07
N MET C 235 16.53 -18.74 -24.10
CA MET C 235 15.59 -19.67 -23.47
C MET C 235 14.58 -20.22 -24.47
N GLU C 236 14.02 -19.34 -25.29
CA GLU C 236 13.11 -19.77 -26.34
C GLU C 236 13.87 -20.54 -27.41
N ARG C 237 15.03 -20.02 -27.78
CA ARG C 237 15.87 -20.70 -28.76
C ARG C 237 16.12 -22.16 -28.39
N ASP C 238 16.54 -22.41 -27.15
CA ASP C 238 16.87 -23.79 -26.74
C ASP C 238 15.64 -24.70 -26.78
N GLU C 239 14.47 -24.13 -26.52
CA GLU C 239 13.24 -24.91 -26.48
C GLU C 239 12.83 -25.26 -27.90
N LEU C 240 13.12 -24.35 -28.83
CA LEU C 240 12.86 -24.60 -30.24
C LEU C 240 13.78 -25.67 -30.77
N LYS C 241 15.08 -25.52 -30.50
CA LYS C 241 16.08 -26.45 -31.01
C LYS C 241 15.85 -27.86 -30.49
N ARG C 242 15.31 -27.97 -29.28
CA ARG C 242 14.99 -29.27 -28.71
C ARG C 242 14.10 -30.06 -29.66
N TRP C 243 13.17 -29.38 -30.32
CA TRP C 243 12.25 -30.04 -31.25
C TRP C 243 12.67 -29.98 -32.72
N THR C 244 13.32 -28.89 -33.13
CA THR C 244 13.76 -28.70 -34.52
C THR C 244 15.21 -28.28 -34.53
N PRO C 245 16.11 -29.22 -34.25
CA PRO C 245 17.53 -28.86 -34.14
C PRO C 245 18.07 -28.33 -35.46
N ASP C 246 17.41 -28.68 -36.57
CA ASP C 246 17.93 -28.31 -37.87
C ASP C 246 17.37 -27.00 -38.46
N ILE C 247 16.32 -26.46 -37.84
CA ILE C 247 15.75 -25.18 -38.26
C ILE C 247 16.47 -24.00 -37.60
N PRO C 248 17.04 -23.10 -38.40
CA PRO C 248 17.77 -21.95 -37.84
C PRO C 248 16.86 -21.05 -36.98
N VAL C 249 17.47 -20.30 -36.07
CA VAL C 249 16.74 -19.40 -35.19
C VAL C 249 17.35 -18.01 -35.26
N THR C 250 16.51 -17.00 -35.39
CA THR C 250 17.00 -15.64 -35.35
C THR C 250 16.05 -14.81 -34.49
N THR C 251 16.39 -13.55 -34.29
CA THR C 251 15.44 -12.61 -33.74
C THR C 251 15.77 -11.32 -34.45
N ASN C 252 14.79 -10.43 -34.59
CA ASN C 252 15.01 -9.24 -35.42
C ASN C 252 15.61 -8.05 -34.70
N LEU C 253 16.78 -7.62 -35.17
CA LEU C 253 17.52 -6.55 -34.51
C LEU C 253 17.29 -5.20 -35.17
N MET C 254 17.83 -4.17 -34.55
CA MET C 254 17.54 -2.81 -34.95
C MET C 254 18.76 -1.95 -35.23
N GLY C 255 19.81 -2.57 -35.75
CA GLY C 255 20.95 -1.83 -36.27
C GLY C 255 21.72 -1.13 -35.18
N PHE C 256 21.86 0.19 -35.32
CA PHE C 256 22.65 0.96 -34.37
C PHE C 256 21.83 1.34 -33.13
N TYR C 257 20.82 0.52 -32.84
CA TYR C 257 20.06 0.59 -31.60
C TYR C 257 20.94 0.63 -30.34
N PRO C 258 20.82 1.70 -29.55
CA PRO C 258 21.72 1.93 -28.42
C PRO C 258 21.59 0.98 -27.21
N GLU C 259 20.43 0.39 -26.94
CA GLU C 259 20.20 -0.26 -25.64
C GLU C 259 20.71 -1.69 -25.45
N LEU C 260 21.02 -2.37 -26.55
CA LEU C 260 21.42 -3.77 -26.50
C LEU C 260 22.82 -3.96 -27.12
N ASP C 261 23.62 -4.86 -26.55
CA ASP C 261 24.97 -5.13 -27.07
C ASP C 261 24.90 -6.28 -28.06
N TYR C 262 24.70 -5.95 -29.33
CA TYR C 262 24.38 -6.92 -30.37
C TYR C 262 25.53 -7.87 -30.72
N PHE C 263 26.76 -7.42 -30.52
CA PHE C 263 27.88 -8.35 -30.66
C PHE C 263 27.68 -9.56 -29.76
N LYS C 264 27.27 -9.31 -28.52
CA LYS C 264 27.02 -10.38 -27.56
C LYS C 264 25.78 -11.20 -27.95
N TRP C 265 24.69 -10.52 -28.32
CA TRP C 265 23.49 -11.18 -28.82
C TRP C 265 23.78 -12.08 -30.03
N ALA C 266 24.53 -11.57 -30.99
CA ALA C 266 24.76 -12.27 -32.25
C ALA C 266 25.36 -13.65 -32.06
N LYS C 267 26.26 -13.79 -31.08
CA LYS C 267 26.86 -15.09 -30.77
C LYS C 267 25.81 -16.13 -30.44
N GLU C 268 24.64 -15.71 -29.98
CA GLU C 268 23.61 -16.68 -29.58
C GLU C 268 22.67 -17.05 -30.73
N MET C 269 22.85 -16.39 -31.88
CA MET C 269 21.91 -16.44 -33.00
C MET C 269 22.49 -17.20 -34.19
N ASP C 270 21.67 -18.02 -34.84
CA ASP C 270 22.12 -18.78 -36.02
C ASP C 270 22.50 -17.85 -37.15
N VAL C 271 21.71 -16.79 -37.30
CA VAL C 271 21.96 -15.75 -38.30
C VAL C 271 21.40 -14.43 -37.78
N VAL C 272 22.04 -13.32 -38.15
CA VAL C 272 21.55 -12.00 -37.83
C VAL C 272 20.39 -11.65 -38.77
N SER C 273 19.37 -10.99 -38.22
CA SER C 273 18.29 -10.41 -39.03
C SER C 273 18.03 -9.01 -38.51
N TRP C 274 17.70 -8.06 -39.41
CA TRP C 274 17.41 -6.71 -38.93
C TRP C 274 16.35 -5.94 -39.70
N ASP C 275 15.98 -4.79 -39.14
CA ASP C 275 14.85 -4.02 -39.62
C ASP C 275 15.30 -2.63 -39.97
N ASN C 276 15.32 -2.33 -41.27
CA ASN C 276 15.89 -1.08 -41.75
C ASN C 276 14.84 -0.05 -42.20
N TYR C 277 14.79 1.09 -41.50
CA TYR C 277 13.79 2.10 -41.79
C TYR C 277 14.38 3.50 -41.87
N PRO C 278 15.11 3.80 -42.97
CA PRO C 278 15.67 5.14 -43.13
C PRO C 278 14.58 6.16 -43.45
N SER C 279 14.74 7.39 -42.97
CA SER C 279 13.90 8.50 -43.41
C SER C 279 14.41 9.10 -44.70
N MET C 280 13.63 10.00 -45.27
CA MET C 280 14.07 10.81 -46.42
C MET C 280 15.38 11.47 -46.03
N ASP C 281 15.52 11.69 -44.73
CA ASP C 281 16.56 12.51 -44.09
C ASP C 281 17.86 11.78 -43.79
N THR C 282 17.80 10.45 -43.72
CA THR C 282 18.94 9.64 -43.28
C THR C 282 20.07 9.55 -44.33
N PRO C 283 21.31 9.90 -43.95
CA PRO C 283 22.41 9.78 -44.91
C PRO C 283 22.44 8.38 -45.48
N PHE C 284 22.59 8.26 -46.80
CA PHE C 284 22.59 6.95 -47.43
C PHE C 284 23.80 6.16 -46.94
N SER C 285 24.91 6.84 -46.67
CA SER C 285 26.12 6.17 -46.19
C SER C 285 25.89 5.63 -44.78
N PHE C 286 25.04 6.31 -44.00
CA PHE C 286 24.70 5.77 -42.69
C PHE C 286 23.96 4.43 -42.80
N THR C 287 22.93 4.36 -43.63
CA THR C 287 22.23 3.08 -43.70
C THR C 287 23.13 1.96 -44.28
N ALA C 288 24.11 2.33 -45.11
CA ALA C 288 25.13 1.37 -45.53
C ALA C 288 25.94 0.89 -44.32
N MET C 289 26.36 1.84 -43.49
CA MET C 289 27.12 1.50 -42.29
C MET C 289 26.36 0.52 -41.39
N ALA C 290 25.04 0.65 -41.38
CA ALA C 290 24.19 -0.17 -40.52
C ALA C 290 24.06 -1.60 -41.07
N HIS C 291 23.87 -1.73 -42.37
CA HIS C 291 23.83 -3.05 -42.99
C HIS C 291 25.20 -3.69 -42.75
N ASN C 292 26.25 -2.88 -42.93
CA ASN C 292 27.61 -3.31 -42.71
C ASN C 292 27.81 -3.85 -41.28
N LEU C 293 27.41 -3.06 -40.27
CA LEU C 293 27.48 -3.52 -38.88
C LEU C 293 26.74 -4.85 -38.71
N MET C 294 25.58 -4.99 -39.35
CA MET C 294 24.80 -6.21 -39.19
C MET C 294 25.57 -7.42 -39.72
N ARG C 295 26.34 -7.21 -40.79
CA ARG C 295 27.24 -8.24 -41.31
C ARG C 295 28.41 -8.48 -40.34
N GLY C 296 28.89 -7.40 -39.74
CA GLY C 296 29.96 -7.48 -38.76
C GLY C 296 29.61 -8.21 -37.48
N LEU C 297 28.32 -8.33 -37.18
CA LEU C 297 27.92 -8.94 -35.90
C LEU C 297 28.39 -10.39 -35.84
N LYS C 298 28.42 -11.05 -36.98
CA LYS C 298 28.93 -12.43 -37.00
C LYS C 298 30.18 -12.53 -37.89
N SER C 299 31.03 -11.51 -37.79
CA SER C 299 32.29 -11.49 -38.50
C SER C 299 32.09 -11.81 -40.00
N GLY C 300 31.16 -11.12 -40.63
CA GLY C 300 31.02 -11.18 -42.08
C GLY C 300 30.07 -12.21 -42.65
N GLN C 301 29.39 -12.95 -41.78
CA GLN C 301 28.36 -13.89 -42.25
C GLN C 301 27.19 -13.08 -42.79
N PRO C 302 26.61 -13.52 -43.93
CA PRO C 302 25.50 -12.75 -44.49
C PRO C 302 24.31 -12.79 -43.54
N PHE C 303 23.47 -11.76 -43.60
CA PHE C 303 22.33 -11.62 -42.68
C PHE C 303 21.02 -11.54 -43.43
N MET C 304 19.90 -11.71 -42.72
CA MET C 304 18.59 -11.44 -43.31
C MET C 304 18.21 -9.98 -43.14
N LEU C 305 17.75 -9.34 -44.21
CA LEU C 305 16.95 -8.12 -44.05
C LEU C 305 15.59 -8.66 -43.68
N MET C 306 15.23 -8.61 -42.39
CA MET C 306 13.93 -9.13 -41.96
C MET C 306 12.79 -8.16 -42.28
N GLU C 307 13.08 -6.87 -42.22
CA GLU C 307 12.04 -5.88 -42.44
C GLU C 307 12.55 -4.64 -43.14
N GLN C 308 11.65 -4.02 -43.88
CA GLN C 308 11.79 -2.66 -44.39
C GLN C 308 10.37 -2.32 -44.87
N THR C 309 10.07 -1.05 -45.13
CA THR C 309 8.75 -0.74 -45.68
C THR C 309 8.76 -0.72 -47.22
N PRO C 310 7.71 -1.29 -47.84
CA PRO C 310 7.63 -1.16 -49.29
C PRO C 310 7.40 0.29 -49.73
N GLY C 311 6.93 1.15 -48.82
CA GLY C 311 6.65 2.53 -49.15
C GLY C 311 6.89 3.49 -48.00
N VAL C 312 5.80 3.99 -47.40
CA VAL C 312 5.92 4.91 -46.26
C VAL C 312 6.05 4.17 -44.91
N GLN C 313 6.58 4.88 -43.91
CA GLN C 313 6.59 4.35 -42.55
C GLN C 313 5.86 5.31 -41.60
N ASN C 314 4.81 4.82 -40.95
CA ASN C 314 3.99 5.69 -40.10
C ASN C 314 4.75 6.36 -38.94
N TRP C 315 5.76 5.69 -38.41
CA TRP C 315 6.49 6.17 -37.24
C TRP C 315 7.37 7.40 -37.51
N GLN C 316 7.65 7.70 -38.77
CA GLN C 316 8.47 8.86 -39.09
C GLN C 316 7.64 10.14 -38.89
N PRO C 317 8.28 11.23 -38.44
CA PRO C 317 7.59 12.50 -38.24
C PRO C 317 6.82 12.86 -39.50
N TYR C 318 7.47 12.68 -40.64
CA TYR C 318 6.88 12.94 -41.95
C TYR C 318 6.91 11.67 -42.78
N ASN C 319 5.74 11.08 -42.98
CA ASN C 319 5.58 9.87 -43.77
C ASN C 319 5.88 10.11 -45.26
N SER C 320 7.12 10.48 -45.55
CA SER C 320 7.59 10.63 -46.93
C SER C 320 7.43 9.32 -47.72
N ALA C 321 6.88 9.42 -48.93
CA ALA C 321 6.91 8.26 -49.83
C ALA C 321 8.32 7.97 -50.34
N LYS C 322 8.60 6.72 -50.64
CA LYS C 322 9.83 6.38 -51.32
C LYS C 322 9.64 6.70 -52.79
N ARG C 323 10.46 7.58 -53.38
CA ARG C 323 10.31 7.91 -54.79
C ARG C 323 10.42 6.64 -55.66
N PRO C 324 9.95 6.72 -56.92
CA PRO C 324 10.00 5.57 -57.83
C PRO C 324 11.40 4.98 -57.87
N GLY C 325 11.53 3.68 -57.65
CA GLY C 325 12.82 3.02 -57.70
C GLY C 325 13.60 2.96 -56.39
N VAL C 326 13.31 3.87 -55.47
CA VAL C 326 14.07 3.93 -54.22
C VAL C 326 13.89 2.68 -53.36
N MET C 327 12.68 2.13 -53.35
CA MET C 327 12.46 0.89 -52.61
C MET C 327 13.45 -0.16 -53.09
N ARG C 328 13.50 -0.33 -54.41
CA ARG C 328 14.44 -1.24 -55.04
C ARG C 328 15.89 -0.83 -54.78
N LEU C 329 16.21 0.44 -54.97
CA LEU C 329 17.53 0.96 -54.67
C LEU C 329 17.97 0.47 -53.28
N TRP C 330 17.14 0.73 -52.28
CA TRP C 330 17.49 0.42 -50.90
C TRP C 330 17.48 -1.07 -50.58
N SER C 331 16.66 -1.84 -51.28
CA SER C 331 16.72 -3.29 -51.13
C SER C 331 18.08 -3.82 -51.55
N TYR C 332 18.57 -3.33 -52.69
CA TYR C 332 19.86 -3.77 -53.21
C TYR C 332 21.04 -3.22 -52.41
N GLN C 333 20.91 -2.02 -51.84
CA GLN C 333 21.92 -1.58 -50.88
C GLN C 333 22.08 -2.62 -49.76
N ALA C 334 20.96 -3.12 -49.24
CA ALA C 334 20.98 -4.14 -48.21
C ALA C 334 21.74 -5.40 -48.64
N VAL C 335 21.36 -5.95 -49.80
CA VAL C 335 22.05 -7.10 -50.35
C VAL C 335 23.52 -6.77 -50.58
N ALA C 336 23.78 -5.59 -51.13
CA ALA C 336 25.13 -5.16 -51.42
C ALA C 336 26.05 -5.34 -50.24
N HIS C 337 25.49 -5.23 -49.03
CA HIS C 337 26.31 -5.23 -47.82
C HIS C 337 26.18 -6.51 -47.00
N GLY C 338 25.54 -7.53 -47.57
CA GLY C 338 25.48 -8.81 -46.89
C GLY C 338 24.12 -9.44 -46.74
N ALA C 339 23.06 -8.78 -47.20
CA ALA C 339 21.72 -9.34 -47.03
C ALA C 339 21.41 -10.47 -48.04
N ASP C 340 20.95 -11.60 -47.54
CA ASP C 340 20.58 -12.75 -48.38
C ASP C 340 19.05 -12.97 -48.38
N THR C 341 18.32 -12.01 -47.84
CA THR C 341 16.86 -11.96 -47.97
C THR C 341 16.49 -10.49 -48.13
N VAL C 342 15.36 -10.20 -48.75
CA VAL C 342 14.77 -8.87 -48.64
C VAL C 342 13.29 -8.96 -48.30
N MET C 343 12.97 -8.61 -47.06
CA MET C 343 11.62 -8.81 -46.56
C MET C 343 11.05 -7.53 -45.98
N PHE C 344 9.73 -7.45 -45.97
CA PHE C 344 9.00 -6.22 -45.66
C PHE C 344 8.25 -6.31 -44.36
N PHE C 345 7.97 -5.15 -43.78
CA PHE C 345 6.77 -5.00 -43.00
C PHE C 345 5.89 -4.01 -43.74
N GLN C 346 4.70 -4.41 -44.17
CA GLN C 346 4.22 -5.78 -44.10
C GLN C 346 3.54 -6.11 -45.45
N LEU C 347 2.99 -7.31 -45.59
CA LEU C 347 2.42 -7.74 -46.87
C LEU C 347 1.04 -7.14 -47.18
N ARG C 348 0.23 -6.92 -46.15
CA ARG C 348 -1.05 -6.23 -46.34
C ARG C 348 -1.37 -5.29 -45.18
N ARG C 349 -1.69 -4.03 -45.51
CA ARG C 349 -1.88 -2.99 -44.50
C ARG C 349 -2.88 -3.40 -43.44
N SER C 350 -2.59 -3.02 -42.20
CA SER C 350 -3.56 -3.16 -41.12
C SER C 350 -4.62 -2.06 -41.23
N VAL C 351 -5.64 -2.14 -40.38
CA VAL C 351 -6.89 -1.42 -40.62
C VAL C 351 -7.41 -0.36 -39.59
N GLY C 352 -7.07 -0.41 -38.29
CA GLY C 352 -6.11 -1.31 -37.72
C GLY C 352 -5.17 -0.69 -36.70
N ALA C 353 -5.68 0.25 -35.87
CA ALA C 353 -4.85 0.87 -34.82
C ALA C 353 -3.63 1.64 -35.37
N CYS C 354 -2.50 1.56 -34.69
CA CYS C 354 -1.43 2.55 -34.93
C CYS C 354 -0.57 2.42 -36.21
N GLU C 355 -0.62 1.27 -36.87
CA GLU C 355 0.16 1.11 -38.09
C GLU C 355 -0.66 0.98 -39.37
N LYS C 356 -1.92 1.41 -39.34
CA LYS C 356 -2.76 1.42 -40.55
C LYS C 356 -2.17 2.32 -41.66
N TYR C 357 -1.43 3.35 -41.30
CA TYR C 357 -0.78 4.18 -42.32
C TYR C 357 0.69 3.82 -42.51
N HIS C 358 1.08 2.64 -42.08
CA HIS C 358 2.37 2.07 -42.46
C HIS C 358 2.20 1.42 -43.83
N GLY C 359 3.13 1.69 -44.74
CA GLY C 359 3.07 1.10 -46.07
C GLY C 359 3.09 -0.41 -46.04
N ALA C 360 2.63 -1.03 -47.13
CA ALA C 360 2.60 -2.48 -47.33
C ALA C 360 2.54 -2.80 -48.82
N VAL C 361 2.73 -4.06 -49.17
CA VAL C 361 2.70 -4.50 -50.57
C VAL C 361 1.27 -4.39 -51.10
N ILE C 362 0.31 -4.92 -50.34
CA ILE C 362 -1.11 -4.77 -50.63
C ILE C 362 -1.68 -3.76 -49.64
N GLU C 363 -2.30 -2.70 -50.17
CA GLU C 363 -2.71 -1.59 -49.31
C GLU C 363 -4.23 -1.42 -49.27
N HIS C 364 -4.70 -0.30 -48.76
CA HIS C 364 -6.13 -0.19 -48.44
C HIS C 364 -7.08 -0.38 -49.63
N VAL C 365 -6.61 -0.10 -50.84
CA VAL C 365 -7.47 -0.28 -52.01
C VAL C 365 -7.68 -1.75 -52.33
N GLY C 366 -6.73 -2.59 -51.92
CA GLY C 366 -6.95 -4.02 -51.95
C GLY C 366 -6.70 -4.69 -53.28
N HIS C 367 -5.98 -4.03 -54.19
CA HIS C 367 -5.62 -4.65 -55.47
C HIS C 367 -4.19 -4.30 -55.85
N GLU C 368 -3.74 -4.88 -56.96
CA GLU C 368 -2.33 -4.80 -57.36
C GLU C 368 -2.03 -3.66 -58.33
N HIS C 369 -3.07 -2.92 -58.75
CA HIS C 369 -2.91 -1.87 -59.76
C HIS C 369 -2.52 -0.55 -59.09
N THR C 370 -1.28 -0.54 -58.63
CA THR C 370 -0.77 0.43 -57.68
C THR C 370 0.71 0.59 -57.97
N ARG C 371 1.18 1.83 -57.89
CA ARG C 371 2.60 2.14 -58.06
C ARG C 371 3.50 1.37 -57.09
N VAL C 372 3.11 1.31 -55.81
CA VAL C 372 3.88 0.57 -54.83
C VAL C 372 3.94 -0.92 -55.19
N PHE C 373 2.79 -1.49 -55.55
CA PHE C 373 2.74 -2.90 -55.88
C PHE C 373 3.61 -3.23 -57.10
N ARG C 374 3.50 -2.40 -58.13
CA ARG C 374 4.29 -2.57 -59.34
C ARG C 374 5.79 -2.64 -59.02
N GLU C 375 6.29 -1.69 -58.25
CA GLU C 375 7.71 -1.72 -57.90
C GLU C 375 8.07 -2.98 -57.13
N CYS C 376 7.21 -3.40 -56.21
CA CYS C 376 7.48 -4.62 -55.46
C CYS C 376 7.53 -5.82 -56.41
N ALA C 377 6.56 -5.88 -57.32
CA ALA C 377 6.49 -6.96 -58.29
C ALA C 377 7.74 -7.01 -59.21
N GLU C 378 8.21 -5.85 -59.64
CA GLU C 378 9.40 -5.79 -60.46
C GLU C 378 10.60 -6.40 -59.72
N LEU C 379 10.85 -5.91 -58.50
CA LEU C 379 11.90 -6.45 -57.65
C LEU C 379 11.81 -7.96 -57.49
N GLY C 380 10.63 -8.46 -57.12
CA GLY C 380 10.43 -9.88 -56.93
C GLY C 380 10.84 -10.73 -58.13
N LYS C 381 10.52 -10.24 -59.34
CA LYS C 381 10.89 -10.95 -60.54
C LYS C 381 12.42 -10.99 -60.68
N GLU C 382 13.06 -9.84 -60.50
CA GLU C 382 14.51 -9.78 -60.52
C GLU C 382 15.16 -10.73 -59.50
N LEU C 383 14.54 -10.86 -58.32
CA LEU C 383 15.10 -11.76 -57.32
C LEU C 383 14.98 -13.22 -57.77
N GLN C 384 13.85 -13.57 -58.36
CA GLN C 384 13.72 -14.87 -58.98
C GLN C 384 14.83 -15.09 -60.03
N GLN C 385 15.04 -14.10 -60.89
CA GLN C 385 16.00 -14.27 -61.98
C GLN C 385 17.41 -14.49 -61.45
N LEU C 386 17.74 -13.85 -60.33
CA LEU C 386 19.07 -13.95 -59.75
C LEU C 386 19.37 -15.35 -59.18
N GLY C 387 18.32 -16.05 -58.76
CA GLY C 387 18.50 -17.34 -58.12
C GLY C 387 19.52 -17.30 -56.99
N ASP C 388 20.45 -18.25 -56.99
CA ASP C 388 21.40 -18.37 -55.89
C ASP C 388 22.71 -17.64 -56.15
N THR C 389 22.79 -16.91 -57.25
CA THR C 389 24.05 -16.33 -57.70
C THR C 389 24.86 -15.67 -56.59
N ILE C 390 24.18 -14.84 -55.82
CA ILE C 390 24.85 -13.91 -54.94
C ILE C 390 24.94 -14.47 -53.51
N LEU C 391 24.14 -15.50 -53.25
CA LEU C 391 24.07 -16.12 -51.93
C LEU C 391 25.44 -16.47 -51.34
N ASP C 392 25.64 -16.14 -50.07
CA ASP C 392 26.84 -16.51 -49.32
C ASP C 392 28.07 -15.71 -49.67
N ALA C 393 27.96 -14.83 -50.65
CA ALA C 393 29.11 -14.03 -51.03
C ALA C 393 29.53 -13.19 -49.83
N ARG C 394 30.83 -12.94 -49.69
CA ARG C 394 31.33 -12.25 -48.52
C ARG C 394 32.14 -11.04 -48.86
N SER C 395 32.43 -10.23 -47.85
CA SER C 395 33.26 -9.06 -48.04
C SER C 395 34.72 -9.43 -47.89
N GLU C 396 35.57 -8.80 -48.69
CA GLU C 396 37.01 -9.01 -48.61
C GLU C 396 37.69 -7.67 -48.39
N ALA C 397 37.08 -6.87 -47.50
CA ALA C 397 37.60 -5.56 -47.15
C ALA C 397 39.00 -5.65 -46.54
N LYS C 398 39.82 -4.62 -46.78
CA LYS C 398 41.14 -4.57 -46.20
C LYS C 398 41.17 -3.40 -45.22
N VAL C 399 40.02 -2.74 -45.08
CA VAL C 399 39.86 -1.67 -44.10
C VAL C 399 38.71 -1.99 -43.15
N ALA C 400 38.93 -1.75 -41.87
CA ALA C 400 37.89 -1.99 -40.87
C ALA C 400 37.70 -0.77 -40.00
N VAL C 401 36.47 -0.51 -39.60
CA VAL C 401 36.23 0.47 -38.55
C VAL C 401 35.50 -0.17 -37.38
N MET C 402 36.01 0.11 -36.18
CA MET C 402 35.55 -0.55 -34.97
C MET C 402 34.39 0.20 -34.35
N TYR C 403 33.49 -0.56 -33.73
CA TYR C 403 32.36 0.01 -33.02
C TYR C 403 32.05 -0.89 -31.86
N ASP C 404 31.66 -0.32 -30.73
CA ASP C 404 31.38 -1.13 -29.55
C ASP C 404 30.28 -0.54 -28.68
N TRP C 405 29.31 -1.37 -28.30
CA TRP C 405 28.20 -0.93 -27.45
C TRP C 405 28.59 -0.51 -26.03
N GLU C 406 29.53 -1.22 -25.43
CA GLU C 406 29.93 -0.85 -24.08
C GLU C 406 30.63 0.52 -24.07
N ASN C 407 31.47 0.75 -25.06
CA ASN C 407 32.17 1.99 -25.22
C ASN C 407 31.16 3.12 -25.42
N ARG C 408 30.12 2.84 -26.22
CA ARG C 408 29.07 3.80 -26.49
C ARG C 408 28.30 4.14 -25.22
N TRP C 409 27.98 3.10 -24.44
CA TRP C 409 27.28 3.29 -23.18
C TRP C 409 28.06 4.22 -22.28
N ALA C 410 29.34 3.90 -22.06
CA ALA C 410 30.17 4.74 -21.20
C ALA C 410 30.23 6.19 -21.70
N LEU C 411 30.40 6.37 -23.01
CA LEU C 411 30.51 7.70 -23.59
C LEU C 411 29.22 8.52 -23.44
N GLU C 412 28.08 7.86 -23.59
CA GLU C 412 26.78 8.54 -23.53
C GLU C 412 26.34 8.83 -22.08
N LEU C 413 26.90 8.10 -21.13
CA LEU C 413 26.62 8.34 -19.72
C LEU C 413 27.63 9.28 -19.11
N SER C 414 28.76 9.48 -19.79
CA SER C 414 29.81 10.33 -19.25
C SER C 414 29.34 11.74 -18.98
N SER C 415 29.85 12.32 -17.88
CA SER C 415 29.55 13.71 -17.58
C SER C 415 30.70 14.58 -18.06
N GLY C 416 30.55 15.14 -19.25
CA GLY C 416 31.64 15.80 -19.95
C GLY C 416 32.29 14.77 -20.86
N PRO C 417 33.16 15.23 -21.77
CA PRO C 417 33.62 16.63 -21.89
C PRO C 417 32.70 17.56 -22.68
N SER C 418 31.81 17.01 -23.48
CA SER C 418 30.94 17.85 -24.31
C SER C 418 29.67 17.15 -24.73
N ILE C 419 28.54 17.82 -24.56
CA ILE C 419 27.27 17.25 -25.01
C ILE C 419 27.19 17.21 -26.54
N ALA C 420 28.16 17.82 -27.19
CA ALA C 420 28.18 17.86 -28.66
C ALA C 420 28.94 16.65 -29.22
N LEU C 421 29.59 15.89 -28.35
CA LEU C 421 30.24 14.65 -28.77
C LEU C 421 29.21 13.56 -28.97
N ASN C 422 29.09 13.10 -30.21
CA ASN C 422 28.16 12.04 -30.55
C ASN C 422 28.92 10.87 -31.14
N TYR C 423 28.95 9.76 -30.43
CA TYR C 423 29.82 8.64 -30.78
C TYR C 423 29.53 8.06 -32.16
N VAL C 424 28.28 7.74 -32.43
CA VAL C 424 27.91 7.23 -33.75
C VAL C 424 28.30 8.23 -34.85
N ASN C 425 27.99 9.51 -34.67
CA ASN C 425 28.34 10.51 -35.68
C ASN C 425 29.85 10.51 -36.01
N GLU C 426 30.68 10.37 -34.99
CA GLU C 426 32.13 10.36 -35.20
C GLU C 426 32.56 9.12 -35.97
N VAL C 427 32.03 7.97 -35.57
CA VAL C 427 32.30 6.74 -36.31
C VAL C 427 31.85 6.91 -37.75
N HIS C 428 30.64 7.44 -37.92
CA HIS C 428 30.09 7.68 -39.26
C HIS C 428 30.95 8.62 -40.12
N LYS C 429 31.47 9.69 -39.54
CA LYS C 429 32.41 10.55 -40.28
C LYS C 429 33.54 9.79 -40.95
N TYR C 430 34.15 8.85 -40.22
CA TYR C 430 35.26 8.08 -40.78
C TYR C 430 34.74 7.10 -41.84
N TYR C 431 33.62 6.45 -41.55
CA TYR C 431 33.04 5.49 -42.48
C TYR C 431 32.58 6.17 -43.76
N ASP C 432 32.06 7.39 -43.62
CA ASP C 432 31.51 8.11 -44.74
C ASP C 432 32.63 8.43 -45.73
N ALA C 433 33.80 8.77 -45.19
CA ALA C 433 34.98 9.09 -45.99
C ALA C 433 35.39 7.90 -46.85
N LEU C 434 35.27 6.71 -46.29
CA LEU C 434 35.60 5.49 -47.03
C LEU C 434 34.51 5.19 -48.08
N TYR C 435 33.26 5.28 -47.65
CA TYR C 435 32.11 5.07 -48.53
C TYR C 435 32.18 5.95 -49.78
N LYS C 436 32.63 7.19 -49.61
CA LYS C 436 32.71 8.15 -50.72
C LYS C 436 33.81 7.83 -51.73
N GLN C 437 34.75 6.97 -51.36
CA GLN C 437 35.84 6.63 -52.26
C GLN C 437 35.70 5.20 -52.72
N ASN C 438 34.57 4.59 -52.39
CA ASN C 438 34.33 3.17 -52.63
C ASN C 438 35.46 2.25 -52.16
N ILE C 439 36.01 2.55 -50.99
CA ILE C 439 36.93 1.62 -50.34
C ILE C 439 36.15 0.56 -49.58
N GLN C 440 36.31 -0.70 -49.97
CA GLN C 440 35.54 -1.77 -49.34
C GLN C 440 35.91 -1.87 -47.85
N THR C 441 34.93 -1.69 -46.96
CA THR C 441 35.26 -1.73 -45.52
C THR C 441 34.32 -2.61 -44.70
N ASP C 442 34.84 -3.11 -43.58
CA ASP C 442 34.04 -3.88 -42.64
C ASP C 442 33.83 -3.09 -41.34
N MET C 443 32.59 -3.06 -40.86
CA MET C 443 32.33 -2.63 -39.49
C MET C 443 32.67 -3.83 -38.61
N ILE C 444 33.48 -3.64 -37.58
CA ILE C 444 33.94 -4.77 -36.77
C ILE C 444 33.89 -4.50 -35.27
N SER C 445 33.73 -5.56 -34.48
CA SER C 445 33.85 -5.43 -33.04
C SER C 445 35.30 -5.14 -32.65
N VAL C 446 35.52 -4.72 -31.41
CA VAL C 446 36.88 -4.51 -30.93
C VAL C 446 37.60 -5.84 -30.66
N GLU C 447 36.87 -6.94 -30.73
CA GLU C 447 37.46 -8.26 -30.50
C GLU C 447 37.79 -9.01 -31.79
N GLU C 448 37.51 -8.39 -32.92
CA GLU C 448 37.73 -9.06 -34.19
C GLU C 448 39.23 -9.30 -34.40
N ASP C 449 39.59 -10.46 -34.94
CA ASP C 449 40.99 -10.66 -35.30
C ASP C 449 41.41 -9.67 -36.40
N LEU C 450 42.51 -8.97 -36.17
CA LEU C 450 42.90 -7.88 -37.05
C LEU C 450 43.77 -8.26 -38.25
N SER C 451 44.07 -9.55 -38.39
CA SER C 451 45.14 -9.98 -39.30
C SER C 451 44.81 -9.91 -40.79
N LYS C 452 43.52 -9.94 -41.13
CA LYS C 452 43.10 -9.85 -42.53
C LYS C 452 43.08 -8.42 -43.05
N TYR C 453 43.26 -7.46 -42.16
CA TYR C 453 43.07 -6.07 -42.53
C TYR C 453 44.40 -5.34 -42.62
N LYS C 454 44.42 -4.26 -43.39
CA LYS C 454 45.61 -3.44 -43.51
C LYS C 454 45.45 -2.09 -42.82
N VAL C 455 44.20 -1.61 -42.74
CA VAL C 455 43.90 -0.36 -42.05
C VAL C 455 42.77 -0.59 -41.05
N VAL C 456 43.02 -0.26 -39.79
CA VAL C 456 42.03 -0.38 -38.73
C VAL C 456 41.81 0.99 -38.09
N ILE C 457 40.57 1.46 -38.12
CA ILE C 457 40.22 2.79 -37.63
C ILE C 457 39.27 2.65 -36.44
N ALA C 458 39.68 3.17 -35.27
CA ALA C 458 38.89 3.12 -34.04
C ALA C 458 38.51 4.51 -33.56
N PRO C 459 37.44 5.07 -34.13
CA PRO C 459 37.06 6.43 -33.74
C PRO C 459 36.62 6.48 -32.28
N VAL C 460 37.13 7.46 -31.54
CA VAL C 460 36.78 7.68 -30.13
C VAL C 460 36.70 6.38 -29.35
N MET C 461 37.82 5.64 -29.31
CA MET C 461 37.87 4.39 -28.57
C MET C 461 38.14 4.67 -27.09
N TYR C 462 37.18 5.36 -26.47
CA TYR C 462 37.24 5.85 -25.09
C TYR C 462 37.53 4.71 -24.08
N MET C 463 36.82 3.61 -24.22
CA MET C 463 37.01 2.46 -23.37
C MET C 463 37.91 1.40 -24.04
N VAL C 464 38.99 1.04 -23.35
CA VAL C 464 39.89 0.02 -23.84
C VAL C 464 39.75 -1.19 -22.94
N LYS C 465 39.34 -2.31 -23.53
CA LYS C 465 39.11 -3.55 -22.77
C LYS C 465 40.37 -4.44 -22.72
N PRO C 466 40.41 -5.39 -21.76
CA PRO C 466 41.58 -6.27 -21.66
C PRO C 466 41.94 -6.88 -23.02
N GLY C 467 43.24 -6.96 -23.34
CA GLY C 467 43.69 -7.62 -24.55
C GLY C 467 43.69 -6.74 -25.79
N PHE C 468 42.93 -5.65 -25.73
CA PHE C 468 42.81 -4.75 -26.87
C PHE C 468 44.15 -4.15 -27.25
N ALA C 469 44.83 -3.54 -26.28
CA ALA C 469 46.06 -2.81 -26.61
C ALA C 469 47.10 -3.75 -27.18
N GLU C 470 47.16 -4.96 -26.66
CA GLU C 470 48.18 -5.91 -27.07
C GLU C 470 47.92 -6.26 -28.52
N ARG C 471 46.66 -6.49 -28.82
CA ARG C 471 46.22 -6.90 -30.14
C ARG C 471 46.52 -5.83 -31.19
N VAL C 472 46.30 -4.56 -30.89
CA VAL C 472 46.63 -3.52 -31.86
C VAL C 472 48.14 -3.28 -31.97
N GLU C 473 48.86 -3.39 -30.86
CA GLU C 473 50.33 -3.29 -30.90
C GLU C 473 50.89 -4.35 -31.86
N ARG C 474 50.29 -5.53 -31.81
CA ARG C 474 50.69 -6.65 -32.66
C ARG C 474 50.35 -6.34 -34.12
N PHE C 475 49.10 -5.94 -34.34
CA PHE C 475 48.62 -5.59 -35.68
C PHE C 475 49.55 -4.59 -36.34
N VAL C 476 49.79 -3.49 -35.64
CA VAL C 476 50.62 -2.41 -36.16
C VAL C 476 52.07 -2.86 -36.34
N ALA C 477 52.60 -3.59 -35.36
CA ALA C 477 54.00 -3.98 -35.40
C ALA C 477 54.29 -4.82 -36.65
N GLN C 478 53.36 -5.70 -37.00
CA GLN C 478 53.48 -6.56 -38.17
C GLN C 478 53.08 -5.85 -39.48
N GLY C 479 52.92 -4.54 -39.45
CA GLY C 479 52.74 -3.79 -40.68
C GLY C 479 51.43 -3.06 -40.92
N GLY C 480 50.44 -3.23 -40.04
CA GLY C 480 49.16 -2.56 -40.22
C GLY C 480 49.22 -1.08 -39.90
N THR C 481 48.21 -0.34 -40.34
CA THR C 481 48.06 1.02 -39.84
C THR C 481 46.82 1.08 -38.95
N PHE C 482 47.00 1.71 -37.79
CA PHE C 482 45.92 1.86 -36.82
C PHE C 482 45.66 3.35 -36.68
N VAL C 483 44.39 3.72 -36.59
CA VAL C 483 44.01 5.12 -36.42
C VAL C 483 43.10 5.26 -35.22
N THR C 484 43.32 6.31 -34.44
CA THR C 484 42.42 6.58 -33.33
C THR C 484 42.45 8.05 -33.06
N THR C 485 41.60 8.50 -32.13
CA THR C 485 41.29 9.92 -32.05
C THR C 485 41.34 10.47 -30.63
N PHE C 486 41.13 11.78 -30.54
CA PHE C 486 40.87 12.43 -29.27
C PHE C 486 39.96 11.59 -28.40
N PHE C 487 40.23 11.66 -27.10
CA PHE C 487 39.41 11.05 -26.07
C PHE C 487 39.32 9.55 -26.24
N SER C 488 40.41 8.93 -26.69
CA SER C 488 40.46 7.47 -26.76
C SER C 488 41.45 6.96 -25.72
N GLY C 489 41.27 5.72 -25.28
CA GLY C 489 42.15 5.11 -24.31
C GLY C 489 42.07 5.70 -22.91
N ILE C 490 40.92 6.24 -22.56
CA ILE C 490 40.77 6.96 -21.31
C ILE C 490 40.52 5.99 -20.14
N VAL C 491 39.65 5.00 -20.37
CA VAL C 491 39.14 4.18 -19.29
C VAL C 491 39.20 2.69 -19.62
N ASN C 492 39.06 1.84 -18.61
CA ASN C 492 38.96 0.39 -18.81
C ASN C 492 37.50 -0.02 -18.77
N GLU C 493 37.24 -1.32 -18.72
CA GLU C 493 35.89 -1.86 -18.84
C GLU C 493 34.93 -1.43 -17.72
N ASN C 494 35.44 -0.83 -16.65
CA ASN C 494 34.52 -0.37 -15.60
C ASN C 494 34.36 1.14 -15.58
N ASP C 495 34.78 1.79 -16.65
CA ASP C 495 34.73 3.24 -16.78
C ASP C 495 35.60 3.89 -15.71
N LEU C 496 36.63 3.17 -15.29
CA LEU C 496 37.69 3.73 -14.45
C LEU C 496 38.84 4.28 -15.31
N VAL C 497 39.33 5.46 -14.96
CA VAL C 497 40.35 6.11 -15.77
C VAL C 497 41.70 5.39 -15.68
N THR C 498 42.29 5.10 -16.84
CA THR C 498 43.60 4.49 -16.83
C THR C 498 44.58 5.60 -16.54
N LEU C 499 45.20 5.55 -15.36
CA LEU C 499 46.08 6.65 -14.93
C LEU C 499 47.44 6.65 -15.62
N GLY C 500 48.16 7.76 -15.50
CA GLY C 500 49.52 7.86 -15.95
C GLY C 500 49.69 8.58 -17.28
N GLY C 501 48.60 9.14 -17.81
CA GLY C 501 48.65 9.86 -19.07
C GLY C 501 47.84 9.22 -20.19
N TYR C 502 46.90 9.98 -20.76
CA TYR C 502 46.20 9.52 -21.96
C TYR C 502 47.21 9.47 -23.11
N PRO C 503 47.04 8.51 -24.04
CA PRO C 503 45.93 7.56 -24.09
C PRO C 503 46.18 6.20 -23.43
N GLY C 504 46.72 6.20 -22.22
CA GLY C 504 46.75 5.00 -21.40
C GLY C 504 47.46 3.84 -22.07
N GLU C 505 46.72 2.76 -22.28
CA GLU C 505 47.31 1.57 -22.86
C GLU C 505 47.68 1.73 -24.32
N LEU C 506 47.30 2.85 -24.94
CA LEU C 506 47.57 3.06 -26.35
C LEU C 506 48.69 4.08 -26.49
N ARG C 507 49.16 4.60 -25.36
CA ARG C 507 50.19 5.63 -25.36
C ARG C 507 51.43 5.14 -26.10
N ASN C 508 51.80 3.90 -25.84
CA ASN C 508 52.97 3.33 -26.48
C ASN C 508 52.79 3.27 -28.00
N VAL C 509 51.71 2.64 -28.45
CA VAL C 509 51.50 2.46 -29.88
C VAL C 509 51.18 3.76 -30.65
N MET C 510 50.61 4.75 -29.99
CA MET C 510 50.29 6.01 -30.66
C MET C 510 51.48 6.98 -30.67
N GLY C 511 52.41 6.81 -29.74
CA GLY C 511 53.60 7.65 -29.69
C GLY C 511 53.34 9.08 -29.24
N ILE C 512 52.19 9.31 -28.62
CA ILE C 512 51.84 10.65 -28.12
C ILE C 512 51.30 10.61 -26.69
N TRP C 513 51.34 11.76 -26.03
CA TRP C 513 50.70 11.91 -24.74
C TRP C 513 49.72 13.06 -24.84
N ALA C 514 48.44 12.79 -24.58
CA ALA C 514 47.41 13.84 -24.59
C ALA C 514 47.29 14.49 -23.20
N GLU C 515 47.72 15.73 -23.09
CA GLU C 515 47.74 16.39 -21.79
C GLU C 515 46.36 16.77 -21.29
N GLU C 516 45.59 17.42 -22.14
CA GLU C 516 44.26 17.90 -21.76
C GLU C 516 43.41 18.11 -22.99
N ILE C 517 42.10 18.01 -22.81
CA ILE C 517 41.17 18.14 -23.91
C ILE C 517 40.28 19.37 -23.72
N ASP C 518 40.05 20.10 -24.82
CA ASP C 518 39.27 21.32 -24.76
C ASP C 518 37.97 21.15 -25.55
N ALA C 519 36.85 21.43 -24.93
CA ALA C 519 35.56 21.35 -25.61
C ALA C 519 35.21 22.70 -26.21
N LEU C 520 34.88 22.72 -27.50
CA LEU C 520 34.52 23.97 -28.16
C LEU C 520 33.03 24.30 -28.07
N LEU C 521 32.72 25.53 -27.72
CA LEU C 521 31.34 25.99 -27.73
C LEU C 521 30.77 25.84 -29.13
N PRO C 522 29.44 25.67 -29.23
CA PRO C 522 28.79 25.43 -30.52
C PRO C 522 29.11 26.54 -31.52
N GLY C 523 29.37 26.16 -32.77
CA GLY C 523 29.74 27.13 -33.79
C GLY C 523 31.21 27.54 -33.79
N HIS C 524 31.99 27.04 -32.85
CA HIS C 524 33.41 27.36 -32.78
C HIS C 524 34.25 26.27 -33.42
N GLN C 525 35.28 26.66 -34.15
CA GLN C 525 36.14 25.69 -34.80
C GLN C 525 37.59 26.03 -34.56
N ASN C 526 38.47 25.07 -34.84
CA ASN C 526 39.88 25.37 -34.98
C ASN C 526 40.29 24.97 -36.38
N GLU C 527 41.59 24.89 -36.63
CA GLU C 527 42.04 24.57 -37.97
C GLU C 527 43.25 23.63 -37.99
N ILE C 528 43.16 22.62 -38.86
CA ILE C 528 44.26 21.70 -39.07
C ILE C 528 45.21 22.25 -40.15
N VAL C 529 46.43 22.58 -39.72
CA VAL C 529 47.42 23.14 -40.62
C VAL C 529 48.51 22.13 -40.91
N LEU C 530 48.58 21.65 -42.15
CA LEU C 530 49.60 20.69 -42.48
C LEU C 530 50.99 21.31 -42.43
N ARG C 531 51.95 20.55 -41.92
CA ARG C 531 53.34 20.98 -41.84
C ARG C 531 53.87 21.19 -43.24
N GLN C 532 53.51 20.26 -44.12
CA GLN C 532 53.82 20.34 -45.54
C GLN C 532 52.87 19.43 -46.31
N ASP C 533 52.78 19.63 -47.62
CA ASP C 533 51.93 18.78 -48.45
C ASP C 533 52.24 17.32 -48.17
N TRP C 534 51.18 16.52 -48.08
CA TRP C 534 51.27 15.10 -47.76
C TRP C 534 50.17 14.36 -48.50
N GLY C 535 50.54 13.66 -49.58
CA GLY C 535 49.55 13.02 -50.42
C GLY C 535 48.40 13.96 -50.74
N GLY C 536 47.18 13.51 -50.49
CA GLY C 536 45.99 14.30 -50.76
C GLY C 536 45.73 15.41 -49.76
N LEU C 537 46.55 15.51 -48.73
CA LEU C 537 46.38 16.52 -47.68
C LEU C 537 47.27 17.73 -47.96
N ARG C 538 46.67 18.91 -47.97
CA ARG C 538 47.41 20.09 -48.37
C ARG C 538 46.77 21.37 -47.83
N GLY C 539 47.59 22.18 -47.16
CA GLY C 539 47.11 23.43 -46.60
C GLY C 539 46.29 23.27 -45.32
N SER C 540 45.21 24.03 -45.22
CA SER C 540 44.40 24.08 -44.01
C SER C 540 43.02 23.44 -44.15
N TYR C 541 42.56 22.80 -43.08
CA TYR C 541 41.22 22.24 -43.01
C TYR C 541 40.61 22.62 -41.66
N SER C 542 39.30 22.50 -41.52
CA SER C 542 38.69 22.86 -40.25
C SER C 542 38.42 21.65 -39.38
N CYS C 543 38.47 21.86 -38.08
CA CYS C 543 38.12 20.82 -37.12
C CYS C 543 37.27 21.44 -36.00
N GLY C 544 36.59 20.62 -35.22
CA GLY C 544 35.77 21.15 -34.14
C GLY C 544 35.38 20.16 -33.06
N ILE C 545 34.38 20.55 -32.26
CA ILE C 545 33.82 19.73 -31.18
C ILE C 545 34.79 19.59 -29.99
N LEU C 546 35.83 18.79 -30.17
CA LEU C 546 36.86 18.65 -29.14
C LEU C 546 38.25 18.80 -29.75
N CYS C 547 39.16 19.41 -28.98
CA CYS C 547 40.54 19.55 -29.39
C CYS C 547 41.47 18.99 -28.34
N ASP C 548 42.08 17.84 -28.62
CA ASP C 548 43.10 17.27 -27.75
C ASP C 548 44.43 18.04 -27.87
N VAL C 549 44.95 18.47 -26.73
CA VAL C 549 46.26 19.08 -26.67
C VAL C 549 47.32 18.05 -26.31
N ILE C 550 48.14 17.69 -27.29
CA ILE C 550 49.00 16.52 -27.15
C ILE C 550 50.49 16.85 -27.33
N HIS C 551 51.33 15.90 -26.93
CA HIS C 551 52.77 16.03 -27.05
C HIS C 551 53.30 14.87 -27.86
N ALA C 552 54.00 15.18 -28.94
CA ALA C 552 54.62 14.12 -29.73
C ALA C 552 55.75 13.52 -28.89
N GLU C 553 55.69 12.22 -28.68
CA GLU C 553 56.74 11.55 -27.93
C GLU C 553 57.61 10.78 -28.90
N THR C 554 57.08 9.68 -29.43
CA THR C 554 57.74 8.91 -30.47
C THR C 554 57.29 9.38 -31.86
N ALA C 555 56.01 9.76 -31.94
CA ALA C 555 55.35 10.04 -33.20
C ALA C 555 55.87 11.31 -33.89
N GLU C 556 55.72 11.32 -35.21
CA GLU C 556 56.08 12.48 -36.04
C GLU C 556 54.86 13.39 -36.17
N VAL C 557 55.07 14.70 -36.28
CA VAL C 557 53.96 15.64 -36.43
C VAL C 557 53.66 15.97 -37.90
N LEU C 558 52.48 15.57 -38.37
CA LEU C 558 52.01 15.88 -39.72
C LEU C 558 51.17 17.16 -39.81
N ALA C 559 50.52 17.56 -38.73
CA ALA C 559 49.74 18.80 -38.77
C ALA C 559 49.59 19.45 -37.38
N GLU C 560 49.45 20.77 -37.39
CA GLU C 560 49.37 21.57 -36.17
C GLU C 560 48.05 22.33 -36.13
N TYR C 561 47.59 22.63 -34.92
CA TYR C 561 46.45 23.53 -34.73
C TYR C 561 46.78 24.90 -35.27
N GLY C 562 45.78 25.55 -35.87
CA GLY C 562 45.97 26.87 -36.44
C GLY C 562 45.67 28.03 -35.51
N ALA C 563 44.89 27.80 -34.45
CA ALA C 563 44.50 28.89 -33.57
C ALA C 563 44.38 28.50 -32.09
N ASP C 564 44.03 29.50 -31.28
CA ASP C 564 43.79 29.31 -29.85
C ASP C 564 45.09 29.04 -29.11
N TYR C 565 45.01 28.87 -27.79
CA TYR C 565 46.22 28.82 -26.99
C TYR C 565 47.09 27.59 -27.25
N TYR C 566 46.53 26.59 -27.95
CA TYR C 566 47.32 25.43 -28.39
C TYR C 566 47.69 25.51 -29.87
N LYS C 567 47.63 26.71 -30.42
CA LYS C 567 48.14 26.95 -31.76
C LYS C 567 49.56 26.42 -31.88
N GLY C 568 49.86 25.76 -32.98
CA GLY C 568 51.21 25.27 -33.23
C GLY C 568 51.50 23.92 -32.61
N THR C 569 50.58 23.39 -31.80
CA THR C 569 50.79 22.06 -31.21
C THR C 569 50.15 21.02 -32.11
N PRO C 570 50.49 19.73 -31.91
CA PRO C 570 50.08 18.67 -32.85
C PRO C 570 48.59 18.34 -32.86
N VAL C 571 48.05 18.15 -34.06
CA VAL C 571 46.67 17.71 -34.22
C VAL C 571 46.58 16.43 -35.06
N LEU C 572 47.55 16.21 -35.95
CA LEU C 572 47.64 14.92 -36.62
C LEU C 572 49.05 14.38 -36.48
N THR C 573 49.19 13.17 -35.95
CA THR C 573 50.52 12.61 -35.77
C THR C 573 50.64 11.22 -36.38
N ARG C 574 51.85 10.85 -36.75
CA ARG C 574 52.14 9.54 -37.32
C ARG C 574 53.24 8.86 -36.55
N ASN C 575 52.92 7.69 -36.00
CA ASN C 575 53.90 6.92 -35.24
C ASN C 575 54.37 5.69 -35.98
N LYS C 576 55.65 5.66 -36.31
CA LYS C 576 56.24 4.45 -36.87
C LYS C 576 56.45 3.48 -35.73
N PHE C 577 55.80 2.34 -35.81
CA PHE C 577 55.79 1.38 -34.73
C PHE C 577 55.96 0.00 -35.34
N GLY C 578 57.07 -0.67 -35.05
CA GLY C 578 57.40 -1.92 -35.73
C GLY C 578 57.45 -1.70 -37.23
N ASN C 579 56.76 -2.54 -37.99
CA ASN C 579 56.68 -2.34 -39.44
C ASN C 579 55.50 -1.51 -39.91
N GLY C 580 54.65 -1.09 -38.97
CA GLY C 580 53.44 -0.37 -39.28
C GLY C 580 53.49 1.08 -38.86
N GLN C 581 52.31 1.70 -38.78
CA GLN C 581 52.18 3.11 -38.46
C GLN C 581 50.86 3.28 -37.74
N SER C 582 50.81 4.22 -36.80
CA SER C 582 49.55 4.56 -36.17
C SER C 582 49.37 6.05 -36.35
N TYR C 583 48.11 6.46 -36.53
CA TYR C 583 47.78 7.88 -36.67
C TYR C 583 46.84 8.31 -35.57
N TYR C 584 47.13 9.46 -34.95
CA TYR C 584 46.29 9.98 -33.89
C TYR C 584 45.70 11.30 -34.37
N VAL C 585 44.38 11.36 -34.41
CA VAL C 585 43.68 12.57 -34.85
C VAL C 585 43.12 13.28 -33.62
N ALA C 586 43.70 14.41 -33.26
CA ALA C 586 43.40 15.05 -31.98
C ALA C 586 42.13 15.91 -31.98
N SER C 587 41.45 15.98 -33.11
CA SER C 587 40.21 16.74 -33.20
C SER C 587 39.24 16.05 -34.16
N SER C 588 38.07 16.66 -34.34
CA SER C 588 37.07 16.16 -35.30
C SER C 588 37.13 17.00 -36.55
N PRO C 589 37.71 16.45 -37.63
CA PRO C 589 37.99 17.22 -38.84
C PRO C 589 36.79 17.28 -39.79
N ASP C 590 36.82 18.23 -40.71
CA ASP C 590 35.79 18.32 -41.71
C ASP C 590 35.97 17.20 -42.71
N ALA C 591 35.01 17.06 -43.61
CA ALA C 591 35.00 15.95 -44.57
C ALA C 591 36.14 16.00 -45.60
N ASP C 592 36.64 17.18 -45.92
CA ASP C 592 37.75 17.29 -46.87
C ASP C 592 39.04 16.67 -46.34
N PHE C 593 39.36 16.98 -45.08
CA PHE C 593 40.51 16.41 -44.42
C PHE C 593 40.41 14.89 -44.34
N LEU C 594 39.24 14.39 -43.95
CA LEU C 594 39.07 12.94 -43.81
C LEU C 594 39.15 12.26 -45.17
N GLN C 595 38.75 12.98 -46.22
CA GLN C 595 38.96 12.51 -47.59
C GLN C 595 40.45 12.35 -47.91
N GLY C 596 41.24 13.39 -47.66
CA GLY C 596 42.68 13.31 -47.86
C GLY C 596 43.32 12.25 -46.99
N LEU C 597 42.94 12.21 -45.72
CA LEU C 597 43.48 11.23 -44.77
C LEU C 597 43.22 9.78 -45.21
N ILE C 598 41.97 9.46 -45.49
CA ILE C 598 41.61 8.11 -45.93
C ILE C 598 42.31 7.73 -47.23
N ALA C 599 42.37 8.67 -48.17
CA ALA C 599 43.07 8.44 -49.43
C ALA C 599 44.55 8.11 -49.20
N ASN C 600 45.23 8.93 -48.41
CA ASN C 600 46.61 8.66 -48.02
C ASN C 600 46.81 7.31 -47.34
N LEU C 601 45.99 7.01 -46.32
CA LEU C 601 46.14 5.77 -45.57
C LEU C 601 45.94 4.54 -46.44
N CYS C 602 44.93 4.59 -47.31
CA CYS C 602 44.69 3.48 -48.23
C CYS C 602 45.85 3.33 -49.21
N GLU C 603 46.31 4.44 -49.79
CA GLU C 603 47.43 4.39 -50.72
C GLU C 603 48.66 3.80 -50.02
N GLU C 604 48.91 4.24 -48.79
CA GLU C 604 50.06 3.81 -48.01
C GLU C 604 50.09 2.29 -47.94
N GLN C 605 48.91 1.70 -47.93
CA GLN C 605 48.78 0.25 -47.77
C GLN C 605 48.41 -0.45 -49.06
N GLY C 606 48.33 0.31 -50.16
CA GLY C 606 48.00 -0.26 -51.45
C GLY C 606 46.59 -0.82 -51.55
N VAL C 607 45.66 -0.25 -50.78
CA VAL C 607 44.25 -0.59 -51.00
C VAL C 607 43.64 0.47 -51.92
N LYS C 608 42.86 0.02 -52.89
CA LYS C 608 42.37 0.91 -53.92
C LYS C 608 40.86 0.93 -53.93
N PRO C 609 40.29 2.05 -54.35
CA PRO C 609 38.86 2.12 -54.60
C PRO C 609 38.44 0.96 -55.47
N LEU C 610 37.27 0.37 -55.18
CA LEU C 610 36.69 -0.66 -56.05
C LEU C 610 36.52 -0.12 -57.46
N LEU C 611 36.16 1.16 -57.54
CA LEU C 611 35.76 1.80 -58.79
C LEU C 611 35.77 3.29 -58.51
N ASN C 612 35.93 4.11 -59.54
CA ASN C 612 35.74 5.53 -59.38
C ASN C 612 34.40 5.96 -59.98
N THR C 613 33.60 6.70 -59.22
CA THR C 613 32.24 7.05 -59.63
C THR C 613 31.93 8.45 -59.17
N PRO C 614 30.89 9.06 -59.74
CA PRO C 614 30.53 10.40 -59.30
C PRO C 614 29.98 10.32 -57.88
N ASP C 615 29.93 11.46 -57.19
CA ASP C 615 29.41 11.50 -55.84
C ASP C 615 28.00 10.92 -55.84
N GLY C 616 27.68 10.09 -54.85
CA GLY C 616 26.34 9.58 -54.70
C GLY C 616 26.11 8.28 -55.45
N VAL C 617 27.12 7.86 -56.22
CA VAL C 617 27.08 6.54 -56.83
C VAL C 617 27.90 5.60 -55.97
N GLU C 618 27.21 4.74 -55.24
CA GLU C 618 27.83 3.88 -54.25
C GLU C 618 28.27 2.55 -54.84
N VAL C 619 29.48 2.13 -54.52
CA VAL C 619 29.95 0.82 -54.96
C VAL C 619 30.42 -0.02 -53.77
N ALA C 620 29.88 -1.23 -53.67
CA ALA C 620 30.28 -2.19 -52.65
C ALA C 620 30.47 -3.53 -53.32
N GLU C 621 31.32 -4.39 -52.73
CA GLU C 621 31.66 -5.67 -53.35
C GLU C 621 31.39 -6.86 -52.44
N ARG C 622 30.72 -7.87 -52.97
CA ARG C 622 30.66 -9.17 -52.35
C ARG C 622 31.37 -10.17 -53.26
N VAL C 623 32.15 -11.08 -52.69
CA VAL C 623 32.92 -12.05 -53.48
C VAL C 623 32.47 -13.48 -53.18
N LYS C 624 32.27 -14.27 -54.24
CA LYS C 624 31.86 -15.66 -54.08
C LYS C 624 32.84 -16.57 -54.82
N ASN C 625 33.64 -17.31 -54.06
CA ASN C 625 34.80 -18.02 -54.60
C ASN C 625 35.84 -17.06 -55.18
N GLY C 626 35.91 -16.96 -56.51
CA GLY C 626 36.80 -16.00 -57.13
C GLY C 626 36.05 -14.86 -57.79
N THR C 627 34.76 -15.08 -58.04
CA THR C 627 33.94 -14.07 -58.71
C THR C 627 33.63 -12.88 -57.82
N SER C 628 33.97 -11.69 -58.30
CA SER C 628 33.70 -10.45 -57.60
C SER C 628 32.42 -9.80 -58.12
N TYR C 629 31.48 -9.50 -57.23
CA TYR C 629 30.25 -8.80 -57.62
C TYR C 629 30.24 -7.35 -57.15
N LEU C 630 30.32 -6.40 -58.08
CA LEU C 630 30.31 -4.99 -57.73
C LEU C 630 28.91 -4.38 -57.78
N PHE C 631 28.32 -4.12 -56.62
CA PHE C 631 27.02 -3.46 -56.57
C PHE C 631 27.24 -1.98 -56.78
N VAL C 632 26.62 -1.46 -57.85
CA VAL C 632 26.73 -0.06 -58.21
C VAL C 632 25.37 0.58 -57.99
N MET C 633 25.30 1.55 -57.10
CA MET C 633 24.01 2.06 -56.67
C MET C 633 23.97 3.56 -56.78
N ASN C 634 23.14 4.07 -57.68
CA ASN C 634 23.08 5.48 -57.96
C ASN C 634 21.99 6.19 -57.14
N HIS C 635 22.40 6.83 -56.06
CA HIS C 635 21.43 7.49 -55.18
C HIS C 635 20.94 8.82 -55.75
N ASN C 636 21.59 9.27 -56.81
CA ASN C 636 21.18 10.51 -57.45
C ASN C 636 19.85 10.39 -58.20
N ALA C 637 19.12 11.49 -58.27
CA ALA C 637 17.86 11.57 -59.00
C ALA C 637 18.09 11.78 -60.51
N GLU C 638 19.37 11.77 -60.91
CA GLU C 638 19.71 11.89 -62.32
C GLU C 638 20.59 10.74 -62.73
N GLU C 639 20.55 10.43 -64.02
CA GLU C 639 21.39 9.41 -64.62
C GLU C 639 22.86 9.76 -64.43
N MET C 640 23.69 8.75 -64.23
CA MET C 640 25.08 9.00 -63.94
C MET C 640 25.96 8.08 -64.78
N THR C 641 27.15 8.52 -65.14
CA THR C 641 28.03 7.68 -65.94
C THR C 641 29.44 7.57 -65.32
N PHE C 642 30.03 6.39 -65.44
CA PHE C 642 31.29 6.09 -64.79
C PHE C 642 32.09 5.13 -65.65
N ASP C 643 33.38 4.99 -65.34
CA ASP C 643 34.23 4.02 -66.00
C ASP C 643 34.21 2.69 -65.24
N ALA C 644 33.72 1.65 -65.88
CA ALA C 644 33.63 0.32 -65.26
C ALA C 644 34.90 -0.51 -65.46
N GLY C 645 35.90 0.06 -66.12
CA GLY C 645 37.13 -0.68 -66.40
C GLY C 645 37.07 -1.41 -67.72
N ALA C 646 38.07 -2.25 -67.98
CA ALA C 646 38.16 -2.93 -69.27
C ALA C 646 37.75 -4.39 -69.20
N SER C 647 37.67 -4.91 -67.98
CA SER C 647 37.33 -6.32 -67.73
C SER C 647 36.07 -6.78 -68.46
N ARG C 648 36.02 -8.08 -68.74
CA ARG C 648 34.81 -8.69 -69.27
C ARG C 648 33.80 -8.81 -68.13
N GLN C 649 32.86 -7.88 -68.05
CA GLN C 649 31.84 -7.97 -67.00
C GLN C 649 30.41 -7.82 -67.51
N ARG C 650 29.49 -8.59 -66.94
CA ARG C 650 28.10 -8.51 -67.31
C ARG C 650 27.25 -8.05 -66.12
N ASP C 651 26.33 -7.14 -66.40
CA ASP C 651 25.39 -6.67 -65.40
C ASP C 651 24.34 -7.73 -65.15
N LEU C 652 24.38 -8.35 -63.98
CA LEU C 652 23.47 -9.42 -63.64
C LEU C 652 22.00 -9.05 -63.84
N LEU C 653 21.68 -7.77 -63.71
CA LEU C 653 20.28 -7.34 -63.71
C LEU C 653 19.71 -6.99 -65.09
N THR C 654 20.57 -6.75 -66.08
CA THR C 654 20.12 -6.48 -67.44
C THR C 654 20.46 -7.62 -68.39
N GLY C 655 21.58 -8.29 -68.13
CA GLY C 655 22.09 -9.32 -69.02
C GLY C 655 23.18 -8.75 -69.91
N LYS C 656 23.13 -7.45 -70.10
CA LYS C 656 24.06 -6.75 -70.98
C LYS C 656 25.51 -6.86 -70.52
N THR C 657 26.44 -6.67 -71.45
CA THR C 657 27.87 -6.77 -71.18
C THR C 657 28.45 -5.37 -70.98
N ILE C 658 29.11 -5.15 -69.85
CA ILE C 658 29.55 -3.80 -69.50
C ILE C 658 31.07 -3.70 -69.57
N SER C 659 31.54 -2.55 -70.08
CA SER C 659 32.96 -2.26 -70.23
C SER C 659 33.15 -0.78 -70.52
N GLY C 660 34.27 -0.21 -70.07
CA GLY C 660 34.54 1.20 -70.27
C GLY C 660 33.48 2.10 -69.68
N GLN C 661 33.01 3.07 -70.46
CA GLN C 661 31.99 4.00 -69.99
C GLN C 661 30.62 3.32 -69.91
N ALA C 662 29.93 3.52 -68.80
CA ALA C 662 28.62 2.92 -68.56
C ALA C 662 27.72 3.91 -67.86
N THR C 663 26.47 3.95 -68.28
CA THR C 663 25.49 4.82 -67.64
C THR C 663 24.60 4.02 -66.71
N ILE C 664 24.18 4.66 -65.62
CA ILE C 664 23.29 4.04 -64.67
C ILE C 664 22.17 5.04 -64.41
N PRO C 665 20.91 4.58 -64.54
CA PRO C 665 19.74 5.47 -64.40
C PRO C 665 19.67 6.05 -63.00
N ALA C 666 18.86 7.09 -62.84
CA ALA C 666 18.55 7.61 -61.51
C ALA C 666 17.97 6.48 -60.65
N ARG C 667 18.35 6.44 -59.37
CA ARG C 667 17.86 5.41 -58.44
C ARG C 667 18.25 4.03 -58.95
N GLY C 668 19.20 3.98 -59.87
CA GLY C 668 19.55 2.74 -60.55
C GLY C 668 20.52 1.84 -59.80
N VAL C 669 20.45 0.56 -60.14
CA VAL C 669 21.29 -0.45 -59.53
C VAL C 669 21.89 -1.33 -60.61
N MET C 670 23.20 -1.55 -60.54
CA MET C 670 23.86 -2.56 -61.36
C MET C 670 24.64 -3.56 -60.49
N ILE C 671 24.61 -4.82 -60.90
CA ILE C 671 25.43 -5.83 -60.25
C ILE C 671 26.42 -6.41 -61.24
N LEU C 672 27.66 -5.91 -61.20
CA LEU C 672 28.70 -6.31 -62.13
C LEU C 672 29.41 -7.58 -61.69
N GLU C 673 29.25 -8.64 -62.47
CA GLU C 673 29.93 -9.91 -62.22
C GLU C 673 31.24 -10.02 -63.01
N ARG C 674 32.35 -10.24 -62.32
CA ARG C 674 33.63 -10.36 -63.01
C ARG C 674 34.43 -11.61 -62.67
N ALA C 675 35.57 -11.42 -62.01
CA ALA C 675 36.47 -12.53 -61.68
C ALA C 675 37.56 -12.08 -60.70
N MET D 1 13.20 9.82 54.56
CA MET D 1 11.78 9.87 54.20
C MET D 1 11.66 10.00 52.69
N ILE D 2 10.49 9.63 52.17
CA ILE D 2 10.22 9.79 50.75
C ILE D 2 10.36 11.26 50.34
N ASN D 3 9.87 12.15 51.20
CA ASN D 3 10.11 13.58 51.05
C ASN D 3 10.04 14.27 52.41
N GLU D 4 11.15 14.89 52.79
CA GLU D 4 11.30 15.53 54.10
C GLU D 4 10.21 16.55 54.44
N LYS D 5 9.63 17.21 53.45
CA LYS D 5 8.68 18.28 53.78
C LYS D 5 7.27 17.74 54.03
N PHE D 6 7.13 16.42 54.02
CA PHE D 6 5.83 15.77 54.14
C PHE D 6 6.01 14.54 55.06
N PRO D 7 6.26 14.79 56.35
CA PRO D 7 6.70 13.76 57.30
C PRO D 7 5.59 12.92 57.91
N LYS D 8 4.80 12.27 57.08
CA LYS D 8 3.82 11.30 57.55
C LYS D 8 3.55 10.32 56.43
N ILE D 9 2.77 9.28 56.71
CA ILE D 9 2.28 8.38 55.68
C ILE D 9 1.26 9.17 54.85
N TRP D 10 1.61 9.47 53.59
CA TRP D 10 0.73 10.29 52.75
C TRP D 10 -0.63 9.64 52.57
N TYR D 11 -1.68 10.46 52.55
CA TYR D 11 -3.02 9.96 52.37
C TYR D 11 -3.74 10.74 51.29
N GLY D 12 -4.29 10.03 50.30
CA GLY D 12 -4.92 10.70 49.16
C GLY D 12 -4.89 9.83 47.92
N GLY D 13 -4.64 10.44 46.76
CA GLY D 13 -4.47 9.66 45.55
C GLY D 13 -4.88 10.39 44.28
N ASP D 14 -5.19 9.62 43.23
CA ASP D 14 -5.55 10.19 41.94
C ASP D 14 -6.74 11.11 42.08
N TYR D 15 -6.60 12.31 41.55
CA TYR D 15 -7.65 13.30 41.67
C TYR D 15 -7.76 13.97 40.32
N ASN D 16 -8.99 14.09 39.80
CA ASN D 16 -9.22 14.57 38.42
C ASN D 16 -10.31 15.64 38.29
N PRO D 17 -10.12 16.78 38.97
CA PRO D 17 -11.08 17.88 38.93
C PRO D 17 -11.32 18.43 37.51
N GLU D 18 -10.40 18.19 36.59
CA GLU D 18 -10.61 18.66 35.22
C GLU D 18 -11.77 17.93 34.53
N GLN D 19 -12.25 16.84 35.14
CA GLN D 19 -13.45 16.16 34.68
C GLN D 19 -14.68 16.86 35.27
N TRP D 20 -14.48 17.83 36.14
CA TRP D 20 -15.60 18.44 36.86
C TRP D 20 -15.70 19.95 36.69
N ASP D 21 -15.87 20.66 37.79
CA ASP D 21 -15.94 22.11 37.73
C ASP D 21 -15.52 22.70 39.08
N LYS D 22 -15.45 24.02 39.13
CA LYS D 22 -14.98 24.69 40.32
C LYS D 22 -15.87 24.41 41.53
N ALA D 23 -17.18 24.36 41.33
CA ALA D 23 -18.11 24.10 42.42
C ALA D 23 -17.91 22.71 43.04
N THR D 24 -17.74 21.68 42.22
CA THR D 24 -17.52 20.35 42.78
C THR D 24 -16.18 20.34 43.52
N MET D 25 -15.24 21.12 43.01
CA MET D 25 -13.92 21.17 43.62
C MET D 25 -13.98 21.71 45.06
N GLU D 26 -14.91 22.62 45.33
CA GLU D 26 -15.11 23.14 46.68
C GLU D 26 -15.55 22.02 47.62
N GLU D 27 -16.48 21.20 47.13
CA GLU D 27 -16.91 20.01 47.85
C GLU D 27 -15.77 19.01 48.04
N ASP D 28 -14.93 18.85 47.03
CA ASP D 28 -13.78 17.95 47.15
C ASP D 28 -12.91 18.45 48.29
N MET D 29 -12.57 19.73 48.27
CA MET D 29 -11.73 20.30 49.32
C MET D 29 -12.34 20.08 50.70
N ARG D 30 -13.63 20.39 50.84
CA ARG D 30 -14.32 20.21 52.11
C ARG D 30 -14.23 18.74 52.57
N MET D 31 -14.51 17.81 51.67
CA MET D 31 -14.56 16.41 52.04
C MET D 31 -13.18 15.80 52.24
N PHE D 32 -12.18 16.30 51.52
CA PHE D 32 -10.82 15.82 51.70
C PHE D 32 -10.37 16.20 53.11
N ASN D 33 -10.79 17.37 53.58
CA ASN D 33 -10.41 17.79 54.93
C ASN D 33 -11.01 16.85 55.97
N LEU D 34 -12.28 16.49 55.77
CA LEU D 34 -12.95 15.54 56.64
C LEU D 34 -12.24 14.19 56.65
N ALA D 35 -11.64 13.82 55.51
CA ALA D 35 -11.10 12.48 55.37
C ALA D 35 -9.64 12.35 55.77
N GLY D 36 -8.98 13.48 56.03
CA GLY D 36 -7.57 13.45 56.39
C GLY D 36 -6.68 13.26 55.18
N ILE D 37 -7.21 13.60 54.00
CA ILE D 37 -6.48 13.51 52.74
C ILE D 37 -5.55 14.71 52.53
N ASP D 38 -4.26 14.42 52.36
CA ASP D 38 -3.25 15.48 52.25
C ASP D 38 -2.29 15.34 51.06
N VAL D 39 -2.65 14.49 50.10
CA VAL D 39 -1.91 14.39 48.84
C VAL D 39 -2.83 14.08 47.66
N ALA D 40 -2.62 14.79 46.56
CA ALA D 40 -3.41 14.58 45.35
C ALA D 40 -2.51 14.25 44.17
N THR D 41 -2.80 13.16 43.47
CA THR D 41 -2.04 12.82 42.27
C THR D 41 -2.78 13.38 41.08
N VAL D 42 -2.25 14.45 40.52
CA VAL D 42 -2.97 15.23 39.52
C VAL D 42 -2.32 15.18 38.13
N ASN D 43 -3.12 15.49 37.11
CA ASN D 43 -2.63 15.60 35.74
C ASN D 43 -2.12 14.30 35.13
N VAL D 44 -2.73 13.16 35.49
CA VAL D 44 -2.29 11.88 34.94
C VAL D 44 -2.73 11.70 33.48
N PHE D 45 -3.93 12.17 33.14
CA PHE D 45 -4.48 11.92 31.83
C PHE D 45 -5.08 13.17 31.20
N SER D 46 -4.27 14.22 31.09
CA SER D 46 -4.75 15.46 30.49
C SER D 46 -3.83 15.99 29.39
N TRP D 47 -3.09 15.10 28.74
CA TRP D 47 -2.23 15.53 27.64
C TRP D 47 -3.00 16.36 26.63
N ALA D 48 -4.13 15.83 26.15
CA ALA D 48 -4.92 16.57 25.16
C ALA D 48 -5.43 17.91 25.68
N LYS D 49 -5.81 17.98 26.96
CA LYS D 49 -6.32 19.25 27.47
C LYS D 49 -5.25 20.33 27.42
N ILE D 50 -4.01 19.91 27.68
CA ILE D 50 -2.87 20.81 27.71
C ILE D 50 -2.40 21.16 26.31
N GLN D 51 -2.28 20.16 25.44
CA GLN D 51 -1.65 20.34 24.14
C GLN D 51 -2.62 20.00 22.98
N ARG D 52 -3.11 21.03 22.30
CA ARG D 52 -4.14 20.81 21.26
C ARG D 52 -3.54 20.55 19.87
N ASP D 53 -2.30 20.96 19.68
CA ASP D 53 -1.58 20.73 18.44
C ASP D 53 -0.07 20.76 18.71
N GLU D 54 0.74 20.76 17.66
CA GLU D 54 2.18 20.59 17.84
C GLU D 54 2.84 21.73 18.60
N VAL D 55 2.16 22.88 18.68
CA VAL D 55 2.81 24.10 19.14
C VAL D 55 2.06 24.84 20.27
N SER D 56 0.94 24.29 20.72
CA SER D 56 0.04 24.99 21.66
C SER D 56 -0.02 24.31 23.02
N TYR D 57 0.27 25.08 24.06
CA TYR D 57 0.23 24.56 25.42
C TYR D 57 -0.59 25.46 26.34
N ASP D 58 -1.56 24.88 27.02
CA ASP D 58 -2.36 25.61 27.98
C ASP D 58 -2.27 24.99 29.37
N PHE D 59 -1.68 25.73 30.32
CA PHE D 59 -1.56 25.25 31.69
C PHE D 59 -2.43 26.02 32.68
N THR D 60 -3.21 26.97 32.18
CA THR D 60 -4.00 27.82 33.10
C THR D 60 -4.94 27.01 33.98
N TRP D 61 -5.65 26.05 33.40
CA TRP D 61 -6.57 25.22 34.15
C TRP D 61 -5.82 24.48 35.25
N LEU D 62 -4.60 24.04 34.95
CA LEU D 62 -3.83 23.29 35.93
C LEU D 62 -3.30 24.20 37.04
N ASP D 63 -2.91 25.43 36.69
CA ASP D 63 -2.51 26.40 37.69
C ASP D 63 -3.62 26.50 38.75
N ASP D 64 -4.87 26.63 38.31
CA ASP D 64 -5.99 26.78 39.25
C ASP D 64 -6.13 25.58 40.16
N ILE D 65 -6.00 24.39 39.59
CA ILE D 65 -6.09 23.18 40.40
C ILE D 65 -5.00 23.13 41.45
N ILE D 66 -3.76 23.41 41.05
CA ILE D 66 -2.65 23.39 41.98
C ILE D 66 -2.78 24.51 43.03
N GLU D 67 -3.22 25.69 42.61
CA GLU D 67 -3.42 26.79 43.53
C GLU D 67 -4.49 26.46 44.56
N ARG D 68 -5.63 25.96 44.10
CA ARG D 68 -6.71 25.60 45.02
C ARG D 68 -6.28 24.56 46.05
N LEU D 69 -5.52 23.57 45.59
CA LEU D 69 -5.05 22.50 46.44
C LEU D 69 -4.03 23.04 47.45
N THR D 70 -3.21 23.98 47.00
CA THR D 70 -2.20 24.58 47.84
C THR D 70 -2.86 25.31 49.01
N LYS D 71 -4.00 25.94 48.74
CA LYS D 71 -4.73 26.72 49.74
C LYS D 71 -5.12 25.83 50.90
N GLU D 72 -5.40 24.55 50.61
CA GLU D 72 -5.75 23.59 51.63
C GLU D 72 -4.52 22.90 52.23
N ASN D 73 -3.34 23.40 51.86
CA ASN D 73 -2.10 22.69 52.15
C ASN D 73 -2.15 21.19 51.81
N ILE D 74 -2.83 20.84 50.73
CA ILE D 74 -2.72 19.48 50.20
C ILE D 74 -1.49 19.43 49.29
N TYR D 75 -0.67 18.40 49.49
CA TYR D 75 0.57 18.20 48.72
C TYR D 75 0.34 17.52 47.36
N LEU D 76 1.26 17.78 46.42
CA LEU D 76 1.06 17.39 45.03
C LEU D 76 2.01 16.31 44.52
N CYS D 77 1.43 15.19 44.10
CA CYS D 77 2.14 14.23 43.25
C CYS D 77 1.76 14.60 41.81
N LEU D 78 2.62 15.37 41.15
CA LEU D 78 2.32 15.89 39.80
C LEU D 78 2.71 14.92 38.68
N ALA D 79 1.74 14.55 37.85
CA ALA D 79 2.01 13.65 36.71
C ALA D 79 2.37 14.40 35.43
N THR D 80 3.19 13.78 34.59
CA THR D 80 3.60 14.38 33.32
C THR D 80 2.54 14.27 32.22
N SER D 81 1.49 13.51 32.46
CA SER D 81 0.35 13.37 31.52
C SER D 81 0.69 12.51 30.30
N THR D 82 1.88 11.94 30.26
CA THR D 82 2.32 11.23 29.07
C THR D 82 1.77 9.80 28.97
N GLY D 83 0.90 9.38 29.88
CA GLY D 83 0.38 8.03 29.90
C GLY D 83 -0.68 7.72 28.86
N ALA D 84 -1.17 8.77 28.20
CA ALA D 84 -2.12 8.59 27.11
C ALA D 84 -2.02 9.79 26.20
N HIS D 85 -1.72 9.54 24.93
CA HIS D 85 -1.45 10.62 24.00
C HIS D 85 -2.77 11.16 23.43
N PRO D 86 -2.74 12.39 22.89
CA PRO D 86 -3.96 12.98 22.32
C PRO D 86 -4.43 12.27 21.06
N ALA D 87 -5.72 12.38 20.76
CA ALA D 87 -6.27 11.82 19.55
C ALA D 87 -5.66 12.47 18.29
N TRP D 88 -5.36 13.77 18.36
CA TRP D 88 -4.82 14.48 17.20
C TRP D 88 -3.42 13.99 16.88
N MET D 89 -2.66 13.62 17.91
CA MET D 89 -1.31 13.12 17.73
C MET D 89 -1.38 11.75 17.06
N ALA D 90 -2.32 10.91 17.48
CA ALA D 90 -2.48 9.60 16.85
C ALA D 90 -2.84 9.74 15.38
N LYS D 91 -3.62 10.77 15.07
CA LYS D 91 -4.13 10.98 13.73
C LYS D 91 -3.06 11.56 12.79
N LYS D 92 -2.38 12.60 13.25
CA LYS D 92 -1.32 13.25 12.48
C LYS D 92 -0.02 12.47 12.50
N TYR D 93 0.24 11.73 13.58
CA TYR D 93 1.53 11.05 13.72
C TYR D 93 1.37 9.60 14.13
N PRO D 94 0.95 8.77 13.17
CA PRO D 94 0.68 7.35 13.41
C PRO D 94 1.90 6.58 13.92
N ASP D 95 3.10 7.12 13.81
CA ASP D 95 4.28 6.41 14.33
C ASP D 95 4.15 6.23 15.85
N VAL D 96 3.28 7.01 16.44
CA VAL D 96 2.99 6.98 17.86
C VAL D 96 2.17 5.73 18.27
N LEU D 97 1.45 5.15 17.32
CA LEU D 97 0.56 4.02 17.60
C LEU D 97 1.30 2.68 17.48
N ARG D 98 0.90 1.71 18.30
CA ARG D 98 1.56 0.41 18.29
C ARG D 98 1.06 -0.53 17.18
N VAL D 99 1.90 -1.51 16.87
CA VAL D 99 1.46 -2.67 16.11
C VAL D 99 1.42 -3.80 17.12
N ASP D 100 0.32 -4.54 17.17
CA ASP D 100 0.14 -5.54 18.21
C ASP D 100 0.68 -6.92 17.86
N TYR D 101 0.42 -7.86 18.76
CA TYR D 101 0.98 -9.19 18.68
C TYR D 101 0.44 -9.92 17.46
N GLU D 102 -0.74 -9.52 17.02
CA GLU D 102 -1.37 -10.12 15.85
C GLU D 102 -0.90 -9.45 14.56
N GLY D 103 0.03 -8.51 14.67
CA GLY D 103 0.59 -7.84 13.50
C GLY D 103 -0.22 -6.64 13.04
N ARG D 104 -1.25 -6.29 13.82
CA ARG D 104 -2.20 -5.25 13.46
C ARG D 104 -1.78 -3.85 13.88
N LYS D 105 -1.84 -2.90 12.95
CA LYS D 105 -1.62 -1.49 13.27
C LYS D 105 -2.85 -0.93 14.03
N ARG D 106 -2.65 -0.49 15.27
CA ARG D 106 -3.74 0.06 16.07
C ARG D 106 -4.14 1.45 15.58
N LYS D 107 -5.37 1.84 15.89
CA LYS D 107 -5.82 3.21 15.74
C LYS D 107 -5.97 3.83 17.13
N PHE D 108 -6.31 5.12 17.17
CA PHE D 108 -6.43 5.82 18.44
C PHE D 108 -7.37 5.09 19.39
N GLY D 109 -6.93 4.94 20.63
CA GLY D 109 -7.81 4.35 21.64
C GLY D 109 -7.10 3.88 22.89
N GLY D 110 -7.87 3.54 23.91
CA GLY D 110 -7.33 3.11 25.18
C GLY D 110 -6.28 4.06 25.73
N ARG D 111 -5.18 3.50 26.20
CA ARG D 111 -4.11 4.28 26.82
C ARG D 111 -2.91 3.36 27.00
N HIS D 112 -1.82 3.88 27.59
CA HIS D 112 -0.64 3.08 27.93
C HIS D 112 -0.05 2.41 26.69
N ASN D 113 -0.28 2.99 25.51
CA ASN D 113 0.06 2.28 24.29
C ASN D 113 0.77 3.09 23.22
N SER D 114 1.65 4.01 23.63
CA SER D 114 2.49 4.71 22.69
C SER D 114 3.65 3.80 22.30
N CYS D 115 4.10 3.84 21.05
CA CYS D 115 5.26 3.04 20.69
C CYS D 115 6.46 3.60 21.44
N PRO D 116 7.18 2.75 22.20
CA PRO D 116 8.30 3.27 23.00
C PRO D 116 9.45 3.72 22.11
N ASN D 117 9.44 3.30 20.85
CA ASN D 117 10.48 3.75 19.95
C ASN D 117 9.96 4.75 18.92
N SER D 118 8.88 5.43 19.27
CA SER D 118 8.27 6.45 18.41
C SER D 118 8.99 7.80 18.48
N PRO D 119 9.49 8.28 17.34
CA PRO D 119 10.17 9.58 17.33
C PRO D 119 9.23 10.70 17.76
N THR D 120 7.98 10.63 17.33
CA THR D 120 7.01 11.65 17.70
C THR D 120 6.73 11.63 19.20
N TYR D 121 6.51 10.43 19.74
CA TYR D 121 6.16 10.29 21.15
C TYR D 121 7.30 10.75 22.05
N ARG D 122 8.51 10.38 21.71
CA ARG D 122 9.64 10.76 22.53
C ARG D 122 9.84 12.26 22.45
N LYS D 123 9.59 12.82 21.27
CA LYS D 123 9.76 14.26 21.09
C LYS D 123 8.82 15.07 22.00
N TYR D 124 7.52 14.83 21.87
CA TYR D 124 6.53 15.63 22.60
C TYR D 124 6.41 15.21 24.08
N ALA D 125 6.79 13.97 24.40
CA ALA D 125 6.75 13.52 25.77
C ALA D 125 7.87 14.18 26.57
N LYS D 126 9.07 14.19 26.00
CA LYS D 126 10.16 14.97 26.57
C LYS D 126 9.76 16.45 26.76
N ILE D 127 9.19 17.06 25.73
CA ILE D 127 8.83 18.48 25.81
C ILE D 127 7.76 18.78 26.87
N LEU D 128 6.76 17.92 26.99
CA LEU D 128 5.68 18.15 27.95
C LEU D 128 6.22 18.13 29.37
N ALA D 129 6.95 17.07 29.71
CA ALA D 129 7.58 16.93 31.02
C ALA D 129 8.46 18.14 31.31
N GLY D 130 9.25 18.54 30.33
CA GLY D 130 10.14 19.69 30.51
C GLY D 130 9.40 20.99 30.79
N LYS D 131 8.27 21.19 30.11
CA LYS D 131 7.49 22.41 30.28
C LYS D 131 6.77 22.43 31.62
N LEU D 132 6.42 21.26 32.14
CA LEU D 132 5.75 21.19 33.44
C LEU D 132 6.76 21.50 34.54
N ALA D 133 7.87 20.77 34.56
CA ALA D 133 8.93 21.04 35.51
C ALA D 133 9.38 22.50 35.44
N GLU D 134 9.50 23.04 34.24
CA GLU D 134 9.91 24.43 34.12
C GLU D 134 8.88 25.37 34.74
N ARG D 135 7.61 25.13 34.47
CA ARG D 135 6.58 26.06 34.95
C ARG D 135 6.46 26.01 36.48
N TYR D 136 6.58 24.81 37.06
CA TYR D 136 6.33 24.62 38.47
C TYR D 136 7.60 24.36 39.26
N LYS D 137 8.74 24.80 38.72
CA LYS D 137 10.03 24.55 39.39
C LYS D 137 10.11 25.13 40.80
N ASP D 138 9.44 26.25 41.04
CA ASP D 138 9.52 26.94 42.33
C ASP D 138 8.29 26.71 43.22
N HIS D 139 7.44 25.76 42.85
CA HIS D 139 6.26 25.51 43.64
C HIS D 139 6.56 24.50 44.73
N PRO D 140 6.29 24.89 45.99
CA PRO D 140 6.67 24.18 47.21
C PRO D 140 5.78 22.99 47.56
N GLN D 141 4.62 22.90 46.93
CA GLN D 141 3.66 21.84 47.25
C GLN D 141 3.95 20.53 46.52
N ILE D 142 4.76 20.58 45.47
CA ILE D 142 5.04 19.39 44.67
C ILE D 142 6.07 18.53 45.40
N VAL D 143 5.67 17.33 45.78
CA VAL D 143 6.54 16.45 46.55
C VAL D 143 7.03 15.21 45.77
N MET D 144 6.46 15.00 44.59
CA MET D 144 6.78 13.81 43.80
C MET D 144 6.37 13.98 42.34
N TRP D 145 7.20 13.48 41.42
CA TRP D 145 6.80 13.41 40.01
C TRP D 145 6.34 12.00 39.66
N HIS D 146 5.22 11.93 38.94
CA HIS D 146 4.54 10.69 38.59
C HIS D 146 4.62 10.58 37.06
N VAL D 147 5.68 9.91 36.59
CA VAL D 147 6.03 9.97 35.16
C VAL D 147 5.13 9.03 34.40
N SER D 148 4.45 9.57 33.38
CA SER D 148 3.51 8.77 32.60
C SER D 148 2.56 8.02 33.54
N ASN D 149 2.11 6.84 33.13
CA ASN D 149 1.28 6.01 33.98
C ASN D 149 1.32 4.56 33.54
N GLU D 150 1.56 3.67 34.50
CA GLU D 150 1.66 2.23 34.26
C GLU D 150 2.21 1.82 32.89
N TYR D 151 3.48 2.08 32.66
CA TYR D 151 4.18 1.57 31.49
C TYR D 151 3.95 0.06 31.30
N GLY D 152 3.65 -0.34 30.08
CA GLY D 152 3.52 -1.75 29.81
C GLY D 152 3.06 -2.03 28.40
N GLY D 153 2.96 -3.32 28.07
CA GLY D 153 2.56 -3.74 26.74
C GLY D 153 3.70 -3.74 25.74
N TYR D 154 3.64 -4.67 24.79
CA TYR D 154 4.66 -4.74 23.76
C TYR D 154 4.19 -4.17 22.44
N CYS D 155 5.15 -3.65 21.69
CA CYS D 155 4.92 -3.13 20.37
C CYS D 155 5.79 -3.91 19.39
N TYR D 156 5.25 -4.11 18.19
CA TYR D 156 5.90 -4.91 17.17
C TYR D 156 5.94 -4.16 15.86
N CYS D 157 5.93 -2.83 15.93
CA CYS D 157 5.93 -2.05 14.71
C CYS D 157 7.33 -2.06 14.04
N ASP D 158 7.43 -1.42 12.88
CA ASP D 158 8.70 -1.29 12.16
C ASP D 158 9.80 -0.59 12.93
N ASN D 159 9.44 0.48 13.62
CA ASN D 159 10.46 1.19 14.37
C ASN D 159 11.03 0.33 15.49
N CYS D 160 10.15 -0.41 16.16
CA CYS D 160 10.61 -1.33 17.20
C CYS D 160 11.48 -2.41 16.60
N GLU D 161 11.05 -2.94 15.47
CA GLU D 161 11.79 -4.01 14.80
C GLU D 161 13.19 -3.56 14.40
N LYS D 162 13.28 -2.40 13.77
CA LYS D 162 14.58 -1.90 13.34
C LYS D 162 15.49 -1.65 14.53
N GLN D 163 14.92 -1.14 15.61
CA GLN D 163 15.68 -0.82 16.81
C GLN D 163 16.07 -2.10 17.58
N PHE D 164 15.20 -3.11 17.55
CA PHE D 164 15.56 -4.44 18.03
C PHE D 164 16.90 -4.89 17.45
N ARG D 165 17.06 -4.67 16.15
CA ARG D 165 18.30 -5.04 15.47
C ARG D 165 19.48 -4.26 16.01
N VAL D 166 19.27 -2.99 16.32
CA VAL D 166 20.35 -2.16 16.85
C VAL D 166 20.74 -2.66 18.24
N TRP D 167 19.72 -2.93 19.05
CA TRP D 167 19.90 -3.46 20.39
C TRP D 167 20.71 -4.75 20.35
N LEU D 168 20.44 -5.57 19.34
CA LEU D 168 21.15 -6.83 19.17
C LEU D 168 22.62 -6.61 18.76
N LYS D 169 22.85 -5.64 17.89
CA LYS D 169 24.21 -5.28 17.49
C LYS D 169 25.04 -4.88 18.72
N GLU D 170 24.44 -4.07 19.58
CA GLU D 170 25.09 -3.64 20.81
C GLU D 170 25.29 -4.80 21.76
N ARG D 171 24.30 -5.67 21.86
CA ARG D 171 24.37 -6.77 22.81
C ARG D 171 25.35 -7.89 22.43
N TYR D 172 25.34 -8.30 21.16
CA TYR D 172 26.17 -9.42 20.74
C TYR D 172 27.39 -9.03 19.92
N GLY D 173 27.35 -7.86 19.30
CA GLY D 173 28.50 -7.37 18.55
C GLY D 173 28.61 -7.90 17.13
N THR D 174 28.56 -9.22 16.98
CA THR D 174 28.66 -9.81 15.65
C THR D 174 27.54 -10.78 15.39
N LEU D 175 27.26 -11.04 14.12
CA LEU D 175 26.33 -12.10 13.75
C LEU D 175 26.75 -13.47 14.29
N GLU D 176 28.05 -13.72 14.30
CA GLU D 176 28.54 -15.01 14.79
C GLU D 176 28.11 -15.23 16.25
N ALA D 177 28.23 -14.19 17.05
CA ALA D 177 27.84 -14.26 18.45
C ALA D 177 26.34 -14.40 18.61
N LEU D 178 25.58 -13.64 17.84
CA LEU D 178 24.12 -13.75 17.92
C LEU D 178 23.67 -15.15 17.49
N ASN D 179 24.21 -15.63 16.37
CA ASN D 179 23.86 -16.95 15.89
C ASN D 179 24.12 -18.04 16.93
N LYS D 180 25.23 -17.93 17.66
CA LYS D 180 25.52 -18.87 18.75
C LYS D 180 24.58 -18.70 19.96
N ALA D 181 24.38 -17.46 20.38
CA ALA D 181 23.48 -17.16 21.51
C ALA D 181 22.08 -17.70 21.29
N TRP D 182 21.62 -17.65 20.04
CA TRP D 182 20.27 -18.04 19.68
C TRP D 182 20.18 -19.48 19.19
N ASN D 183 21.34 -20.12 19.02
CA ASN D 183 21.40 -21.49 18.51
C ASN D 183 20.69 -21.69 17.15
N THR D 184 20.95 -20.78 16.23
CA THR D 184 20.18 -20.70 14.98
C THR D 184 20.54 -21.77 13.94
N SER D 185 21.44 -22.69 14.29
CA SER D 185 21.73 -23.81 13.41
C SER D 185 20.56 -24.82 13.42
N PHE D 186 19.77 -24.75 14.49
CA PHE D 186 18.49 -25.46 14.60
C PHE D 186 17.47 -24.87 13.60
N TRP D 187 16.78 -25.74 12.87
CA TRP D 187 15.78 -25.27 11.89
C TRP D 187 16.32 -24.22 10.91
N SER D 188 17.55 -24.40 10.46
CA SER D 188 18.10 -23.57 9.39
C SER D 188 17.87 -22.07 9.64
N HIS D 189 18.06 -21.64 10.87
CA HIS D 189 17.77 -20.27 11.29
C HIS D 189 18.97 -19.33 11.22
N THR D 190 20.02 -19.77 10.54
CA THR D 190 21.23 -18.99 10.40
C THR D 190 20.95 -17.63 9.76
N PHE D 191 21.41 -16.57 10.43
CA PHE D 191 21.24 -15.22 9.92
C PHE D 191 22.54 -14.73 9.30
N TYR D 192 22.46 -14.19 8.10
CA TYR D 192 23.63 -13.68 7.41
C TYR D 192 23.61 -12.17 7.38
N ASP D 193 22.50 -11.57 7.81
CA ASP D 193 22.40 -10.11 7.93
C ASP D 193 21.39 -9.74 8.99
N TRP D 194 21.61 -8.63 9.69
CA TRP D 194 20.76 -8.23 10.80
C TRP D 194 19.31 -7.98 10.35
N ASP D 195 19.14 -7.56 9.09
CA ASP D 195 17.82 -7.19 8.61
C ASP D 195 16.94 -8.40 8.32
N GLU D 196 17.55 -9.59 8.34
CA GLU D 196 16.80 -10.84 8.22
C GLU D 196 16.04 -11.16 9.52
N ILE D 197 16.49 -10.55 10.61
CA ILE D 197 15.91 -10.74 11.93
C ILE D 197 14.62 -9.94 12.07
N VAL D 198 13.55 -10.59 12.52
CA VAL D 198 12.29 -9.91 12.71
C VAL D 198 11.76 -10.07 14.14
N ALA D 199 10.82 -9.21 14.52
CA ALA D 199 10.19 -9.28 15.84
C ALA D 199 9.40 -10.57 15.98
N PRO D 200 9.51 -11.22 17.13
CA PRO D 200 8.78 -12.48 17.31
C PRO D 200 7.34 -12.21 17.75
N ASN D 201 6.36 -12.51 16.89
CA ASN D 201 4.95 -12.42 17.26
C ASN D 201 4.13 -13.41 16.43
N ALA D 202 2.82 -13.19 16.32
CA ALA D 202 1.99 -14.21 15.68
C ALA D 202 2.36 -14.44 14.20
N LEU D 203 3.04 -13.47 13.62
CA LEU D 203 3.45 -13.56 12.21
C LEU D 203 4.72 -14.38 11.99
N SER D 204 5.50 -14.60 13.05
CA SER D 204 6.83 -15.18 12.88
C SER D 204 7.07 -16.38 13.77
N GLU D 205 7.63 -16.16 14.96
CA GLU D 205 8.10 -17.27 15.78
C GLU D 205 7.14 -17.70 16.88
N GLU D 206 6.12 -16.89 17.14
CA GLU D 206 5.27 -17.08 18.33
C GLU D 206 3.81 -17.34 18.00
N TRP D 207 3.13 -18.01 18.91
CA TRP D 207 1.72 -18.22 18.79
C TRP D 207 1.05 -18.34 20.16
N SER D 208 -0.25 -18.04 20.19
CA SER D 208 -1.09 -18.17 21.38
C SER D 208 -0.58 -17.43 22.62
N GLY D 209 0.22 -16.39 22.41
CA GLY D 209 0.57 -15.46 23.47
C GLY D 209 1.79 -15.81 24.34
N ASN D 210 2.10 -17.10 24.48
CA ASN D 210 3.23 -17.50 25.32
C ASN D 210 4.08 -18.64 24.75
N ARG D 211 3.76 -19.07 23.53
CA ARG D 211 4.54 -20.09 22.86
C ARG D 211 5.54 -19.47 21.87
N THR D 212 6.63 -20.18 21.58
CA THR D 212 7.62 -19.72 20.62
C THR D 212 8.48 -20.88 20.11
N ASN D 213 8.95 -20.79 18.86
CA ASN D 213 9.88 -21.77 18.33
C ASN D 213 11.31 -21.42 18.74
N PHE D 214 11.54 -20.12 18.97
CA PHE D 214 12.90 -19.65 19.23
C PHE D 214 12.99 -18.82 20.49
N GLN D 215 13.15 -19.48 21.64
CA GLN D 215 13.07 -18.72 22.89
C GLN D 215 14.18 -17.68 23.04
N GLY D 216 15.31 -17.90 22.38
CA GLY D 216 16.38 -16.92 22.42
C GLY D 216 15.91 -15.58 21.86
N ILE D 217 15.18 -15.62 20.76
CA ILE D 217 14.66 -14.41 20.14
C ILE D 217 13.52 -13.81 20.98
N SER D 218 12.60 -14.67 21.41
CA SER D 218 11.47 -14.26 22.23
C SER D 218 11.93 -13.61 23.53
N LEU D 219 12.89 -14.24 24.19
CA LEU D 219 13.47 -13.73 25.43
C LEU D 219 14.13 -12.37 25.23
N ASP D 220 14.97 -12.27 24.21
CA ASP D 220 15.65 -11.01 23.93
C ASP D 220 14.71 -9.88 23.54
N TYR D 221 13.64 -10.19 22.81
CA TYR D 221 12.68 -9.17 22.44
C TYR D 221 11.97 -8.60 23.68
N ARG D 222 11.76 -9.46 24.69
CA ARG D 222 11.15 -8.98 25.93
C ARG D 222 12.13 -8.08 26.70
N ARG D 223 13.40 -8.49 26.75
CA ARG D 223 14.43 -7.60 27.30
C ARG D 223 14.39 -6.24 26.61
N PHE D 224 14.28 -6.26 25.29
CA PHE D 224 14.36 -5.08 24.45
C PHE D 224 13.17 -4.14 24.62
N GLN D 225 11.98 -4.73 24.72
CA GLN D 225 10.77 -3.97 24.96
C GLN D 225 10.81 -3.31 26.34
N SER D 226 11.16 -4.09 27.36
CA SER D 226 11.37 -3.55 28.69
C SER D 226 12.38 -2.39 28.68
N ASP D 227 13.54 -2.58 28.08
CA ASP D 227 14.55 -1.52 27.95
C ASP D 227 13.98 -0.27 27.26
N SER D 228 13.27 -0.48 26.16
CA SER D 228 12.73 0.61 25.36
C SER D 228 11.76 1.48 26.16
N LEU D 229 10.84 0.83 26.87
CA LEU D 229 9.92 1.57 27.72
C LEU D 229 10.73 2.27 28.81
N LEU D 230 11.67 1.53 29.41
CA LEU D 230 12.53 2.09 30.44
C LEU D 230 13.27 3.35 29.97
N GLU D 231 13.68 3.38 28.70
CA GLU D 231 14.30 4.56 28.10
C GLU D 231 13.35 5.77 28.04
N CYS D 232 12.06 5.50 27.87
CA CYS D 232 11.11 6.59 27.83
C CYS D 232 11.01 7.20 29.22
N PHE D 233 10.99 6.35 30.24
CA PHE D 233 10.96 6.84 31.61
C PHE D 233 12.18 7.70 31.93
N LYS D 234 13.37 7.20 31.60
CA LYS D 234 14.60 7.90 31.94
C LYS D 234 14.67 9.23 31.23
N MET D 235 14.10 9.26 30.03
CA MET D 235 14.07 10.47 29.22
C MET D 235 13.26 11.58 29.89
N GLU D 236 12.05 11.25 30.37
CA GLU D 236 11.28 12.25 31.09
C GLU D 236 11.95 12.58 32.42
N ARG D 237 12.34 11.54 33.15
CA ARG D 237 13.01 11.71 34.43
C ARG D 237 14.12 12.76 34.32
N ASP D 238 14.96 12.65 33.29
CA ASP D 238 16.11 13.54 33.15
C ASP D 238 15.67 14.97 32.89
N GLU D 239 14.63 15.12 32.08
CA GLU D 239 14.13 16.45 31.74
C GLU D 239 13.59 17.13 32.99
N LEU D 240 12.83 16.38 33.79
CA LEU D 240 12.28 16.86 35.06
C LEU D 240 13.39 17.28 36.03
N LYS D 241 14.34 16.38 36.26
CA LYS D 241 15.43 16.65 37.18
C LYS D 241 16.30 17.81 36.72
N ARG D 242 16.17 18.19 35.45
CA ARG D 242 16.90 19.33 34.90
C ARG D 242 16.41 20.64 35.51
N TRP D 243 15.11 20.73 35.77
CA TRP D 243 14.51 21.93 36.32
C TRP D 243 14.23 21.80 37.82
N THR D 244 13.89 20.59 38.26
CA THR D 244 13.67 20.34 39.68
C THR D 244 14.52 19.17 40.19
N PRO D 245 15.82 19.42 40.37
CA PRO D 245 16.74 18.34 40.73
C PRO D 245 16.45 17.77 42.12
N ASP D 246 15.77 18.54 42.95
CA ASP D 246 15.50 18.11 44.33
C ASP D 246 14.11 17.51 44.56
N ILE D 247 13.29 17.45 43.51
CA ILE D 247 12.03 16.70 43.60
C ILE D 247 12.21 15.26 43.12
N PRO D 248 11.84 14.28 43.95
CA PRO D 248 12.01 12.86 43.59
C PRO D 248 11.09 12.43 42.46
N VAL D 249 11.49 11.42 41.70
CA VAL D 249 10.74 11.02 40.52
C VAL D 249 10.43 9.55 40.60
N THR D 250 9.19 9.19 40.30
CA THR D 250 8.80 7.77 40.25
C THR D 250 7.88 7.54 39.05
N THR D 251 7.47 6.28 38.88
CA THR D 251 6.38 5.96 38.00
C THR D 251 5.71 4.76 38.64
N ASN D 252 4.45 4.50 38.32
CA ASN D 252 3.71 3.52 39.10
C ASN D 252 3.75 2.14 38.49
N LEU D 253 4.18 1.17 39.29
CA LEU D 253 4.43 -0.20 38.80
C LEU D 253 3.30 -1.15 39.19
N MET D 254 3.37 -2.36 38.66
CA MET D 254 2.26 -3.30 38.80
C MET D 254 2.59 -4.63 39.50
N GLY D 255 3.57 -4.61 40.40
CA GLY D 255 3.87 -5.78 41.21
C GLY D 255 4.51 -6.90 40.41
N PHE D 256 3.88 -8.08 40.44
CA PHE D 256 4.33 -9.25 39.68
C PHE D 256 3.89 -9.23 38.20
N TYR D 257 3.69 -8.04 37.66
CA TYR D 257 3.39 -7.87 36.25
C TYR D 257 4.52 -8.50 35.43
N PRO D 258 4.17 -9.41 34.52
CA PRO D 258 5.16 -10.22 33.78
C PRO D 258 6.01 -9.49 32.72
N GLU D 259 5.55 -8.38 32.16
CA GLU D 259 6.17 -7.91 30.91
C GLU D 259 7.40 -7.02 31.08
N LEU D 260 7.62 -6.49 32.28
CA LEU D 260 8.76 -5.60 32.51
C LEU D 260 9.71 -6.16 33.57
N ASP D 261 11.01 -5.97 33.39
CA ASP D 261 11.99 -6.40 34.38
C ASP D 261 12.14 -5.30 35.42
N TYR D 262 11.29 -5.36 36.44
CA TYR D 262 11.19 -4.27 37.40
C TYR D 262 12.46 -4.04 38.22
N PHE D 263 13.26 -5.08 38.40
CA PHE D 263 14.52 -4.91 39.11
C PHE D 263 15.42 -3.91 38.37
N LYS D 264 15.44 -4.03 37.05
CA LYS D 264 16.24 -3.15 36.21
C LYS D 264 15.63 -1.75 36.15
N TRP D 265 14.30 -1.68 36.20
CA TRP D 265 13.62 -0.39 36.25
C TRP D 265 13.92 0.34 37.55
N ALA D 266 13.85 -0.38 38.67
CA ALA D 266 13.92 0.29 39.97
C ALA D 266 15.23 1.07 40.13
N LYS D 267 16.30 0.60 39.49
CA LYS D 267 17.59 1.29 39.56
C LYS D 267 17.53 2.69 38.97
N GLU D 268 16.51 2.98 38.19
CA GLU D 268 16.38 4.28 37.55
C GLU D 268 15.42 5.23 38.29
N MET D 269 14.74 4.70 39.29
CA MET D 269 13.70 5.44 40.01
C MET D 269 14.17 5.89 41.37
N ASP D 270 13.88 7.13 41.74
CA ASP D 270 14.22 7.61 43.08
C ASP D 270 13.55 6.79 44.15
N VAL D 271 12.37 6.25 43.84
CA VAL D 271 11.61 5.43 44.77
C VAL D 271 10.61 4.59 43.99
N VAL D 272 10.27 3.41 44.51
CA VAL D 272 9.25 2.57 43.90
C VAL D 272 7.86 3.03 44.31
N SER D 273 6.92 2.99 43.38
CA SER D 273 5.50 3.15 43.73
C SER D 273 4.74 2.05 43.01
N TRP D 274 3.67 1.55 43.62
CA TRP D 274 2.91 0.53 42.92
C TRP D 274 1.42 0.56 43.18
N ASP D 275 0.70 -0.21 42.39
CA ASP D 275 -0.75 -0.15 42.33
C ASP D 275 -1.30 -1.51 42.71
N ASN D 276 -1.92 -1.60 43.87
CA ASN D 276 -2.33 -2.90 44.43
C ASN D 276 -3.83 -3.14 44.35
N TYR D 277 -4.21 -4.15 43.57
CA TYR D 277 -5.63 -4.46 43.36
C TYR D 277 -5.95 -5.93 43.56
N PRO D 278 -6.09 -6.37 44.83
CA PRO D 278 -6.45 -7.77 45.05
C PRO D 278 -7.92 -7.98 44.78
N SER D 279 -8.26 -9.13 44.23
CA SER D 279 -9.65 -9.59 44.12
C SER D 279 -10.05 -10.20 45.47
N MET D 280 -11.34 -10.50 45.64
CA MET D 280 -11.74 -11.20 46.85
C MET D 280 -11.05 -12.58 46.86
N ASP D 281 -10.62 -13.01 45.67
CA ASP D 281 -10.01 -14.31 45.41
C ASP D 281 -8.54 -14.45 45.78
N THR D 282 -7.79 -13.35 45.67
CA THR D 282 -6.34 -13.37 45.81
C THR D 282 -5.91 -13.86 47.20
N PRO D 283 -4.98 -14.83 47.26
CA PRO D 283 -4.48 -15.21 48.58
C PRO D 283 -3.89 -13.98 49.27
N PHE D 284 -4.20 -13.81 50.54
CA PHE D 284 -3.68 -12.68 51.29
C PHE D 284 -2.15 -12.70 51.31
N SER D 285 -1.55 -13.89 51.34
CA SER D 285 -0.09 -14.01 51.35
C SER D 285 0.53 -13.67 50.01
N PHE D 286 -0.22 -13.85 48.92
CA PHE D 286 0.28 -13.39 47.64
C PHE D 286 0.38 -11.85 47.61
N THR D 287 -0.66 -11.15 48.04
CA THR D 287 -0.55 -9.71 48.01
C THR D 287 0.51 -9.20 49.00
N ALA D 288 0.71 -9.92 50.10
CA ALA D 288 1.85 -9.66 50.98
C ALA D 288 3.16 -9.79 50.20
N MET D 289 3.27 -10.88 49.45
CA MET D 289 4.46 -11.14 48.63
C MET D 289 4.69 -10.03 47.61
N ALA D 290 3.62 -9.56 46.99
CA ALA D 290 3.71 -8.45 46.04
C ALA D 290 4.25 -7.16 46.67
N HIS D 291 3.75 -6.80 47.86
CA HIS D 291 4.25 -5.60 48.54
C HIS D 291 5.73 -5.77 48.84
N ASN D 292 6.08 -6.98 49.27
CA ASN D 292 7.44 -7.34 49.63
C ASN D 292 8.41 -7.20 48.45
N LEU D 293 8.01 -7.70 47.29
CA LEU D 293 8.80 -7.54 46.07
C LEU D 293 9.08 -6.06 45.78
N MET D 294 8.09 -5.22 46.01
CA MET D 294 8.21 -3.81 45.68
C MET D 294 9.23 -3.14 46.60
N ARG D 295 9.25 -3.57 47.85
CA ARG D 295 10.30 -3.20 48.80
C ARG D 295 11.67 -3.71 48.35
N GLY D 296 11.72 -4.98 47.95
CA GLY D 296 12.97 -5.58 47.50
C GLY D 296 13.51 -4.96 46.22
N LEU D 297 12.65 -4.31 45.43
CA LEU D 297 13.13 -3.77 44.16
C LEU D 297 14.32 -2.85 44.36
N LYS D 298 14.29 -2.05 45.44
CA LYS D 298 15.42 -1.20 45.77
C LYS D 298 16.04 -1.65 47.09
N SER D 299 16.13 -2.96 47.26
CA SER D 299 16.86 -3.58 48.36
C SER D 299 16.41 -3.16 49.77
N GLY D 300 15.11 -3.06 49.99
CA GLY D 300 14.58 -2.78 51.31
C GLY D 300 14.06 -1.37 51.50
N GLN D 301 14.46 -0.45 50.64
CA GLN D 301 13.97 0.92 50.75
C GLN D 301 12.43 0.97 50.68
N PRO D 302 11.81 1.70 51.61
CA PRO D 302 10.34 1.79 51.63
C PRO D 302 9.80 2.33 50.30
N PHE D 303 8.57 1.99 49.95
CA PHE D 303 8.00 2.42 48.67
C PHE D 303 6.70 3.24 48.84
N MET D 304 6.17 3.75 47.72
CA MET D 304 4.85 4.40 47.74
C MET D 304 3.80 3.39 47.32
N LEU D 305 2.74 3.26 48.10
CA LEU D 305 1.51 2.68 47.59
C LEU D 305 0.87 3.83 46.82
N MET D 306 0.97 3.79 45.50
CA MET D 306 0.41 4.86 44.67
C MET D 306 -1.09 4.72 44.51
N GLU D 307 -1.57 3.49 44.42
CA GLU D 307 -3.00 3.26 44.23
C GLU D 307 -3.49 2.01 44.93
N GLN D 308 -4.80 1.98 45.12
CA GLN D 308 -5.59 0.85 45.62
C GLN D 308 -7.00 1.42 45.59
N THR D 309 -8.00 0.58 45.45
CA THR D 309 -9.36 1.10 45.48
C THR D 309 -9.85 1.29 46.93
N PRO D 310 -10.60 2.38 47.20
CA PRO D 310 -11.24 2.49 48.52
C PRO D 310 -12.34 1.46 48.70
N GLY D 311 -12.84 0.91 47.59
CA GLY D 311 -13.90 -0.08 47.65
C GLY D 311 -13.82 -1.10 46.53
N VAL D 312 -14.66 -0.94 45.51
CA VAL D 312 -14.65 -1.88 44.39
C VAL D 312 -13.69 -1.47 43.25
N GLN D 313 -13.32 -2.43 42.42
CA GLN D 313 -12.57 -2.15 41.20
C GLN D 313 -13.36 -2.71 40.02
N ASN D 314 -13.61 -1.87 39.02
CA ASN D 314 -14.44 -2.28 37.88
C ASN D 314 -13.84 -3.40 37.04
N TRP D 315 -12.51 -3.49 37.01
CA TRP D 315 -11.80 -4.42 36.13
C TRP D 315 -11.86 -5.86 36.58
N GLN D 316 -12.24 -6.10 37.83
CA GLN D 316 -12.39 -7.47 38.31
C GLN D 316 -13.66 -8.07 37.73
N PRO D 317 -13.60 -9.35 37.33
CA PRO D 317 -14.75 -10.05 36.74
C PRO D 317 -15.97 -9.85 37.63
N TYR D 318 -15.75 -9.91 38.94
CA TYR D 318 -16.81 -9.72 39.93
C TYR D 318 -16.46 -8.54 40.82
N ASN D 319 -17.12 -7.41 40.57
CA ASN D 319 -16.90 -6.19 41.35
C ASN D 319 -17.32 -6.41 42.79
N SER D 320 -16.46 -7.08 43.53
CA SER D 320 -16.71 -7.41 44.92
C SER D 320 -16.39 -6.21 45.81
N ALA D 321 -17.28 -5.89 46.73
CA ALA D 321 -16.99 -4.85 47.70
C ALA D 321 -15.94 -5.32 48.71
N LYS D 322 -15.17 -4.38 49.25
CA LYS D 322 -14.31 -4.69 50.37
C LYS D 322 -15.19 -4.65 51.61
N ARG D 323 -15.24 -5.74 52.37
CA ARG D 323 -16.09 -5.77 53.56
C ARG D 323 -15.65 -4.68 54.54
N PRO D 324 -16.50 -4.40 55.55
CA PRO D 324 -16.11 -3.39 56.54
C PRO D 324 -14.73 -3.66 57.13
N GLY D 325 -13.89 -2.64 57.15
CA GLY D 325 -12.58 -2.70 57.76
C GLY D 325 -11.51 -3.32 56.86
N VAL D 326 -11.93 -3.93 55.75
CA VAL D 326 -10.98 -4.59 54.87
C VAL D 326 -10.06 -3.60 54.18
N MET D 327 -10.60 -2.45 53.79
CA MET D 327 -9.79 -1.44 53.12
C MET D 327 -8.69 -0.98 54.07
N ARG D 328 -9.04 -0.87 55.34
CA ARG D 328 -8.08 -0.52 56.38
C ARG D 328 -7.05 -1.64 56.54
N LEU D 329 -7.54 -2.87 56.60
CA LEU D 329 -6.68 -4.05 56.73
C LEU D 329 -5.62 -4.09 55.63
N TRP D 330 -6.05 -3.92 54.38
CA TRP D 330 -5.14 -4.01 53.23
C TRP D 330 -4.25 -2.78 53.09
N SER D 331 -4.67 -1.65 53.64
CA SER D 331 -3.80 -0.46 53.64
C SER D 331 -2.62 -0.61 54.59
N TYR D 332 -2.89 -1.17 55.78
CA TYR D 332 -1.84 -1.40 56.75
C TYR D 332 -0.98 -2.59 56.32
N GLN D 333 -1.58 -3.56 55.64
CA GLN D 333 -0.79 -4.67 55.14
C GLN D 333 0.33 -4.11 54.25
N ALA D 334 0.03 -3.05 53.49
CA ALA D 334 1.01 -2.42 52.61
C ALA D 334 2.09 -1.71 53.41
N VAL D 335 1.64 -0.99 54.43
CA VAL D 335 2.55 -0.29 55.33
C VAL D 335 3.47 -1.30 55.99
N ALA D 336 2.89 -2.41 56.44
CA ALA D 336 3.63 -3.46 57.13
C ALA D 336 4.80 -3.96 56.30
N HIS D 337 4.67 -3.87 54.97
CA HIS D 337 5.69 -4.42 54.09
C HIS D 337 6.57 -3.37 53.44
N GLY D 338 6.42 -2.13 53.86
CA GLY D 338 7.34 -1.10 53.44
C GLY D 338 6.73 0.12 52.81
N ALA D 339 5.41 0.18 52.66
CA ALA D 339 4.79 1.42 52.14
C ALA D 339 4.88 2.61 53.12
N ASP D 340 5.36 3.75 52.64
CA ASP D 340 5.35 4.99 53.41
C ASP D 340 4.29 5.97 52.89
N THR D 341 3.38 5.48 52.06
CA THR D 341 2.19 6.23 51.66
C THR D 341 1.04 5.24 51.58
N VAL D 342 -0.19 5.74 51.74
CA VAL D 342 -1.36 4.97 51.25
C VAL D 342 -2.26 5.86 50.43
N MET D 343 -2.35 5.53 49.14
CA MET D 343 -3.00 6.38 48.17
C MET D 343 -3.95 5.58 47.29
N PHE D 344 -4.98 6.24 46.78
CA PHE D 344 -6.09 5.57 46.12
C PHE D 344 -6.19 5.90 44.65
N PHE D 345 -6.78 4.99 43.88
CA PHE D 345 -7.52 5.42 42.72
C PHE D 345 -8.99 5.21 43.04
N GLN D 346 -9.82 6.25 43.04
CA GLN D 346 -9.41 7.65 42.91
C GLN D 346 -10.21 8.46 43.95
N LEU D 347 -10.03 9.79 44.00
CA LEU D 347 -10.68 10.58 45.04
C LEU D 347 -12.18 10.83 44.82
N ARG D 348 -12.59 11.02 43.57
CA ARG D 348 -14.02 11.07 43.24
C ARG D 348 -14.32 10.36 41.92
N ARG D 349 -15.38 9.56 41.91
CA ARG D 349 -15.73 8.71 40.76
C ARG D 349 -15.91 9.46 39.44
N SER D 350 -15.49 8.79 38.36
CA SER D 350 -15.73 9.29 37.02
C SER D 350 -17.16 8.97 36.67
N VAL D 351 -17.60 9.42 35.49
CA VAL D 351 -19.03 9.55 35.20
C VAL D 351 -19.72 8.80 33.99
N GLY D 352 -19.05 8.46 32.89
CA GLY D 352 -17.67 8.74 32.63
C GLY D 352 -16.88 7.63 31.93
N ALA D 353 -17.44 6.95 30.92
CA ALA D 353 -16.68 5.87 30.25
C ALA D 353 -16.34 4.69 31.21
N CYS D 354 -15.24 3.96 30.97
CA CYS D 354 -15.08 2.60 31.54
C CYS D 354 -14.81 2.43 33.03
N GLU D 355 -14.46 3.50 33.73
CA GLU D 355 -14.12 3.38 35.15
C GLU D 355 -15.15 4.02 36.09
N LYS D 356 -16.33 4.33 35.57
CA LYS D 356 -17.40 4.92 36.37
C LYS D 356 -17.87 3.99 37.50
N TYR D 357 -17.67 2.67 37.37
CA TYR D 357 -17.99 1.76 38.46
C TYR D 357 -16.75 1.31 39.23
N HIS D 358 -15.67 2.07 39.10
CA HIS D 358 -14.53 1.93 40.00
C HIS D 358 -14.81 2.75 41.27
N GLY D 359 -14.52 2.18 42.42
CA GLY D 359 -14.70 2.88 43.68
C GLY D 359 -13.85 4.15 43.79
N ALA D 360 -14.29 5.04 44.68
CA ALA D 360 -13.58 6.26 44.99
C ALA D 360 -13.96 6.70 46.40
N VAL D 361 -13.23 7.66 46.95
CA VAL D 361 -13.52 8.19 48.27
C VAL D 361 -14.88 8.92 48.26
N ILE D 362 -15.02 9.86 47.35
CA ILE D 362 -16.31 10.49 47.04
C ILE D 362 -16.94 9.84 45.81
N GLU D 363 -18.16 9.33 45.96
CA GLU D 363 -18.77 8.55 44.91
C GLU D 363 -20.01 9.23 44.27
N HIS D 364 -20.85 8.46 43.59
CA HIS D 364 -21.87 9.07 42.72
C HIS D 364 -22.95 9.86 43.49
N VAL D 365 -23.19 9.49 44.76
CA VAL D 365 -24.14 10.22 45.60
C VAL D 365 -23.65 11.65 45.84
N GLY D 366 -22.32 11.82 45.85
CA GLY D 366 -21.73 13.15 45.97
C GLY D 366 -21.55 13.72 47.38
N HIS D 367 -21.82 12.92 48.41
CA HIS D 367 -21.62 13.38 49.78
C HIS D 367 -20.84 12.35 50.59
N GLU D 368 -20.49 12.73 51.82
CA GLU D 368 -19.59 11.95 52.68
C GLU D 368 -20.30 10.96 53.60
N HIS D 369 -21.62 10.87 53.48
CA HIS D 369 -22.41 10.04 54.40
C HIS D 369 -22.59 8.66 53.82
N THR D 370 -21.51 7.92 53.90
CA THR D 370 -21.35 6.72 53.12
C THR D 370 -20.43 5.78 53.89
N ARG D 371 -20.72 4.48 53.84
CA ARG D 371 -19.86 3.48 54.45
C ARG D 371 -18.41 3.62 53.98
N VAL D 372 -18.20 3.65 52.67
CA VAL D 372 -16.85 3.77 52.11
C VAL D 372 -16.14 5.04 52.59
N PHE D 373 -16.84 6.16 52.53
CA PHE D 373 -16.27 7.41 52.99
C PHE D 373 -15.86 7.37 54.46
N ARG D 374 -16.71 6.81 55.32
CA ARG D 374 -16.40 6.73 56.74
C ARG D 374 -15.13 5.93 56.98
N GLU D 375 -15.04 4.76 56.36
CA GLU D 375 -13.85 3.91 56.51
C GLU D 375 -12.61 4.64 56.02
N CYS D 376 -12.74 5.41 54.94
CA CYS D 376 -11.64 6.24 54.46
C CYS D 376 -11.26 7.33 55.46
N ALA D 377 -12.25 8.04 55.98
CA ALA D 377 -11.97 9.14 56.89
C ALA D 377 -11.34 8.61 58.17
N GLU D 378 -11.76 7.43 58.58
CA GLU D 378 -11.27 6.86 59.83
C GLU D 378 -9.82 6.40 59.67
N LEU D 379 -9.47 5.89 58.50
CA LEU D 379 -8.09 5.53 58.23
C LEU D 379 -7.31 6.84 58.19
N GLY D 380 -7.94 7.87 57.64
CA GLY D 380 -7.29 9.17 57.55
C GLY D 380 -6.87 9.69 58.91
N LYS D 381 -7.77 9.55 59.88
CA LYS D 381 -7.45 10.03 61.23
C LYS D 381 -6.29 9.24 61.82
N GLU D 382 -6.38 7.91 61.78
CA GLU D 382 -5.28 7.06 62.26
C GLU D 382 -3.91 7.48 61.68
N LEU D 383 -3.89 7.74 60.37
CA LEU D 383 -2.66 8.16 59.70
C LEU D 383 -2.12 9.49 60.20
N GLN D 384 -2.99 10.46 60.47
CA GLN D 384 -2.52 11.73 61.00
C GLN D 384 -1.93 11.52 62.39
N GLN D 385 -2.57 10.68 63.17
CA GLN D 385 -2.07 10.42 64.52
C GLN D 385 -0.71 9.69 64.47
N LEU D 386 -0.57 8.68 63.62
CA LEU D 386 0.71 7.97 63.51
C LEU D 386 1.89 8.90 63.26
N GLY D 387 1.65 10.01 62.58
CA GLY D 387 2.73 10.92 62.22
C GLY D 387 3.89 10.26 61.46
N ASP D 388 5.12 10.60 61.85
CA ASP D 388 6.30 10.10 61.15
C ASP D 388 6.82 8.79 61.76
N THR D 389 6.04 8.19 62.65
CA THR D 389 6.54 7.09 63.47
C THR D 389 7.22 5.96 62.68
N ILE D 390 6.54 5.49 61.63
CA ILE D 390 6.96 4.31 60.90
C ILE D 390 7.86 4.65 59.71
N LEU D 391 7.85 5.91 59.28
CA LEU D 391 8.58 6.31 58.08
C LEU D 391 10.00 5.75 58.13
N ASP D 392 10.46 5.27 56.98
CA ASP D 392 11.84 4.79 56.83
C ASP D 392 12.17 3.52 57.61
N ALA D 393 11.19 2.96 58.31
CA ALA D 393 11.39 1.68 58.98
C ALA D 393 11.72 0.62 57.93
N ARG D 394 12.56 -0.35 58.31
CA ARG D 394 13.01 -1.36 57.35
C ARG D 394 12.84 -2.81 57.82
N SER D 395 12.95 -3.74 56.89
CA SER D 395 12.93 -5.15 57.22
C SER D 395 14.31 -5.57 57.69
N GLU D 396 14.35 -6.44 58.70
CA GLU D 396 15.58 -7.07 59.13
C GLU D 396 15.41 -8.59 59.05
N ALA D 397 14.81 -9.02 57.96
CA ALA D 397 14.61 -10.44 57.70
C ALA D 397 15.96 -11.15 57.63
N LYS D 398 15.97 -12.42 58.02
CA LYS D 398 17.17 -13.26 57.95
C LYS D 398 16.90 -14.37 56.97
N VAL D 399 15.74 -14.31 56.34
CA VAL D 399 15.35 -15.27 55.31
C VAL D 399 14.97 -14.51 54.05
N ALA D 400 15.53 -14.91 52.92
CA ALA D 400 15.23 -14.25 51.64
C ALA D 400 14.65 -15.26 50.64
N VAL D 401 13.78 -14.79 49.76
CA VAL D 401 13.37 -15.61 48.64
C VAL D 401 13.51 -14.87 47.32
N MET D 402 14.16 -15.53 46.36
CA MET D 402 14.59 -14.92 45.11
C MET D 402 13.51 -15.00 44.05
N TYR D 403 13.49 -13.99 43.19
CA TYR D 403 12.57 -13.93 42.07
C TYR D 403 13.25 -13.13 40.96
N ASP D 404 13.04 -13.55 39.72
CA ASP D 404 13.73 -12.92 38.58
C ASP D 404 12.89 -12.92 37.31
N TRP D 405 12.78 -11.76 36.67
CA TRP D 405 11.91 -11.64 35.50
C TRP D 405 12.45 -12.38 34.27
N GLU D 406 13.77 -12.39 34.09
CA GLU D 406 14.34 -13.08 32.93
C GLU D 406 14.19 -14.58 33.12
N ASN D 407 14.37 -15.03 34.34
CA ASN D 407 14.13 -16.42 34.67
C ASN D 407 12.68 -16.73 34.32
N ARG D 408 11.78 -15.86 34.76
CA ARG D 408 10.36 -16.00 34.49
C ARG D 408 10.07 -16.03 32.98
N TRP D 409 10.61 -15.07 32.23
CA TRP D 409 10.45 -15.08 30.78
C TRP D 409 10.87 -16.42 30.15
N ALA D 410 12.07 -16.89 30.44
CA ALA D 410 12.52 -18.13 29.81
C ALA D 410 11.65 -19.33 30.20
N LEU D 411 11.24 -19.38 31.47
CA LEU D 411 10.36 -20.47 31.89
C LEU D 411 9.03 -20.40 31.17
N GLU D 412 8.46 -19.19 31.05
CA GLU D 412 7.14 -19.06 30.45
C GLU D 412 7.17 -19.27 28.93
N LEU D 413 8.34 -19.11 28.31
CA LEU D 413 8.48 -19.35 26.88
C LEU D 413 8.93 -20.78 26.59
N SER D 414 9.42 -21.47 27.60
CA SER D 414 9.93 -22.82 27.41
C SER D 414 8.88 -23.76 26.84
N SER D 415 9.30 -24.58 25.89
CA SER D 415 8.45 -25.60 25.30
C SER D 415 8.64 -26.88 26.11
N GLY D 416 7.70 -27.14 27.02
CA GLY D 416 7.90 -28.20 28.00
C GLY D 416 8.72 -27.63 29.15
N PRO D 417 8.88 -28.39 30.23
CA PRO D 417 8.42 -29.76 30.43
C PRO D 417 6.95 -29.91 30.82
N SER D 418 6.27 -28.83 31.23
CA SER D 418 4.87 -28.96 31.65
C SER D 418 4.12 -27.64 31.67
N ILE D 419 2.91 -27.64 31.10
CA ILE D 419 2.05 -26.45 31.15
C ILE D 419 1.48 -26.23 32.55
N ALA D 420 1.63 -27.24 33.41
CA ALA D 420 1.23 -27.14 34.81
C ALA D 420 2.28 -26.46 35.68
N LEU D 421 3.49 -26.29 35.15
CA LEU D 421 4.52 -25.55 35.86
C LEU D 421 4.22 -24.04 35.80
N ASN D 422 4.05 -23.44 36.97
CA ASN D 422 3.79 -22.02 37.04
C ASN D 422 4.79 -21.39 38.02
N TYR D 423 5.69 -20.57 37.49
CA TYR D 423 6.84 -20.09 38.24
C TYR D 423 6.44 -19.29 39.47
N VAL D 424 5.61 -18.28 39.26
CA VAL D 424 5.13 -17.47 40.37
C VAL D 424 4.41 -18.33 41.41
N ASN D 425 3.63 -19.33 40.97
CA ASN D 425 2.94 -20.19 41.92
C ASN D 425 3.94 -20.96 42.80
N GLU D 426 5.04 -21.42 42.20
CA GLU D 426 6.07 -22.11 42.96
C GLU D 426 6.76 -21.15 43.93
N VAL D 427 7.10 -19.95 43.48
CA VAL D 427 7.71 -18.99 44.37
C VAL D 427 6.77 -18.73 45.55
N HIS D 428 5.49 -18.62 45.26
CA HIS D 428 4.51 -18.34 46.30
C HIS D 428 4.37 -19.50 47.30
N LYS D 429 4.49 -20.74 46.83
CA LYS D 429 4.39 -21.88 47.72
C LYS D 429 5.42 -21.76 48.87
N TYR D 430 6.63 -21.37 48.54
CA TYR D 430 7.66 -21.18 49.57
C TYR D 430 7.41 -19.93 50.42
N TYR D 431 7.02 -18.83 49.78
CA TYR D 431 6.71 -17.61 50.51
C TYR D 431 5.54 -17.82 51.46
N ASP D 432 4.54 -18.57 51.01
CA ASP D 432 3.34 -18.79 51.80
C ASP D 432 3.72 -19.51 53.08
N ALA D 433 4.59 -20.50 52.94
CA ALA D 433 5.03 -21.31 54.08
C ALA D 433 5.68 -20.46 55.16
N LEU D 434 6.48 -19.49 54.75
CA LEU D 434 7.12 -18.54 55.66
C LEU D 434 6.09 -17.60 56.31
N TYR D 435 5.16 -17.13 55.49
CA TYR D 435 4.11 -16.23 55.91
C TYR D 435 3.29 -16.85 57.02
N LYS D 436 2.93 -18.12 56.81
CA LYS D 436 2.11 -18.84 57.78
C LYS D 436 2.76 -19.00 59.17
N GLN D 437 4.07 -18.78 59.24
CA GLN D 437 4.80 -18.97 60.50
C GLN D 437 5.34 -17.64 61.00
N ASN D 438 5.01 -16.56 60.29
CA ASN D 438 5.48 -15.23 60.66
C ASN D 438 6.99 -15.13 60.70
N ILE D 439 7.64 -15.83 59.78
CA ILE D 439 9.08 -15.67 59.64
C ILE D 439 9.30 -14.46 58.75
N GLN D 440 9.93 -13.43 59.28
CA GLN D 440 10.17 -12.22 58.52
C GLN D 440 11.00 -12.58 57.28
N THR D 441 10.51 -12.23 56.10
CA THR D 441 11.30 -12.53 54.91
C THR D 441 11.34 -11.40 53.89
N ASP D 442 12.42 -11.37 53.12
CA ASP D 442 12.57 -10.44 52.02
C ASP D 442 12.47 -11.15 50.68
N MET D 443 11.59 -10.67 49.81
CA MET D 443 11.67 -11.01 48.40
C MET D 443 12.87 -10.27 47.85
N ILE D 444 13.76 -10.98 47.15
CA ILE D 444 14.99 -10.36 46.66
C ILE D 444 15.33 -10.72 45.21
N SER D 445 16.19 -9.93 44.59
CA SER D 445 16.67 -10.24 43.26
C SER D 445 17.79 -11.28 43.34
N VAL D 446 18.10 -11.91 42.21
CA VAL D 446 19.16 -12.92 42.19
C VAL D 446 20.54 -12.31 42.41
N GLU D 447 20.60 -10.98 42.38
CA GLU D 447 21.87 -10.27 42.54
C GLU D 447 22.04 -9.56 43.88
N GLU D 448 21.07 -9.70 44.78
CA GLU D 448 21.15 -9.04 46.07
C GLU D 448 22.38 -9.55 46.82
N ASP D 449 23.03 -8.66 47.56
CA ASP D 449 24.06 -9.07 48.53
C ASP D 449 23.43 -10.05 49.51
N LEU D 450 24.04 -11.23 49.63
CA LEU D 450 23.42 -12.32 50.38
C LEU D 450 23.83 -12.36 51.85
N SER D 451 24.83 -11.57 52.21
CA SER D 451 25.46 -11.66 53.53
C SER D 451 24.56 -11.28 54.72
N LYS D 452 23.53 -10.48 54.48
CA LYS D 452 22.61 -10.15 55.56
C LYS D 452 21.66 -11.29 55.87
N TYR D 453 21.68 -12.34 55.05
CA TYR D 453 20.71 -13.42 55.21
C TYR D 453 21.32 -14.70 55.78
N LYS D 454 20.45 -15.56 56.31
CA LYS D 454 20.84 -16.87 56.82
C LYS D 454 20.19 -18.00 56.03
N VAL D 455 19.03 -17.73 55.45
CA VAL D 455 18.37 -18.68 54.60
C VAL D 455 17.98 -18.00 53.30
N VAL D 456 18.50 -18.50 52.19
CA VAL D 456 18.16 -17.96 50.88
C VAL D 456 17.50 -19.07 50.07
N ILE D 457 16.30 -18.81 49.59
CA ILE D 457 15.51 -19.80 48.86
C ILE D 457 15.30 -19.35 47.41
N ALA D 458 15.63 -20.23 46.47
CA ALA D 458 15.54 -19.92 45.04
C ALA D 458 14.72 -20.98 44.31
N PRO D 459 13.38 -20.85 44.35
CA PRO D 459 12.48 -21.83 43.73
C PRO D 459 12.58 -21.76 42.20
N VAL D 460 12.69 -22.92 41.56
CA VAL D 460 12.84 -23.02 40.12
C VAL D 460 13.76 -21.91 39.57
N MET D 461 15.02 -21.96 39.98
CA MET D 461 16.02 -21.03 39.45
C MET D 461 16.55 -21.63 38.14
N TYR D 462 15.65 -21.70 37.16
CA TYR D 462 15.90 -22.31 35.86
C TYR D 462 17.11 -21.72 35.17
N MET D 463 17.18 -20.39 35.15
CA MET D 463 18.29 -19.66 34.54
C MET D 463 19.31 -19.22 35.58
N VAL D 464 20.56 -19.59 35.36
CA VAL D 464 21.66 -19.17 36.21
C VAL D 464 22.51 -18.17 35.46
N LYS D 465 22.45 -16.92 35.88
CA LYS D 465 23.16 -15.84 35.23
C LYS D 465 24.61 -15.81 35.70
N PRO D 466 25.47 -15.02 35.02
CA PRO D 466 26.88 -14.96 35.38
C PRO D 466 27.08 -14.44 36.80
N GLY D 467 27.99 -15.06 37.54
CA GLY D 467 28.30 -14.61 38.89
C GLY D 467 27.38 -15.21 39.93
N PHE D 468 26.23 -15.74 39.49
CA PHE D 468 25.24 -16.26 40.42
C PHE D 468 25.73 -17.47 41.22
N ALA D 469 26.17 -18.50 40.51
CA ALA D 469 26.59 -19.73 41.17
C ALA D 469 27.68 -19.43 42.20
N GLU D 470 28.61 -18.57 41.83
CA GLU D 470 29.75 -18.22 42.66
C GLU D 470 29.28 -17.48 43.91
N ARG D 471 28.40 -16.51 43.71
CA ARG D 471 27.83 -15.74 44.80
C ARG D 471 27.10 -16.65 45.82
N VAL D 472 26.34 -17.64 45.37
CA VAL D 472 25.71 -18.52 46.35
C VAL D 472 26.67 -19.53 46.96
N GLU D 473 27.67 -19.99 46.20
CA GLU D 473 28.68 -20.89 46.75
C GLU D 473 29.38 -20.22 47.92
N ARG D 474 29.75 -18.96 47.75
CA ARG D 474 30.41 -18.21 48.80
C ARG D 474 29.50 -18.03 50.02
N PHE D 475 28.23 -17.73 49.77
CA PHE D 475 27.22 -17.58 50.82
C PHE D 475 27.04 -18.86 51.63
N VAL D 476 26.87 -19.98 50.94
CA VAL D 476 26.70 -21.26 51.62
C VAL D 476 27.98 -21.63 52.36
N ALA D 477 29.13 -21.41 51.73
CA ALA D 477 30.41 -21.69 52.37
C ALA D 477 30.63 -20.90 53.66
N GLN D 478 30.12 -19.67 53.70
CA GLN D 478 30.32 -18.82 54.88
C GLN D 478 29.33 -19.12 56.00
N GLY D 479 28.47 -20.11 55.80
CA GLY D 479 27.57 -20.50 56.86
C GLY D 479 26.10 -20.41 56.53
N GLY D 480 25.78 -19.81 55.39
CA GLY D 480 24.39 -19.66 54.99
C GLY D 480 23.75 -20.95 54.52
N THR D 481 22.41 -21.00 54.52
CA THR D 481 21.74 -22.12 53.90
C THR D 481 20.99 -21.71 52.64
N PHE D 482 21.16 -22.50 51.59
CA PHE D 482 20.56 -22.20 50.29
C PHE D 482 19.62 -23.32 49.91
N VAL D 483 18.45 -22.97 49.38
CA VAL D 483 17.49 -23.96 48.93
C VAL D 483 17.15 -23.73 47.46
N THR D 484 17.09 -24.79 46.68
CA THR D 484 16.61 -24.71 45.31
C THR D 484 15.89 -25.99 44.96
N THR D 485 15.36 -26.06 43.74
CA THR D 485 14.38 -27.08 43.43
C THR D 485 14.63 -27.77 42.09
N PHE D 486 13.76 -28.71 41.76
CA PHE D 486 13.72 -29.30 40.43
C PHE D 486 13.77 -28.22 39.36
N PHE D 487 14.37 -28.56 38.21
CA PHE D 487 14.42 -27.66 37.05
C PHE D 487 15.14 -26.33 37.32
N SER D 488 16.22 -26.40 38.08
CA SER D 488 17.02 -25.23 38.36
C SER D 488 18.44 -25.48 37.86
N GLY D 489 19.15 -24.41 37.52
CA GLY D 489 20.49 -24.52 36.99
C GLY D 489 20.54 -25.14 35.61
N ILE D 490 19.49 -24.90 34.81
CA ILE D 490 19.42 -25.58 33.52
C ILE D 490 20.06 -24.77 32.42
N VAL D 491 19.83 -23.47 32.41
CA VAL D 491 20.31 -22.63 31.32
C VAL D 491 21.10 -21.43 31.80
N ASN D 492 21.75 -20.76 30.85
CA ASN D 492 22.40 -19.49 31.10
C ASN D 492 21.50 -18.34 30.65
N GLU D 493 22.04 -17.13 30.57
CA GLU D 493 21.23 -15.95 30.26
C GLU D 493 20.68 -15.89 28.82
N ASN D 494 21.11 -16.80 27.95
CA ASN D 494 20.50 -16.90 26.62
C ASN D 494 19.62 -18.12 26.47
N ASP D 495 19.22 -18.70 27.59
CA ASP D 495 18.38 -19.89 27.56
C ASP D 495 19.08 -21.02 26.83
N LEU D 496 20.41 -21.03 26.90
CA LEU D 496 21.20 -22.16 26.40
C LEU D 496 21.51 -23.15 27.54
N VAL D 497 21.31 -24.44 27.25
CA VAL D 497 21.47 -25.46 28.27
C VAL D 497 22.92 -25.59 28.73
N THR D 498 23.13 -25.49 30.03
CA THR D 498 24.46 -25.76 30.59
C THR D 498 24.64 -27.27 30.56
N LEU D 499 25.58 -27.71 29.75
CA LEU D 499 25.77 -29.14 29.49
C LEU D 499 26.55 -29.80 30.62
N GLY D 500 26.48 -31.12 30.69
CA GLY D 500 27.31 -31.86 31.64
C GLY D 500 26.56 -32.45 32.81
N GLY D 501 25.26 -32.16 32.91
CA GLY D 501 24.43 -32.68 33.98
C GLY D 501 23.77 -31.58 34.81
N TYR D 502 22.45 -31.67 34.96
CA TYR D 502 21.71 -30.76 35.82
C TYR D 502 22.14 -31.05 37.27
N PRO D 503 22.20 -30.01 38.14
CA PRO D 503 21.86 -28.61 37.88
C PRO D 503 23.04 -27.73 37.48
N GLY D 504 23.88 -28.24 36.58
CA GLY D 504 24.92 -27.44 35.94
C GLY D 504 25.88 -26.74 36.88
N GLU D 505 25.86 -25.42 36.84
CA GLU D 505 26.73 -24.61 37.69
C GLU D 505 26.44 -24.72 39.19
N LEU D 506 25.31 -25.34 39.55
CA LEU D 506 24.93 -25.50 40.95
C LEU D 506 25.14 -26.95 41.40
N ARG D 507 25.68 -27.77 40.51
CA ARG D 507 25.86 -29.18 40.84
C ARG D 507 26.81 -29.36 42.03
N ASN D 508 27.89 -28.60 42.06
CA ASN D 508 28.84 -28.66 43.17
C ASN D 508 28.16 -28.33 44.50
N VAL D 509 27.55 -27.16 44.59
CA VAL D 509 27.00 -26.71 45.86
C VAL D 509 25.82 -27.57 46.31
N MET D 510 25.05 -28.10 45.37
CA MET D 510 23.88 -28.89 45.72
C MET D 510 24.21 -30.36 46.03
N GLY D 511 25.34 -30.83 45.50
CA GLY D 511 25.79 -32.17 45.80
C GLY D 511 24.98 -33.27 45.17
N ILE D 512 24.24 -32.95 44.12
CA ILE D 512 23.39 -33.94 43.46
C ILE D 512 23.44 -33.78 41.95
N TRP D 513 23.22 -34.88 41.24
CA TRP D 513 23.11 -34.85 39.79
C TRP D 513 21.68 -35.24 39.43
N ALA D 514 20.97 -34.33 38.78
CA ALA D 514 19.63 -34.63 38.32
C ALA D 514 19.67 -35.23 36.91
N GLU D 515 19.25 -36.49 36.78
CA GLU D 515 19.39 -37.22 35.54
C GLU D 515 18.33 -36.83 34.51
N GLU D 516 17.07 -36.86 34.92
CA GLU D 516 15.96 -36.56 34.03
C GLU D 516 14.80 -36.06 34.87
N ILE D 517 13.84 -35.40 34.22
CA ILE D 517 12.70 -34.88 34.94
C ILE D 517 11.40 -35.46 34.34
N ASP D 518 10.45 -35.81 35.21
CA ASP D 518 9.19 -36.40 34.77
C ASP D 518 8.01 -35.46 35.00
N ALA D 519 7.25 -35.17 33.94
CA ALA D 519 6.05 -34.34 34.07
C ALA D 519 4.83 -35.18 34.43
N LEU D 520 4.17 -34.85 35.51
CA LEU D 520 2.97 -35.58 35.90
C LEU D 520 1.74 -35.07 35.15
N LEU D 521 0.84 -35.98 34.79
CA LEU D 521 -0.44 -35.60 34.22
C LEU D 521 -1.32 -35.03 35.31
N PRO D 522 -2.29 -34.18 34.94
CA PRO D 522 -3.13 -33.56 35.98
C PRO D 522 -3.82 -34.60 36.86
N GLY D 523 -3.94 -34.29 38.14
CA GLY D 523 -4.55 -35.20 39.08
C GLY D 523 -3.66 -36.37 39.48
N HIS D 524 -2.41 -36.38 39.01
CA HIS D 524 -1.47 -37.43 39.43
C HIS D 524 -0.47 -36.86 40.42
N GLN D 525 -0.09 -37.68 41.39
CA GLN D 525 0.89 -37.24 42.38
C GLN D 525 1.85 -38.34 42.76
N ASN D 526 2.93 -37.95 43.43
CA ASN D 526 3.83 -38.90 44.07
C ASN D 526 3.84 -38.57 45.58
N GLU D 527 4.69 -39.24 46.33
CA GLU D 527 4.78 -38.95 47.76
C GLU D 527 6.22 -38.78 48.22
N ILE D 528 6.40 -37.90 49.19
CA ILE D 528 7.68 -37.71 49.83
C ILE D 528 7.71 -38.56 51.10
N VAL D 529 8.68 -39.46 51.19
CA VAL D 529 8.77 -40.37 52.32
C VAL D 529 10.07 -40.14 53.07
N LEU D 530 9.98 -39.59 54.28
CA LEU D 530 11.18 -39.36 55.06
C LEU D 530 11.89 -40.65 55.50
N ARG D 531 13.21 -40.62 55.47
CA ARG D 531 14.02 -41.77 55.91
C ARG D 531 13.73 -42.06 57.38
N GLN D 532 13.72 -40.99 58.17
CA GLN D 532 13.48 -41.04 59.60
C GLN D 532 13.01 -39.66 59.99
N ASP D 533 12.37 -39.55 61.16
CA ASP D 533 11.91 -38.25 61.63
C ASP D 533 13.06 -37.25 61.56
N TRP D 534 12.75 -36.02 61.16
CA TRP D 534 13.72 -34.93 61.14
C TRP D 534 12.97 -33.64 61.44
N GLY D 535 13.13 -33.12 62.65
CA GLY D 535 12.40 -31.94 63.08
C GLY D 535 10.90 -32.12 62.96
N GLY D 536 10.24 -31.15 62.31
CA GLY D 536 8.80 -31.19 62.13
C GLY D 536 8.40 -31.96 60.89
N LEU D 537 9.36 -32.72 60.35
CA LEU D 537 9.15 -33.44 59.13
C LEU D 537 9.13 -34.94 59.46
N ARG D 538 8.05 -35.61 59.10
CA ARG D 538 7.82 -36.96 59.61
C ARG D 538 6.82 -37.76 58.77
N GLY D 539 7.24 -38.93 58.31
CA GLY D 539 6.38 -39.82 57.57
C GLY D 539 6.28 -39.49 56.09
N SER D 540 5.05 -39.45 55.58
CA SER D 540 4.81 -39.16 54.18
C SER D 540 4.05 -37.84 53.93
N TYR D 541 4.39 -37.19 52.83
CA TYR D 541 3.72 -35.99 52.37
C TYR D 541 3.53 -36.19 50.87
N SER D 542 2.71 -35.37 50.24
CA SER D 542 2.50 -35.53 48.81
C SER D 542 3.25 -34.46 48.01
N CYS D 543 3.51 -34.77 46.76
CA CYS D 543 4.16 -33.82 45.85
C CYS D 543 3.62 -34.03 44.45
N GLY D 544 3.81 -33.05 43.58
CA GLY D 544 3.29 -33.17 42.22
C GLY D 544 3.90 -32.26 41.16
N ILE D 545 3.18 -32.13 40.04
CA ILE D 545 3.60 -31.29 38.92
C ILE D 545 4.84 -31.83 38.19
N LEU D 546 6.00 -31.74 38.82
CA LEU D 546 7.22 -32.29 38.22
C LEU D 546 8.02 -33.10 39.24
N CYS D 547 8.64 -34.19 38.79
CA CYS D 547 9.52 -34.97 39.65
C CYS D 547 10.89 -35.12 39.02
N ASP D 548 11.88 -34.49 39.66
CA ASP D 548 13.27 -34.66 39.27
C ASP D 548 13.78 -36.02 39.74
N VAL D 549 14.42 -36.77 38.85
CA VAL D 549 15.05 -38.04 39.24
C VAL D 549 16.54 -37.80 39.41
N ILE D 550 17.02 -37.91 40.64
CA ILE D 550 18.38 -37.45 40.97
C ILE D 550 19.26 -38.50 41.65
N HIS D 551 20.56 -38.24 41.68
CA HIS D 551 21.50 -39.13 42.33
C HIS D 551 22.27 -38.33 43.36
N ALA D 552 22.38 -38.85 44.57
CA ALA D 552 23.15 -38.15 45.58
C ALA D 552 24.64 -38.38 45.33
N GLU D 553 25.39 -37.29 45.22
CA GLU D 553 26.82 -37.39 45.03
C GLU D 553 27.54 -37.09 46.33
N THR D 554 27.37 -35.87 46.83
CA THR D 554 27.99 -35.46 48.10
C THR D 554 26.94 -35.30 49.19
N ALA D 555 25.68 -35.23 48.78
CA ALA D 555 24.61 -34.86 49.68
C ALA D 555 23.97 -36.07 50.34
N GLU D 556 23.51 -35.86 51.56
CA GLU D 556 22.80 -36.87 52.34
C GLU D 556 21.35 -36.87 51.86
N VAL D 557 20.74 -38.05 51.77
CA VAL D 557 19.36 -38.18 51.37
C VAL D 557 18.46 -38.12 52.60
N LEU D 558 17.57 -37.14 52.63
CA LEU D 558 16.61 -36.98 53.73
C LEU D 558 15.23 -37.60 53.45
N ALA D 559 14.87 -37.77 52.18
CA ALA D 559 13.54 -38.32 51.81
C ALA D 559 13.56 -38.90 50.41
N GLU D 560 12.64 -39.81 50.14
CA GLU D 560 12.64 -40.58 48.91
C GLU D 560 11.25 -40.57 48.30
N TYR D 561 11.16 -40.80 46.99
CA TYR D 561 9.86 -40.94 46.35
C TYR D 561 9.19 -42.20 46.83
N GLY D 562 7.88 -42.14 47.07
CA GLY D 562 7.16 -43.29 47.54
C GLY D 562 6.61 -44.17 46.43
N ALA D 563 6.57 -43.65 45.20
CA ALA D 563 5.93 -44.38 44.11
C ALA D 563 6.52 -44.16 42.71
N ASP D 564 5.99 -44.92 41.75
CA ASP D 564 6.37 -44.83 40.36
C ASP D 564 7.71 -45.49 40.09
N TYR D 565 8.23 -45.31 38.88
CA TYR D 565 9.44 -46.02 38.50
C TYR D 565 10.70 -45.48 39.20
N TYR D 566 10.61 -44.27 39.73
CA TYR D 566 11.72 -43.73 40.52
C TYR D 566 11.50 -43.87 42.03
N LYS D 567 10.61 -44.79 42.41
CA LYS D 567 10.41 -45.08 43.82
C LYS D 567 11.74 -45.37 44.50
N GLY D 568 11.92 -44.82 45.70
CA GLY D 568 13.11 -45.11 46.49
C GLY D 568 14.32 -44.24 46.15
N THR D 569 14.17 -43.36 45.17
CA THR D 569 15.25 -42.43 44.81
C THR D 569 15.04 -41.09 45.53
N PRO D 570 16.11 -40.28 45.64
CA PRO D 570 16.07 -39.10 46.52
C PRO D 570 15.10 -38.01 46.05
N VAL D 571 14.33 -37.44 46.97
CA VAL D 571 13.45 -36.32 46.65
C VAL D 571 13.74 -35.10 47.52
N LEU D 572 14.36 -35.32 48.68
CA LEU D 572 14.90 -34.23 49.49
C LEU D 572 16.33 -34.55 49.90
N THR D 573 17.27 -33.67 49.57
CA THR D 573 18.66 -33.92 49.91
C THR D 573 19.24 -32.72 50.63
N ARG D 574 20.27 -32.96 51.41
CA ARG D 574 20.96 -31.89 52.11
C ARG D 574 22.45 -32.05 51.89
N ASN D 575 23.09 -30.96 51.49
CA ASN D 575 24.51 -30.97 51.27
C ASN D 575 25.22 -29.99 52.17
N LYS D 576 26.13 -30.50 52.99
CA LYS D 576 27.02 -29.66 53.77
C LYS D 576 28.11 -29.12 52.85
N PHE D 577 28.36 -27.81 52.93
CA PHE D 577 29.24 -27.16 51.95
C PHE D 577 29.90 -25.99 52.66
N GLY D 578 31.20 -26.13 52.93
CA GLY D 578 31.87 -25.20 53.83
C GLY D 578 31.11 -25.23 55.15
N ASN D 579 30.83 -24.07 55.73
CA ASN D 579 30.14 -24.06 57.01
C ASN D 579 28.62 -24.05 56.90
N GLY D 580 28.12 -23.91 55.68
CA GLY D 580 26.70 -23.91 55.43
C GLY D 580 26.12 -25.20 54.89
N GLN D 581 24.91 -25.10 54.36
CA GLN D 581 24.15 -26.25 53.91
C GLN D 581 23.27 -25.83 52.75
N SER D 582 23.03 -26.74 51.83
CA SER D 582 22.12 -26.49 50.73
C SER D 582 21.10 -27.62 50.65
N TYR D 583 19.84 -27.29 50.36
CA TYR D 583 18.81 -28.30 50.22
C TYR D 583 18.19 -28.30 48.82
N TYR D 584 18.09 -29.49 48.24
CA TYR D 584 17.45 -29.66 46.95
C TYR D 584 16.12 -30.35 47.12
N VAL D 585 15.06 -29.71 46.63
CA VAL D 585 13.71 -30.26 46.70
C VAL D 585 13.30 -30.68 45.29
N ALA D 586 13.25 -31.99 45.04
CA ALA D 586 13.16 -32.49 43.67
C ALA D 586 11.76 -32.54 43.07
N SER D 587 10.76 -32.08 43.81
CA SER D 587 9.38 -32.05 43.33
C SER D 587 8.64 -30.87 43.93
N SER D 588 7.36 -30.74 43.61
CA SER D 588 6.56 -29.66 44.16
C SER D 588 5.73 -30.23 45.29
N PRO D 589 6.17 -29.99 46.53
CA PRO D 589 5.62 -30.57 47.75
C PRO D 589 4.37 -29.86 48.23
N ASP D 590 3.52 -30.56 48.99
CA ASP D 590 2.32 -29.92 49.55
C ASP D 590 2.68 -28.93 50.65
N ALA D 591 1.68 -28.20 51.13
CA ALA D 591 1.95 -27.13 52.09
C ALA D 591 2.39 -27.67 53.46
N ASP D 592 2.03 -28.90 53.79
CA ASP D 592 2.43 -29.45 55.07
C ASP D 592 3.92 -29.74 55.04
N PHE D 593 4.37 -30.35 53.95
CA PHE D 593 5.79 -30.64 53.81
C PHE D 593 6.57 -29.35 53.95
N LEU D 594 6.18 -28.36 53.15
CA LEU D 594 6.84 -27.07 53.19
C LEU D 594 6.82 -26.40 54.58
N GLN D 595 5.73 -26.59 55.32
CA GLN D 595 5.67 -26.09 56.69
C GLN D 595 6.83 -26.63 57.53
N GLY D 596 6.98 -27.95 57.57
CA GLY D 596 8.06 -28.57 58.31
C GLY D 596 9.46 -28.25 57.80
N LEU D 597 9.61 -28.16 56.48
CA LEU D 597 10.90 -27.82 55.88
C LEU D 597 11.33 -26.44 56.30
N ILE D 598 10.44 -25.47 56.08
CA ILE D 598 10.71 -24.10 56.52
C ILE D 598 11.04 -24.04 58.00
N ALA D 599 10.26 -24.72 58.82
CA ALA D 599 10.46 -24.66 60.27
C ALA D 599 11.83 -25.24 60.62
N ASN D 600 12.18 -26.37 60.01
CA ASN D 600 13.50 -26.95 60.20
C ASN D 600 14.61 -25.99 59.79
N LEU D 601 14.52 -25.46 58.58
CA LEU D 601 15.57 -24.59 58.05
C LEU D 601 15.80 -23.37 58.94
N CYS D 602 14.72 -22.79 59.45
CA CYS D 602 14.83 -21.65 60.33
C CYS D 602 15.41 -22.04 61.70
N GLU D 603 14.95 -23.16 62.22
CA GLU D 603 15.44 -23.64 63.50
C GLU D 603 16.96 -23.81 63.38
N GLU D 604 17.39 -24.50 62.32
CA GLU D 604 18.81 -24.78 62.08
C GLU D 604 19.68 -23.54 62.11
N GLN D 605 19.14 -22.41 61.68
CA GLN D 605 19.91 -21.17 61.68
C GLN D 605 19.52 -20.25 62.84
N GLY D 606 18.72 -20.76 63.76
CA GLY D 606 18.31 -19.94 64.89
C GLY D 606 17.47 -18.73 64.50
N VAL D 607 16.69 -18.87 63.44
CA VAL D 607 15.74 -17.80 63.11
C VAL D 607 14.37 -18.22 63.61
N LYS D 608 13.68 -17.28 64.26
CA LYS D 608 12.45 -17.62 64.94
C LYS D 608 11.28 -16.72 64.53
N PRO D 609 10.06 -17.28 64.55
CA PRO D 609 8.85 -16.52 64.27
C PRO D 609 8.82 -15.18 64.99
N LEU D 610 8.30 -14.16 64.33
CA LEU D 610 8.04 -12.87 64.95
C LEU D 610 7.12 -13.05 66.15
N LEU D 611 6.12 -13.90 65.98
CA LEU D 611 5.08 -14.11 66.96
C LEU D 611 4.36 -15.39 66.58
N ASN D 612 3.72 -16.05 67.54
CA ASN D 612 2.85 -17.17 67.20
C ASN D 612 1.41 -16.70 67.22
N THR D 613 0.67 -17.01 66.15
CA THR D 613 -0.67 -16.48 65.98
C THR D 613 -1.56 -17.52 65.34
N PRO D 614 -2.88 -17.38 65.51
CA PRO D 614 -3.76 -18.34 64.82
C PRO D 614 -3.65 -18.12 63.32
N ASP D 615 -4.14 -19.08 62.53
CA ASP D 615 -4.17 -18.94 61.08
C ASP D 615 -4.96 -17.69 60.69
N GLY D 616 -4.45 -16.96 59.70
CA GLY D 616 -5.12 -15.76 59.21
C GLY D 616 -4.64 -14.50 59.88
N VAL D 617 -3.88 -14.68 60.96
CA VAL D 617 -3.33 -13.54 61.64
C VAL D 617 -1.91 -13.33 61.16
N GLU D 618 -1.71 -12.32 60.34
CA GLU D 618 -0.42 -12.11 59.72
C GLU D 618 0.42 -11.19 60.59
N VAL D 619 1.68 -11.55 60.80
CA VAL D 619 2.60 -10.68 61.53
C VAL D 619 3.84 -10.40 60.69
N ALA D 620 4.19 -9.12 60.58
CA ALA D 620 5.38 -8.71 59.87
C ALA D 620 6.00 -7.57 60.65
N GLU D 621 7.27 -7.29 60.41
CA GLU D 621 7.98 -6.34 61.23
C GLU D 621 8.73 -5.30 60.42
N ARG D 622 8.69 -4.05 60.85
CA ARG D 622 9.57 -3.03 60.33
C ARG D 622 10.37 -2.44 61.48
N VAL D 623 11.65 -2.14 61.24
CA VAL D 623 12.54 -1.72 62.30
C VAL D 623 13.13 -0.35 62.03
N LYS D 624 13.12 0.52 63.04
CA LYS D 624 13.63 1.86 62.88
C LYS D 624 14.66 2.18 63.97
N ASN D 625 15.93 2.24 63.58
CA ASN D 625 17.02 2.37 64.55
C ASN D 625 17.02 1.26 65.62
N GLY D 626 16.60 1.60 66.83
CA GLY D 626 16.47 0.60 67.87
C GLY D 626 15.07 0.01 68.07
N THR D 627 14.07 0.54 67.36
CA THR D 627 12.67 0.20 67.65
C THR D 627 12.03 -0.81 66.68
N SER D 628 11.37 -1.82 67.24
CA SER D 628 10.67 -2.83 66.44
C SER D 628 9.17 -2.61 66.37
N TYR D 629 8.65 -2.42 65.17
CA TYR D 629 7.21 -2.29 64.97
C TYR D 629 6.59 -3.58 64.43
N LEU D 630 5.83 -4.28 65.26
CA LEU D 630 5.14 -5.49 64.82
C LEU D 630 3.72 -5.19 64.33
N PHE D 631 3.50 -5.38 63.04
CA PHE D 631 2.18 -5.21 62.46
C PHE D 631 1.43 -6.52 62.59
N VAL D 632 0.30 -6.48 63.29
CA VAL D 632 -0.51 -7.68 63.46
C VAL D 632 -1.82 -7.46 62.74
N MET D 633 -2.15 -8.38 61.85
CA MET D 633 -3.23 -8.16 60.91
C MET D 633 -4.11 -9.37 60.82
N ASN D 634 -5.35 -9.20 61.28
CA ASN D 634 -6.28 -10.31 61.34
C ASN D 634 -7.17 -10.36 60.12
N HIS D 635 -6.81 -11.23 59.19
CA HIS D 635 -7.58 -11.40 57.96
C HIS D 635 -8.86 -12.20 58.20
N ASN D 636 -9.02 -12.74 59.42
CA ASN D 636 -10.20 -13.54 59.75
C ASN D 636 -11.42 -12.68 60.00
N ALA D 637 -12.59 -13.24 59.73
CA ALA D 637 -13.85 -12.53 59.88
C ALA D 637 -14.34 -12.67 61.31
N GLU D 638 -13.58 -13.41 62.10
CA GLU D 638 -13.86 -13.55 63.53
C GLU D 638 -12.76 -12.90 64.34
N GLU D 639 -13.08 -12.55 65.57
CA GLU D 639 -12.13 -11.99 66.52
C GLU D 639 -11.10 -13.05 66.88
N MET D 640 -9.88 -12.63 67.18
CA MET D 640 -8.79 -13.58 67.39
C MET D 640 -7.93 -13.25 68.61
N THR D 641 -7.37 -14.30 69.23
CA THR D 641 -6.60 -14.14 70.47
C THR D 641 -5.22 -14.76 70.33
N PHE D 642 -4.19 -14.03 70.78
CA PHE D 642 -2.83 -14.52 70.62
C PHE D 642 -1.94 -14.04 71.77
N ASP D 643 -0.83 -14.74 71.96
CA ASP D 643 0.15 -14.34 72.97
C ASP D 643 1.12 -13.30 72.41
N ALA D 644 0.99 -12.07 72.88
CA ALA D 644 1.81 -10.98 72.37
C ALA D 644 3.17 -10.96 73.04
N GLY D 645 3.43 -11.94 73.89
CA GLY D 645 4.65 -11.94 74.69
C GLY D 645 4.52 -10.95 75.84
N ALA D 646 5.52 -10.91 76.71
CA ALA D 646 5.40 -10.13 77.94
C ALA D 646 6.38 -8.96 78.07
N SER D 647 6.91 -8.46 76.96
CA SER D 647 7.77 -7.29 77.02
C SER D 647 6.95 -6.00 77.13
N ARG D 648 7.64 -4.87 77.16
CA ARG D 648 7.00 -3.57 77.36
C ARG D 648 6.68 -2.91 76.03
N GLN D 649 5.42 -3.05 75.61
CA GLN D 649 5.00 -2.61 74.28
C GLN D 649 3.61 -1.99 74.29
N ARG D 650 3.39 -1.08 73.34
CA ARG D 650 2.06 -0.51 73.17
C ARG D 650 1.56 -0.65 71.73
N ASP D 651 0.25 -0.79 71.59
CA ASP D 651 -0.42 -0.76 70.30
C ASP D 651 -0.56 0.68 69.83
N LEU D 652 0.24 1.08 68.86
CA LEU D 652 0.26 2.47 68.41
C LEU D 652 -1.14 2.98 68.03
N LEU D 653 -2.04 2.07 67.64
CA LEU D 653 -3.34 2.46 67.12
C LEU D 653 -4.40 2.66 68.20
N THR D 654 -4.28 1.95 69.33
CA THR D 654 -5.18 2.17 70.48
C THR D 654 -4.52 3.05 71.53
N GLY D 655 -3.20 3.07 71.57
CA GLY D 655 -2.45 3.77 72.60
C GLY D 655 -2.23 2.91 73.84
N LYS D 656 -2.97 1.80 73.92
CA LYS D 656 -2.98 0.96 75.12
C LYS D 656 -1.76 0.04 75.24
N THR D 657 -1.31 -0.17 76.47
CA THR D 657 -0.25 -1.12 76.73
C THR D 657 -0.73 -2.54 76.50
N ILE D 658 0.10 -3.34 75.83
CA ILE D 658 -0.24 -4.73 75.55
C ILE D 658 0.81 -5.65 76.17
N SER D 659 0.37 -6.81 76.65
CA SER D 659 1.26 -7.77 77.31
C SER D 659 0.55 -9.10 77.53
N GLY D 660 1.24 -10.19 77.26
CA GLY D 660 0.63 -11.51 77.33
C GLY D 660 -0.54 -11.60 76.39
N GLN D 661 -1.60 -12.30 76.80
CA GLN D 661 -2.75 -12.51 75.93
C GLN D 661 -3.42 -11.23 75.43
N ALA D 662 -3.85 -11.27 74.17
CA ALA D 662 -4.46 -10.11 73.52
C ALA D 662 -5.47 -10.59 72.50
N THR D 663 -6.60 -9.90 72.42
CA THR D 663 -7.54 -10.18 71.36
C THR D 663 -7.44 -9.08 70.30
N ILE D 664 -7.62 -9.49 69.05
CA ILE D 664 -7.62 -8.57 67.93
C ILE D 664 -8.93 -8.79 67.20
N PRO D 665 -9.65 -7.70 66.92
CA PRO D 665 -10.97 -7.72 66.29
C PRO D 665 -10.92 -8.35 64.91
N ALA D 666 -12.06 -8.85 64.44
CA ALA D 666 -12.16 -9.29 63.05
C ALA D 666 -11.65 -8.16 62.14
N ARG D 667 -10.91 -8.53 61.09
CA ARG D 667 -10.37 -7.56 60.16
C ARG D 667 -9.46 -6.56 60.85
N GLY D 668 -8.96 -6.91 62.02
CA GLY D 668 -8.30 -5.94 62.87
C GLY D 668 -6.83 -5.71 62.61
N VAL D 669 -6.32 -4.54 63.03
CA VAL D 669 -4.91 -4.22 62.90
C VAL D 669 -4.36 -3.66 64.20
N MET D 670 -3.19 -4.18 64.63
CA MET D 670 -2.46 -3.59 65.74
C MET D 670 -1.04 -3.33 65.27
N ILE D 671 -0.43 -2.28 65.78
CA ILE D 671 0.98 -2.04 65.52
C ILE D 671 1.71 -1.96 66.85
N LEU D 672 2.36 -3.05 67.22
CA LEU D 672 3.04 -3.16 68.50
C LEU D 672 4.41 -2.48 68.47
N GLU D 673 4.56 -1.42 69.25
CA GLU D 673 5.85 -0.75 69.41
C GLU D 673 6.66 -1.42 70.50
N ARG D 674 7.88 -1.82 70.19
CA ARG D 674 8.75 -2.46 71.18
C ARG D 674 10.22 -2.32 70.84
N ALA D 675 11.07 -3.01 71.61
CA ALA D 675 12.51 -3.01 71.37
C ALA D 675 12.90 -4.06 70.33
N MET E 1 13.03 -55.57 0.57
CA MET E 1 13.63 -54.78 1.64
C MET E 1 13.56 -53.31 1.29
N ILE E 2 13.52 -52.44 2.29
CA ILE E 2 13.50 -51.02 2.01
C ILE E 2 14.73 -50.71 1.16
N ASN E 3 15.82 -51.42 1.44
CA ASN E 3 17.03 -51.31 0.63
C ASN E 3 17.94 -52.51 0.86
N GLU E 4 18.22 -53.24 -0.22
CA GLU E 4 18.94 -54.51 -0.17
C GLU E 4 20.32 -54.42 0.47
N LYS E 5 20.94 -53.24 0.47
CA LYS E 5 22.30 -53.17 0.99
C LYS E 5 22.33 -53.02 2.51
N PHE E 6 21.16 -52.99 3.12
CA PHE E 6 21.02 -52.75 4.56
C PHE E 6 20.00 -53.74 5.12
N PRO E 7 20.37 -55.03 5.18
CA PRO E 7 19.44 -56.13 5.46
C PRO E 7 19.10 -56.37 6.95
N LYS E 8 18.67 -55.32 7.64
CA LYS E 8 18.13 -55.46 8.97
C LYS E 8 17.14 -54.35 9.23
N ILE E 9 16.52 -54.35 10.41
CA ILE E 9 15.70 -53.22 10.83
C ILE E 9 16.64 -52.07 11.19
N TRP E 10 16.65 -51.03 10.36
CA TRP E 10 17.55 -49.90 10.54
C TRP E 10 17.38 -49.30 11.91
N TYR E 11 18.47 -48.84 12.49
CA TYR E 11 18.44 -48.27 13.83
C TYR E 11 19.30 -47.01 13.86
N GLY E 12 18.73 -45.92 14.36
CA GLY E 12 19.37 -44.63 14.30
C GLY E 12 18.33 -43.55 14.24
N GLY E 13 18.62 -42.47 13.52
CA GLY E 13 17.64 -41.40 13.37
C GLY E 13 18.23 -40.04 13.06
N ASP E 14 17.43 -39.00 13.23
CA ASP E 14 17.87 -37.63 12.96
C ASP E 14 19.14 -37.33 13.73
N TYR E 15 20.12 -36.79 13.01
CA TYR E 15 21.42 -36.54 13.58
C TYR E 15 21.89 -35.17 13.09
N ASN E 16 22.28 -34.29 14.01
CA ASN E 16 22.55 -32.90 13.67
C ASN E 16 23.89 -32.37 14.14
N PRO E 17 24.96 -33.05 13.72
CA PRO E 17 26.32 -32.72 14.19
C PRO E 17 26.70 -31.29 13.86
N GLU E 18 26.07 -30.70 12.85
CA GLU E 18 26.38 -29.31 12.49
C GLU E 18 25.98 -28.31 13.59
N GLN E 19 25.15 -28.75 14.54
CA GLN E 19 24.88 -27.97 15.76
C GLN E 19 26.05 -28.03 16.76
N TRP E 20 27.03 -28.88 16.47
CA TRP E 20 28.12 -29.19 17.39
C TRP E 20 29.49 -28.97 16.75
N ASP E 21 30.51 -29.63 17.28
CA ASP E 21 31.84 -29.48 16.71
C ASP E 21 32.42 -30.84 16.36
N LYS E 22 33.52 -30.85 15.61
CA LYS E 22 34.13 -32.11 15.21
C LYS E 22 34.39 -33.05 16.38
N ALA E 23 34.82 -32.50 17.51
CA ALA E 23 35.14 -33.33 18.67
C ALA E 23 33.94 -34.10 19.18
N THR E 24 32.77 -33.45 19.23
CA THR E 24 31.58 -34.13 19.72
C THR E 24 31.20 -35.32 18.81
N MET E 25 31.50 -35.24 17.52
CA MET E 25 31.26 -36.37 16.64
C MET E 25 31.97 -37.64 17.12
N GLU E 26 33.21 -37.47 17.61
CA GLU E 26 33.98 -38.62 18.07
C GLU E 26 33.19 -39.36 19.13
N GLU E 27 32.67 -38.61 20.11
CA GLU E 27 31.77 -39.15 21.12
C GLU E 27 30.46 -39.70 20.54
N ASP E 28 29.89 -39.02 19.55
CA ASP E 28 28.70 -39.55 18.89
C ASP E 28 29.02 -40.93 18.32
N MET E 29 30.09 -41.00 17.52
CA MET E 29 30.49 -42.27 16.91
C MET E 29 30.69 -43.36 17.96
N ARG E 30 31.39 -43.02 19.05
CA ARG E 30 31.65 -44.00 20.08
C ARG E 30 30.35 -44.51 20.69
N MET E 31 29.51 -43.59 21.12
CA MET E 31 28.26 -43.97 21.74
C MET E 31 27.27 -44.66 20.78
N PHE E 32 27.30 -44.28 19.50
CA PHE E 32 26.43 -44.88 18.50
C PHE E 32 26.75 -46.35 18.34
N ASN E 33 28.03 -46.66 18.16
CA ASN E 33 28.47 -48.05 18.15
C ASN E 33 28.04 -48.79 19.42
N LEU E 34 28.19 -48.14 20.56
CA LEU E 34 27.74 -48.72 21.82
C LEU E 34 26.25 -49.07 21.78
N ALA E 35 25.43 -48.21 21.18
CA ALA E 35 23.98 -48.40 21.19
C ALA E 35 23.43 -49.27 20.03
N GLY E 36 24.30 -49.63 19.08
CA GLY E 36 23.90 -50.46 17.95
C GLY E 36 23.23 -49.67 16.84
N ILE E 37 23.58 -48.39 16.77
CA ILE E 37 23.00 -47.46 15.81
C ILE E 37 23.79 -47.48 14.51
N ASP E 38 23.09 -47.66 13.38
CA ASP E 38 23.73 -47.85 12.08
C ASP E 38 23.09 -47.03 10.96
N VAL E 39 22.22 -46.09 11.32
CA VAL E 39 21.66 -45.16 10.33
C VAL E 39 21.49 -43.75 10.88
N ALA E 40 21.99 -42.75 10.13
CA ALA E 40 21.79 -41.36 10.50
C ALA E 40 21.02 -40.60 9.41
N THR E 41 20.03 -39.85 9.87
CA THR E 41 19.25 -38.99 8.99
C THR E 41 19.81 -37.59 9.10
N VAL E 42 20.55 -37.17 8.07
CA VAL E 42 21.29 -35.94 8.17
C VAL E 42 20.81 -34.88 7.21
N ASN E 43 21.14 -33.64 7.55
CA ASN E 43 20.91 -32.50 6.68
C ASN E 43 19.44 -32.11 6.56
N VAL E 44 18.64 -32.41 7.58
CA VAL E 44 17.22 -32.08 7.52
C VAL E 44 16.97 -30.56 7.58
N PHE E 45 17.80 -29.83 8.33
CA PHE E 45 17.56 -28.42 8.58
C PHE E 45 18.78 -27.53 8.43
N SER E 46 19.43 -27.58 7.27
CA SER E 46 20.64 -26.80 7.11
C SER E 46 20.72 -26.05 5.77
N TRP E 47 19.54 -25.76 5.20
CA TRP E 47 19.47 -25.00 3.96
C TRP E 47 20.34 -23.74 4.02
N ALA E 48 20.11 -22.91 5.04
CA ALA E 48 20.88 -21.69 5.19
C ALA E 48 22.38 -21.94 5.33
N LYS E 49 22.76 -23.01 6.02
CA LYS E 49 24.19 -23.33 6.17
C LYS E 49 24.80 -23.59 4.79
N ILE E 50 24.09 -24.39 3.99
CA ILE E 50 24.52 -24.72 2.64
C ILE E 50 24.46 -23.53 1.68
N GLN E 51 23.35 -22.80 1.71
CA GLN E 51 23.10 -21.76 0.72
C GLN E 51 22.90 -20.40 1.37
N ARG E 52 23.92 -19.54 1.27
CA ARG E 52 23.88 -18.22 1.93
C ARG E 52 23.34 -17.08 1.05
N ASP E 53 23.18 -17.37 -0.24
CA ASP E 53 22.55 -16.43 -1.16
C ASP E 53 22.17 -17.14 -2.45
N GLU E 54 21.75 -16.38 -3.45
CA GLU E 54 21.16 -16.97 -4.64
C GLU E 54 22.13 -17.84 -5.39
N VAL E 55 23.41 -17.66 -5.14
CA VAL E 55 24.42 -18.21 -6.02
C VAL E 55 25.51 -19.09 -5.33
N SER E 56 25.50 -19.13 -4.00
CA SER E 56 26.60 -19.80 -3.30
C SER E 56 26.13 -21.07 -2.59
N TYR E 57 26.89 -22.14 -2.77
CA TYR E 57 26.59 -23.42 -2.16
C TYR E 57 27.84 -23.97 -1.52
N ASP E 58 27.76 -24.27 -0.24
CA ASP E 58 28.86 -24.89 0.47
C ASP E 58 28.42 -26.25 0.98
N PHE E 59 29.07 -27.31 0.50
CA PHE E 59 28.71 -28.66 0.91
C PHE E 59 29.82 -29.34 1.71
N THR E 60 30.93 -28.64 1.89
CA THR E 60 32.11 -29.27 2.48
C THR E 60 31.85 -29.73 3.91
N TRP E 61 31.04 -28.97 4.64
CA TRP E 61 30.69 -29.36 6.01
C TRP E 61 29.99 -30.70 5.98
N LEU E 62 29.16 -30.90 4.96
CA LEU E 62 28.32 -32.09 4.86
C LEU E 62 29.15 -33.28 4.36
N ASP E 63 30.11 -33.00 3.50
CA ASP E 63 31.10 -34.00 3.09
C ASP E 63 31.74 -34.63 4.32
N ASP E 64 32.26 -33.78 5.21
CA ASP E 64 32.94 -34.23 6.42
C ASP E 64 32.03 -35.11 7.30
N ILE E 65 30.77 -34.72 7.42
CA ILE E 65 29.82 -35.53 8.18
C ILE E 65 29.66 -36.90 7.54
N ILE E 66 29.44 -36.91 6.23
CA ILE E 66 29.22 -38.15 5.50
C ILE E 66 30.46 -39.04 5.53
N GLU E 67 31.64 -38.44 5.39
CA GLU E 67 32.88 -39.19 5.42
C GLU E 67 33.12 -39.80 6.80
N ARG E 68 32.81 -39.05 7.85
CA ARG E 68 33.02 -39.54 9.21
C ARG E 68 32.10 -40.71 9.52
N LEU E 69 30.85 -40.62 9.05
CA LEU E 69 29.86 -41.67 9.30
C LEU E 69 30.17 -42.92 8.49
N THR E 70 30.75 -42.73 7.30
CA THR E 70 31.11 -43.85 6.47
C THR E 70 32.20 -44.69 7.16
N LYS E 71 33.17 -44.03 7.78
CA LYS E 71 34.26 -44.71 8.47
C LYS E 71 33.73 -45.65 9.54
N GLU E 72 32.60 -45.30 10.13
CA GLU E 72 31.97 -46.16 11.13
C GLU E 72 31.00 -47.11 10.45
N ASN E 73 31.00 -47.08 9.13
CA ASN E 73 30.08 -47.92 8.36
C ASN E 73 28.60 -47.69 8.74
N ILE E 74 28.29 -46.47 9.18
CA ILE E 74 26.90 -46.09 9.39
C ILE E 74 26.27 -45.64 8.07
N TYR E 75 25.03 -46.05 7.82
CA TYR E 75 24.33 -45.71 6.57
C TYR E 75 23.62 -44.38 6.67
N LEU E 76 23.34 -43.78 5.52
CA LEU E 76 22.83 -42.42 5.47
C LEU E 76 21.42 -42.30 4.89
N CYS E 77 20.54 -41.69 5.67
CA CYS E 77 19.24 -41.25 5.18
C CYS E 77 19.40 -39.75 4.92
N LEU E 78 19.70 -39.40 3.68
CA LEU E 78 20.08 -38.01 3.35
C LEU E 78 18.86 -37.10 3.08
N ALA E 79 18.73 -36.03 3.86
CA ALA E 79 17.63 -35.12 3.67
C ALA E 79 18.01 -34.03 2.70
N THR E 80 17.02 -33.44 2.04
CA THR E 80 17.29 -32.39 1.06
C THR E 80 17.36 -31.00 1.69
N SER E 81 17.02 -30.89 2.97
CA SER E 81 17.08 -29.63 3.71
C SER E 81 16.00 -28.59 3.38
N THR E 82 14.99 -28.97 2.61
CA THR E 82 14.02 -27.97 2.16
C THR E 82 12.81 -27.81 3.10
N GLY E 83 12.88 -28.44 4.27
CA GLY E 83 11.86 -28.29 5.29
C GLY E 83 11.81 -26.91 5.92
N ALA E 84 12.85 -26.10 5.72
CA ALA E 84 12.89 -24.77 6.30
C ALA E 84 13.78 -23.88 5.47
N HIS E 85 13.22 -22.80 4.94
CA HIS E 85 13.95 -21.93 4.01
C HIS E 85 14.83 -20.92 4.74
N PRO E 86 15.88 -20.42 4.08
CA PRO E 86 16.77 -19.48 4.78
C PRO E 86 16.11 -18.14 5.08
N ALA E 87 16.56 -17.49 6.17
CA ALA E 87 16.10 -16.16 6.53
C ALA E 87 16.33 -15.16 5.39
N TRP E 88 17.49 -15.25 4.73
CA TRP E 88 17.75 -14.35 3.61
C TRP E 88 16.76 -14.55 2.46
N MET E 89 16.22 -15.75 2.33
CA MET E 89 15.28 -16.05 1.26
C MET E 89 13.91 -15.45 1.57
N ALA E 90 13.46 -15.60 2.81
CA ALA E 90 12.22 -14.99 3.26
C ALA E 90 12.28 -13.46 3.15
N LYS E 91 13.45 -12.90 3.47
CA LYS E 91 13.68 -11.46 3.39
C LYS E 91 13.74 -10.95 1.95
N LYS E 92 14.63 -11.52 1.14
CA LYS E 92 14.81 -11.08 -0.24
C LYS E 92 13.64 -11.45 -1.15
N TYR E 93 13.01 -12.58 -0.88
CA TYR E 93 11.92 -13.10 -1.70
C TYR E 93 10.69 -13.49 -0.88
N PRO E 94 9.90 -12.50 -0.46
CA PRO E 94 8.74 -12.78 0.40
C PRO E 94 7.71 -13.73 -0.23
N ASP E 95 7.79 -13.99 -1.53
CA ASP E 95 6.80 -14.89 -2.15
C ASP E 95 6.90 -16.28 -1.54
N VAL E 96 8.02 -16.55 -0.87
CA VAL E 96 8.27 -17.83 -0.22
C VAL E 96 7.40 -18.01 1.05
N LEU E 97 6.95 -16.89 1.62
CA LEU E 97 6.21 -16.90 2.87
C LEU E 97 4.71 -17.07 2.68
N ARG E 98 4.08 -17.79 3.59
CA ARG E 98 2.64 -18.01 3.46
C ARG E 98 1.80 -16.84 3.93
N VAL E 99 0.55 -16.83 3.49
CA VAL E 99 -0.45 -15.97 4.08
C VAL E 99 -1.32 -16.94 4.85
N ASP E 100 -1.69 -16.59 6.08
CA ASP E 100 -2.36 -17.59 6.92
C ASP E 100 -3.86 -17.55 6.82
N TYR E 101 -4.49 -18.43 7.59
CA TYR E 101 -5.93 -18.59 7.61
C TYR E 101 -6.66 -17.30 8.00
N GLU E 102 -5.95 -16.37 8.63
CA GLU E 102 -6.57 -15.13 9.12
C GLU E 102 -6.27 -14.01 8.15
N GLY E 103 -5.60 -14.36 7.06
CA GLY E 103 -5.34 -13.39 6.00
C GLY E 103 -4.04 -12.63 6.18
N ARG E 104 -3.24 -13.02 7.16
CA ARG E 104 -2.00 -12.30 7.44
C ARG E 104 -0.82 -12.84 6.66
N LYS E 105 -0.04 -11.92 6.12
CA LYS E 105 1.22 -12.25 5.46
C LYS E 105 2.27 -12.54 6.53
N ARG E 106 2.84 -13.75 6.52
CA ARG E 106 3.82 -14.14 7.52
C ARG E 106 5.19 -13.49 7.32
N LYS E 107 5.98 -13.47 8.40
CA LYS E 107 7.39 -13.09 8.31
C LYS E 107 8.23 -14.35 8.50
N PHE E 108 9.55 -14.24 8.38
CA PHE E 108 10.42 -15.39 8.64
C PHE E 108 10.21 -15.95 10.06
N GLY E 109 10.11 -17.26 10.17
CA GLY E 109 9.95 -17.93 11.45
C GLY E 109 9.44 -19.35 11.29
N GLY E 110 9.62 -20.17 12.32
CA GLY E 110 9.17 -21.55 12.30
C GLY E 110 9.78 -22.36 11.19
N ARG E 111 8.97 -23.24 10.60
CA ARG E 111 9.43 -24.14 9.55
C ARG E 111 8.20 -24.73 8.87
N HIS E 112 8.42 -25.64 7.91
CA HIS E 112 7.35 -26.39 7.25
C HIS E 112 6.31 -25.46 6.61
N ASN E 113 6.74 -24.27 6.22
CA ASN E 113 5.81 -23.21 5.92
C ASN E 113 6.19 -22.34 4.71
N SER E 114 6.84 -22.94 3.72
CA SER E 114 7.05 -22.29 2.44
C SER E 114 5.77 -22.40 1.62
N CYS E 115 5.39 -21.33 0.94
CA CYS E 115 4.26 -21.37 0.02
C CYS E 115 4.54 -22.41 -1.05
N PRO E 116 3.69 -23.44 -1.17
CA PRO E 116 3.91 -24.50 -2.14
C PRO E 116 3.74 -24.03 -3.59
N ASN E 117 3.15 -22.84 -3.79
CA ASN E 117 3.08 -22.28 -5.13
C ASN E 117 4.01 -21.08 -5.36
N SER E 118 5.04 -20.97 -4.53
CA SER E 118 6.04 -19.92 -4.65
C SER E 118 7.02 -20.24 -5.76
N PRO E 119 7.11 -19.35 -6.76
CA PRO E 119 8.11 -19.49 -7.83
C PRO E 119 9.53 -19.57 -7.22
N THR E 120 9.82 -18.73 -6.25
CA THR E 120 11.16 -18.72 -5.63
C THR E 120 11.48 -20.05 -4.96
N TYR E 121 10.57 -20.48 -4.10
CA TYR E 121 10.76 -21.71 -3.36
C TYR E 121 10.95 -22.91 -4.28
N ARG E 122 10.13 -23.01 -5.33
CA ARG E 122 10.30 -24.13 -6.27
C ARG E 122 11.61 -24.05 -7.03
N LYS E 123 12.00 -22.84 -7.44
CA LYS E 123 13.26 -22.67 -8.11
C LYS E 123 14.43 -23.17 -7.23
N TYR E 124 14.50 -22.75 -5.97
CA TYR E 124 15.67 -23.08 -5.15
C TYR E 124 15.64 -24.45 -4.50
N ALA E 125 14.44 -24.95 -4.18
CA ALA E 125 14.28 -26.29 -3.66
C ALA E 125 14.75 -27.29 -4.71
N LYS E 126 14.36 -27.05 -5.95
CA LYS E 126 14.71 -27.98 -7.02
C LYS E 126 16.23 -28.00 -7.23
N ILE E 127 16.82 -26.82 -7.26
CA ILE E 127 18.27 -26.73 -7.47
C ILE E 127 19.06 -27.43 -6.35
N LEU E 128 18.60 -27.30 -5.12
CA LEU E 128 19.26 -27.92 -3.96
C LEU E 128 19.16 -29.45 -4.01
N ALA E 129 17.96 -29.97 -4.25
CA ALA E 129 17.79 -31.42 -4.40
C ALA E 129 18.75 -31.91 -5.48
N GLY E 130 18.76 -31.21 -6.60
CA GLY E 130 19.62 -31.56 -7.71
C GLY E 130 21.11 -31.52 -7.39
N LYS E 131 21.55 -30.49 -6.70
CA LYS E 131 22.97 -30.40 -6.36
C LYS E 131 23.36 -31.51 -5.39
N LEU E 132 22.49 -31.75 -4.41
CA LEU E 132 22.72 -32.83 -3.46
C LEU E 132 22.85 -34.19 -4.15
N ALA E 133 21.92 -34.50 -5.03
CA ALA E 133 21.97 -35.80 -5.71
C ALA E 133 23.14 -35.91 -6.68
N GLU E 134 23.44 -34.84 -7.41
CA GLU E 134 24.59 -34.87 -8.30
C GLU E 134 25.90 -35.05 -7.55
N ARG E 135 26.08 -34.28 -6.48
CA ARG E 135 27.29 -34.34 -5.69
C ARG E 135 27.54 -35.73 -5.09
N TYR E 136 26.51 -36.34 -4.52
CA TYR E 136 26.69 -37.61 -3.83
C TYR E 136 26.24 -38.85 -4.61
N LYS E 137 26.00 -38.69 -5.92
CA LYS E 137 25.43 -39.77 -6.73
C LYS E 137 26.14 -41.11 -6.60
N ASP E 138 27.47 -41.08 -6.46
CA ASP E 138 28.23 -42.33 -6.43
C ASP E 138 28.53 -42.82 -5.01
N HIS E 139 28.00 -42.14 -4.01
CA HIS E 139 28.35 -42.48 -2.64
C HIS E 139 27.67 -43.74 -2.15
N PRO E 140 28.48 -44.69 -1.65
CA PRO E 140 28.07 -46.05 -1.26
C PRO E 140 27.21 -46.11 0.00
N GLN E 141 27.15 -45.04 0.80
CA GLN E 141 26.45 -45.16 2.08
C GLN E 141 25.02 -44.63 2.08
N ILE E 142 24.63 -43.91 1.05
CA ILE E 142 23.29 -43.34 1.00
C ILE E 142 22.28 -44.43 0.67
N VAL E 143 21.37 -44.69 1.61
CA VAL E 143 20.36 -45.73 1.47
C VAL E 143 18.92 -45.21 1.29
N MET E 144 18.69 -43.92 1.55
CA MET E 144 17.35 -43.32 1.42
C MET E 144 17.44 -41.79 1.25
N TRP E 145 16.59 -41.20 0.40
CA TRP E 145 16.47 -39.74 0.34
C TRP E 145 15.28 -39.31 1.19
N HIS E 146 15.47 -38.25 1.96
CA HIS E 146 14.49 -37.76 2.90
C HIS E 146 14.06 -36.38 2.40
N VAL E 147 13.07 -36.34 1.52
CA VAL E 147 12.66 -35.09 0.89
C VAL E 147 12.05 -34.14 1.89
N SER E 148 12.60 -32.93 1.98
CA SER E 148 12.03 -31.91 2.85
C SER E 148 11.84 -32.42 4.29
N ASN E 149 10.78 -31.98 4.94
CA ASN E 149 10.43 -32.49 6.26
C ASN E 149 8.98 -32.16 6.57
N GLU E 150 8.22 -33.16 7.00
CA GLU E 150 6.82 -33.00 7.39
C GLU E 150 6.05 -31.92 6.61
N TYR E 151 5.85 -32.14 5.32
CA TYR E 151 5.00 -31.26 4.54
C TYR E 151 3.66 -31.08 5.25
N GLY E 152 3.16 -29.86 5.33
CA GLY E 152 1.84 -29.63 5.90
C GLY E 152 1.46 -28.16 6.03
N GLY E 153 0.22 -27.87 6.42
CA GLY E 153 -0.21 -26.50 6.57
C GLY E 153 -0.69 -25.92 5.24
N TYR E 154 -1.71 -25.06 5.32
CA TYR E 154 -2.29 -24.45 4.13
C TYR E 154 -1.81 -23.02 3.95
N CYS E 155 -1.80 -22.56 2.71
CA CYS E 155 -1.47 -21.18 2.38
C CYS E 155 -2.64 -20.51 1.65
N TYR E 156 -2.82 -19.21 1.89
CA TYR E 156 -3.95 -18.47 1.32
C TYR E 156 -3.47 -17.22 0.62
N CYS E 157 -2.21 -17.25 0.18
CA CYS E 157 -1.63 -16.09 -0.49
C CYS E 157 -2.15 -15.91 -1.92
N ASP E 158 -1.74 -14.82 -2.56
CA ASP E 158 -2.23 -14.52 -3.90
C ASP E 158 -1.78 -15.52 -4.95
N ASN E 159 -0.56 -16.05 -4.82
CA ASN E 159 -0.11 -17.08 -5.75
C ASN E 159 -0.93 -18.35 -5.64
N CYS E 160 -1.23 -18.75 -4.41
CA CYS E 160 -2.10 -19.91 -4.22
C CYS E 160 -3.50 -19.68 -4.76
N GLU E 161 -4.01 -18.47 -4.58
CA GLU E 161 -5.36 -18.11 -5.01
C GLU E 161 -5.46 -18.15 -6.54
N LYS E 162 -4.49 -17.54 -7.23
CA LYS E 162 -4.44 -17.58 -8.68
C LYS E 162 -4.29 -19.01 -9.21
N GLN E 163 -3.46 -19.81 -8.55
CA GLN E 163 -3.27 -21.20 -9.00
C GLN E 163 -4.49 -22.08 -8.66
N PHE E 164 -5.23 -21.72 -7.61
CA PHE E 164 -6.47 -22.41 -7.28
C PHE E 164 -7.46 -22.31 -8.46
N ARG E 165 -7.58 -21.11 -9.03
CA ARG E 165 -8.42 -20.91 -10.20
C ARG E 165 -7.99 -21.78 -11.38
N VAL E 166 -6.68 -21.85 -11.62
CA VAL E 166 -6.13 -22.71 -12.66
C VAL E 166 -6.49 -24.16 -12.37
N TRP E 167 -6.25 -24.58 -11.13
CA TRP E 167 -6.57 -25.93 -10.69
C TRP E 167 -8.06 -26.26 -10.93
N LEU E 168 -8.93 -25.30 -10.64
CA LEU E 168 -10.36 -25.45 -10.91
C LEU E 168 -10.68 -25.55 -12.40
N LYS E 169 -9.99 -24.77 -13.23
CA LYS E 169 -10.19 -24.80 -14.67
C LYS E 169 -9.87 -26.20 -15.16
N GLU E 170 -8.74 -26.74 -14.70
CA GLU E 170 -8.33 -28.07 -15.11
C GLU E 170 -9.30 -29.13 -14.59
N ARG E 171 -9.91 -28.89 -13.43
CA ARG E 171 -10.78 -29.91 -12.83
C ARG E 171 -12.20 -29.90 -13.39
N TYR E 172 -12.78 -28.71 -13.55
CA TYR E 172 -14.17 -28.55 -14.01
C TYR E 172 -14.34 -28.15 -15.49
N GLY E 173 -13.31 -27.57 -16.10
CA GLY E 173 -13.35 -27.19 -17.51
C GLY E 173 -14.15 -25.93 -17.79
N THR E 174 -15.37 -25.84 -17.27
CA THR E 174 -16.21 -24.69 -17.52
C THR E 174 -16.76 -24.11 -16.22
N LEU E 175 -17.09 -22.82 -16.25
CA LEU E 175 -17.79 -22.22 -15.14
C LEU E 175 -19.11 -22.90 -14.87
N GLU E 176 -19.74 -23.45 -15.91
CA GLU E 176 -21.02 -24.12 -15.72
C GLU E 176 -20.85 -25.34 -14.80
N ALA E 177 -19.88 -26.19 -15.10
CA ALA E 177 -19.61 -27.36 -14.26
C ALA E 177 -19.18 -26.94 -12.85
N LEU E 178 -18.34 -25.89 -12.76
CA LEU E 178 -17.94 -25.37 -11.46
C LEU E 178 -19.18 -24.96 -10.64
N ASN E 179 -20.03 -24.11 -11.20
CA ASN E 179 -21.21 -23.63 -10.47
C ASN E 179 -22.11 -24.77 -10.01
N LYS E 180 -22.26 -25.79 -10.84
CA LYS E 180 -23.04 -26.96 -10.48
C LYS E 180 -22.39 -27.75 -9.33
N ALA E 181 -21.11 -28.06 -9.49
CA ALA E 181 -20.41 -28.85 -8.49
C ALA E 181 -20.51 -28.19 -7.11
N TRP E 182 -20.39 -26.87 -7.09
CA TRP E 182 -20.37 -26.10 -5.85
C TRP E 182 -21.78 -25.71 -5.37
N ASN E 183 -22.77 -25.96 -6.23
CA ASN E 183 -24.14 -25.54 -5.95
C ASN E 183 -24.28 -24.04 -5.68
N THR E 184 -23.73 -23.21 -6.58
CA THR E 184 -23.62 -21.76 -6.33
C THR E 184 -24.90 -20.92 -6.50
N SER E 185 -26.00 -21.56 -6.90
CA SER E 185 -27.29 -20.89 -6.96
C SER E 185 -27.77 -20.57 -5.55
N PHE E 186 -27.19 -21.28 -4.58
CA PHE E 186 -27.40 -21.03 -3.15
C PHE E 186 -26.69 -19.73 -2.73
N TRP E 187 -27.40 -18.88 -2.00
CA TRP E 187 -26.84 -17.62 -1.53
C TRP E 187 -26.17 -16.85 -2.67
N SER E 188 -26.86 -16.78 -3.81
CA SER E 188 -26.43 -15.95 -4.94
C SER E 188 -24.92 -16.04 -5.21
N HIS E 189 -24.37 -17.25 -5.20
CA HIS E 189 -22.92 -17.44 -5.36
C HIS E 189 -22.48 -17.70 -6.80
N THR E 190 -23.36 -17.44 -7.75
CA THR E 190 -23.04 -17.66 -9.15
C THR E 190 -21.78 -16.94 -9.59
N PHE E 191 -20.81 -17.68 -10.11
CA PHE E 191 -19.59 -17.08 -10.63
C PHE E 191 -19.69 -16.91 -12.14
N TYR E 192 -19.38 -15.71 -12.62
CA TYR E 192 -19.36 -15.44 -14.06
C TYR E 192 -17.94 -15.36 -14.62
N ASP E 193 -16.94 -15.31 -13.74
CA ASP E 193 -15.55 -15.33 -14.16
C ASP E 193 -14.70 -15.99 -13.08
N TRP E 194 -13.64 -16.68 -13.50
CA TRP E 194 -12.81 -17.44 -12.58
C TRP E 194 -12.19 -16.51 -11.56
N ASP E 195 -11.85 -15.31 -11.98
CA ASP E 195 -11.18 -14.37 -11.08
C ASP E 195 -12.06 -13.94 -9.91
N GLU E 196 -13.34 -14.27 -9.96
CA GLU E 196 -14.27 -13.90 -8.88
C GLU E 196 -14.11 -14.84 -7.68
N ILE E 197 -13.43 -15.96 -7.92
CA ILE E 197 -13.28 -16.99 -6.91
C ILE E 197 -12.10 -16.67 -6.02
N VAL E 198 -12.29 -16.80 -4.71
CA VAL E 198 -11.23 -16.53 -3.75
C VAL E 198 -11.01 -17.73 -2.84
N ALA E 199 -9.85 -17.77 -2.17
CA ALA E 199 -9.54 -18.90 -1.28
C ALA E 199 -10.46 -18.86 -0.07
N PRO E 200 -10.92 -20.04 0.38
CA PRO E 200 -11.76 -20.06 1.58
C PRO E 200 -10.94 -19.96 2.88
N ASN E 201 -11.00 -18.80 3.52
CA ASN E 201 -10.48 -18.64 4.87
C ASN E 201 -11.29 -17.62 5.68
N ALA E 202 -10.68 -17.08 6.73
CA ALA E 202 -11.39 -16.23 7.68
C ALA E 202 -11.98 -14.99 7.02
N LEU E 203 -11.41 -14.61 5.88
CA LEU E 203 -11.83 -13.40 5.17
C LEU E 203 -13.02 -13.66 4.27
N SER E 204 -13.31 -14.93 4.01
CA SER E 204 -14.27 -15.23 2.97
C SER E 204 -15.40 -16.17 3.40
N GLU E 205 -15.15 -17.46 3.29
CA GLU E 205 -16.19 -18.47 3.42
C GLU E 205 -16.12 -19.21 4.77
N GLU E 206 -14.97 -19.12 5.45
CA GLU E 206 -14.73 -19.95 6.65
C GLU E 206 -14.56 -19.15 7.95
N TRP E 207 -14.75 -19.85 9.07
CA TRP E 207 -14.46 -19.30 10.39
C TRP E 207 -14.15 -20.43 11.38
N SER E 208 -13.47 -20.06 12.47
CA SER E 208 -13.04 -20.97 13.54
C SER E 208 -12.43 -22.30 13.11
N GLY E 209 -11.69 -22.27 12.00
CA GLY E 209 -10.87 -23.40 11.60
C GLY E 209 -11.52 -24.58 10.91
N ASN E 210 -12.77 -24.86 11.24
CA ASN E 210 -13.44 -26.03 10.67
C ASN E 210 -14.80 -25.75 10.06
N ARG E 211 -15.22 -24.50 10.10
CA ARG E 211 -16.56 -24.09 9.65
C ARG E 211 -16.51 -23.40 8.28
N THR E 212 -17.55 -23.58 7.48
CA THR E 212 -17.61 -22.93 6.17
C THR E 212 -19.07 -22.75 5.72
N ASN E 213 -19.32 -21.73 4.91
CA ASN E 213 -20.63 -21.57 4.27
C ASN E 213 -20.72 -22.42 3.01
N PHE E 214 -19.58 -22.74 2.42
CA PHE E 214 -19.57 -23.43 1.13
C PHE E 214 -18.65 -24.66 1.12
N GLN E 215 -19.14 -25.79 1.61
CA GLN E 215 -18.25 -26.93 1.78
C GLN E 215 -17.61 -27.34 0.44
N GLY E 216 -18.29 -27.09 -0.67
CA GLY E 216 -17.70 -27.40 -1.97
C GLY E 216 -16.38 -26.70 -2.23
N ILE E 217 -16.37 -25.40 -1.96
CA ILE E 217 -15.19 -24.56 -2.11
C ILE E 217 -14.09 -24.97 -1.12
N SER E 218 -14.45 -25.09 0.15
CA SER E 218 -13.51 -25.51 1.18
C SER E 218 -12.91 -26.89 0.89
N LEU E 219 -13.74 -27.83 0.47
CA LEU E 219 -13.30 -29.18 0.17
C LEU E 219 -12.29 -29.16 -0.97
N ASP E 220 -12.62 -28.45 -2.04
CA ASP E 220 -11.72 -28.32 -3.16
C ASP E 220 -10.43 -27.59 -2.82
N TYR E 221 -10.51 -26.55 -2.01
CA TYR E 221 -9.28 -25.85 -1.65
C TYR E 221 -8.29 -26.77 -0.91
N ARG E 222 -8.82 -27.67 -0.10
CA ARG E 222 -8.00 -28.66 0.60
C ARG E 222 -7.37 -29.67 -0.36
N ARG E 223 -8.15 -30.15 -1.33
CA ARG E 223 -7.61 -30.99 -2.38
C ARG E 223 -6.46 -30.25 -3.07
N PHE E 224 -6.70 -28.97 -3.35
CA PHE E 224 -5.74 -28.18 -4.11
C PHE E 224 -4.46 -27.97 -3.32
N GLN E 225 -4.60 -27.71 -2.02
CA GLN E 225 -3.45 -27.46 -1.18
C GLN E 225 -2.64 -28.74 -1.06
N SER E 226 -3.35 -29.84 -0.80
CA SER E 226 -2.70 -31.14 -0.73
C SER E 226 -1.96 -31.45 -2.04
N ASP E 227 -2.58 -31.19 -3.19
CA ASP E 227 -1.91 -31.40 -4.49
C ASP E 227 -0.71 -30.47 -4.70
N SER E 228 -0.83 -29.22 -4.29
CA SER E 228 0.25 -28.27 -4.48
C SER E 228 1.51 -28.71 -3.74
N LEU E 229 1.33 -29.08 -2.48
CA LEU E 229 2.46 -29.54 -1.68
C LEU E 229 3.04 -30.79 -2.32
N LEU E 230 2.17 -31.70 -2.75
CA LEU E 230 2.60 -32.96 -3.34
C LEU E 230 3.43 -32.71 -4.61
N GLU E 231 3.05 -31.67 -5.36
CA GLU E 231 3.84 -31.25 -6.52
C GLU E 231 5.27 -30.85 -6.09
N CYS E 232 5.41 -30.26 -4.91
CA CYS E 232 6.75 -29.87 -4.45
C CYS E 232 7.59 -31.12 -4.19
N PHE E 233 7.01 -32.08 -3.49
CA PHE E 233 7.66 -33.36 -3.28
C PHE E 233 8.05 -34.00 -4.63
N LYS E 234 7.07 -34.15 -5.51
CA LYS E 234 7.33 -34.80 -6.81
C LYS E 234 8.46 -34.10 -7.56
N MET E 235 8.54 -32.78 -7.41
CA MET E 235 9.57 -32.00 -8.09
C MET E 235 10.97 -32.37 -7.58
N GLU E 236 11.11 -32.46 -6.26
CA GLU E 236 12.40 -32.87 -5.72
C GLU E 236 12.67 -34.34 -6.04
N ARG E 237 11.69 -35.20 -5.76
CA ARG E 237 11.84 -36.61 -6.10
C ARG E 237 12.40 -36.77 -7.51
N ASP E 238 11.75 -36.16 -8.51
CA ASP E 238 12.17 -36.33 -9.90
C ASP E 238 13.61 -35.90 -10.12
N GLU E 239 14.01 -34.83 -9.46
CA GLU E 239 15.35 -34.29 -9.61
C GLU E 239 16.37 -35.20 -8.91
N LEU E 240 15.97 -35.83 -7.82
CA LEU E 240 16.85 -36.75 -7.13
C LEU E 240 17.06 -37.98 -7.98
N LYS E 241 15.96 -38.50 -8.54
CA LYS E 241 16.00 -39.72 -9.34
C LYS E 241 16.74 -39.55 -10.67
N ARG E 242 16.80 -38.31 -11.15
CA ARG E 242 17.56 -38.00 -12.36
C ARG E 242 19.06 -38.25 -12.17
N TRP E 243 19.55 -38.04 -10.94
CA TRP E 243 20.95 -38.33 -10.64
C TRP E 243 21.18 -39.70 -9.96
N THR E 244 20.24 -40.11 -9.13
CA THR E 244 20.36 -41.39 -8.45
C THR E 244 19.09 -42.24 -8.61
N PRO E 245 18.86 -42.74 -9.84
CA PRO E 245 17.63 -43.45 -10.16
C PRO E 245 17.33 -44.64 -9.24
N ASP E 246 18.36 -45.21 -8.63
CA ASP E 246 18.18 -46.44 -7.88
C ASP E 246 18.29 -46.27 -6.37
N ILE E 247 18.27 -45.01 -5.91
CA ILE E 247 18.13 -44.77 -4.48
C ILE E 247 16.69 -44.38 -4.17
N PRO E 248 16.05 -45.10 -3.24
CA PRO E 248 14.66 -44.84 -2.88
C PRO E 248 14.49 -43.43 -2.36
N VAL E 249 13.27 -42.91 -2.47
CA VAL E 249 12.95 -41.56 -2.01
C VAL E 249 11.68 -41.61 -1.20
N THR E 250 11.71 -41.01 -0.02
CA THR E 250 10.52 -40.91 0.81
C THR E 250 10.40 -39.50 1.35
N THR E 251 9.35 -39.26 2.13
CA THR E 251 9.27 -38.06 2.92
C THR E 251 8.44 -38.45 4.11
N ASN E 252 8.58 -37.75 5.24
CA ASN E 252 8.02 -38.25 6.49
C ASN E 252 6.61 -37.78 6.80
N LEU E 253 5.72 -38.74 7.02
CA LEU E 253 4.30 -38.47 7.16
C LEU E 253 3.89 -38.44 8.63
N MET E 254 2.68 -37.99 8.90
CA MET E 254 2.25 -37.78 10.27
C MET E 254 0.99 -38.59 10.59
N GLY E 255 0.86 -39.75 9.97
CA GLY E 255 -0.20 -40.69 10.32
C GLY E 255 -1.56 -40.17 9.96
N PHE E 256 -2.44 -40.03 10.96
CA PHE E 256 -3.81 -39.54 10.79
C PHE E 256 -3.88 -38.01 10.73
N TYR E 257 -2.78 -37.39 10.34
CA TYR E 257 -2.71 -35.95 10.10
C TYR E 257 -3.81 -35.53 9.15
N PRO E 258 -4.64 -34.56 9.55
CA PRO E 258 -5.86 -34.31 8.77
C PRO E 258 -5.71 -33.57 7.45
N GLU E 259 -4.66 -32.79 7.25
CA GLU E 259 -4.64 -31.81 6.17
C GLU E 259 -4.19 -32.32 4.78
N LEU E 260 -3.57 -33.49 4.74
CA LEU E 260 -3.03 -34.01 3.49
C LEU E 260 -3.67 -35.35 3.11
N ASP E 261 -3.92 -35.58 1.82
CA ASP E 261 -4.47 -36.87 1.39
C ASP E 261 -3.36 -37.89 1.16
N TYR E 262 -2.92 -38.55 2.23
CA TYR E 262 -1.76 -39.41 2.16
C TYR E 262 -1.88 -40.60 1.21
N PHE E 263 -3.11 -41.05 0.93
CA PHE E 263 -3.29 -42.09 -0.09
C PHE E 263 -2.83 -41.62 -1.46
N LYS E 264 -3.11 -40.37 -1.79
CA LYS E 264 -2.60 -39.80 -3.03
C LYS E 264 -1.09 -39.57 -2.96
N TRP E 265 -0.61 -39.10 -1.81
CA TRP E 265 0.84 -38.95 -1.63
C TRP E 265 1.62 -40.27 -1.75
N ALA E 266 1.11 -41.32 -1.11
CA ALA E 266 1.84 -42.59 -1.05
C ALA E 266 2.11 -43.16 -2.44
N LYS E 267 1.22 -42.90 -3.40
CA LYS E 267 1.44 -43.38 -4.76
C LYS E 267 2.72 -42.80 -5.34
N GLU E 268 3.09 -41.58 -4.89
CA GLU E 268 4.24 -40.89 -5.45
C GLU E 268 5.58 -41.22 -4.76
N MET E 269 5.50 -42.01 -3.69
CA MET E 269 6.64 -42.28 -2.81
C MET E 269 7.12 -43.73 -2.93
N ASP E 270 8.44 -43.94 -2.94
CA ASP E 270 8.98 -45.31 -3.03
C ASP E 270 8.63 -46.14 -1.82
N VAL E 271 8.54 -45.48 -0.67
CA VAL E 271 8.17 -46.14 0.56
C VAL E 271 7.58 -45.12 1.53
N VAL E 272 6.62 -45.55 2.33
CA VAL E 272 6.06 -44.67 3.35
C VAL E 272 7.02 -44.61 4.53
N SER E 273 7.18 -43.42 5.11
CA SER E 273 7.88 -43.27 6.39
C SER E 273 7.08 -42.33 7.25
N TRP E 274 7.10 -42.53 8.56
CA TRP E 274 6.28 -41.68 9.41
C TRP E 274 6.81 -41.47 10.82
N ASP E 275 6.20 -40.52 11.51
CA ASP E 275 6.70 -39.99 12.78
C ASP E 275 5.68 -40.21 13.88
N ASN E 276 5.99 -41.12 14.79
CA ASN E 276 5.05 -41.59 15.80
C ASN E 276 5.33 -41.05 17.19
N TYR E 277 4.44 -40.18 17.68
CA TYR E 277 4.62 -39.56 18.98
C TYR E 277 3.37 -39.69 19.84
N PRO E 278 3.22 -40.83 20.51
CA PRO E 278 2.05 -41.01 21.37
C PRO E 278 2.28 -40.30 22.70
N SER E 279 1.24 -39.67 23.23
CA SER E 279 1.24 -39.12 24.59
C SER E 279 1.02 -40.22 25.62
N MET E 280 1.15 -39.87 26.89
CA MET E 280 0.78 -40.80 27.97
C MET E 280 -0.69 -41.17 27.86
N ASP E 281 -1.53 -40.20 27.47
CA ASP E 281 -2.96 -40.39 27.24
C ASP E 281 -3.26 -41.37 26.10
N THR E 282 -2.63 -41.14 24.96
CA THR E 282 -2.97 -41.81 23.69
C THR E 282 -3.29 -43.29 23.84
N PRO E 283 -4.50 -43.69 23.38
CA PRO E 283 -4.87 -45.11 23.38
C PRO E 283 -3.86 -45.93 22.59
N PHE E 284 -3.39 -47.04 23.16
CA PHE E 284 -2.38 -47.85 22.49
C PHE E 284 -2.93 -48.42 21.19
N SER E 285 -4.23 -48.68 21.18
CA SER E 285 -4.87 -49.22 19.98
C SER E 285 -4.96 -48.12 18.92
N PHE E 286 -4.99 -46.86 19.35
CA PHE E 286 -4.97 -45.80 18.38
C PHE E 286 -3.64 -45.73 17.66
N THR E 287 -2.54 -45.72 18.38
CA THR E 287 -1.26 -45.71 17.70
C THR E 287 -1.09 -46.98 16.83
N ALA E 288 -1.54 -48.13 17.32
CA ALA E 288 -1.61 -49.32 16.46
C ALA E 288 -2.28 -49.05 15.09
N MET E 289 -3.48 -48.46 15.15
CA MET E 289 -4.25 -48.12 13.97
C MET E 289 -3.46 -47.18 13.05
N ALA E 290 -2.65 -46.30 13.64
CA ALA E 290 -1.89 -45.35 12.85
C ALA E 290 -0.77 -46.03 12.07
N HIS E 291 -0.02 -46.91 12.74
CA HIS E 291 1.03 -47.67 12.05
C HIS E 291 0.36 -48.47 10.95
N ASN E 292 -0.78 -49.06 11.31
CA ASN E 292 -1.54 -49.87 10.37
C ASN E 292 -1.92 -49.06 9.14
N LEU E 293 -2.45 -47.85 9.35
CA LEU E 293 -2.81 -46.97 8.24
C LEU E 293 -1.62 -46.70 7.32
N MET E 294 -0.45 -46.50 7.93
CA MET E 294 0.76 -46.23 7.15
C MET E 294 1.18 -47.46 6.35
N ARG E 295 0.87 -48.64 6.87
CA ARG E 295 1.04 -49.85 6.08
C ARG E 295 0.03 -49.88 4.92
N GLY E 296 -1.20 -49.46 5.19
CA GLY E 296 -2.23 -49.45 4.17
C GLY E 296 -2.01 -48.46 3.03
N LEU E 297 -1.25 -47.40 3.28
CA LEU E 297 -1.01 -46.38 2.25
C LEU E 297 -0.47 -46.97 0.95
N LYS E 298 0.31 -48.03 1.05
CA LYS E 298 0.82 -48.67 -0.15
C LYS E 298 0.43 -50.14 -0.15
N SER E 299 -0.82 -50.37 0.25
CA SER E 299 -1.46 -51.66 0.14
C SER E 299 -0.65 -52.81 0.75
N GLY E 300 -0.15 -52.60 1.96
CA GLY E 300 0.52 -53.64 2.71
C GLY E 300 2.02 -53.58 2.70
N GLN E 301 2.59 -52.68 1.91
CA GLN E 301 4.05 -52.55 1.86
C GLN E 301 4.58 -52.02 3.19
N PRO E 302 5.68 -52.62 3.67
CA PRO E 302 6.29 -52.17 4.93
C PRO E 302 6.83 -50.74 4.83
N PHE E 303 6.79 -50.01 5.93
CA PHE E 303 7.22 -48.62 5.97
C PHE E 303 8.43 -48.39 6.88
N MET E 304 8.92 -47.16 6.88
CA MET E 304 9.94 -46.73 7.83
C MET E 304 9.26 -46.05 9.02
N LEU E 305 9.70 -46.39 10.22
CA LEU E 305 9.44 -45.55 11.38
C LEU E 305 10.60 -44.56 11.33
N MET E 306 10.34 -43.36 10.82
CA MET E 306 11.41 -42.39 10.62
C MET E 306 11.73 -41.71 11.94
N GLU E 307 10.70 -41.50 12.75
CA GLU E 307 10.89 -40.85 14.02
C GLU E 307 9.97 -41.39 15.11
N GLN E 308 10.47 -41.25 16.33
CA GLN E 308 9.72 -41.42 17.57
C GLN E 308 10.72 -40.88 18.58
N THR E 309 10.28 -40.55 19.78
CA THR E 309 11.24 -40.07 20.78
C THR E 309 11.76 -41.22 21.62
N PRO E 310 13.06 -41.21 21.93
CA PRO E 310 13.58 -42.26 22.82
C PRO E 310 13.12 -42.05 24.27
N GLY E 311 12.65 -40.84 24.59
CA GLY E 311 12.15 -40.52 25.91
C GLY E 311 10.94 -39.60 25.92
N VAL E 312 11.15 -38.34 26.29
CA VAL E 312 10.07 -37.36 26.32
C VAL E 312 9.98 -36.63 24.98
N GLN E 313 8.83 -36.00 24.75
CA GLN E 313 8.66 -35.06 23.66
C GLN E 313 8.25 -33.72 24.25
N ASN E 314 8.98 -32.66 23.91
CA ASN E 314 8.68 -31.35 24.44
C ASN E 314 7.28 -30.83 24.09
N TRP E 315 6.77 -31.21 22.91
CA TRP E 315 5.50 -30.68 22.38
C TRP E 315 4.24 -31.16 23.10
N GLN E 316 4.35 -32.23 23.86
CA GLN E 316 3.20 -32.69 24.64
C GLN E 316 2.97 -31.72 25.79
N PRO E 317 1.70 -31.48 26.17
CA PRO E 317 1.43 -30.51 27.23
C PRO E 317 2.12 -30.93 28.53
N TYR E 318 2.19 -32.25 28.74
CA TYR E 318 2.90 -32.79 29.89
C TYR E 318 3.99 -33.74 29.44
N ASN E 319 5.23 -33.28 29.51
CA ASN E 319 6.41 -34.06 29.11
C ASN E 319 6.63 -35.29 30.02
N SER E 320 5.72 -36.25 29.98
CA SER E 320 5.89 -37.47 30.76
C SER E 320 6.98 -38.37 30.16
N ALA E 321 7.80 -38.93 31.04
CA ALA E 321 8.83 -39.87 30.61
C ALA E 321 8.15 -41.14 30.13
N LYS E 322 8.81 -41.84 29.21
CA LYS E 322 8.39 -43.19 28.87
C LYS E 322 8.89 -44.09 29.99
N ARG E 323 8.00 -44.81 30.67
CA ARG E 323 8.44 -45.62 31.79
C ARG E 323 9.40 -46.69 31.28
N PRO E 324 10.14 -47.33 32.20
CA PRO E 324 11.10 -48.37 31.83
C PRO E 324 10.48 -49.40 30.88
N GLY E 325 11.13 -49.65 29.75
CA GLY E 325 10.64 -50.65 28.81
C GLY E 325 9.67 -50.13 27.75
N VAL E 326 8.97 -49.04 28.04
CA VAL E 326 7.96 -48.51 27.12
C VAL E 326 8.55 -48.13 25.76
N MET E 327 9.67 -47.43 25.75
CA MET E 327 10.32 -47.11 24.49
C MET E 327 10.44 -48.36 23.62
N ARG E 328 10.93 -49.44 24.21
CA ARG E 328 11.11 -50.69 23.47
C ARG E 328 9.76 -51.25 23.05
N LEU E 329 8.82 -51.26 23.98
CA LEU E 329 7.49 -51.78 23.73
C LEU E 329 6.94 -51.13 22.46
N TRP E 330 7.11 -49.82 22.36
CA TRP E 330 6.44 -49.06 21.30
C TRP E 330 7.19 -49.16 19.99
N SER E 331 8.46 -49.51 20.08
CA SER E 331 9.27 -49.70 18.89
C SER E 331 8.82 -50.97 18.17
N TYR E 332 8.57 -52.01 18.96
CA TYR E 332 8.16 -53.30 18.41
C TYR E 332 6.70 -53.27 17.95
N GLN E 333 5.89 -52.40 18.55
CA GLN E 333 4.52 -52.20 18.08
C GLN E 333 4.53 -51.64 16.66
N ALA E 334 5.44 -50.71 16.41
CA ALA E 334 5.67 -50.19 15.07
C ALA E 334 6.05 -51.32 14.11
N VAL E 335 7.05 -52.10 14.51
CA VAL E 335 7.47 -53.24 13.69
C VAL E 335 6.33 -54.25 13.52
N ALA E 336 5.64 -54.57 14.60
CA ALA E 336 4.51 -55.50 14.53
C ALA E 336 3.50 -55.11 13.45
N HIS E 337 3.33 -53.81 13.23
CA HIS E 337 2.37 -53.34 12.24
C HIS E 337 2.96 -52.96 10.89
N GLY E 338 4.24 -53.26 10.70
CA GLY E 338 4.86 -53.11 9.39
C GLY E 338 6.13 -52.28 9.25
N ALA E 339 6.62 -51.69 10.34
CA ALA E 339 7.88 -50.94 10.28
C ALA E 339 9.08 -51.87 10.03
N ASP E 340 9.86 -51.56 9.00
CA ASP E 340 11.11 -52.25 8.74
C ASP E 340 12.30 -51.37 9.14
N THR E 341 12.02 -50.27 9.83
CA THR E 341 13.07 -49.49 10.48
C THR E 341 12.55 -49.07 11.84
N VAL E 342 13.46 -48.87 12.80
CA VAL E 342 13.11 -48.06 13.96
C VAL E 342 14.10 -46.93 14.21
N MET E 343 13.58 -45.72 14.01
CA MET E 343 14.41 -44.54 14.03
C MET E 343 13.83 -43.45 14.94
N PHE E 344 14.73 -42.67 15.55
CA PHE E 344 14.35 -41.64 16.51
C PHE E 344 14.53 -40.23 15.99
N PHE E 345 13.78 -39.30 16.57
CA PHE E 345 14.25 -37.94 16.71
C PHE E 345 14.50 -37.75 18.20
N GLN E 346 15.73 -37.42 18.60
CA GLN E 346 16.90 -37.33 17.73
C GLN E 346 18.06 -38.03 18.43
N LEU E 347 19.23 -38.04 17.82
CA LEU E 347 20.36 -38.81 18.34
C LEU E 347 21.14 -38.11 19.47
N ARG E 348 21.29 -36.78 19.37
CA ARG E 348 21.79 -35.97 20.50
C ARG E 348 20.90 -34.75 20.71
N ARG E 349 20.48 -34.50 21.95
CA ARG E 349 19.60 -33.37 22.23
C ARG E 349 20.19 -32.05 21.76
N SER E 350 19.31 -31.14 21.31
CA SER E 350 19.71 -29.76 21.00
C SER E 350 19.88 -28.92 22.28
N VAL E 351 20.34 -27.69 22.11
CA VAL E 351 20.88 -26.90 23.21
C VAL E 351 20.17 -25.59 23.66
N GLY E 352 19.37 -24.92 22.81
CA GLY E 352 19.00 -25.37 21.48
C GLY E 352 17.59 -24.96 21.02
N ALA E 353 17.12 -23.78 21.44
CA ALA E 353 15.77 -23.32 21.08
C ALA E 353 14.67 -24.26 21.56
N CYS E 354 13.61 -24.42 20.77
CA CYS E 354 12.37 -24.99 21.30
C CYS E 354 12.34 -26.50 21.51
N GLU E 355 13.32 -27.23 20.98
CA GLU E 355 13.33 -28.69 21.19
C GLU E 355 14.46 -29.17 22.13
N LYS E 356 15.02 -28.24 22.89
CA LYS E 356 16.09 -28.58 23.82
C LYS E 356 15.63 -29.57 24.89
N TYR E 357 14.32 -29.61 25.16
CA TYR E 357 13.78 -30.55 26.13
C TYR E 357 13.00 -31.70 25.48
N HIS E 358 13.34 -31.98 24.22
CA HIS E 358 12.88 -33.19 23.54
C HIS E 358 13.94 -34.26 23.75
N GLY E 359 13.51 -35.44 24.17
CA GLY E 359 14.46 -36.52 24.42
C GLY E 359 15.34 -36.85 23.24
N ALA E 360 16.47 -37.50 23.51
CA ALA E 360 17.37 -38.01 22.50
C ALA E 360 18.14 -39.20 23.08
N VAL E 361 18.93 -39.87 22.24
CA VAL E 361 19.70 -41.00 22.72
C VAL E 361 20.79 -40.50 23.67
N ILE E 362 21.63 -39.58 23.18
CA ILE E 362 22.60 -38.87 24.01
C ILE E 362 21.99 -37.56 24.45
N GLU E 363 21.99 -37.30 25.75
CA GLU E 363 21.29 -36.11 26.25
C GLU E 363 22.24 -35.11 26.90
N HIS E 364 21.73 -34.26 27.78
CA HIS E 364 22.52 -33.11 28.23
C HIS E 364 23.78 -33.44 29.06
N VAL E 365 23.72 -34.51 29.88
CA VAL E 365 24.94 -34.98 30.55
C VAL E 365 26.03 -35.28 29.55
N GLY E 366 25.65 -35.77 28.38
CA GLY E 366 26.60 -36.06 27.32
C GLY E 366 27.33 -37.40 27.45
N HIS E 367 26.74 -38.37 28.14
CA HIS E 367 27.35 -39.70 28.22
C HIS E 367 26.31 -40.83 28.20
N GLU E 368 26.80 -42.06 28.15
CA GLU E 368 25.94 -43.24 27.98
C GLU E 368 25.39 -43.79 29.28
N HIS E 369 25.79 -43.22 30.41
CA HIS E 369 25.43 -43.79 31.71
C HIS E 369 24.10 -43.25 32.20
N THR E 370 23.07 -43.74 31.52
CA THR E 370 21.76 -43.13 31.53
C THR E 370 20.68 -44.20 31.30
N ARG E 371 19.58 -44.07 32.03
CA ARG E 371 18.44 -44.96 31.90
C ARG E 371 17.97 -45.03 30.44
N VAL E 372 17.77 -43.85 29.86
CA VAL E 372 17.32 -43.75 28.47
C VAL E 372 18.34 -44.37 27.50
N PHE E 373 19.61 -44.07 27.69
CA PHE E 373 20.63 -44.62 26.81
C PHE E 373 20.66 -46.14 26.89
N ARG E 374 20.63 -46.66 28.12
CA ARG E 374 20.67 -48.10 28.33
C ARG E 374 19.53 -48.80 27.59
N GLU E 375 18.32 -48.27 27.74
CA GLU E 375 17.18 -48.85 27.04
C GLU E 375 17.36 -48.75 25.53
N CYS E 376 17.94 -47.64 25.05
CA CYS E 376 18.23 -47.53 23.62
C CYS E 376 19.25 -48.57 23.16
N ALA E 377 20.32 -48.75 23.94
CA ALA E 377 21.39 -49.66 23.56
C ALA E 377 20.91 -51.10 23.56
N GLU E 378 20.01 -51.41 24.48
CA GLU E 378 19.44 -52.74 24.60
C GLU E 378 18.64 -53.10 23.33
N LEU E 379 17.80 -52.16 22.89
CA LEU E 379 16.98 -52.35 21.70
C LEU E 379 17.88 -52.56 20.48
N GLY E 380 18.83 -51.65 20.30
CA GLY E 380 19.83 -51.78 19.24
C GLY E 380 20.48 -53.14 19.15
N LYS E 381 20.84 -53.70 20.30
CA LYS E 381 21.47 -55.02 20.29
C LYS E 381 20.49 -56.08 19.77
N GLU E 382 19.26 -56.06 20.26
CA GLU E 382 18.26 -57.02 19.77
C GLU E 382 18.05 -56.92 18.25
N LEU E 383 18.03 -55.70 17.72
CA LEU E 383 17.85 -55.50 16.28
C LEU E 383 19.00 -56.06 15.46
N GLN E 384 20.21 -56.00 16.01
CA GLN E 384 21.33 -56.68 15.37
C GLN E 384 21.07 -58.18 15.32
N GLN E 385 20.62 -58.74 16.44
CA GLN E 385 20.37 -60.18 16.54
C GLN E 385 19.25 -60.66 15.63
N LEU E 386 18.27 -59.80 15.37
CA LEU E 386 17.17 -60.15 14.46
C LEU E 386 17.59 -60.29 13.01
N GLY E 387 18.57 -59.51 12.57
CA GLY E 387 18.99 -59.58 11.18
C GLY E 387 17.83 -59.30 10.24
N ASP E 388 17.77 -60.04 9.13
CA ASP E 388 16.78 -59.77 8.09
C ASP E 388 15.47 -60.52 8.34
N THR E 389 15.35 -61.13 9.51
CA THR E 389 14.31 -62.13 9.74
C THR E 389 12.92 -61.65 9.34
N ILE E 390 12.56 -60.47 9.82
CA ILE E 390 11.20 -59.97 9.70
C ILE E 390 10.98 -59.07 8.49
N LEU E 391 12.07 -58.65 7.87
CA LEU E 391 12.01 -57.74 6.75
C LEU E 391 11.10 -58.27 5.64
N ASP E 392 10.31 -57.36 5.06
CA ASP E 392 9.40 -57.72 3.97
C ASP E 392 8.19 -58.55 4.37
N ALA E 393 8.08 -58.91 5.65
CA ALA E 393 6.92 -59.66 6.12
C ALA E 393 5.61 -58.84 6.04
N ARG E 394 4.54 -59.49 5.60
CA ARG E 394 3.30 -58.79 5.30
C ARG E 394 2.12 -59.25 6.13
N SER E 395 1.15 -58.36 6.27
CA SER E 395 -0.11 -58.71 6.89
C SER E 395 -0.94 -59.57 5.95
N GLU E 396 -1.58 -60.58 6.52
CA GLU E 396 -2.55 -61.38 5.80
C GLU E 396 -3.92 -61.29 6.49
N ALA E 397 -4.30 -60.08 6.85
CA ALA E 397 -5.60 -59.84 7.45
C ALA E 397 -6.73 -60.29 6.53
N LYS E 398 -7.83 -60.72 7.14
CA LYS E 398 -9.07 -61.04 6.42
C LYS E 398 -10.14 -59.99 6.72
N VAL E 399 -9.85 -59.12 7.68
CA VAL E 399 -10.74 -58.02 8.02
C VAL E 399 -10.09 -56.69 7.63
N ALA E 400 -10.89 -55.82 7.03
CA ALA E 400 -10.38 -54.52 6.62
C ALA E 400 -11.28 -53.44 7.16
N VAL E 401 -10.69 -52.30 7.54
CA VAL E 401 -11.52 -51.12 7.81
C VAL E 401 -11.06 -49.91 7.00
N MET E 402 -12.05 -49.25 6.41
CA MET E 402 -11.81 -48.17 5.46
C MET E 402 -11.69 -46.83 6.15
N TYR E 403 -10.82 -45.99 5.59
CA TYR E 403 -10.61 -44.63 6.03
C TYR E 403 -10.26 -43.81 4.78
N ASP E 404 -10.74 -42.57 4.74
CA ASP E 404 -10.55 -41.72 3.56
C ASP E 404 -10.46 -40.24 3.94
N TRP E 405 -9.43 -39.57 3.44
CA TRP E 405 -9.21 -38.16 3.76
C TRP E 405 -10.22 -37.18 3.17
N GLU E 406 -10.74 -37.50 1.97
CA GLU E 406 -11.72 -36.61 1.33
C GLU E 406 -13.04 -36.74 2.06
N ASN E 407 -13.41 -37.99 2.34
CA ASN E 407 -14.54 -38.25 3.20
C ASN E 407 -14.38 -37.47 4.51
N ARG E 408 -13.21 -37.56 5.11
CA ARG E 408 -12.96 -36.87 6.37
C ARG E 408 -13.14 -35.35 6.23
N TRP E 409 -12.53 -34.78 5.19
CA TRP E 409 -12.63 -33.34 4.95
C TRP E 409 -14.08 -32.86 4.93
N ALA E 410 -14.91 -33.55 4.14
CA ALA E 410 -16.29 -33.15 3.97
C ALA E 410 -17.06 -33.34 5.27
N LEU E 411 -16.82 -34.44 5.97
CA LEU E 411 -17.45 -34.62 7.27
C LEU E 411 -17.08 -33.49 8.22
N GLU E 412 -15.81 -33.11 8.26
CA GLU E 412 -15.38 -32.11 9.23
C GLU E 412 -15.73 -30.69 8.80
N LEU E 413 -16.09 -30.52 7.53
CA LEU E 413 -16.53 -29.22 7.05
C LEU E 413 -18.05 -29.07 7.11
N SER E 414 -18.75 -30.19 7.32
CA SER E 414 -20.21 -30.20 7.26
C SER E 414 -20.83 -29.38 8.38
N SER E 415 -21.84 -28.59 8.04
CA SER E 415 -22.62 -27.89 9.04
C SER E 415 -23.74 -28.82 9.50
N GLY E 416 -23.57 -29.40 10.69
CA GLY E 416 -24.45 -30.46 11.16
C GLY E 416 -23.99 -31.78 10.60
N PRO E 417 -24.57 -32.89 11.07
CA PRO E 417 -25.70 -32.96 12.00
C PRO E 417 -25.30 -32.90 13.47
N SER E 418 -24.02 -33.00 13.77
CA SER E 418 -23.59 -32.95 15.17
C SER E 418 -22.11 -32.61 15.39
N ILE E 419 -21.84 -31.65 16.27
CA ILE E 419 -20.45 -31.35 16.61
C ILE E 419 -19.80 -32.48 17.42
N ALA E 420 -20.62 -33.42 17.91
CA ALA E 420 -20.10 -34.57 18.67
C ALA E 420 -19.73 -35.75 17.76
N LEU E 421 -19.98 -35.59 16.46
CA LEU E 421 -19.55 -36.59 15.48
C LEU E 421 -18.08 -36.39 15.11
N ASN E 422 -17.27 -37.38 15.44
CA ASN E 422 -15.85 -37.33 15.16
C ASN E 422 -15.44 -38.55 14.32
N TYR E 423 -15.11 -38.30 13.07
CA TYR E 423 -14.87 -39.37 12.11
C TYR E 423 -13.80 -40.36 12.57
N VAL E 424 -12.65 -39.86 13.02
CA VAL E 424 -11.57 -40.77 13.43
C VAL E 424 -11.97 -41.58 14.67
N ASN E 425 -12.69 -40.95 15.59
CA ASN E 425 -13.15 -41.66 16.77
C ASN E 425 -14.05 -42.84 16.38
N GLU E 426 -14.93 -42.61 15.42
CA GLU E 426 -15.84 -43.68 14.98
C GLU E 426 -15.09 -44.80 14.28
N VAL E 427 -14.13 -44.42 13.44
CA VAL E 427 -13.28 -45.41 12.81
C VAL E 427 -12.54 -46.21 13.88
N HIS E 428 -11.93 -45.52 14.83
CA HIS E 428 -11.22 -46.16 15.94
C HIS E 428 -12.09 -47.10 16.76
N LYS E 429 -13.35 -46.73 17.00
CA LYS E 429 -14.28 -47.59 17.74
C LYS E 429 -14.40 -48.99 17.13
N TYR E 430 -14.41 -49.06 15.81
CA TYR E 430 -14.46 -50.34 15.13
C TYR E 430 -13.10 -51.04 15.16
N TYR E 431 -12.03 -50.30 14.91
CA TYR E 431 -10.69 -50.87 14.98
C TYR E 431 -10.35 -51.38 16.39
N ASP E 432 -10.78 -50.66 17.43
CA ASP E 432 -10.52 -51.07 18.81
C ASP E 432 -11.15 -52.41 19.08
N ALA E 433 -12.42 -52.56 18.70
CA ALA E 433 -13.13 -53.82 18.92
C ALA E 433 -12.34 -54.97 18.33
N LEU E 434 -11.81 -54.77 17.12
CA LEU E 434 -11.00 -55.79 16.47
C LEU E 434 -9.71 -55.99 17.25
N TYR E 435 -9.04 -54.89 17.58
CA TYR E 435 -7.78 -54.91 18.33
C TYR E 435 -7.86 -55.72 19.64
N LYS E 436 -8.95 -55.54 20.38
CA LYS E 436 -9.14 -56.22 21.65
C LYS E 436 -9.34 -57.74 21.53
N GLN E 437 -9.61 -58.22 20.33
CA GLN E 437 -9.82 -59.66 20.12
C GLN E 437 -8.67 -60.28 19.36
N ASN E 438 -7.66 -59.47 19.05
CA ASN E 438 -6.51 -59.91 18.27
C ASN E 438 -6.91 -60.45 16.90
N ILE E 439 -7.89 -59.78 16.28
CA ILE E 439 -8.25 -60.09 14.90
C ILE E 439 -7.34 -59.31 13.97
N GLN E 440 -6.52 -60.02 13.18
CA GLN E 440 -5.62 -59.33 12.25
C GLN E 440 -6.42 -58.45 11.29
N THR E 441 -6.15 -57.14 11.27
CA THR E 441 -6.91 -56.27 10.36
C THR E 441 -6.05 -55.28 9.58
N ASP E 442 -6.51 -54.91 8.39
CA ASP E 442 -5.84 -53.88 7.60
C ASP E 442 -6.69 -52.61 7.59
N MET E 443 -6.07 -51.47 7.88
CA MET E 443 -6.65 -50.18 7.53
C MET E 443 -6.39 -49.98 6.03
N ILE E 444 -7.44 -49.69 5.27
CA ILE E 444 -7.33 -49.61 3.81
C ILE E 444 -8.07 -48.40 3.22
N SER E 445 -7.69 -48.04 1.99
CA SER E 445 -8.37 -46.97 1.27
C SER E 445 -9.69 -47.46 0.68
N VAL E 446 -10.58 -46.53 0.32
CA VAL E 446 -11.86 -46.90 -0.29
C VAL E 446 -11.65 -47.48 -1.70
N GLU E 447 -10.49 -47.24 -2.27
CA GLU E 447 -10.16 -47.76 -3.60
C GLU E 447 -9.51 -49.16 -3.58
N GLU E 448 -9.23 -49.67 -2.38
CA GLU E 448 -8.48 -50.92 -2.23
C GLU E 448 -9.17 -52.15 -2.88
N ASP E 449 -8.38 -53.06 -3.43
CA ASP E 449 -8.91 -54.34 -3.89
C ASP E 449 -9.47 -55.16 -2.72
N LEU E 450 -10.80 -55.29 -2.67
CA LEU E 450 -11.50 -55.95 -1.59
C LEU E 450 -11.49 -57.49 -1.60
N SER E 451 -11.01 -58.10 -2.68
CA SER E 451 -11.15 -59.56 -2.82
C SER E 451 -10.38 -60.38 -1.77
N LYS E 452 -9.27 -59.83 -1.29
CA LYS E 452 -8.46 -60.52 -0.31
C LYS E 452 -9.13 -60.66 1.05
N TYR E 453 -10.25 -59.97 1.23
CA TYR E 453 -10.90 -59.88 2.53
C TYR E 453 -12.17 -60.72 2.65
N LYS E 454 -12.55 -61.01 3.90
CA LYS E 454 -13.85 -61.64 4.16
C LYS E 454 -14.81 -60.69 4.87
N VAL E 455 -14.25 -59.73 5.61
CA VAL E 455 -15.05 -58.70 6.28
C VAL E 455 -14.48 -57.31 5.96
N VAL E 456 -15.33 -56.43 5.44
CA VAL E 456 -14.92 -55.05 5.15
C VAL E 456 -15.83 -54.06 5.87
N ILE E 457 -15.22 -53.19 6.66
CA ILE E 457 -15.96 -52.24 7.49
C ILE E 457 -15.69 -50.79 7.10
N ALA E 458 -16.75 -50.03 6.85
CA ALA E 458 -16.62 -48.65 6.42
C ALA E 458 -17.39 -47.74 7.35
N PRO E 459 -16.81 -47.40 8.52
CA PRO E 459 -17.56 -46.52 9.42
C PRO E 459 -17.80 -45.16 8.77
N VAL E 460 -18.99 -44.59 8.98
CA VAL E 460 -19.39 -43.29 8.43
C VAL E 460 -18.79 -43.00 7.03
N MET E 461 -19.14 -43.81 6.03
CA MET E 461 -18.72 -43.56 4.66
C MET E 461 -19.68 -42.56 4.04
N TYR E 462 -19.64 -41.35 4.60
CA TYR E 462 -20.47 -40.22 4.22
C TYR E 462 -20.38 -39.96 2.72
N MET E 463 -19.15 -39.89 2.21
CA MET E 463 -18.93 -39.63 0.80
C MET E 463 -18.64 -40.93 0.06
N VAL E 464 -19.49 -41.23 -0.91
CA VAL E 464 -19.34 -42.39 -1.75
C VAL E 464 -18.84 -41.96 -3.13
N LYS E 465 -17.62 -42.36 -3.48
CA LYS E 465 -16.97 -41.95 -4.72
C LYS E 465 -17.34 -42.83 -5.89
N PRO E 466 -17.03 -42.39 -7.12
CA PRO E 466 -17.38 -43.21 -8.29
C PRO E 466 -16.71 -44.58 -8.22
N GLY E 467 -17.44 -45.62 -8.59
CA GLY E 467 -16.92 -46.98 -8.57
C GLY E 467 -17.07 -47.68 -7.23
N PHE E 468 -17.20 -46.91 -6.16
CA PHE E 468 -17.24 -47.49 -4.82
C PHE E 468 -18.41 -48.45 -4.63
N ALA E 469 -19.62 -47.96 -4.82
CA ALA E 469 -20.81 -48.77 -4.59
C ALA E 469 -20.78 -50.11 -5.33
N GLU E 470 -20.38 -50.10 -6.59
CA GLU E 470 -20.37 -51.31 -7.39
C GLU E 470 -19.26 -52.29 -6.94
N ARG E 471 -18.11 -51.73 -6.58
CA ARG E 471 -17.04 -52.54 -6.02
C ARG E 471 -17.54 -53.29 -4.78
N VAL E 472 -18.27 -52.61 -3.87
CA VAL E 472 -18.73 -53.35 -2.69
C VAL E 472 -19.84 -54.33 -3.04
N GLU E 473 -20.76 -53.95 -3.92
CA GLU E 473 -21.80 -54.89 -4.36
C GLU E 473 -21.18 -56.19 -4.85
N ARG E 474 -20.14 -56.09 -5.66
CA ARG E 474 -19.51 -57.29 -6.17
C ARG E 474 -18.83 -58.05 -5.03
N PHE E 475 -18.22 -57.31 -4.10
CA PHE E 475 -17.54 -57.94 -2.98
C PHE E 475 -18.54 -58.76 -2.14
N VAL E 476 -19.69 -58.17 -1.86
CA VAL E 476 -20.72 -58.84 -1.06
C VAL E 476 -21.37 -60.01 -1.80
N ALA E 477 -21.76 -59.80 -3.06
CA ALA E 477 -22.41 -60.86 -3.83
C ALA E 477 -21.52 -62.11 -3.90
N GLN E 478 -20.21 -61.90 -3.92
CA GLN E 478 -19.30 -63.03 -3.97
C GLN E 478 -19.08 -63.68 -2.60
N GLY E 479 -19.68 -63.12 -1.56
CA GLY E 479 -19.68 -63.76 -0.26
C GLY E 479 -19.02 -63.01 0.89
N GLY E 480 -18.52 -61.81 0.63
CA GLY E 480 -17.96 -61.00 1.69
C GLY E 480 -19.00 -60.43 2.63
N THR E 481 -18.62 -60.03 3.83
CA THR E 481 -19.54 -59.19 4.56
C THR E 481 -19.08 -57.73 4.57
N PHE E 482 -20.04 -56.83 4.38
CA PHE E 482 -19.75 -55.40 4.37
C PHE E 482 -20.54 -54.75 5.50
N VAL E 483 -19.88 -53.85 6.21
CA VAL E 483 -20.52 -53.13 7.29
C VAL E 483 -20.38 -51.64 7.03
N THR E 484 -21.46 -50.90 7.23
CA THR E 484 -21.36 -49.44 7.28
C THR E 484 -22.39 -48.88 8.26
N THR E 485 -22.51 -47.57 8.35
CA THR E 485 -23.23 -46.97 9.48
C THR E 485 -24.13 -45.78 9.14
N PHE E 486 -24.76 -45.23 10.18
CA PHE E 486 -25.47 -43.97 10.10
C PHE E 486 -24.64 -42.94 9.35
N PHE E 487 -25.34 -42.08 8.61
CA PHE E 487 -24.74 -40.97 7.88
C PHE E 487 -23.73 -41.44 6.85
N SER E 488 -23.99 -42.61 6.25
CA SER E 488 -23.19 -43.12 5.13
C SER E 488 -23.97 -43.05 3.82
N GLY E 489 -23.23 -42.92 2.71
CA GLY E 489 -23.82 -42.90 1.39
C GLY E 489 -24.63 -41.64 1.16
N ILE E 490 -24.23 -40.55 1.79
CA ILE E 490 -25.01 -39.32 1.74
C ILE E 490 -24.66 -38.46 0.53
N VAL E 491 -23.37 -38.30 0.26
CA VAL E 491 -22.93 -37.40 -0.79
C VAL E 491 -21.99 -38.03 -1.81
N ASN E 492 -21.70 -37.30 -2.88
CA ASN E 492 -20.68 -37.68 -3.84
C ASN E 492 -19.36 -36.95 -3.60
N GLU E 493 -18.47 -37.03 -4.58
CA GLU E 493 -17.14 -36.47 -4.49
C GLU E 493 -17.18 -34.95 -4.35
N ASN E 494 -18.28 -34.34 -4.75
CA ASN E 494 -18.40 -32.90 -4.66
C ASN E 494 -19.18 -32.45 -3.43
N ASP E 495 -19.47 -33.38 -2.53
CA ASP E 495 -20.27 -33.07 -1.36
C ASP E 495 -21.67 -32.61 -1.74
N LEU E 496 -22.18 -33.14 -2.85
CA LEU E 496 -23.56 -32.92 -3.28
C LEU E 496 -24.39 -34.14 -2.87
N VAL E 497 -25.54 -33.90 -2.26
CA VAL E 497 -26.37 -34.99 -1.77
C VAL E 497 -26.85 -35.87 -2.92
N THR E 498 -26.59 -37.17 -2.81
CA THR E 498 -27.19 -38.17 -3.67
C THR E 498 -28.67 -38.30 -3.29
N LEU E 499 -29.55 -37.80 -4.15
CA LEU E 499 -30.99 -37.74 -3.85
C LEU E 499 -31.71 -39.08 -4.02
N GLY E 500 -32.92 -39.17 -3.48
CA GLY E 500 -33.72 -40.37 -3.66
C GLY E 500 -33.82 -41.26 -2.44
N GLY E 501 -33.13 -40.87 -1.36
CA GLY E 501 -33.18 -41.58 -0.10
C GLY E 501 -31.84 -42.17 0.31
N TYR E 502 -31.39 -41.82 1.52
CA TYR E 502 -30.19 -42.43 2.08
C TYR E 502 -30.40 -43.92 2.26
N PRO E 503 -29.32 -44.72 2.13
CA PRO E 503 -27.94 -44.35 1.87
C PRO E 503 -27.55 -44.28 0.39
N GLY E 504 -28.47 -43.82 -0.45
CA GLY E 504 -28.15 -43.52 -1.84
C GLY E 504 -27.60 -44.67 -2.66
N GLU E 505 -26.39 -44.52 -3.19
CA GLU E 505 -25.82 -45.57 -4.01
C GLU E 505 -25.64 -46.87 -3.24
N LEU E 506 -25.69 -46.82 -1.92
CA LEU E 506 -25.47 -48.00 -1.09
C LEU E 506 -26.78 -48.64 -0.65
N ARG E 507 -27.89 -48.01 -1.01
CA ARG E 507 -29.22 -48.44 -0.56
C ARG E 507 -29.55 -49.85 -1.00
N ASN E 508 -29.26 -50.19 -2.25
CA ASN E 508 -29.51 -51.53 -2.74
C ASN E 508 -28.75 -52.60 -1.95
N VAL E 509 -27.45 -52.40 -1.73
CA VAL E 509 -26.67 -53.43 -1.03
C VAL E 509 -26.98 -53.53 0.46
N MET E 510 -27.38 -52.43 1.09
CA MET E 510 -27.66 -52.45 2.52
C MET E 510 -29.07 -52.95 2.80
N GLY E 511 -29.97 -52.82 1.84
CA GLY E 511 -31.34 -53.30 2.01
C GLY E 511 -32.19 -52.46 2.95
N ILE E 512 -31.75 -51.23 3.24
CA ILE E 512 -32.51 -50.34 4.10
C ILE E 512 -32.60 -48.92 3.52
N TRP E 513 -33.59 -48.17 4.01
CA TRP E 513 -33.74 -46.75 3.67
C TRP E 513 -33.71 -45.94 4.96
N ALA E 514 -32.76 -45.02 5.06
CA ALA E 514 -32.66 -44.18 6.24
C ALA E 514 -33.39 -42.87 5.99
N GLU E 515 -34.52 -42.70 6.66
CA GLU E 515 -35.40 -41.58 6.44
C GLU E 515 -34.86 -40.27 7.03
N GLU E 516 -34.47 -40.27 8.29
CA GLU E 516 -33.97 -39.07 8.93
C GLU E 516 -33.00 -39.45 10.02
N ILE E 517 -32.11 -38.52 10.38
CA ILE E 517 -31.15 -38.78 11.43
C ILE E 517 -31.34 -37.83 12.61
N ASP E 518 -31.18 -38.36 13.82
CA ASP E 518 -31.37 -37.57 15.02
C ASP E 518 -30.05 -37.38 15.77
N ALA E 519 -29.72 -36.14 16.08
CA ALA E 519 -28.52 -35.85 16.85
C ALA E 519 -28.83 -35.81 18.35
N LEU E 520 -28.08 -36.59 19.13
CA LEU E 520 -28.32 -36.62 20.57
C LEU E 520 -27.56 -35.48 21.26
N LEU E 521 -28.21 -34.78 22.18
CA LEU E 521 -27.53 -33.79 23.00
C LEU E 521 -26.57 -34.52 23.93
N PRO E 522 -25.49 -33.85 24.34
CA PRO E 522 -24.48 -34.54 25.16
C PRO E 522 -25.13 -35.15 26.39
N GLY E 523 -24.70 -36.35 26.77
CA GLY E 523 -25.20 -36.99 27.97
C GLY E 523 -26.44 -37.83 27.75
N HIS E 524 -26.98 -37.78 26.54
CA HIS E 524 -28.15 -38.57 26.20
C HIS E 524 -27.74 -39.80 25.41
N GLN E 525 -28.43 -40.91 25.66
CA GLN E 525 -28.16 -42.11 24.90
C GLN E 525 -29.46 -42.77 24.49
N ASN E 526 -29.34 -43.76 23.60
CA ASN E 526 -30.43 -44.65 23.33
C ASN E 526 -29.94 -46.06 23.62
N GLU E 527 -30.72 -47.03 23.18
CA GLU E 527 -30.51 -48.40 23.60
C GLU E 527 -30.71 -49.32 22.40
N ILE E 528 -29.72 -50.17 22.17
CA ILE E 528 -29.81 -51.22 21.18
C ILE E 528 -30.40 -52.51 21.79
N VAL E 529 -31.63 -52.82 21.41
CA VAL E 529 -32.33 -54.00 21.93
C VAL E 529 -32.36 -55.14 20.92
N LEU E 530 -31.72 -56.25 21.25
CA LEU E 530 -31.74 -57.38 20.33
C LEU E 530 -33.13 -58.04 20.24
N ARG E 531 -33.57 -58.30 19.02
CA ARG E 531 -34.81 -59.06 18.79
C ARG E 531 -34.73 -60.38 19.55
N GLN E 532 -33.63 -61.10 19.37
CA GLN E 532 -33.35 -62.30 20.14
C GLN E 532 -31.84 -62.50 20.24
N ASP E 533 -31.42 -63.49 21.00
CA ASP E 533 -29.99 -63.79 21.14
C ASP E 533 -29.39 -64.06 19.77
N TRP E 534 -28.19 -63.54 19.55
CA TRP E 534 -27.47 -63.77 18.30
C TRP E 534 -25.97 -63.82 18.60
N GLY E 535 -25.39 -65.02 18.54
CA GLY E 535 -24.01 -65.21 18.92
C GLY E 535 -23.67 -64.46 20.20
N GLY E 536 -22.60 -63.69 20.16
CA GLY E 536 -22.16 -62.93 21.32
C GLY E 536 -23.02 -61.72 21.64
N LEU E 537 -24.12 -61.53 20.92
CA LEU E 537 -25.02 -60.41 21.20
C LEU E 537 -26.34 -60.86 21.86
N ARG E 538 -26.64 -60.28 23.01
CA ARG E 538 -27.76 -60.70 23.81
C ARG E 538 -28.23 -59.52 24.67
N GLY E 539 -29.55 -59.32 24.76
CA GLY E 539 -30.10 -58.28 25.60
C GLY E 539 -29.90 -56.86 25.08
N SER E 540 -29.65 -55.93 25.99
CA SER E 540 -29.51 -54.54 25.61
C SER E 540 -28.09 -54.01 25.73
N TYR E 541 -27.75 -53.11 24.82
CA TYR E 541 -26.51 -52.35 24.85
C TYR E 541 -26.94 -50.92 24.62
N SER E 542 -26.07 -49.97 24.90
CA SER E 542 -26.44 -48.59 24.68
C SER E 542 -25.75 -48.06 23.43
N CYS E 543 -26.24 -46.92 22.94
CA CYS E 543 -25.66 -46.27 21.78
C CYS E 543 -25.86 -44.77 21.92
N GLY E 544 -25.18 -43.97 21.08
CA GLY E 544 -25.35 -42.52 21.15
C GLY E 544 -24.81 -41.73 19.98
N ILE E 545 -24.74 -40.41 20.16
CA ILE E 545 -24.27 -39.44 19.15
C ILE E 545 -25.31 -39.17 18.05
N LEU E 546 -25.46 -40.10 17.11
CA LEU E 546 -26.50 -39.98 16.09
C LEU E 546 -27.34 -41.24 16.04
N CYS E 547 -28.64 -41.10 15.75
CA CYS E 547 -29.49 -42.27 15.55
C CYS E 547 -30.21 -42.12 14.24
N ASP E 548 -29.90 -43.01 13.29
CA ASP E 548 -30.54 -43.02 11.99
C ASP E 548 -31.88 -43.73 12.14
N VAL E 549 -32.94 -43.12 11.64
CA VAL E 549 -34.26 -43.73 11.69
C VAL E 549 -34.46 -44.38 10.33
N ILE E 550 -34.45 -45.70 10.29
CA ILE E 550 -34.43 -46.41 9.01
C ILE E 550 -35.61 -47.35 8.84
N HIS E 551 -35.81 -47.80 7.60
CA HIS E 551 -36.80 -48.81 7.28
C HIS E 551 -36.13 -50.02 6.64
N ALA E 552 -36.45 -51.21 7.15
CA ALA E 552 -35.99 -52.43 6.53
C ALA E 552 -36.71 -52.58 5.21
N GLU E 553 -35.97 -52.81 4.14
CA GLU E 553 -36.58 -53.09 2.84
C GLU E 553 -36.40 -54.58 2.51
N THR E 554 -35.21 -55.00 2.09
CA THR E 554 -34.95 -56.43 1.93
C THR E 554 -34.23 -57.00 3.15
N ALA E 555 -33.68 -56.12 3.97
CA ALA E 555 -32.82 -56.52 5.09
C ALA E 555 -33.58 -57.05 6.30
N GLU E 556 -32.96 -57.99 7.00
CA GLU E 556 -33.50 -58.56 8.25
C GLU E 556 -33.18 -57.61 9.40
N VAL E 557 -34.11 -57.47 10.36
CA VAL E 557 -33.85 -56.64 11.54
C VAL E 557 -33.30 -57.49 12.67
N LEU E 558 -32.12 -57.13 13.18
CA LEU E 558 -31.50 -57.89 14.27
C LEU E 558 -31.69 -57.21 15.64
N ALA E 559 -31.82 -55.89 15.65
CA ALA E 559 -31.97 -55.16 16.89
C ALA E 559 -32.81 -53.91 16.66
N GLU E 560 -33.49 -53.45 17.70
CA GLU E 560 -34.34 -52.28 17.60
C GLU E 560 -33.90 -51.22 18.61
N TYR E 561 -34.36 -49.99 18.41
CA TYR E 561 -34.16 -48.92 19.39
C TYR E 561 -35.07 -49.17 20.56
N GLY E 562 -34.56 -48.99 21.78
CA GLY E 562 -35.37 -49.23 22.96
C GLY E 562 -36.05 -48.00 23.53
N ALA E 563 -35.77 -46.83 22.95
CA ALA E 563 -36.33 -45.59 23.49
C ALA E 563 -36.63 -44.48 22.46
N ASP E 564 -37.23 -43.40 22.96
CA ASP E 564 -37.51 -42.21 22.16
C ASP E 564 -38.56 -42.50 21.10
N TYR E 565 -38.79 -41.54 20.20
CA TYR E 565 -39.90 -41.65 19.25
C TYR E 565 -39.68 -42.68 18.13
N TYR E 566 -38.44 -43.11 17.95
CA TYR E 566 -38.16 -44.16 16.99
C TYR E 566 -37.98 -45.51 17.68
N LYS E 567 -38.46 -45.62 18.91
CA LYS E 567 -38.44 -46.89 19.63
C LYS E 567 -39.15 -47.95 18.80
N GLY E 568 -38.58 -49.16 18.77
CA GLY E 568 -39.17 -50.27 18.04
C GLY E 568 -38.75 -50.33 16.59
N THR E 569 -37.91 -49.39 16.16
CA THR E 569 -37.48 -49.35 14.77
C THR E 569 -36.03 -49.79 14.71
N PRO E 570 -35.60 -50.28 13.53
CA PRO E 570 -34.35 -51.01 13.40
C PRO E 570 -33.12 -50.17 13.73
N VAL E 571 -32.22 -50.71 14.53
CA VAL E 571 -30.93 -50.06 14.76
C VAL E 571 -29.79 -50.92 14.23
N LEU E 572 -30.05 -52.22 14.07
CA LEU E 572 -29.11 -53.14 13.43
C LEU E 572 -29.83 -54.05 12.42
N THR E 573 -29.34 -54.07 11.17
CA THR E 573 -29.97 -54.88 10.14
C THR E 573 -28.97 -55.75 9.44
N ARG E 574 -29.46 -56.81 8.80
CA ARG E 574 -28.63 -57.73 8.05
C ARG E 574 -29.30 -58.05 6.72
N ASN E 575 -28.63 -57.72 5.64
CA ASN E 575 -29.17 -57.92 4.32
C ASN E 575 -28.40 -59.01 3.60
N LYS E 576 -29.07 -60.11 3.30
CA LYS E 576 -28.48 -61.15 2.47
C LYS E 576 -28.42 -60.66 1.02
N PHE E 577 -27.24 -60.68 0.43
CA PHE E 577 -27.03 -60.10 -0.89
C PHE E 577 -26.07 -61.01 -1.66
N GLY E 578 -26.59 -61.70 -2.67
CA GLY E 578 -25.78 -62.70 -3.33
C GLY E 578 -25.35 -63.75 -2.31
N ASN E 579 -24.06 -64.09 -2.27
CA ASN E 579 -23.57 -65.05 -1.29
C ASN E 579 -23.12 -64.44 0.02
N GLY E 580 -23.17 -63.12 0.12
CA GLY E 580 -22.65 -62.42 1.28
C GLY E 580 -23.73 -61.73 2.06
N GLN E 581 -23.33 -60.83 2.96
CA GLN E 581 -24.24 -60.14 3.87
C GLN E 581 -23.74 -58.70 4.05
N SER E 582 -24.67 -57.79 4.31
CA SER E 582 -24.29 -56.45 4.71
C SER E 582 -25.01 -56.09 6.01
N TYR E 583 -24.27 -55.48 6.93
CA TYR E 583 -24.83 -55.00 8.19
C TYR E 583 -24.80 -53.48 8.25
N TYR E 584 -25.94 -52.88 8.57
CA TYR E 584 -26.04 -51.44 8.74
C TYR E 584 -26.22 -51.14 10.23
N VAL E 585 -25.30 -50.33 10.78
CA VAL E 585 -25.35 -49.98 12.19
C VAL E 585 -25.85 -48.54 12.34
N ALA E 586 -27.12 -48.40 12.72
CA ALA E 586 -27.84 -47.12 12.66
C ALA E 586 -27.46 -46.09 13.73
N SER E 587 -26.57 -46.47 14.63
CA SER E 587 -26.11 -45.55 15.67
C SER E 587 -24.67 -45.89 16.08
N SER E 588 -24.11 -45.11 16.99
CA SER E 588 -22.78 -45.37 17.51
C SER E 588 -22.91 -46.18 18.80
N PRO E 589 -22.47 -47.43 18.76
CA PRO E 589 -22.75 -48.30 19.92
C PRO E 589 -21.59 -48.33 20.91
N ASP E 590 -21.87 -48.83 22.12
CA ASP E 590 -20.82 -48.96 23.13
C ASP E 590 -19.80 -50.05 22.78
N ALA E 591 -18.74 -50.15 23.56
CA ALA E 591 -17.69 -51.10 23.29
C ALA E 591 -18.18 -52.54 23.38
N ASP E 592 -19.09 -52.82 24.31
CA ASP E 592 -19.60 -54.19 24.48
C ASP E 592 -20.35 -54.68 23.26
N PHE E 593 -21.26 -53.86 22.75
CA PHE E 593 -22.00 -54.23 21.54
C PHE E 593 -21.04 -54.49 20.38
N LEU E 594 -20.07 -53.60 20.18
CA LEU E 594 -19.11 -53.78 19.10
C LEU E 594 -18.26 -55.04 19.29
N GLN E 595 -17.95 -55.37 20.53
CA GLN E 595 -17.26 -56.62 20.80
C GLN E 595 -18.10 -57.78 20.27
N GLY E 596 -19.36 -57.83 20.67
CA GLY E 596 -20.27 -58.87 20.20
C GLY E 596 -20.40 -58.91 18.69
N LEU E 597 -20.71 -57.76 18.09
CA LEU E 597 -20.86 -57.68 16.64
C LEU E 597 -19.62 -58.19 15.90
N ILE E 598 -18.45 -57.69 16.28
CA ILE E 598 -17.21 -58.11 15.65
C ILE E 598 -16.96 -59.62 15.82
N ALA E 599 -17.25 -60.15 17.00
CA ALA E 599 -17.12 -61.60 17.21
C ALA E 599 -18.05 -62.37 16.28
N ASN E 600 -19.31 -61.94 16.19
CA ASN E 600 -20.27 -62.57 15.30
C ASN E 600 -19.84 -62.49 13.84
N LEU E 601 -19.39 -61.32 13.40
CA LEU E 601 -19.03 -61.17 12.00
C LEU E 601 -17.83 -62.02 11.62
N CYS E 602 -16.86 -62.13 12.53
CA CYS E 602 -15.69 -62.93 12.25
C CYS E 602 -16.02 -64.43 12.19
N GLU E 603 -16.84 -64.89 13.13
CA GLU E 603 -17.19 -66.30 13.18
C GLU E 603 -18.00 -66.67 11.94
N GLU E 604 -18.82 -65.74 11.47
CA GLU E 604 -19.66 -65.98 10.30
C GLU E 604 -18.79 -66.24 9.07
N GLN E 605 -17.65 -65.58 9.02
CA GLN E 605 -16.72 -65.79 7.91
C GLN E 605 -15.57 -66.73 8.25
N GLY E 606 -15.65 -67.36 9.42
CA GLY E 606 -14.61 -68.30 9.85
C GLY E 606 -13.26 -67.65 10.14
N VAL E 607 -13.27 -66.37 10.51
CA VAL E 607 -12.03 -65.70 10.91
C VAL E 607 -11.92 -65.69 12.44
N LYS E 608 -10.74 -66.07 12.92
CA LYS E 608 -10.54 -66.27 14.34
C LYS E 608 -9.42 -65.40 14.87
N PRO E 609 -9.45 -65.13 16.17
CA PRO E 609 -8.34 -64.43 16.82
C PRO E 609 -7.02 -65.17 16.59
N LEU E 610 -5.96 -64.39 16.39
CA LEU E 610 -4.60 -64.90 16.32
C LEU E 610 -4.29 -65.70 17.59
N LEU E 611 -4.69 -65.13 18.73
CA LEU E 611 -4.40 -65.66 20.06
C LEU E 611 -5.41 -65.06 21.04
N ASN E 612 -5.85 -65.83 22.02
CA ASN E 612 -6.64 -65.25 23.12
C ASN E 612 -5.73 -64.81 24.28
N THR E 613 -5.80 -63.53 24.63
CA THR E 613 -4.93 -62.96 25.65
C THR E 613 -5.72 -62.05 26.59
N PRO E 614 -5.15 -61.75 27.77
CA PRO E 614 -5.78 -60.81 28.71
C PRO E 614 -5.79 -59.40 28.15
N ASP E 615 -6.67 -58.54 28.66
CA ASP E 615 -6.74 -57.15 28.24
C ASP E 615 -5.38 -56.49 28.22
N GLY E 616 -5.09 -55.72 27.18
CA GLY E 616 -3.87 -54.94 27.11
C GLY E 616 -2.68 -55.72 26.60
N VAL E 617 -2.88 -57.01 26.33
CA VAL E 617 -1.85 -57.82 25.69
C VAL E 617 -2.17 -57.90 24.20
N GLU E 618 -1.52 -57.05 23.43
CA GLU E 618 -1.80 -56.94 22.00
C GLU E 618 -1.05 -57.97 21.15
N VAL E 619 -1.77 -58.59 20.22
CA VAL E 619 -1.16 -59.53 19.30
C VAL E 619 -1.39 -59.11 17.84
N ALA E 620 -0.33 -59.13 17.04
CA ALA E 620 -0.46 -58.84 15.62
C ALA E 620 0.46 -59.74 14.82
N GLU E 621 0.11 -59.98 13.55
CA GLU E 621 0.85 -60.96 12.76
C GLU E 621 1.45 -60.41 11.47
N ARG E 622 2.71 -60.77 11.21
CA ARG E 622 3.34 -60.55 9.92
C ARG E 622 3.83 -61.90 9.38
N VAL E 623 3.52 -62.18 8.12
CA VAL E 623 3.87 -63.44 7.48
C VAL E 623 4.92 -63.25 6.39
N LYS E 624 5.86 -64.19 6.30
CA LYS E 624 6.92 -64.15 5.30
C LYS E 624 7.10 -65.54 4.68
N ASN E 625 6.87 -65.66 3.38
CA ASN E 625 6.79 -66.96 2.74
C ASN E 625 5.76 -67.85 3.42
N GLY E 626 6.23 -68.89 4.10
CA GLY E 626 5.32 -69.76 4.83
C GLY E 626 5.54 -69.73 6.33
N THR E 627 6.09 -68.62 6.81
CA THR E 627 6.40 -68.48 8.22
C THR E 627 5.60 -67.33 8.81
N SER E 628 5.03 -67.56 9.98
CA SER E 628 4.23 -66.55 10.68
C SER E 628 4.95 -66.03 11.91
N TYR E 629 4.90 -64.72 12.11
CA TYR E 629 5.51 -64.13 13.28
C TYR E 629 4.44 -63.41 14.06
N LEU E 630 4.14 -63.92 15.25
CA LEU E 630 3.18 -63.29 16.13
C LEU E 630 3.91 -62.36 17.07
N PHE E 631 3.63 -61.07 16.96
CA PHE E 631 4.17 -60.10 17.91
C PHE E 631 3.19 -60.01 19.06
N VAL E 632 3.65 -60.37 20.26
CA VAL E 632 2.84 -60.30 21.46
C VAL E 632 3.39 -59.20 22.38
N MET E 633 2.53 -58.24 22.71
CA MET E 633 3.01 -57.04 23.39
C MET E 633 2.16 -56.72 24.60
N ASN E 634 2.81 -56.72 25.77
CA ASN E 634 2.11 -56.51 27.04
C ASN E 634 2.16 -55.05 27.48
N HIS E 635 1.07 -54.34 27.24
CA HIS E 635 0.96 -52.92 27.56
C HIS E 635 0.78 -52.70 29.06
N ASN E 636 0.37 -53.74 29.77
CA ASN E 636 0.15 -53.65 31.22
C ASN E 636 1.43 -53.45 32.03
N ALA E 637 1.31 -52.85 33.21
CA ALA E 637 2.48 -52.62 34.05
C ALA E 637 2.76 -53.83 34.93
N GLU E 638 2.06 -54.94 34.66
CA GLU E 638 2.26 -56.19 35.38
C GLU E 638 2.50 -57.36 34.44
N GLU E 639 3.24 -58.35 34.92
CA GLU E 639 3.39 -59.59 34.18
C GLU E 639 2.02 -60.16 33.82
N MET E 640 1.95 -60.93 32.75
CA MET E 640 0.69 -61.48 32.28
C MET E 640 0.95 -62.86 31.69
N THR E 641 -0.08 -63.71 31.69
CA THR E 641 0.06 -65.05 31.11
C THR E 641 -1.08 -65.36 30.13
N PHE E 642 -0.76 -66.05 29.05
CA PHE E 642 -1.75 -66.35 28.03
C PHE E 642 -1.51 -67.73 27.47
N ASP E 643 -2.50 -68.30 26.79
CA ASP E 643 -2.29 -69.59 26.11
C ASP E 643 -1.66 -69.33 24.76
N ALA E 644 -0.39 -69.69 24.61
CA ALA E 644 0.33 -69.43 23.38
C ALA E 644 0.00 -70.47 22.33
N GLY E 645 -0.77 -71.48 22.71
CA GLY E 645 -1.12 -72.55 21.80
C GLY E 645 -0.09 -73.66 21.82
N ALA E 646 -0.53 -74.89 21.56
CA ALA E 646 0.32 -76.07 21.67
C ALA E 646 1.24 -76.29 20.47
N SER E 647 1.19 -75.39 19.50
CA SER E 647 2.09 -75.45 18.36
C SER E 647 3.52 -75.14 18.78
N ARG E 648 4.48 -75.84 18.16
CA ARG E 648 5.90 -75.63 18.46
C ARG E 648 6.38 -74.31 17.87
N GLN E 649 7.03 -73.50 18.69
CA GLN E 649 7.42 -72.16 18.25
C GLN E 649 8.44 -71.53 19.18
N ARG E 650 9.32 -70.69 18.62
CA ARG E 650 10.31 -70.02 19.44
C ARG E 650 10.09 -68.51 19.48
N ASP E 651 10.29 -67.94 20.67
CA ASP E 651 10.29 -66.51 20.85
C ASP E 651 11.62 -65.96 20.35
N LEU E 652 11.59 -65.26 19.21
CA LEU E 652 12.80 -64.74 18.57
C LEU E 652 13.71 -63.91 19.49
N LEU E 653 13.12 -63.24 20.47
CA LEU E 653 13.86 -62.33 21.33
C LEU E 653 14.53 -63.02 22.53
N THR E 654 14.13 -64.24 22.86
CA THR E 654 14.82 -65.00 23.92
C THR E 654 15.57 -66.21 23.36
N GLY E 655 14.97 -66.88 22.38
CA GLY E 655 15.53 -68.09 21.79
C GLY E 655 14.74 -69.28 22.29
N LYS E 656 13.97 -69.05 23.35
CA LYS E 656 13.23 -70.12 24.02
C LYS E 656 12.11 -70.70 23.19
N THR E 657 11.79 -71.97 23.46
CA THR E 657 10.63 -72.60 22.84
C THR E 657 9.41 -72.30 23.70
N ILE E 658 8.35 -71.79 23.08
CA ILE E 658 7.14 -71.50 23.82
C ILE E 658 6.01 -72.42 23.40
N SER E 659 5.21 -72.84 24.39
CA SER E 659 4.11 -73.77 24.19
C SER E 659 3.16 -73.66 25.38
N GLY E 660 1.87 -73.82 25.13
CA GLY E 660 0.87 -73.76 26.18
C GLY E 660 0.90 -72.44 26.93
N GLN E 661 0.62 -72.49 28.24
CA GLN E 661 0.60 -71.27 29.04
C GLN E 661 1.98 -70.61 29.00
N ALA E 662 1.99 -69.29 28.87
CA ALA E 662 3.24 -68.54 28.83
C ALA E 662 3.12 -67.17 29.50
N THR E 663 4.18 -66.76 30.16
CA THR E 663 4.21 -65.48 30.83
C THR E 663 4.96 -64.48 29.99
N ILE E 664 4.42 -63.27 29.92
CA ILE E 664 5.12 -62.17 29.30
C ILE E 664 5.29 -61.08 30.35
N PRO E 665 6.53 -60.56 30.49
CA PRO E 665 6.82 -59.56 31.51
C PRO E 665 5.95 -58.31 31.34
N ALA E 666 5.88 -57.51 32.41
CA ALA E 666 5.24 -56.21 32.28
C ALA E 666 5.97 -55.46 31.17
N ARG E 667 5.19 -54.83 30.29
CA ARG E 667 5.75 -54.02 29.21
C ARG E 667 6.57 -54.84 28.22
N GLY E 668 6.39 -56.16 28.24
CA GLY E 668 7.23 -57.06 27.46
C GLY E 668 6.80 -57.34 26.03
N VAL E 669 7.74 -57.85 25.24
CA VAL E 669 7.51 -58.17 23.85
C VAL E 669 8.03 -59.55 23.54
N MET E 670 7.19 -60.39 22.93
CA MET E 670 7.66 -61.66 22.36
C MET E 670 7.38 -61.69 20.85
N ILE E 671 8.33 -62.20 20.06
CA ILE E 671 8.05 -62.48 18.67
C ILE E 671 8.03 -63.98 18.42
N LEU E 672 6.83 -64.55 18.41
CA LEU E 672 6.64 -65.98 18.26
C LEU E 672 6.76 -66.41 16.82
N GLU E 673 7.79 -67.20 16.52
CA GLU E 673 7.99 -67.69 15.16
C GLU E 673 7.35 -69.07 14.99
N ARG E 674 6.45 -69.19 14.01
CA ARG E 674 5.75 -70.44 13.75
C ARG E 674 5.38 -70.61 12.27
N ALA E 675 4.39 -71.44 12.00
CA ALA E 675 3.95 -71.67 10.61
C ALA E 675 2.48 -71.27 10.41
N MET F 1 -56.05 -7.47 8.58
CA MET F 1 -55.30 -8.67 8.28
C MET F 1 -53.97 -8.25 7.68
N ILE F 2 -52.98 -9.13 7.76
CA ILE F 2 -51.72 -8.85 7.12
C ILE F 2 -51.99 -8.48 5.66
N ASN F 3 -52.84 -9.25 5.00
CA ASN F 3 -53.24 -8.88 3.65
C ASN F 3 -54.63 -9.41 3.32
N GLU F 4 -55.57 -8.49 3.12
CA GLU F 4 -56.99 -8.82 2.95
C GLU F 4 -57.27 -9.88 1.87
N LYS F 5 -56.43 -9.95 0.86
CA LYS F 5 -56.70 -10.89 -0.25
C LYS F 5 -56.31 -12.33 0.07
N PHE F 6 -55.82 -12.55 1.29
CA PHE F 6 -55.29 -13.84 1.71
C PHE F 6 -55.79 -14.14 3.13
N PRO F 7 -57.11 -14.36 3.28
CA PRO F 7 -57.78 -14.34 4.60
C PRO F 7 -57.66 -15.62 5.45
N LYS F 8 -56.43 -16.04 5.69
CA LYS F 8 -56.18 -17.15 6.61
C LYS F 8 -54.75 -17.06 7.12
N ILE F 9 -54.38 -17.96 8.02
CA ILE F 9 -52.98 -18.02 8.46
C ILE F 9 -52.17 -18.57 7.29
N TRP F 10 -51.29 -17.74 6.73
CA TRP F 10 -50.50 -18.16 5.57
C TRP F 10 -49.60 -19.35 5.96
N TYR F 11 -49.44 -20.29 5.05
CA TYR F 11 -48.68 -21.50 5.31
C TYR F 11 -47.75 -21.75 4.14
N GLY F 12 -46.47 -21.87 4.43
CA GLY F 12 -45.49 -22.15 3.39
C GLY F 12 -44.14 -21.60 3.81
N GLY F 13 -43.42 -20.96 2.90
CA GLY F 13 -42.18 -20.30 3.27
C GLY F 13 -41.19 -20.15 2.12
N ASP F 14 -39.92 -20.03 2.49
CA ASP F 14 -38.82 -19.91 1.52
C ASP F 14 -38.85 -21.04 0.49
N TYR F 15 -38.73 -20.66 -0.77
CA TYR F 15 -38.85 -21.60 -1.88
C TYR F 15 -37.85 -21.21 -2.95
N ASN F 16 -37.01 -22.15 -3.36
CA ASN F 16 -35.91 -21.82 -4.27
C ASN F 16 -35.83 -22.72 -5.50
N PRO F 17 -36.89 -22.70 -6.32
CA PRO F 17 -36.91 -23.61 -7.49
C PRO F 17 -35.78 -23.29 -8.48
N GLU F 18 -35.28 -22.05 -8.50
CA GLU F 18 -34.11 -21.75 -9.33
C GLU F 18 -32.89 -22.62 -8.99
N GLN F 19 -32.93 -23.31 -7.85
CA GLN F 19 -31.85 -24.25 -7.50
C GLN F 19 -32.06 -25.60 -8.17
N TRP F 20 -33.20 -25.77 -8.83
CA TRP F 20 -33.63 -27.06 -9.36
C TRP F 20 -33.96 -26.95 -10.84
N ASP F 21 -34.66 -27.94 -11.40
CA ASP F 21 -35.12 -27.80 -12.78
C ASP F 21 -36.64 -27.73 -12.88
N LYS F 22 -37.15 -27.65 -14.10
CA LYS F 22 -38.58 -27.53 -14.34
C LYS F 22 -39.36 -28.77 -13.94
N ALA F 23 -38.78 -29.94 -14.17
CA ALA F 23 -39.45 -31.15 -13.74
C ALA F 23 -39.71 -31.14 -12.22
N THR F 24 -38.71 -30.76 -11.42
CA THR F 24 -38.91 -30.85 -9.96
C THR F 24 -39.95 -29.85 -9.48
N MET F 25 -40.09 -28.74 -10.19
CA MET F 25 -41.11 -27.76 -9.83
C MET F 25 -42.52 -28.38 -9.90
N GLU F 26 -42.76 -29.22 -10.90
CA GLU F 26 -44.05 -29.90 -11.04
C GLU F 26 -44.37 -30.74 -9.81
N GLU F 27 -43.37 -31.45 -9.32
CA GLU F 27 -43.52 -32.20 -8.08
C GLU F 27 -43.77 -31.25 -6.92
N ASP F 28 -43.08 -30.12 -6.92
CA ASP F 28 -43.24 -29.13 -5.85
C ASP F 28 -44.71 -28.72 -5.76
N MET F 29 -45.29 -28.38 -6.90
CA MET F 29 -46.68 -27.91 -6.95
C MET F 29 -47.63 -28.98 -6.44
N ARG F 30 -47.41 -30.24 -6.85
CA ARG F 30 -48.24 -31.36 -6.38
C ARG F 30 -48.18 -31.55 -4.87
N MET F 31 -46.96 -31.56 -4.32
CA MET F 31 -46.82 -31.77 -2.89
C MET F 31 -47.27 -30.56 -2.07
N PHE F 32 -47.08 -29.36 -2.61
CA PHE F 32 -47.56 -28.18 -1.90
C PHE F 32 -49.08 -28.24 -1.69
N ASN F 33 -49.79 -28.68 -2.72
CA ASN F 33 -51.24 -28.85 -2.62
C ASN F 33 -51.64 -29.89 -1.60
N LEU F 34 -50.91 -31.01 -1.55
CA LEU F 34 -51.19 -32.06 -0.57
C LEU F 34 -51.05 -31.49 0.82
N ALA F 35 -50.06 -30.62 0.98
CA ALA F 35 -49.70 -30.10 2.29
C ALA F 35 -50.47 -28.83 2.69
N GLY F 36 -51.30 -28.30 1.80
CA GLY F 36 -52.07 -27.10 2.11
C GLY F 36 -51.23 -25.83 2.12
N ILE F 37 -50.14 -25.87 1.36
CA ILE F 37 -49.21 -24.75 1.25
C ILE F 37 -49.70 -23.74 0.22
N ASP F 38 -49.82 -22.49 0.63
CA ASP F 38 -50.37 -21.44 -0.23
C ASP F 38 -49.59 -20.13 -0.24
N VAL F 39 -48.37 -20.14 0.31
CA VAL F 39 -47.50 -18.98 0.17
C VAL F 39 -46.07 -19.46 -0.06
N ALA F 40 -45.35 -18.71 -0.90
CA ALA F 40 -43.96 -18.98 -1.20
C ALA F 40 -43.14 -17.69 -1.12
N THR F 41 -42.06 -17.71 -0.36
CA THR F 41 -41.16 -16.58 -0.27
C THR F 41 -40.05 -16.82 -1.27
N VAL F 42 -40.07 -16.09 -2.39
CA VAL F 42 -39.20 -16.38 -3.51
C VAL F 42 -38.17 -15.28 -3.78
N ASN F 43 -37.07 -15.64 -4.44
CA ASN F 43 -36.07 -14.69 -4.90
C ASN F 43 -35.28 -14.05 -3.76
N VAL F 44 -35.10 -14.77 -2.66
CA VAL F 44 -34.34 -14.21 -1.56
C VAL F 44 -32.85 -14.10 -1.94
N PHE F 45 -32.31 -15.12 -2.61
CA PHE F 45 -30.88 -15.16 -2.87
C PHE F 45 -30.50 -15.40 -4.32
N SER F 46 -30.94 -14.52 -5.21
CA SER F 46 -30.63 -14.67 -6.63
C SER F 46 -30.17 -13.38 -7.30
N TRP F 47 -29.61 -12.48 -6.53
CA TRP F 47 -29.12 -11.24 -7.11
C TRP F 47 -28.19 -11.49 -8.31
N ALA F 48 -27.19 -12.34 -8.14
CA ALA F 48 -26.28 -12.70 -9.23
C ALA F 48 -27.00 -13.32 -10.43
N LYS F 49 -28.01 -14.14 -10.19
CA LYS F 49 -28.78 -14.73 -11.28
C LYS F 49 -29.49 -13.63 -12.08
N ILE F 50 -30.09 -12.67 -11.39
CA ILE F 50 -30.73 -11.54 -12.07
C ILE F 50 -29.73 -10.65 -12.79
N GLN F 51 -28.68 -10.23 -12.08
CA GLN F 51 -27.77 -9.17 -12.57
C GLN F 51 -26.33 -9.68 -12.72
N ARG F 52 -25.90 -9.84 -13.97
CA ARG F 52 -24.59 -10.41 -14.25
C ARG F 52 -23.49 -9.34 -14.38
N ASP F 53 -23.90 -8.09 -14.46
CA ASP F 53 -22.96 -6.97 -14.47
C ASP F 53 -23.65 -5.64 -14.19
N GLU F 54 -22.93 -4.54 -14.39
CA GLU F 54 -23.43 -3.24 -13.96
C GLU F 54 -24.71 -2.84 -14.66
N VAL F 55 -24.96 -3.44 -15.82
CA VAL F 55 -26.01 -2.90 -16.66
C VAL F 55 -27.01 -3.97 -17.15
N SER F 56 -26.77 -5.23 -16.80
CA SER F 56 -27.56 -6.33 -17.34
C SER F 56 -28.44 -7.03 -16.31
N TYR F 57 -29.75 -7.05 -16.57
CA TYR F 57 -30.75 -7.70 -15.72
C TYR F 57 -31.56 -8.75 -16.49
N ASP F 58 -31.85 -9.87 -15.83
CA ASP F 58 -32.65 -10.92 -16.43
C ASP F 58 -33.71 -11.42 -15.44
N PHE F 59 -34.98 -11.15 -15.76
CA PHE F 59 -36.09 -11.52 -14.88
C PHE F 59 -36.97 -12.67 -15.40
N THR F 60 -36.68 -13.16 -16.60
CA THR F 60 -37.62 -14.09 -17.23
C THR F 60 -37.71 -15.38 -16.44
N TRP F 61 -36.61 -15.78 -15.81
CA TRP F 61 -36.60 -17.01 -15.03
C TRP F 61 -37.56 -16.86 -13.85
N LEU F 62 -37.60 -15.65 -13.30
CA LEU F 62 -38.47 -15.31 -12.18
C LEU F 62 -39.93 -15.16 -12.64
N ASP F 63 -40.13 -14.55 -13.81
CA ASP F 63 -41.46 -14.50 -14.43
C ASP F 63 -42.07 -15.92 -14.44
N ASP F 64 -41.31 -16.90 -14.95
CA ASP F 64 -41.83 -18.27 -15.07
C ASP F 64 -42.22 -18.84 -13.72
N ILE F 65 -41.37 -18.62 -12.72
CA ILE F 65 -41.65 -19.11 -11.38
C ILE F 65 -42.93 -18.47 -10.82
N ILE F 66 -43.04 -17.16 -10.96
CA ILE F 66 -44.21 -16.45 -10.49
C ILE F 66 -45.45 -16.94 -11.24
N GLU F 67 -45.31 -17.20 -12.54
CA GLU F 67 -46.44 -17.67 -13.34
C GLU F 67 -46.90 -19.05 -12.86
N ARG F 68 -45.96 -19.97 -12.69
CA ARG F 68 -46.27 -21.34 -12.27
C ARG F 68 -47.02 -21.38 -10.94
N LEU F 69 -46.55 -20.57 -9.99
CA LEU F 69 -47.16 -20.49 -8.67
C LEU F 69 -48.56 -19.88 -8.77
N THR F 70 -48.70 -18.88 -9.63
CA THR F 70 -49.98 -18.23 -9.81
C THR F 70 -51.04 -19.21 -10.33
N LYS F 71 -50.61 -20.19 -11.12
CA LYS F 71 -51.53 -21.20 -11.65
C LYS F 71 -52.10 -22.08 -10.54
N GLU F 72 -51.33 -22.20 -9.46
CA GLU F 72 -51.75 -23.01 -8.32
C GLU F 72 -52.46 -22.14 -7.29
N ASN F 73 -52.63 -20.87 -7.64
CA ASN F 73 -53.09 -19.83 -6.73
C ASN F 73 -52.32 -19.74 -5.41
N ILE F 74 -51.03 -20.05 -5.47
CA ILE F 74 -50.13 -19.83 -4.35
C ILE F 74 -49.73 -18.35 -4.31
N TYR F 75 -49.84 -17.72 -3.14
CA TYR F 75 -49.50 -16.31 -3.02
C TYR F 75 -48.01 -16.11 -2.85
N LEU F 76 -47.54 -14.91 -3.13
CA LEU F 76 -46.10 -14.65 -3.18
C LEU F 76 -45.61 -13.66 -2.13
N CYS F 77 -44.63 -14.09 -1.35
CA CYS F 77 -43.84 -13.20 -0.53
C CYS F 77 -42.55 -12.94 -1.32
N LEU F 78 -42.46 -11.82 -2.01
CA LEU F 78 -41.41 -11.64 -2.98
C LEU F 78 -40.24 -10.86 -2.41
N ALA F 79 -39.05 -11.45 -2.51
CA ALA F 79 -37.85 -10.85 -1.94
C ALA F 79 -37.15 -9.97 -2.97
N THR F 80 -36.31 -9.06 -2.47
CA THR F 80 -35.60 -8.12 -3.32
C THR F 80 -34.21 -8.65 -3.70
N SER F 81 -33.81 -9.74 -3.04
CA SER F 81 -32.56 -10.44 -3.35
C SER F 81 -31.29 -9.68 -2.91
N THR F 82 -31.45 -8.61 -2.14
CA THR F 82 -30.31 -7.81 -1.71
C THR F 82 -29.63 -8.36 -0.45
N GLY F 83 -29.99 -9.58 -0.06
CA GLY F 83 -29.36 -10.20 1.10
C GLY F 83 -27.98 -10.79 0.87
N ALA F 84 -27.60 -10.94 -0.41
CA ALA F 84 -26.25 -11.40 -0.75
C ALA F 84 -25.89 -10.81 -2.11
N HIS F 85 -24.82 -10.05 -2.16
CA HIS F 85 -24.42 -9.40 -3.39
C HIS F 85 -23.67 -10.39 -4.30
N PRO F 86 -23.62 -10.13 -5.60
CA PRO F 86 -22.94 -11.01 -6.57
C PRO F 86 -21.42 -10.99 -6.45
N ALA F 87 -20.79 -12.10 -6.80
CA ALA F 87 -19.35 -12.24 -6.69
C ALA F 87 -18.68 -11.21 -7.57
N TRP F 88 -19.26 -10.93 -8.73
CA TRP F 88 -18.68 -9.94 -9.63
C TRP F 88 -18.62 -8.56 -8.99
N MET F 89 -19.63 -8.24 -8.19
CA MET F 89 -19.74 -6.93 -7.56
C MET F 89 -18.72 -6.82 -6.43
N ALA F 90 -18.55 -7.89 -5.66
CA ALA F 90 -17.48 -7.96 -4.66
C ALA F 90 -16.12 -7.71 -5.31
N LYS F 91 -15.91 -8.27 -6.49
CA LYS F 91 -14.63 -8.21 -7.18
C LYS F 91 -14.39 -6.84 -7.84
N LYS F 92 -15.39 -6.37 -8.58
CA LYS F 92 -15.28 -5.09 -9.25
C LYS F 92 -15.48 -3.91 -8.30
N TYR F 93 -16.29 -4.11 -7.26
CA TYR F 93 -16.55 -3.01 -6.33
C TYR F 93 -16.35 -3.40 -4.87
N PRO F 94 -15.08 -3.50 -4.45
CA PRO F 94 -14.71 -3.88 -3.08
C PRO F 94 -15.39 -3.01 -2.02
N ASP F 95 -15.81 -1.79 -2.38
CA ASP F 95 -16.45 -0.93 -1.37
C ASP F 95 -17.71 -1.59 -0.79
N VAL F 96 -18.20 -2.60 -1.49
CA VAL F 96 -19.38 -3.35 -1.08
C VAL F 96 -19.06 -4.31 0.10
N LEU F 97 -17.79 -4.65 0.27
CA LEU F 97 -17.37 -5.62 1.28
C LEU F 97 -17.08 -5.00 2.64
N ARG F 98 -17.44 -5.70 3.71
CA ARG F 98 -17.18 -5.21 5.07
C ARG F 98 -15.73 -5.29 5.52
N VAL F 99 -15.36 -4.42 6.46
CA VAL F 99 -14.14 -4.55 7.24
C VAL F 99 -14.60 -5.00 8.62
N ASP F 100 -14.01 -6.08 9.13
CA ASP F 100 -14.55 -6.74 10.33
C ASP F 100 -14.05 -6.15 11.64
N TYR F 101 -14.52 -6.74 12.74
CA TYR F 101 -14.18 -6.32 14.10
C TYR F 101 -12.66 -6.37 14.37
N GLU F 102 -11.96 -7.26 13.68
CA GLU F 102 -10.52 -7.37 13.81
C GLU F 102 -9.76 -6.41 12.88
N GLY F 103 -10.51 -5.63 12.09
CA GLY F 103 -9.92 -4.65 11.20
C GLY F 103 -9.53 -5.22 9.83
N ARG F 104 -10.08 -6.37 9.48
CA ARG F 104 -9.76 -6.99 8.19
C ARG F 104 -10.74 -6.64 7.06
N LYS F 105 -10.19 -6.35 5.89
CA LYS F 105 -11.01 -6.17 4.71
C LYS F 105 -11.47 -7.56 4.30
N ARG F 106 -12.77 -7.78 4.23
CA ARG F 106 -13.27 -9.11 3.84
C ARG F 106 -13.12 -9.33 2.34
N LYS F 107 -13.19 -10.59 1.92
CA LYS F 107 -13.29 -10.92 0.50
C LYS F 107 -14.68 -11.49 0.25
N PHE F 108 -14.99 -11.80 -1.00
CA PHE F 108 -16.31 -12.36 -1.28
C PHE F 108 -16.56 -13.66 -0.53
N GLY F 109 -17.75 -13.78 0.05
CA GLY F 109 -18.16 -15.01 0.70
C GLY F 109 -19.33 -14.72 1.63
N GLY F 110 -20.03 -15.78 2.04
CA GLY F 110 -21.11 -15.67 2.99
C GLY F 110 -22.28 -14.87 2.45
N ARG F 111 -22.91 -14.07 3.31
CA ARG F 111 -24.11 -13.31 2.96
C ARG F 111 -24.37 -12.31 4.06
N HIS F 112 -25.46 -11.55 3.93
CA HIS F 112 -25.87 -10.58 4.96
C HIS F 112 -24.69 -9.70 5.35
N ASN F 113 -23.78 -9.45 4.41
CA ASN F 113 -22.57 -8.71 4.75
C ASN F 113 -22.17 -7.60 3.76
N SER F 114 -23.15 -6.88 3.22
CA SER F 114 -22.81 -5.71 2.42
C SER F 114 -22.60 -4.55 3.37
N CYS F 115 -21.58 -3.73 3.11
CA CYS F 115 -21.38 -2.52 3.89
C CYS F 115 -22.60 -1.61 3.73
N PRO F 116 -23.27 -1.27 4.84
CA PRO F 116 -24.50 -0.46 4.75
C PRO F 116 -24.23 0.97 4.33
N ASN F 117 -22.95 1.36 4.32
CA ASN F 117 -22.58 2.69 3.85
C ASN F 117 -21.80 2.65 2.53
N SER F 118 -21.96 1.55 1.80
CA SER F 118 -21.33 1.39 0.50
C SER F 118 -22.12 2.13 -0.57
N PRO F 119 -21.47 3.05 -1.30
CA PRO F 119 -22.12 3.71 -2.43
C PRO F 119 -22.58 2.71 -3.48
N THR F 120 -21.74 1.72 -3.78
CA THR F 120 -22.07 0.73 -4.80
C THR F 120 -23.28 -0.11 -4.41
N TYR F 121 -23.24 -0.67 -3.20
CA TYR F 121 -24.34 -1.50 -2.72
C TYR F 121 -25.66 -0.73 -2.75
N ARG F 122 -25.67 0.45 -2.15
CA ARG F 122 -26.88 1.26 -2.10
C ARG F 122 -27.38 1.61 -3.49
N LYS F 123 -26.46 1.95 -4.39
CA LYS F 123 -26.83 2.22 -5.77
C LYS F 123 -27.55 1.04 -6.43
N TYR F 124 -26.94 -0.14 -6.44
CA TYR F 124 -27.55 -1.29 -7.12
C TYR F 124 -28.71 -1.97 -6.37
N ALA F 125 -28.71 -1.90 -5.04
CA ALA F 125 -29.81 -2.45 -4.25
C ALA F 125 -31.08 -1.64 -4.49
N LYS F 126 -30.93 -0.32 -4.55
CA LYS F 126 -32.07 0.54 -4.80
C LYS F 126 -32.65 0.27 -6.19
N ILE F 127 -31.77 0.16 -7.16
CA ILE F 127 -32.19 -0.08 -8.53
C ILE F 127 -32.88 -1.44 -8.62
N LEU F 128 -32.30 -2.45 -7.98
CA LEU F 128 -32.87 -3.80 -8.07
C LEU F 128 -34.30 -3.82 -7.48
N ALA F 129 -34.46 -3.20 -6.32
CA ALA F 129 -35.77 -3.14 -5.67
C ALA F 129 -36.80 -2.43 -6.56
N GLY F 130 -36.39 -1.30 -7.15
CA GLY F 130 -37.27 -0.52 -7.99
C GLY F 130 -37.61 -1.27 -9.25
N LYS F 131 -36.65 -2.02 -9.78
CA LYS F 131 -36.90 -2.78 -11.01
C LYS F 131 -37.87 -3.94 -10.77
N LEU F 132 -37.72 -4.65 -9.67
CA LEU F 132 -38.69 -5.69 -9.29
C LEU F 132 -40.10 -5.10 -9.11
N ALA F 133 -40.21 -4.06 -8.30
CA ALA F 133 -41.52 -3.45 -8.04
C ALA F 133 -42.21 -2.98 -9.32
N GLU F 134 -41.46 -2.33 -10.20
CA GLU F 134 -42.03 -1.82 -11.45
C GLU F 134 -42.50 -2.97 -12.33
N ARG F 135 -41.69 -4.01 -12.44
CA ARG F 135 -42.00 -5.11 -13.34
C ARG F 135 -43.31 -5.77 -12.95
N TYR F 136 -43.49 -5.97 -11.64
CA TYR F 136 -44.61 -6.72 -11.12
C TYR F 136 -45.63 -5.83 -10.44
N LYS F 137 -45.67 -4.55 -10.81
CA LYS F 137 -46.55 -3.60 -10.14
C LYS F 137 -48.03 -3.97 -10.28
N ASP F 138 -48.38 -4.68 -11.34
CA ASP F 138 -49.79 -5.04 -11.57
C ASP F 138 -50.10 -6.48 -11.22
N HIS F 139 -49.19 -7.16 -10.53
CA HIS F 139 -49.38 -8.58 -10.26
C HIS F 139 -50.21 -8.88 -9.00
N PRO F 140 -51.34 -9.56 -9.18
CA PRO F 140 -52.33 -9.86 -8.13
C PRO F 140 -51.85 -10.81 -7.04
N GLN F 141 -50.86 -11.65 -7.31
CA GLN F 141 -50.44 -12.68 -6.36
C GLN F 141 -49.45 -12.24 -5.26
N ILE F 142 -48.84 -11.07 -5.43
CA ILE F 142 -47.84 -10.59 -4.48
C ILE F 142 -48.52 -9.98 -3.25
N VAL F 143 -48.40 -10.64 -2.09
CA VAL F 143 -49.06 -10.20 -0.85
C VAL F 143 -48.13 -9.47 0.11
N MET F 144 -46.82 -9.56 -0.13
CA MET F 144 -45.82 -9.02 0.80
C MET F 144 -44.47 -8.83 0.12
N TRP F 145 -43.80 -7.73 0.43
CA TRP F 145 -42.39 -7.59 0.03
C TRP F 145 -41.50 -8.06 1.19
N HIS F 146 -40.43 -8.75 0.83
CA HIS F 146 -39.48 -9.29 1.79
C HIS F 146 -38.15 -8.62 1.47
N VAL F 147 -37.87 -7.50 2.13
CA VAL F 147 -36.68 -6.72 1.76
C VAL F 147 -35.41 -7.38 2.26
N SER F 148 -34.52 -7.71 1.33
CA SER F 148 -33.22 -8.30 1.67
C SER F 148 -33.39 -9.60 2.45
N ASN F 149 -32.51 -9.84 3.43
CA ASN F 149 -32.69 -10.96 4.34
C ASN F 149 -31.86 -10.73 5.58
N GLU F 150 -32.51 -10.82 6.74
CA GLU F 150 -31.84 -10.72 8.04
C GLU F 150 -30.66 -9.74 8.08
N TYR F 151 -30.94 -8.45 7.96
CA TYR F 151 -29.92 -7.45 8.17
C TYR F 151 -29.22 -7.77 9.50
N GLY F 152 -27.94 -7.47 9.59
CA GLY F 152 -27.22 -7.63 10.83
C GLY F 152 -25.74 -7.57 10.60
N GLY F 153 -24.97 -7.63 11.68
CA GLY F 153 -23.53 -7.55 11.60
C GLY F 153 -23.08 -6.10 11.51
N TYR F 154 -21.90 -5.84 12.05
CA TYR F 154 -21.33 -4.49 12.07
C TYR F 154 -20.17 -4.38 11.11
N CYS F 155 -19.93 -3.17 10.62
CA CYS F 155 -18.86 -2.92 9.68
C CYS F 155 -17.99 -1.80 10.22
N TYR F 156 -16.68 -1.89 9.97
CA TYR F 156 -15.72 -0.94 10.54
C TYR F 156 -14.85 -0.30 9.48
N CYS F 157 -15.32 -0.28 8.23
CA CYS F 157 -14.51 0.21 7.10
C CYS F 157 -14.41 1.74 7.08
N ASP F 158 -13.66 2.29 6.12
CA ASP F 158 -13.47 3.74 6.00
C ASP F 158 -14.77 4.52 5.73
N ASN F 159 -15.61 3.99 4.85
CA ASN F 159 -16.89 4.63 4.57
C ASN F 159 -17.79 4.68 5.81
N CYS F 160 -17.80 3.61 6.60
CA CYS F 160 -18.56 3.62 7.85
C CYS F 160 -17.97 4.59 8.85
N GLU F 161 -16.65 4.65 8.91
CA GLU F 161 -15.97 5.57 9.81
C GLU F 161 -16.26 7.04 9.47
N LYS F 162 -16.17 7.39 8.18
CA LYS F 162 -16.41 8.76 7.77
C LYS F 162 -17.87 9.14 7.97
N GLN F 163 -18.77 8.18 7.78
CA GLN F 163 -20.19 8.44 7.97
C GLN F 163 -20.59 8.45 9.47
N PHE F 164 -19.91 7.65 10.28
CA PHE F 164 -20.04 7.76 11.73
C PHE F 164 -19.79 9.22 12.15
N ARG F 165 -18.74 9.83 11.59
CA ARG F 165 -18.44 11.22 11.95
C ARG F 165 -19.61 12.16 11.59
N VAL F 166 -20.18 11.97 10.40
CA VAL F 166 -21.32 12.77 9.98
C VAL F 166 -22.52 12.56 10.89
N TRP F 167 -22.81 11.31 11.20
CA TRP F 167 -23.88 10.93 12.12
C TRP F 167 -23.70 11.61 13.50
N LEU F 168 -22.46 11.67 13.98
CA LEU F 168 -22.11 12.42 15.20
C LEU F 168 -22.32 13.94 15.07
N LYS F 169 -21.95 14.52 13.94
CA LYS F 169 -22.19 15.93 13.69
C LYS F 169 -23.68 16.22 13.78
N GLU F 170 -24.49 15.34 13.23
CA GLU F 170 -25.94 15.57 13.22
C GLU F 170 -26.52 15.35 14.62
N ARG F 171 -25.97 14.40 15.37
CA ARG F 171 -26.49 14.08 16.70
C ARG F 171 -26.14 15.14 17.73
N TYR F 172 -24.89 15.58 17.72
CA TYR F 172 -24.39 16.41 18.81
C TYR F 172 -24.17 17.87 18.41
N GLY F 173 -23.98 18.12 17.13
CA GLY F 173 -23.87 19.48 16.64
C GLY F 173 -22.51 20.11 16.83
N THR F 174 -21.91 19.90 17.99
CA THR F 174 -20.63 20.53 18.29
C THR F 174 -19.67 19.55 18.97
N LEU F 175 -18.37 19.82 18.86
CA LEU F 175 -17.41 18.98 19.55
C LEU F 175 -17.59 19.10 21.06
N GLU F 176 -18.01 20.27 21.49
CA GLU F 176 -18.29 20.54 22.89
C GLU F 176 -19.34 19.56 23.42
N ALA F 177 -20.45 19.42 22.70
CA ALA F 177 -21.50 18.50 23.10
C ALA F 177 -21.02 17.06 22.98
N LEU F 178 -20.25 16.75 21.93
CA LEU F 178 -19.76 15.40 21.77
C LEU F 178 -18.80 15.03 22.89
N ASN F 179 -17.85 15.91 23.20
CA ASN F 179 -16.85 15.63 24.26
C ASN F 179 -17.49 15.41 25.63
N LYS F 180 -18.55 16.16 25.91
CA LYS F 180 -19.30 16.01 27.15
C LYS F 180 -20.06 14.69 27.20
N ALA F 181 -20.80 14.40 26.13
CA ALA F 181 -21.57 13.15 26.07
C ALA F 181 -20.69 11.90 26.25
N TRP F 182 -19.48 11.92 25.72
CA TRP F 182 -18.59 10.78 25.79
C TRP F 182 -17.64 10.89 26.96
N ASN F 183 -17.76 11.96 27.73
CA ASN F 183 -16.89 12.19 28.89
C ASN F 183 -15.42 12.03 28.51
N THR F 184 -15.01 12.70 27.44
CA THR F 184 -13.67 12.51 26.89
C THR F 184 -12.53 13.17 27.68
N SER F 185 -12.85 13.84 28.79
CA SER F 185 -11.78 14.37 29.64
C SER F 185 -11.04 13.22 30.34
N PHE F 186 -11.70 12.07 30.44
CA PHE F 186 -11.11 10.84 30.93
C PHE F 186 -10.10 10.30 29.92
N TRP F 187 -8.98 9.79 30.41
CA TRP F 187 -7.90 9.26 29.60
C TRP F 187 -7.54 10.16 28.43
N SER F 188 -7.46 11.47 28.68
CA SER F 188 -6.98 12.42 27.67
C SER F 188 -7.62 12.18 26.31
N HIS F 189 -8.92 11.88 26.29
CA HIS F 189 -9.59 11.53 25.04
C HIS F 189 -10.21 12.72 24.29
N THR F 190 -9.86 13.93 24.69
CA THR F 190 -10.46 15.12 24.15
C THR F 190 -10.27 15.15 22.63
N PHE F 191 -11.38 15.29 21.90
CA PHE F 191 -11.34 15.41 20.44
C PHE F 191 -11.39 16.88 20.02
N TYR F 192 -10.46 17.31 19.17
CA TYR F 192 -10.47 18.68 18.63
C TYR F 192 -10.91 18.75 17.17
N ASP F 193 -11.13 17.61 16.56
CA ASP F 193 -11.67 17.58 15.21
C ASP F 193 -12.36 16.26 14.96
N TRP F 194 -13.47 16.30 14.26
CA TRP F 194 -14.25 15.11 14.00
C TRP F 194 -13.43 13.97 13.39
N ASP F 195 -12.41 14.29 12.58
CA ASP F 195 -11.63 13.27 11.88
C ASP F 195 -10.70 12.51 12.82
N GLU F 196 -10.56 12.99 14.05
CA GLU F 196 -9.77 12.30 15.05
C GLU F 196 -10.53 11.11 15.66
N ILE F 197 -11.83 11.07 15.43
CA ILE F 197 -12.69 10.01 15.94
C ILE F 197 -12.64 8.78 15.02
N VAL F 198 -12.39 7.60 15.58
CA VAL F 198 -12.36 6.37 14.78
C VAL F 198 -13.40 5.38 15.30
N ALA F 199 -13.71 4.37 14.50
CA ALA F 199 -14.68 3.36 14.86
C ALA F 199 -14.09 2.47 15.96
N PRO F 200 -14.93 2.04 16.93
CA PRO F 200 -14.45 1.19 18.03
C PRO F 200 -14.45 -0.29 17.64
N ASN F 201 -13.27 -0.88 17.50
CA ASN F 201 -13.18 -2.31 17.37
C ASN F 201 -11.84 -2.76 17.94
N ALA F 202 -11.33 -3.90 17.48
CA ALA F 202 -10.11 -4.47 18.08
C ALA F 202 -8.86 -3.62 17.91
N LEU F 203 -8.91 -2.62 17.02
CA LEU F 203 -7.76 -1.76 16.75
C LEU F 203 -7.77 -0.52 17.64
N SER F 204 -8.91 -0.20 18.22
CA SER F 204 -9.07 1.05 18.96
C SER F 204 -9.51 0.89 20.42
N GLU F 205 -10.82 1.00 20.67
CA GLU F 205 -11.34 1.04 22.03
C GLU F 205 -11.82 -0.32 22.53
N GLU F 206 -11.97 -1.28 21.62
CA GLU F 206 -12.62 -2.54 22.00
C GLU F 206 -11.70 -3.78 22.01
N TRP F 207 -12.17 -4.84 22.65
CA TRP F 207 -11.47 -6.11 22.64
C TRP F 207 -12.38 -7.24 23.11
N SER F 208 -11.98 -8.47 22.78
CA SER F 208 -12.70 -9.70 23.12
C SER F 208 -14.20 -9.61 22.87
N GLY F 209 -14.58 -8.83 21.86
CA GLY F 209 -15.94 -8.82 21.36
C GLY F 209 -16.98 -7.99 22.11
N ASN F 210 -16.78 -7.77 23.41
CA ASN F 210 -17.82 -7.07 24.18
C ASN F 210 -17.31 -6.11 25.25
N ARG F 211 -16.00 -5.92 25.30
CA ARG F 211 -15.37 -5.03 26.27
C ARG F 211 -15.01 -3.75 25.53
N THR F 212 -15.01 -2.61 26.24
CA THR F 212 -14.60 -1.31 25.66
C THR F 212 -14.00 -0.37 26.71
N ASN F 213 -13.13 0.54 26.28
CA ASN F 213 -12.62 1.57 27.19
C ASN F 213 -13.57 2.76 27.26
N PHE F 214 -14.35 2.95 26.20
CA PHE F 214 -15.18 4.15 26.08
C PHE F 214 -16.57 3.76 25.66
N GLN F 215 -17.42 3.45 26.64
CA GLN F 215 -18.72 2.89 26.29
C GLN F 215 -19.62 3.88 25.54
N GLY F 216 -19.36 5.17 25.71
CA GLY F 216 -20.09 6.18 24.97
C GLY F 216 -19.83 6.10 23.47
N ILE F 217 -18.58 5.81 23.08
CA ILE F 217 -18.25 5.62 21.67
C ILE F 217 -18.87 4.32 21.17
N SER F 218 -18.67 3.24 21.91
CA SER F 218 -19.18 1.93 21.49
C SER F 218 -20.71 1.93 21.40
N LEU F 219 -21.34 2.59 22.37
CA LEU F 219 -22.79 2.67 22.38
C LEU F 219 -23.28 3.41 21.13
N ASP F 220 -22.66 4.55 20.84
CA ASP F 220 -23.05 5.33 19.67
C ASP F 220 -22.77 4.66 18.34
N TYR F 221 -21.69 3.88 18.26
CA TYR F 221 -21.38 3.19 17.01
C TYR F 221 -22.46 2.15 16.71
N ARG F 222 -22.94 1.47 17.75
CA ARG F 222 -23.99 0.47 17.59
C ARG F 222 -25.30 1.12 17.13
N ARG F 223 -25.66 2.25 17.74
CA ARG F 223 -26.77 3.04 17.25
C ARG F 223 -26.57 3.36 15.79
N PHE F 224 -25.37 3.81 15.45
CA PHE F 224 -25.07 4.27 14.09
C PHE F 224 -25.11 3.11 13.09
N GLN F 225 -24.55 1.96 13.48
CA GLN F 225 -24.63 0.76 12.64
C GLN F 225 -26.08 0.31 12.45
N SER F 226 -26.88 0.38 13.50
CA SER F 226 -28.29 0.02 13.40
C SER F 226 -29.04 0.97 12.47
N ASP F 227 -28.74 2.26 12.56
CA ASP F 227 -29.40 3.27 11.73
C ASP F 227 -28.99 3.14 10.28
N SER F 228 -27.73 2.77 10.05
CA SER F 228 -27.20 2.67 8.69
C SER F 228 -27.87 1.51 7.95
N LEU F 229 -27.97 0.37 8.62
CA LEU F 229 -28.69 -0.76 8.04
C LEU F 229 -30.17 -0.41 7.89
N LEU F 230 -30.72 0.31 8.85
CA LEU F 230 -32.11 0.71 8.72
C LEU F 230 -32.32 1.61 7.49
N GLU F 231 -31.32 2.43 7.19
CA GLU F 231 -31.41 3.33 6.04
C GLU F 231 -31.47 2.53 4.73
N CYS F 232 -30.71 1.44 4.67
CA CYS F 232 -30.77 0.57 3.50
C CYS F 232 -32.18 0.02 3.35
N PHE F 233 -32.76 -0.47 4.44
CA PHE F 233 -34.11 -1.00 4.41
C PHE F 233 -35.09 0.07 3.89
N LYS F 234 -35.10 1.23 4.55
CA LYS F 234 -35.99 2.32 4.14
C LYS F 234 -35.82 2.63 2.67
N MET F 235 -34.57 2.70 2.23
CA MET F 235 -34.25 3.03 0.86
C MET F 235 -34.95 2.08 -0.11
N GLU F 236 -34.87 0.78 0.18
CA GLU F 236 -35.54 -0.22 -0.66
C GLU F 236 -37.07 -0.09 -0.55
N ARG F 237 -37.58 0.01 0.68
CA ARG F 237 -39.00 0.14 0.94
C ARG F 237 -39.61 1.29 0.13
N ASP F 238 -39.02 2.47 0.24
CA ASP F 238 -39.52 3.66 -0.47
C ASP F 238 -39.56 3.41 -1.97
N GLU F 239 -38.62 2.61 -2.46
CA GLU F 239 -38.52 2.35 -3.89
C GLU F 239 -39.64 1.38 -4.27
N LEU F 240 -39.86 0.37 -3.43
CA LEU F 240 -40.95 -0.59 -3.66
C LEU F 240 -42.30 0.10 -3.62
N LYS F 241 -42.49 0.96 -2.62
CA LYS F 241 -43.77 1.62 -2.42
C LYS F 241 -44.09 2.64 -3.52
N ARG F 242 -43.07 3.18 -4.16
CA ARG F 242 -43.27 4.08 -5.30
C ARG F 242 -44.06 3.39 -6.43
N TRP F 243 -43.89 2.09 -6.57
CA TRP F 243 -44.49 1.33 -7.65
C TRP F 243 -45.71 0.54 -7.21
N THR F 244 -45.63 -0.02 -6.00
CA THR F 244 -46.71 -0.80 -5.42
C THR F 244 -47.02 -0.23 -4.06
N PRO F 245 -47.66 0.95 -4.02
CA PRO F 245 -47.99 1.64 -2.76
C PRO F 245 -48.90 0.83 -1.84
N ASP F 246 -49.62 -0.16 -2.38
CA ASP F 246 -50.58 -0.91 -1.56
C ASP F 246 -50.12 -2.31 -1.11
N ILE F 247 -48.96 -2.77 -1.57
CA ILE F 247 -48.39 -4.04 -1.07
C ILE F 247 -47.56 -3.79 0.19
N PRO F 248 -47.87 -4.51 1.29
CA PRO F 248 -47.13 -4.24 2.53
C PRO F 248 -45.66 -4.60 2.35
N VAL F 249 -44.79 -4.09 3.21
CA VAL F 249 -43.35 -4.36 3.09
C VAL F 249 -42.78 -4.76 4.44
N THR F 250 -41.99 -5.82 4.48
CA THR F 250 -41.38 -6.23 5.73
C THR F 250 -39.94 -6.63 5.49
N THR F 251 -39.26 -6.99 6.57
CA THR F 251 -37.97 -7.63 6.48
C THR F 251 -37.91 -8.58 7.65
N ASN F 252 -37.15 -9.66 7.49
CA ASN F 252 -37.18 -10.73 8.51
C ASN F 252 -36.22 -10.53 9.68
N LEU F 253 -36.78 -10.40 10.88
CA LEU F 253 -36.01 -10.10 12.08
C LEU F 253 -35.66 -11.35 12.88
N MET F 254 -34.79 -11.19 13.88
CA MET F 254 -34.24 -12.32 14.60
C MET F 254 -34.50 -12.27 16.10
N GLY F 255 -35.67 -11.80 16.50
CA GLY F 255 -36.11 -11.90 17.87
C GLY F 255 -35.23 -11.10 18.81
N PHE F 256 -34.61 -11.78 19.78
CA PHE F 256 -33.79 -11.09 20.78
C PHE F 256 -32.35 -10.84 20.31
N TYR F 257 -32.16 -10.85 18.99
CA TYR F 257 -30.89 -10.48 18.36
C TYR F 257 -30.32 -9.18 18.92
N PRO F 258 -29.09 -9.21 19.43
CA PRO F 258 -28.54 -8.07 20.18
C PRO F 258 -28.14 -6.83 19.36
N GLU F 259 -27.82 -6.98 18.08
CA GLU F 259 -27.08 -5.94 17.38
C GLU F 259 -27.93 -4.81 16.78
N LEU F 260 -29.23 -5.03 16.66
CA LEU F 260 -30.10 -4.07 16.00
C LEU F 260 -31.22 -3.60 16.93
N ASP F 261 -31.48 -2.30 16.96
CA ASP F 261 -32.58 -1.77 17.78
C ASP F 261 -33.91 -1.92 17.06
N TYR F 262 -34.50 -3.09 17.20
CA TYR F 262 -35.72 -3.46 16.49
C TYR F 262 -36.94 -2.58 16.79
N PHE F 263 -37.01 -1.99 17.97
CA PHE F 263 -38.12 -1.07 18.24
C PHE F 263 -38.08 0.08 17.25
N LYS F 264 -36.89 0.54 16.92
CA LYS F 264 -36.72 1.63 15.97
C LYS F 264 -36.99 1.17 14.52
N TRP F 265 -36.50 -0.03 14.18
CA TRP F 265 -36.75 -0.66 12.89
C TRP F 265 -38.25 -0.83 12.62
N ALA F 266 -38.98 -1.28 13.63
CA ALA F 266 -40.37 -1.66 13.46
C ALA F 266 -41.21 -0.45 13.06
N LYS F 267 -40.78 0.75 13.47
CA LYS F 267 -41.48 1.95 13.08
C LYS F 267 -41.52 2.12 11.57
N GLU F 268 -40.53 1.55 10.89
CA GLU F 268 -40.36 1.71 9.45
C GLU F 268 -41.02 0.58 8.65
N MET F 269 -41.53 -0.43 9.35
CA MET F 269 -42.09 -1.63 8.74
C MET F 269 -43.63 -1.66 8.75
N ASP F 270 -44.23 -2.12 7.67
CA ASP F 270 -45.68 -2.29 7.65
C ASP F 270 -46.12 -3.40 8.60
N VAL F 271 -45.31 -4.44 8.72
CA VAL F 271 -45.56 -5.51 9.67
C VAL F 271 -44.25 -6.18 10.07
N VAL F 272 -44.12 -6.52 11.34
CA VAL F 272 -42.97 -7.27 11.78
C VAL F 272 -43.03 -8.70 11.22
N SER F 273 -41.89 -9.25 10.87
CA SER F 273 -41.79 -10.68 10.53
C SER F 273 -40.54 -11.21 11.20
N TRP F 274 -40.51 -12.50 11.53
CA TRP F 274 -39.32 -13.03 12.20
C TRP F 274 -39.10 -14.53 12.06
N ASP F 275 -37.91 -14.94 12.46
CA ASP F 275 -37.41 -16.29 12.20
C ASP F 275 -37.12 -17.00 13.53
N ASN F 276 -37.96 -17.97 13.87
CA ASN F 276 -37.85 -18.67 15.17
C ASN F 276 -37.19 -20.04 15.06
N TYR F 277 -35.98 -20.14 15.62
CA TYR F 277 -35.23 -21.39 15.58
C TYR F 277 -34.78 -21.82 16.97
N PRO F 278 -35.72 -22.35 17.77
CA PRO F 278 -35.37 -22.81 19.11
C PRO F 278 -34.62 -24.12 19.04
N SER F 279 -33.61 -24.29 19.88
CA SER F 279 -32.96 -25.57 20.07
C SER F 279 -33.79 -26.47 20.97
N MET F 280 -33.45 -27.76 21.02
CA MET F 280 -33.97 -28.67 22.05
C MET F 280 -33.75 -28.04 23.44
N ASP F 281 -32.62 -27.34 23.55
CA ASP F 281 -32.12 -26.67 24.77
C ASP F 281 -32.93 -25.48 25.27
N THR F 282 -33.64 -24.83 24.36
CA THR F 282 -34.19 -23.52 24.64
C THR F 282 -35.44 -23.59 25.52
N PRO F 283 -35.45 -22.83 26.64
CA PRO F 283 -36.64 -22.75 27.48
C PRO F 283 -37.87 -22.38 26.66
N PHE F 284 -38.94 -23.16 26.75
CA PHE F 284 -40.12 -22.89 25.94
C PHE F 284 -40.68 -21.51 26.25
N SER F 285 -40.41 -21.01 27.46
CA SER F 285 -40.93 -19.73 27.87
C SER F 285 -40.06 -18.60 27.31
N PHE F 286 -38.81 -18.92 26.98
CA PHE F 286 -38.00 -17.93 26.30
C PHE F 286 -38.52 -17.70 24.90
N THR F 287 -38.88 -18.78 24.22
CA THR F 287 -39.37 -18.58 22.87
C THR F 287 -40.76 -17.91 22.86
N ALA F 288 -41.56 -18.14 23.90
CA ALA F 288 -42.81 -17.39 24.03
C ALA F 288 -42.48 -15.89 24.14
N MET F 289 -41.53 -15.56 25.01
CA MET F 289 -41.15 -14.19 25.24
C MET F 289 -40.62 -13.54 23.96
N ALA F 290 -40.00 -14.34 23.10
CA ALA F 290 -39.48 -13.84 21.85
C ALA F 290 -40.59 -13.50 20.84
N HIS F 291 -41.55 -14.41 20.65
CA HIS F 291 -42.75 -14.08 19.90
C HIS F 291 -43.43 -12.86 20.53
N ASN F 292 -43.48 -12.84 21.85
CA ASN F 292 -44.15 -11.75 22.56
C ASN F 292 -43.52 -10.41 22.20
N LEU F 293 -42.19 -10.35 22.23
CA LEU F 293 -41.46 -9.15 21.84
C LEU F 293 -41.78 -8.73 20.40
N MET F 294 -41.79 -9.68 19.48
CA MET F 294 -42.10 -9.36 18.10
C MET F 294 -43.48 -8.71 17.98
N ARG F 295 -44.41 -9.10 18.85
CA ARG F 295 -45.74 -8.48 18.91
C ARG F 295 -45.67 -7.05 19.46
N GLY F 296 -44.83 -6.87 20.48
CA GLY F 296 -44.68 -5.57 21.10
C GLY F 296 -43.99 -4.54 20.22
N LEU F 297 -43.24 -5.00 19.23
CA LEU F 297 -42.49 -4.09 18.37
C LEU F 297 -43.41 -3.05 17.73
N LYS F 298 -44.61 -3.47 17.33
CA LYS F 298 -45.56 -2.52 16.78
C LYS F 298 -46.77 -2.40 17.71
N SER F 299 -46.49 -2.48 19.00
CA SER F 299 -47.48 -2.24 20.06
C SER F 299 -48.71 -3.14 19.97
N GLY F 300 -48.49 -4.42 19.68
CA GLY F 300 -49.56 -5.40 19.75
C GLY F 300 -50.07 -5.86 18.40
N GLN F 301 -49.62 -5.20 17.34
CA GLN F 301 -49.99 -5.61 15.98
C GLN F 301 -49.50 -7.03 15.74
N PRO F 302 -50.36 -7.90 15.16
CA PRO F 302 -49.91 -9.25 14.86
C PRO F 302 -48.74 -9.23 13.88
N PHE F 303 -47.93 -10.29 13.87
CA PHE F 303 -46.72 -10.34 13.07
C PHE F 303 -46.72 -11.61 12.22
N MET F 304 -45.87 -11.65 11.21
CA MET F 304 -45.62 -12.88 10.46
C MET F 304 -44.55 -13.73 11.11
N LEU F 305 -44.80 -15.03 11.21
CA LEU F 305 -43.71 -15.99 11.41
C LEU F 305 -43.17 -16.27 10.02
N MET F 306 -42.05 -15.65 9.68
CA MET F 306 -41.48 -15.79 8.34
C MET F 306 -40.73 -17.10 8.20
N GLU F 307 -40.12 -17.57 9.28
CA GLU F 307 -39.34 -18.79 9.19
C GLU F 307 -39.32 -19.59 10.46
N GLN F 308 -39.16 -20.90 10.27
CA GLN F 308 -38.92 -21.86 11.34
C GLN F 308 -38.60 -23.14 10.58
N THR F 309 -37.87 -24.06 11.19
CA THR F 309 -37.60 -25.32 10.50
C THR F 309 -38.77 -26.30 10.64
N PRO F 310 -39.12 -26.99 9.55
CA PRO F 310 -40.11 -28.06 9.71
C PRO F 310 -39.53 -29.23 10.49
N GLY F 311 -38.20 -29.31 10.59
CA GLY F 311 -37.56 -30.42 11.26
C GLY F 311 -36.29 -30.01 11.97
N VAL F 312 -35.16 -30.45 11.44
CA VAL F 312 -33.86 -30.11 12.02
C VAL F 312 -33.34 -28.76 11.50
N GLN F 313 -32.45 -28.15 12.27
CA GLN F 313 -31.74 -26.96 11.81
C GLN F 313 -30.25 -27.25 11.83
N ASN F 314 -29.63 -27.20 10.66
CA ASN F 314 -28.19 -27.45 10.54
C ASN F 314 -27.32 -26.62 11.50
N TRP F 315 -27.72 -25.39 11.78
CA TRP F 315 -26.83 -24.47 12.49
C TRP F 315 -26.72 -24.76 13.98
N GLN F 316 -27.63 -25.60 14.49
CA GLN F 316 -27.55 -25.97 15.88
C GLN F 316 -26.34 -26.89 16.06
N PRO F 317 -25.69 -26.80 17.23
CA PRO F 317 -24.55 -27.67 17.50
C PRO F 317 -24.99 -29.12 17.43
N TYR F 318 -26.21 -29.40 17.90
CA TYR F 318 -26.79 -30.73 17.82
C TYR F 318 -28.10 -30.67 17.04
N ASN F 319 -28.04 -31.13 15.79
CA ASN F 319 -29.20 -31.18 14.92
C ASN F 319 -30.26 -32.15 15.47
N SER F 320 -30.89 -31.76 16.57
CA SER F 320 -31.93 -32.57 17.18
C SER F 320 -33.22 -32.46 16.38
N ALA F 321 -33.82 -33.59 16.04
CA ALA F 321 -35.11 -33.56 15.35
C ALA F 321 -36.21 -33.04 16.27
N LYS F 322 -37.22 -32.40 15.71
CA LYS F 322 -38.39 -32.02 16.49
C LYS F 322 -39.25 -33.28 16.68
N ARG F 323 -39.59 -33.61 17.91
CA ARG F 323 -40.33 -34.85 18.15
C ARG F 323 -41.74 -34.77 17.52
N PRO F 324 -42.39 -35.93 17.32
CA PRO F 324 -43.75 -35.94 16.75
C PRO F 324 -44.64 -34.93 17.43
N GLY F 325 -45.23 -34.03 16.64
CA GLY F 325 -46.15 -33.04 17.19
C GLY F 325 -45.49 -31.73 17.55
N VAL F 326 -44.18 -31.76 17.78
CA VAL F 326 -43.48 -30.56 18.25
C VAL F 326 -43.51 -29.41 17.22
N MET F 327 -43.24 -29.74 15.96
CA MET F 327 -43.33 -28.77 14.88
C MET F 327 -44.65 -28.02 14.98
N ARG F 328 -45.72 -28.78 15.15
CA ARG F 328 -47.05 -28.20 15.21
C ARG F 328 -47.19 -27.40 16.50
N LEU F 329 -46.75 -28.00 17.60
CA LEU F 329 -46.83 -27.37 18.92
C LEU F 329 -46.24 -25.96 18.87
N TRP F 330 -45.09 -25.84 18.21
CA TRP F 330 -44.32 -24.60 18.21
C TRP F 330 -44.88 -23.60 17.20
N SER F 331 -45.48 -24.11 16.14
CA SER F 331 -46.18 -23.25 15.19
C SER F 331 -47.33 -22.53 15.90
N TYR F 332 -48.17 -23.29 16.60
CA TYR F 332 -49.28 -22.71 17.33
C TYR F 332 -48.81 -21.81 18.47
N GLN F 333 -47.65 -22.12 19.07
CA GLN F 333 -47.12 -21.20 20.08
C GLN F 333 -46.89 -19.83 19.46
N ALA F 334 -46.35 -19.80 18.25
CA ALA F 334 -46.14 -18.54 17.56
C ALA F 334 -47.47 -17.79 17.39
N VAL F 335 -48.47 -18.51 16.88
CA VAL F 335 -49.80 -17.94 16.68
C VAL F 335 -50.41 -17.45 17.99
N ALA F 336 -50.21 -18.23 19.05
CA ALA F 336 -50.78 -17.90 20.35
C ALA F 336 -50.31 -16.53 20.78
N HIS F 337 -49.13 -16.14 20.31
CA HIS F 337 -48.49 -14.91 20.78
C HIS F 337 -48.54 -13.77 19.77
N GLY F 338 -49.18 -14.00 18.64
CA GLY F 338 -49.46 -12.91 17.72
C GLY F 338 -49.10 -13.15 16.28
N ALA F 339 -48.67 -14.36 15.93
CA ALA F 339 -48.39 -14.68 14.53
C ALA F 339 -49.68 -14.92 13.73
N ASP F 340 -49.80 -14.24 12.60
CA ASP F 340 -50.92 -14.46 11.69
C ASP F 340 -50.46 -15.16 10.41
N THR F 341 -49.26 -15.76 10.47
CA THR F 341 -48.77 -16.67 9.43
C THR F 341 -47.89 -17.74 10.07
N VAL F 342 -47.75 -18.88 9.41
CA VAL F 342 -46.73 -19.82 9.83
C VAL F 342 -46.02 -20.34 8.60
N MET F 343 -44.78 -19.88 8.45
CA MET F 343 -43.98 -20.15 7.28
C MET F 343 -42.63 -20.75 7.67
N PHE F 344 -42.06 -21.50 6.74
CA PHE F 344 -40.88 -22.33 6.96
C PHE F 344 -39.66 -21.82 6.20
N PHE F 345 -38.49 -22.15 6.73
CA PHE F 345 -37.35 -22.35 5.86
C PHE F 345 -36.97 -23.83 5.99
N GLN F 346 -37.02 -24.59 4.89
CA GLN F 346 -37.50 -24.14 3.58
C GLN F 346 -38.42 -25.24 3.01
N LEU F 347 -38.92 -25.07 1.78
CA LEU F 347 -39.90 -26.01 1.23
C LEU F 347 -39.26 -27.26 0.60
N ARG F 348 -38.09 -27.08 -0.01
CA ARG F 348 -37.31 -28.22 -0.49
C ARG F 348 -35.82 -28.07 -0.12
N ARG F 349 -35.24 -29.13 0.45
CA ARG F 349 -33.87 -29.06 0.94
C ARG F 349 -32.89 -28.69 -0.17
N SER F 350 -31.88 -27.89 0.19
CA SER F 350 -30.75 -27.65 -0.69
C SER F 350 -29.85 -28.89 -0.75
N VAL F 351 -28.88 -28.88 -1.67
CA VAL F 351 -28.21 -30.12 -2.04
C VAL F 351 -26.66 -30.32 -1.91
N GLY F 352 -25.83 -29.29 -1.77
CA GLY F 352 -26.21 -27.90 -1.77
C GLY F 352 -25.44 -26.95 -0.84
N ALA F 353 -24.15 -27.19 -0.55
CA ALA F 353 -23.40 -26.29 0.36
C ALA F 353 -23.87 -26.36 1.83
N CYS F 354 -23.76 -25.27 2.59
CA CYS F 354 -23.90 -25.36 4.08
C CYS F 354 -25.29 -25.64 4.68
N GLU F 355 -26.35 -25.50 3.90
CA GLU F 355 -27.67 -25.76 4.48
C GLU F 355 -28.35 -27.04 3.99
N LYS F 356 -27.59 -27.92 3.37
CA LYS F 356 -28.13 -29.18 2.90
C LYS F 356 -28.69 -30.09 4.03
N TYR F 357 -28.25 -29.91 5.27
CA TYR F 357 -28.81 -30.69 6.38
C TYR F 357 -29.74 -29.86 7.26
N HIS F 358 -30.21 -28.76 6.69
CA HIS F 358 -31.29 -28.01 7.28
C HIS F 358 -32.60 -28.68 6.82
N GLY F 359 -33.54 -28.82 7.73
CA GLY F 359 -34.82 -29.44 7.45
C GLY F 359 -35.65 -28.66 6.45
N ALA F 360 -36.51 -29.39 5.72
CA ALA F 360 -37.45 -28.78 4.77
C ALA F 360 -38.71 -29.62 4.75
N VAL F 361 -39.76 -29.07 4.14
CA VAL F 361 -41.03 -29.79 3.97
C VAL F 361 -40.81 -30.99 3.07
N ILE F 362 -40.22 -30.74 1.91
CA ILE F 362 -39.81 -31.80 0.98
C ILE F 362 -38.30 -31.98 1.12
N GLU F 363 -37.86 -33.22 1.33
CA GLU F 363 -36.46 -33.47 1.65
C GLU F 363 -35.78 -34.41 0.66
N HIS F 364 -34.64 -34.97 1.05
CA HIS F 364 -33.77 -35.61 0.07
C HIS F 364 -34.36 -36.81 -0.68
N VAL F 365 -35.21 -37.62 -0.03
CA VAL F 365 -35.95 -38.67 -0.77
C VAL F 365 -36.78 -38.08 -1.91
N GLY F 366 -37.27 -36.85 -1.71
CA GLY F 366 -38.07 -36.18 -2.71
C GLY F 366 -39.51 -36.66 -2.88
N HIS F 367 -40.09 -37.24 -1.84
CA HIS F 367 -41.49 -37.66 -1.90
C HIS F 367 -42.20 -37.31 -0.60
N GLU F 368 -43.53 -37.43 -0.59
CA GLU F 368 -44.34 -37.02 0.54
C GLU F 368 -44.48 -38.08 1.65
N HIS F 369 -43.97 -39.28 1.41
CA HIS F 369 -44.18 -40.39 2.36
C HIS F 369 -43.14 -40.40 3.48
N THR F 370 -43.29 -39.44 4.37
CA THR F 370 -42.23 -39.04 5.28
C THR F 370 -42.89 -38.50 6.55
N ARG F 371 -42.25 -38.68 7.69
CA ARG F 371 -42.83 -38.25 8.94
C ARG F 371 -42.97 -36.72 8.99
N VAL F 372 -41.88 -36.03 8.69
CA VAL F 372 -41.90 -34.57 8.59
C VAL F 372 -42.97 -34.07 7.62
N PHE F 373 -43.03 -34.63 6.43
CA PHE F 373 -44.03 -34.16 5.47
C PHE F 373 -45.44 -34.35 6.04
N ARG F 374 -45.74 -35.55 6.57
CA ARG F 374 -47.04 -35.83 7.19
C ARG F 374 -47.45 -34.78 8.22
N GLU F 375 -46.54 -34.47 9.14
CA GLU F 375 -46.84 -33.48 10.18
C GLU F 375 -47.09 -32.11 9.56
N CYS F 376 -46.34 -31.76 8.53
CA CYS F 376 -46.58 -30.50 7.82
C CYS F 376 -47.97 -30.47 7.18
N ALA F 377 -48.31 -31.54 6.46
CA ALA F 377 -49.60 -31.61 5.76
C ALA F 377 -50.75 -31.55 6.75
N GLU F 378 -50.61 -32.29 7.84
CA GLU F 378 -51.59 -32.27 8.90
C GLU F 378 -51.82 -30.81 9.39
N LEU F 379 -50.74 -30.06 9.53
CA LEU F 379 -50.83 -28.68 10.04
C LEU F 379 -51.54 -27.82 9.02
N GLY F 380 -51.09 -27.89 7.77
CA GLY F 380 -51.71 -27.16 6.69
C GLY F 380 -53.22 -27.30 6.67
N LYS F 381 -53.70 -28.52 6.90
CA LYS F 381 -55.13 -28.75 6.83
C LYS F 381 -55.85 -28.01 7.96
N GLU F 382 -55.29 -28.07 9.16
CA GLU F 382 -55.84 -27.32 10.27
C GLU F 382 -55.85 -25.81 9.98
N LEU F 383 -54.79 -25.31 9.35
CA LEU F 383 -54.72 -23.89 9.03
C LEU F 383 -55.86 -23.51 8.08
N GLN F 384 -56.05 -24.32 7.05
CA GLN F 384 -57.17 -24.12 6.13
C GLN F 384 -58.53 -24.07 6.86
N GLN F 385 -58.77 -25.00 7.78
CA GLN F 385 -60.07 -25.10 8.46
C GLN F 385 -60.33 -23.86 9.31
N LEU F 386 -59.26 -23.35 9.91
CA LEU F 386 -59.36 -22.21 10.81
C LEU F 386 -59.77 -20.95 10.07
N GLY F 387 -59.46 -20.89 8.78
CA GLY F 387 -59.78 -19.71 8.01
C GLY F 387 -59.29 -18.43 8.67
N ASP F 388 -60.17 -17.43 8.70
CA ASP F 388 -59.80 -16.11 9.20
C ASP F 388 -60.10 -15.95 10.69
N THR F 389 -60.52 -17.03 11.33
CA THR F 389 -61.03 -17.00 12.70
C THR F 389 -60.15 -16.19 13.66
N ILE F 390 -58.86 -16.50 13.65
CA ILE F 390 -57.94 -15.96 14.64
C ILE F 390 -57.30 -14.65 14.19
N LEU F 391 -57.32 -14.41 12.88
CA LEU F 391 -56.68 -13.23 12.28
C LEU F 391 -56.98 -11.91 13.03
N ASP F 392 -55.93 -11.10 13.21
CA ASP F 392 -56.06 -9.77 13.80
C ASP F 392 -56.37 -9.75 15.29
N ALA F 393 -56.53 -10.93 15.88
CA ALA F 393 -56.81 -11.02 17.31
C ALA F 393 -55.65 -10.41 18.10
N ARG F 394 -55.97 -9.70 19.18
CA ARG F 394 -54.93 -9.02 19.93
C ARG F 394 -54.87 -9.46 21.38
N SER F 395 -53.80 -9.04 22.04
CA SER F 395 -53.58 -9.36 23.44
C SER F 395 -54.17 -8.27 24.32
N GLU F 396 -54.74 -8.69 25.44
CA GLU F 396 -55.34 -7.76 26.38
C GLU F 396 -54.69 -7.88 27.77
N ALA F 397 -53.40 -8.13 27.78
CA ALA F 397 -52.62 -8.16 29.00
C ALA F 397 -52.81 -6.92 29.87
N LYS F 398 -52.66 -7.12 31.18
CA LYS F 398 -52.71 -6.04 32.15
C LYS F 398 -51.35 -5.97 32.81
N VAL F 399 -50.49 -6.91 32.43
CA VAL F 399 -49.10 -6.96 32.89
C VAL F 399 -48.15 -6.72 31.71
N ALA F 400 -47.22 -5.81 31.89
CA ALA F 400 -46.24 -5.53 30.86
C ALA F 400 -44.84 -5.74 31.44
N VAL F 401 -43.94 -6.26 30.62
CA VAL F 401 -42.51 -6.24 30.97
C VAL F 401 -41.67 -5.52 29.88
N MET F 402 -40.84 -4.59 30.34
CA MET F 402 -40.10 -3.71 29.46
C MET F 402 -38.77 -4.30 29.03
N TYR F 403 -38.39 -4.03 27.80
CA TYR F 403 -37.11 -4.47 27.27
C TYR F 403 -36.60 -3.39 26.33
N ASP F 404 -35.32 -3.06 26.40
CA ASP F 404 -34.77 -2.01 25.56
C ASP F 404 -33.38 -2.32 25.04
N TRP F 405 -33.18 -2.15 23.73
CA TRP F 405 -31.91 -2.45 23.07
C TRP F 405 -30.75 -1.52 23.48
N GLU F 406 -31.04 -0.24 23.66
CA GLU F 406 -29.99 0.69 24.02
C GLU F 406 -29.53 0.43 25.44
N ASN F 407 -30.49 0.12 26.32
CA ASN F 407 -30.19 -0.31 27.67
C ASN F 407 -29.33 -1.57 27.65
N ARG F 408 -29.69 -2.52 26.79
CA ARG F 408 -28.94 -3.76 26.68
C ARG F 408 -27.50 -3.48 26.21
N TRP F 409 -27.35 -2.61 25.21
CA TRP F 409 -26.03 -2.24 24.72
C TRP F 409 -25.15 -1.65 25.81
N ALA F 410 -25.69 -0.70 26.57
CA ALA F 410 -24.92 -0.07 27.64
C ALA F 410 -24.53 -1.08 28.72
N LEU F 411 -25.46 -1.94 29.10
CA LEU F 411 -25.22 -2.95 30.12
C LEU F 411 -24.15 -3.95 29.70
N GLU F 412 -24.24 -4.38 28.45
CA GLU F 412 -23.32 -5.40 27.92
C GLU F 412 -21.93 -4.84 27.63
N LEU F 413 -21.85 -3.52 27.44
CA LEU F 413 -20.54 -2.88 27.25
C LEU F 413 -19.93 -2.42 28.58
N SER F 414 -20.74 -2.41 29.64
CA SER F 414 -20.29 -1.86 30.91
C SER F 414 -19.10 -2.63 31.46
N SER F 415 -18.15 -1.91 32.05
CA SER F 415 -17.03 -2.56 32.70
C SER F 415 -17.36 -2.70 34.18
N GLY F 416 -17.89 -3.86 34.56
CA GLY F 416 -18.46 -4.04 35.87
C GLY F 416 -19.96 -3.81 35.78
N PRO F 417 -20.70 -4.17 36.83
CA PRO F 417 -20.20 -4.69 38.12
C PRO F 417 -19.97 -6.21 38.14
N SER F 418 -20.36 -6.92 37.08
CA SER F 418 -20.25 -8.38 37.09
C SER F 418 -20.52 -9.03 35.73
N ILE F 419 -19.59 -9.87 35.30
CA ILE F 419 -19.74 -10.59 34.05
C ILE F 419 -20.84 -11.65 34.17
N ALA F 420 -21.34 -11.86 35.39
CA ALA F 420 -22.43 -12.80 35.61
C ALA F 420 -23.80 -12.13 35.45
N LEU F 421 -23.83 -10.83 35.22
CA LEU F 421 -25.09 -10.17 34.96
C LEU F 421 -25.44 -10.28 33.47
N ASN F 422 -26.51 -10.98 33.18
CA ASN F 422 -26.96 -11.16 31.82
C ASN F 422 -28.35 -10.56 31.71
N TYR F 423 -28.44 -9.45 30.99
CA TYR F 423 -29.65 -8.63 30.95
C TYR F 423 -30.87 -9.43 30.53
N VAL F 424 -30.79 -10.09 29.38
CA VAL F 424 -31.90 -10.89 28.88
C VAL F 424 -32.31 -11.99 29.86
N ASN F 425 -31.35 -12.57 30.57
CA ASN F 425 -31.68 -13.60 31.58
C ASN F 425 -32.51 -13.01 32.71
N GLU F 426 -32.15 -11.82 33.17
CA GLU F 426 -32.88 -11.18 34.26
C GLU F 426 -34.30 -10.87 33.80
N VAL F 427 -34.46 -10.41 32.56
CA VAL F 427 -35.78 -10.14 32.01
C VAL F 427 -36.59 -11.44 31.97
N HIS F 428 -35.99 -12.48 31.42
CA HIS F 428 -36.67 -13.77 31.29
C HIS F 428 -37.09 -14.35 32.64
N LYS F 429 -36.30 -14.13 33.68
CA LYS F 429 -36.69 -14.59 35.02
C LYS F 429 -38.05 -14.02 35.42
N TYR F 430 -38.27 -12.73 35.16
CA TYR F 430 -39.56 -12.13 35.47
C TYR F 430 -40.64 -12.69 34.54
N TYR F 431 -40.34 -12.71 33.25
CA TYR F 431 -41.28 -13.24 32.27
C TYR F 431 -41.68 -14.68 32.61
N ASP F 432 -40.69 -15.52 32.86
CA ASP F 432 -40.92 -16.93 33.15
C ASP F 432 -41.89 -17.09 34.31
N ALA F 433 -41.72 -16.26 35.33
CA ALA F 433 -42.60 -16.26 36.50
C ALA F 433 -44.06 -16.05 36.11
N LEU F 434 -44.30 -15.13 35.17
CA LEU F 434 -45.66 -14.84 34.72
C LEU F 434 -46.18 -15.97 33.82
N TYR F 435 -45.34 -16.39 32.88
CA TYR F 435 -45.64 -17.51 32.00
C TYR F 435 -46.12 -18.75 32.78
N LYS F 436 -45.41 -19.06 33.88
CA LYS F 436 -45.71 -20.24 34.70
C LYS F 436 -47.06 -20.14 35.42
N GLN F 437 -47.57 -18.92 35.59
CA GLN F 437 -48.87 -18.72 36.21
C GLN F 437 -49.90 -18.36 35.17
N ASN F 438 -49.59 -18.61 33.90
CA ASN F 438 -50.48 -18.22 32.81
C ASN F 438 -51.05 -16.81 32.95
N ILE F 439 -50.24 -15.86 33.43
CA ILE F 439 -50.66 -14.46 33.46
C ILE F 439 -50.36 -13.82 32.11
N GLN F 440 -51.41 -13.30 31.48
CA GLN F 440 -51.27 -12.74 30.13
C GLN F 440 -50.44 -11.47 30.20
N THR F 441 -49.35 -11.43 29.45
CA THR F 441 -48.47 -10.27 29.53
C THR F 441 -47.95 -9.78 28.17
N ASP F 442 -47.65 -8.49 28.09
CA ASP F 442 -47.06 -7.86 26.91
C ASP F 442 -45.60 -7.49 27.16
N MET F 443 -44.69 -8.00 26.33
CA MET F 443 -43.35 -7.45 26.27
C MET F 443 -43.47 -6.07 25.62
N ILE F 444 -42.93 -5.05 26.26
CA ILE F 444 -43.09 -3.69 25.74
C ILE F 444 -41.81 -2.87 25.73
N SER F 445 -41.79 -1.84 24.89
CA SER F 445 -40.70 -0.86 24.87
C SER F 445 -40.81 0.08 26.06
N VAL F 446 -39.72 0.77 26.39
CA VAL F 446 -39.77 1.76 27.46
C VAL F 446 -40.62 2.97 27.07
N GLU F 447 -40.97 3.08 25.80
CA GLU F 447 -41.66 4.27 25.28
C GLU F 447 -43.15 4.03 25.18
N GLU F 448 -43.57 2.82 25.50
CA GLU F 448 -44.97 2.40 25.38
C GLU F 448 -45.91 3.12 26.36
N ASP F 449 -47.11 3.48 25.91
CA ASP F 449 -48.13 4.06 26.79
C ASP F 449 -48.53 3.09 27.89
N LEU F 450 -48.44 3.54 29.14
CA LEU F 450 -48.60 2.67 30.30
C LEU F 450 -50.01 2.58 30.87
N SER F 451 -50.94 3.34 30.31
CA SER F 451 -52.27 3.51 30.93
C SER F 451 -53.14 2.25 30.91
N LYS F 452 -52.92 1.36 29.96
CA LYS F 452 -53.73 0.15 29.84
C LYS F 452 -53.28 -1.00 30.76
N TYR F 453 -52.14 -0.82 31.41
CA TYR F 453 -51.61 -1.88 32.27
C TYR F 453 -51.90 -1.58 33.73
N LYS F 454 -51.76 -2.61 34.57
CA LYS F 454 -51.92 -2.46 36.01
C LYS F 454 -50.61 -2.79 36.71
N VAL F 455 -49.79 -3.59 36.03
CA VAL F 455 -48.48 -3.95 36.55
C VAL F 455 -47.46 -3.80 35.44
N VAL F 456 -46.45 -2.96 35.68
CA VAL F 456 -45.36 -2.79 34.73
C VAL F 456 -44.05 -3.16 35.39
N ILE F 457 -43.35 -4.11 34.79
CA ILE F 457 -42.09 -4.62 35.32
C ILE F 457 -40.89 -4.28 34.42
N ALA F 458 -39.91 -3.58 34.98
CA ALA F 458 -38.72 -3.15 34.24
C ALA F 458 -37.44 -3.74 34.81
N PRO F 459 -37.12 -5.00 34.48
CA PRO F 459 -35.93 -5.57 35.10
C PRO F 459 -34.65 -4.87 34.64
N VAL F 460 -33.76 -4.59 35.59
CA VAL F 460 -32.48 -3.94 35.34
C VAL F 460 -32.61 -2.78 34.33
N MET F 461 -33.49 -1.84 34.64
CA MET F 461 -33.67 -0.67 33.80
C MET F 461 -32.53 0.30 34.07
N TYR F 462 -31.31 -0.13 33.71
CA TYR F 462 -30.07 0.58 34.02
C TYR F 462 -29.98 1.97 33.35
N MET F 463 -30.48 2.05 32.12
CA MET F 463 -30.56 3.32 31.40
C MET F 463 -31.97 3.87 31.43
N VAL F 464 -32.06 5.14 31.82
CA VAL F 464 -33.33 5.82 31.87
C VAL F 464 -33.28 7.00 30.90
N LYS F 465 -34.16 6.96 29.91
CA LYS F 465 -34.19 7.95 28.84
C LYS F 465 -35.13 9.11 29.17
N PRO F 466 -34.98 10.25 28.48
CA PRO F 466 -35.83 11.42 28.72
C PRO F 466 -37.33 11.09 28.73
N GLY F 467 -38.05 11.54 29.75
CA GLY F 467 -39.49 11.32 29.86
C GLY F 467 -39.93 9.99 30.46
N PHE F 468 -38.98 9.09 30.71
CA PHE F 468 -39.32 7.78 31.24
C PHE F 468 -39.76 7.88 32.73
N ALA F 469 -38.94 8.52 33.55
CA ALA F 469 -39.25 8.67 34.97
C ALA F 469 -40.61 9.32 35.16
N GLU F 470 -40.84 10.41 34.45
CA GLU F 470 -42.08 11.14 34.60
C GLU F 470 -43.25 10.25 34.21
N ARG F 471 -43.11 9.58 33.08
CA ARG F 471 -44.15 8.71 32.58
C ARG F 471 -44.51 7.62 33.61
N VAL F 472 -43.50 7.00 34.23
CA VAL F 472 -43.82 5.96 35.22
C VAL F 472 -44.33 6.56 36.54
N GLU F 473 -43.85 7.74 36.91
CA GLU F 473 -44.43 8.44 38.07
C GLU F 473 -45.93 8.60 37.89
N ARG F 474 -46.36 9.03 36.70
CA ARG F 474 -47.77 9.18 36.41
C ARG F 474 -48.49 7.84 36.57
N PHE F 475 -47.96 6.82 35.91
CA PHE F 475 -48.52 5.47 35.95
C PHE F 475 -48.79 5.00 37.38
N VAL F 476 -47.81 5.18 38.25
CA VAL F 476 -47.94 4.73 39.63
C VAL F 476 -48.88 5.64 40.39
N ALA F 477 -48.70 6.96 40.23
CA ALA F 477 -49.55 7.93 40.89
C ALA F 477 -51.03 7.62 40.65
N GLN F 478 -51.37 7.33 39.39
CA GLN F 478 -52.76 7.08 39.03
C GLN F 478 -53.24 5.67 39.39
N GLY F 479 -52.40 4.90 40.09
CA GLY F 479 -52.82 3.61 40.62
C GLY F 479 -52.10 2.36 40.14
N GLY F 480 -51.11 2.50 39.26
CA GLY F 480 -50.40 1.34 38.74
C GLY F 480 -49.38 0.77 39.70
N THR F 481 -48.97 -0.49 39.50
CA THR F 481 -47.75 -0.90 40.19
C THR F 481 -46.57 -1.06 39.23
N PHE F 482 -45.44 -0.52 39.67
CA PHE F 482 -44.22 -0.53 38.90
C PHE F 482 -43.21 -1.35 39.69
N VAL F 483 -42.44 -2.17 38.98
CA VAL F 483 -41.40 -2.97 39.61
C VAL F 483 -40.07 -2.71 38.93
N THR F 484 -39.03 -2.39 39.72
CA THR F 484 -37.69 -2.36 39.17
C THR F 484 -36.68 -3.04 40.09
N THR F 485 -35.44 -3.13 39.60
CA THR F 485 -34.46 -3.95 40.29
C THR F 485 -33.14 -3.24 40.58
N PHE F 486 -32.27 -3.98 41.25
CA PHE F 486 -30.89 -3.59 41.45
C PHE F 486 -30.33 -3.08 40.12
N PHE F 487 -29.41 -2.12 40.24
CA PHE F 487 -28.71 -1.56 39.09
C PHE F 487 -29.62 -0.90 38.05
N SER F 488 -30.70 -0.28 38.52
CA SER F 488 -31.59 0.48 37.65
C SER F 488 -31.43 1.97 37.92
N GLY F 489 -31.83 2.79 36.95
CA GLY F 489 -31.76 4.25 37.10
C GLY F 489 -30.37 4.81 37.27
N ILE F 490 -29.37 4.15 36.70
CA ILE F 490 -27.99 4.56 36.90
C ILE F 490 -27.53 5.67 35.93
N VAL F 491 -27.86 5.51 34.66
CA VAL F 491 -27.32 6.39 33.63
C VAL F 491 -28.43 6.96 32.76
N ASN F 492 -28.12 8.03 32.02
CA ASN F 492 -28.99 8.55 30.99
C ASN F 492 -28.64 7.92 29.64
N GLU F 493 -29.14 8.53 28.58
CA GLU F 493 -28.98 8.03 27.21
C GLU F 493 -27.53 7.97 26.71
N ASN F 494 -26.63 8.71 27.33
CA ASN F 494 -25.24 8.69 26.90
C ASN F 494 -24.34 7.80 27.75
N ASP F 495 -24.98 6.98 28.59
CA ASP F 495 -24.26 6.13 29.54
C ASP F 495 -23.52 7.02 30.52
N LEU F 496 -24.03 8.23 30.74
CA LEU F 496 -23.49 9.08 31.80
C LEU F 496 -24.27 8.87 33.09
N VAL F 497 -23.54 8.72 34.19
CA VAL F 497 -24.18 8.41 35.46
C VAL F 497 -25.06 9.56 35.99
N THR F 498 -26.31 9.27 36.30
CA THR F 498 -27.14 10.27 36.96
C THR F 498 -26.73 10.38 38.42
N LEU F 499 -26.07 11.48 38.72
CA LEU F 499 -25.49 11.74 40.04
C LEU F 499 -26.55 12.11 41.08
N GLY F 500 -26.18 12.00 42.36
CA GLY F 500 -27.08 12.35 43.44
C GLY F 500 -27.67 11.15 44.18
N GLY F 501 -27.32 9.94 43.76
CA GLY F 501 -27.80 8.73 44.41
C GLY F 501 -28.67 7.84 43.54
N TYR F 502 -28.26 6.58 43.39
CA TYR F 502 -29.11 5.60 42.72
C TYR F 502 -30.40 5.44 43.53
N PRO F 503 -31.54 5.23 42.86
CA PRO F 503 -31.69 5.08 41.41
C PRO F 503 -32.03 6.38 40.65
N GLY F 504 -31.35 7.47 41.00
CA GLY F 504 -31.40 8.66 40.19
C GLY F 504 -32.79 9.19 39.95
N GLU F 505 -33.21 9.22 38.70
CA GLU F 505 -34.51 9.79 38.38
C GLU F 505 -35.65 8.95 38.95
N LEU F 506 -35.36 7.70 39.31
CA LEU F 506 -36.38 6.81 39.84
C LEU F 506 -36.37 6.81 41.37
N ARG F 507 -35.39 7.49 41.97
CA ARG F 507 -35.27 7.50 43.42
C ARG F 507 -36.58 7.91 44.12
N ASN F 508 -37.24 8.92 43.57
CA ASN F 508 -38.48 9.44 44.11
C ASN F 508 -39.62 8.40 44.10
N VAL F 509 -39.90 7.82 42.94
CA VAL F 509 -41.02 6.89 42.87
C VAL F 509 -40.70 5.54 43.54
N MET F 510 -39.43 5.18 43.66
CA MET F 510 -39.08 3.92 44.30
C MET F 510 -39.06 4.04 45.84
N GLY F 511 -38.73 5.23 46.32
CA GLY F 511 -38.73 5.50 47.75
C GLY F 511 -37.53 4.96 48.50
N ILE F 512 -36.49 4.59 47.76
CA ILE F 512 -35.26 4.08 48.36
C ILE F 512 -34.03 4.73 47.76
N TRP F 513 -32.96 4.80 48.55
CA TRP F 513 -31.65 5.16 48.05
C TRP F 513 -30.76 3.93 48.04
N ALA F 514 -30.21 3.59 46.88
CA ALA F 514 -29.27 2.48 46.78
C ALA F 514 -27.84 2.99 46.95
N GLU F 515 -27.21 2.66 48.07
CA GLU F 515 -25.91 3.21 48.41
C GLU F 515 -24.78 2.61 47.59
N GLU F 516 -24.77 1.29 47.49
CA GLU F 516 -23.68 0.59 46.80
C GLU F 516 -24.15 -0.79 46.41
N ILE F 517 -23.52 -1.36 45.38
CA ILE F 517 -23.91 -2.67 44.93
C ILE F 517 -22.74 -3.65 45.08
N ASP F 518 -23.06 -4.90 45.43
CA ASP F 518 -22.06 -5.93 45.67
C ASP F 518 -22.22 -7.08 44.68
N ALA F 519 -21.15 -7.39 43.95
CA ALA F 519 -21.18 -8.48 42.99
C ALA F 519 -20.81 -9.78 43.71
N LEU F 520 -21.66 -10.79 43.63
CA LEU F 520 -21.33 -12.06 44.27
C LEU F 520 -20.41 -12.91 43.40
N LEU F 521 -19.39 -13.49 44.01
CA LEU F 521 -18.56 -14.47 43.31
C LEU F 521 -19.37 -15.70 42.97
N PRO F 522 -18.99 -16.41 41.91
CA PRO F 522 -19.80 -17.51 41.41
C PRO F 522 -20.01 -18.59 42.48
N GLY F 523 -21.23 -19.12 42.53
CA GLY F 523 -21.58 -20.13 43.52
C GLY F 523 -21.96 -19.53 44.86
N HIS F 524 -21.67 -18.25 45.07
CA HIS F 524 -22.08 -17.58 46.30
C HIS F 524 -23.50 -17.08 46.15
N GLN F 525 -24.21 -17.06 47.28
CA GLN F 525 -25.60 -16.64 47.30
C GLN F 525 -25.88 -15.96 48.62
N ASN F 526 -26.87 -15.07 48.62
CA ASN F 526 -27.39 -14.51 49.85
C ASN F 526 -28.81 -15.02 50.06
N GLU F 527 -29.59 -14.31 50.86
CA GLU F 527 -30.85 -14.86 51.32
C GLU F 527 -31.88 -13.75 51.44
N ILE F 528 -33.08 -14.01 50.95
CA ILE F 528 -34.18 -13.07 51.12
C ILE F 528 -35.06 -13.57 52.28
N VAL F 529 -35.21 -12.73 53.29
CA VAL F 529 -35.89 -13.11 54.52
C VAL F 529 -37.09 -12.20 54.75
N LEU F 530 -38.28 -12.72 54.53
CA LEU F 530 -39.46 -11.90 54.78
C LEU F 530 -39.61 -11.54 56.25
N ARG F 531 -39.95 -10.27 56.49
CA ARG F 531 -40.19 -9.74 57.82
C ARG F 531 -41.39 -10.42 58.47
N GLN F 532 -42.41 -10.67 57.67
CA GLN F 532 -43.52 -11.53 58.06
C GLN F 532 -44.19 -12.03 56.81
N ASP F 533 -44.99 -13.09 56.96
CA ASP F 533 -45.77 -13.63 55.87
C ASP F 533 -46.42 -12.50 55.10
N TRP F 534 -46.44 -12.64 53.77
CA TRP F 534 -47.04 -11.66 52.87
C TRP F 534 -47.51 -12.42 51.63
N GLY F 535 -48.82 -12.66 51.55
CA GLY F 535 -49.38 -13.43 50.46
C GLY F 535 -48.69 -14.77 50.27
N GLY F 536 -48.33 -15.06 49.03
CA GLY F 536 -47.64 -16.30 48.70
C GLY F 536 -46.17 -16.30 49.07
N LEU F 537 -45.72 -15.20 49.69
CA LEU F 537 -44.31 -15.08 50.06
C LEU F 537 -44.09 -15.30 51.56
N ARG F 538 -43.33 -16.33 51.91
CA ARG F 538 -43.21 -16.74 53.29
C ARG F 538 -41.81 -17.30 53.58
N GLY F 539 -41.21 -16.88 54.69
CA GLY F 539 -39.94 -17.43 55.11
C GLY F 539 -38.73 -16.90 54.35
N SER F 540 -37.84 -17.82 53.98
CA SER F 540 -36.62 -17.45 53.29
C SER F 540 -36.60 -17.94 51.84
N TYR F 541 -35.90 -17.19 51.00
CA TYR F 541 -35.61 -17.57 49.61
C TYR F 541 -34.19 -17.09 49.32
N SER F 542 -33.51 -17.72 48.37
CA SER F 542 -32.16 -17.29 48.10
C SER F 542 -32.12 -16.31 46.93
N CYS F 543 -31.01 -15.60 46.82
CA CYS F 543 -30.80 -14.63 45.75
C CYS F 543 -29.31 -14.64 45.47
N GLY F 544 -28.88 -13.92 44.44
CA GLY F 544 -27.50 -13.97 44.04
C GLY F 544 -27.14 -13.00 42.91
N ILE F 545 -25.95 -13.20 42.36
CA ILE F 545 -25.42 -12.35 41.30
C ILE F 545 -24.99 -10.97 41.79
N LEU F 546 -25.96 -10.14 42.18
CA LEU F 546 -25.67 -8.80 42.67
C LEU F 546 -26.62 -8.46 43.80
N CYS F 547 -26.10 -7.78 44.81
CA CYS F 547 -26.91 -7.35 45.93
C CYS F 547 -26.75 -5.87 46.10
N ASP F 548 -27.85 -5.15 45.86
CA ASP F 548 -27.88 -3.72 46.11
C ASP F 548 -28.03 -3.48 47.60
N VAL F 549 -27.18 -2.61 48.15
CA VAL F 549 -27.30 -2.20 49.55
C VAL F 549 -28.05 -0.88 49.57
N ILE F 550 -29.29 -0.93 50.05
CA ILE F 550 -30.20 0.20 49.90
C ILE F 550 -30.72 0.73 51.24
N HIS F 551 -31.26 1.95 51.21
CA HIS F 551 -31.86 2.55 52.39
C HIS F 551 -33.32 2.83 52.09
N ALA F 552 -34.21 2.33 52.93
CA ALA F 552 -35.62 2.69 52.81
C ALA F 552 -35.76 4.16 53.21
N GLU F 553 -36.33 4.95 52.32
CA GLU F 553 -36.55 6.35 52.64
C GLU F 553 -38.03 6.57 52.89
N THR F 554 -38.81 6.51 51.82
CA THR F 554 -40.26 6.61 51.87
C THR F 554 -40.89 5.23 51.89
N ALA F 555 -40.17 4.26 51.33
CA ALA F 555 -40.68 2.92 51.11
C ALA F 555 -40.76 2.09 52.37
N GLU F 556 -41.55 1.02 52.29
CA GLU F 556 -41.73 0.09 53.39
C GLU F 556 -40.89 -1.16 53.15
N VAL F 557 -40.33 -1.72 54.21
CA VAL F 557 -39.45 -2.87 54.04
C VAL F 557 -40.20 -4.18 54.24
N LEU F 558 -40.31 -4.95 53.17
CA LEU F 558 -41.04 -6.21 53.19
C LEU F 558 -40.12 -7.38 53.43
N ALA F 559 -38.87 -7.26 52.99
CA ALA F 559 -37.91 -8.34 53.17
C ALA F 559 -36.50 -7.79 53.41
N GLU F 560 -35.68 -8.56 54.12
CA GLU F 560 -34.30 -8.15 54.42
C GLU F 560 -33.26 -9.20 54.00
N TYR F 561 -32.00 -8.77 53.92
CA TYR F 561 -30.93 -9.71 53.59
C TYR F 561 -30.70 -10.68 54.74
N GLY F 562 -30.38 -11.92 54.39
CA GLY F 562 -30.14 -12.94 55.38
C GLY F 562 -28.71 -13.06 55.88
N ALA F 563 -27.74 -12.69 55.05
CA ALA F 563 -26.35 -12.88 55.42
C ALA F 563 -25.42 -11.72 55.00
N ASP F 564 -24.11 -11.92 55.19
CA ASP F 564 -23.07 -10.98 54.78
C ASP F 564 -23.19 -9.62 55.49
N TYR F 565 -22.31 -8.69 55.15
CA TYR F 565 -22.20 -7.45 55.91
C TYR F 565 -23.42 -6.53 55.77
N TYR F 566 -24.33 -6.86 54.86
CA TYR F 566 -25.55 -6.07 54.70
C TYR F 566 -26.78 -6.85 55.15
N LYS F 567 -26.55 -7.85 55.99
CA LYS F 567 -27.63 -8.60 56.62
C LYS F 567 -28.52 -7.67 57.43
N GLY F 568 -29.82 -7.87 57.36
CA GLY F 568 -30.76 -7.04 58.10
C GLY F 568 -31.11 -5.73 57.39
N THR F 569 -30.53 -5.51 56.22
CA THR F 569 -30.88 -4.35 55.40
C THR F 569 -31.85 -4.77 54.29
N PRO F 570 -32.64 -3.82 53.76
CA PRO F 570 -33.74 -4.15 52.83
C PRO F 570 -33.31 -4.85 51.54
N VAL F 571 -34.03 -5.90 51.16
CA VAL F 571 -33.83 -6.54 49.87
C VAL F 571 -35.10 -6.46 49.03
N LEU F 572 -36.25 -6.33 49.70
CA LEU F 572 -37.50 -6.00 49.01
C LEU F 572 -38.23 -4.84 49.66
N THR F 573 -38.62 -3.85 48.86
CA THR F 573 -39.34 -2.70 49.39
C THR F 573 -40.62 -2.38 48.60
N ARG F 574 -41.57 -1.76 49.28
CA ARG F 574 -42.82 -1.37 48.65
C ARG F 574 -43.11 0.06 49.01
N ASN F 575 -43.27 0.89 47.99
CA ASN F 575 -43.47 2.31 48.19
C ASN F 575 -44.87 2.74 47.76
N LYS F 576 -45.60 3.33 48.69
CA LYS F 576 -46.89 3.90 48.34
C LYS F 576 -46.58 5.24 47.66
N PHE F 577 -47.04 5.37 46.43
CA PHE F 577 -46.81 6.57 45.64
C PHE F 577 -48.13 6.92 44.99
N GLY F 578 -48.74 8.02 45.41
CA GLY F 578 -50.09 8.33 45.02
C GLY F 578 -51.02 7.17 45.34
N ASN F 579 -51.80 6.74 44.35
CA ASN F 579 -52.72 5.64 44.55
C ASN F 579 -52.10 4.29 44.26
N GLY F 580 -50.85 4.31 43.79
CA GLY F 580 -50.18 3.11 43.32
C GLY F 580 -49.03 2.68 44.20
N GLN F 581 -48.22 1.75 43.69
CA GLN F 581 -47.19 1.09 44.48
C GLN F 581 -45.98 0.73 43.63
N SER F 582 -44.80 0.96 44.16
CA SER F 582 -43.59 0.58 43.45
C SER F 582 -42.81 -0.44 44.29
N TYR F 583 -42.25 -1.44 43.63
CA TYR F 583 -41.49 -2.48 44.32
C TYR F 583 -40.06 -2.51 43.82
N TYR F 584 -39.11 -2.45 44.74
CA TYR F 584 -37.70 -2.49 44.37
C TYR F 584 -37.08 -3.80 44.86
N VAL F 585 -36.56 -4.59 43.93
CA VAL F 585 -35.99 -5.89 44.23
C VAL F 585 -34.47 -5.80 44.13
N ALA F 586 -33.78 -5.79 45.27
CA ALA F 586 -32.39 -5.40 45.31
C ALA F 586 -31.42 -6.54 44.94
N SER F 587 -31.94 -7.62 44.41
CA SER F 587 -31.06 -8.73 44.11
C SER F 587 -31.74 -9.60 43.07
N SER F 588 -31.05 -10.62 42.60
CA SER F 588 -31.68 -11.55 41.66
C SER F 588 -32.13 -12.78 42.43
N PRO F 589 -33.44 -12.90 42.65
CA PRO F 589 -34.10 -13.90 43.49
C PRO F 589 -34.37 -15.20 42.76
N ASP F 590 -34.56 -16.28 43.51
CA ASP F 590 -34.84 -17.57 42.87
C ASP F 590 -36.27 -17.63 42.34
N ALA F 591 -36.54 -18.69 41.59
CA ALA F 591 -37.83 -18.88 40.95
C ALA F 591 -39.00 -18.88 41.94
N ASP F 592 -38.77 -19.45 43.12
CA ASP F 592 -39.83 -19.54 44.13
C ASP F 592 -40.27 -18.15 44.62
N PHE F 593 -39.31 -17.31 44.97
CA PHE F 593 -39.61 -15.95 45.40
C PHE F 593 -40.34 -15.18 44.30
N LEU F 594 -39.86 -15.29 43.07
CA LEU F 594 -40.47 -14.56 41.96
C LEU F 594 -41.90 -15.04 41.67
N GLN F 595 -42.15 -16.31 41.95
CA GLN F 595 -43.50 -16.90 41.87
C GLN F 595 -44.43 -16.26 42.91
N GLY F 596 -43.96 -16.17 44.14
CA GLY F 596 -44.71 -15.50 45.19
C GLY F 596 -44.91 -14.03 44.90
N LEU F 597 -43.86 -13.35 44.45
CA LEU F 597 -43.95 -11.93 44.12
C LEU F 597 -44.94 -11.64 42.99
N ILE F 598 -44.75 -12.31 41.86
CA ILE F 598 -45.65 -12.14 40.73
C ILE F 598 -47.11 -12.41 41.14
N ALA F 599 -47.32 -13.48 41.89
CA ALA F 599 -48.66 -13.82 42.35
C ALA F 599 -49.23 -12.71 43.22
N ASN F 600 -48.41 -12.20 44.13
CA ASN F 600 -48.81 -11.11 45.02
C ASN F 600 -49.16 -9.83 44.27
N LEU F 601 -48.31 -9.43 43.33
CA LEU F 601 -48.52 -8.18 42.62
C LEU F 601 -49.78 -8.24 41.75
N CYS F 602 -50.05 -9.41 41.18
CA CYS F 602 -51.24 -9.61 40.36
C CYS F 602 -52.49 -9.60 41.23
N GLU F 603 -52.42 -10.32 42.34
CA GLU F 603 -53.52 -10.38 43.27
C GLU F 603 -53.87 -8.95 43.70
N GLU F 604 -52.85 -8.17 44.01
CA GLU F 604 -53.02 -6.78 44.44
C GLU F 604 -53.78 -5.93 43.41
N GLN F 605 -53.52 -6.19 42.14
CA GLN F 605 -54.13 -5.41 41.07
C GLN F 605 -55.35 -6.11 40.49
N GLY F 606 -55.65 -7.28 41.03
CA GLY F 606 -56.82 -8.03 40.60
C GLY F 606 -56.69 -8.62 39.21
N VAL F 607 -55.47 -9.00 38.83
CA VAL F 607 -55.29 -9.73 37.58
C VAL F 607 -55.14 -11.21 37.91
N LYS F 608 -55.81 -12.04 37.14
CA LYS F 608 -55.87 -13.46 37.45
C LYS F 608 -55.32 -14.29 36.31
N PRO F 609 -54.84 -15.49 36.62
CA PRO F 609 -54.38 -16.43 35.59
C PRO F 609 -55.51 -16.69 34.58
N LEU F 610 -55.15 -16.74 33.30
CA LEU F 610 -56.13 -17.07 32.27
C LEU F 610 -56.80 -18.36 32.73
N LEU F 611 -55.98 -19.27 33.23
CA LEU F 611 -56.38 -20.63 33.54
C LEU F 611 -55.34 -21.20 34.49
N ASN F 612 -55.70 -22.23 35.25
CA ASN F 612 -54.72 -22.95 36.04
C ASN F 612 -54.43 -24.28 35.36
N THR F 613 -53.16 -24.56 35.11
CA THR F 613 -52.77 -25.78 34.40
C THR F 613 -51.54 -26.39 35.05
N PRO F 614 -51.24 -27.65 34.73
CA PRO F 614 -50.00 -28.26 35.25
C PRO F 614 -48.75 -27.67 34.62
N ASP F 615 -47.62 -27.80 35.31
CA ASP F 615 -46.37 -27.25 34.81
C ASP F 615 -46.12 -27.74 33.38
N GLY F 616 -45.71 -26.83 32.51
CA GLY F 616 -45.43 -27.16 31.13
C GLY F 616 -46.67 -27.05 30.23
N VAL F 617 -47.82 -26.79 30.81
CA VAL F 617 -49.02 -26.54 30.01
C VAL F 617 -49.20 -25.04 29.90
N GLU F 618 -48.86 -24.51 28.75
CA GLU F 618 -48.83 -23.07 28.54
C GLU F 618 -50.17 -22.56 28.05
N VAL F 619 -50.61 -21.45 28.63
CA VAL F 619 -51.86 -20.81 28.20
C VAL F 619 -51.66 -19.31 27.92
N ALA F 620 -52.08 -18.88 26.74
CA ALA F 620 -52.01 -17.47 26.33
C ALA F 620 -53.30 -17.09 25.61
N GLU F 621 -53.66 -15.81 25.68
CA GLU F 621 -54.95 -15.37 25.13
C GLU F 621 -54.85 -14.36 23.99
N ARG F 622 -55.53 -14.63 22.90
CA ARG F 622 -55.76 -13.63 21.86
C ARG F 622 -57.25 -13.29 21.77
N VAL F 623 -57.58 -12.01 21.78
CA VAL F 623 -58.96 -11.54 21.81
C VAL F 623 -59.35 -10.81 20.52
N LYS F 624 -60.42 -11.29 19.88
CA LYS F 624 -60.87 -10.71 18.63
C LYS F 624 -62.30 -10.21 18.82
N ASN F 625 -62.42 -8.89 18.85
CA ASN F 625 -63.65 -8.20 19.23
C ASN F 625 -64.06 -8.53 20.68
N GLY F 626 -65.03 -9.40 20.86
CA GLY F 626 -65.40 -9.82 22.20
C GLY F 626 -64.92 -11.21 22.53
N THR F 627 -64.68 -12.00 21.49
CA THR F 627 -64.36 -13.42 21.67
C THR F 627 -62.93 -13.66 22.14
N SER F 628 -62.81 -14.42 23.22
CA SER F 628 -61.52 -14.76 23.78
C SER F 628 -61.07 -16.13 23.30
N TYR F 629 -59.84 -16.23 22.80
CA TYR F 629 -59.26 -17.50 22.41
C TYR F 629 -58.10 -17.84 23.35
N LEU F 630 -58.28 -18.87 24.17
CA LEU F 630 -57.20 -19.38 25.00
C LEU F 630 -56.47 -20.45 24.21
N PHE F 631 -55.18 -20.24 23.96
CA PHE F 631 -54.34 -21.25 23.33
C PHE F 631 -53.73 -22.13 24.42
N VAL F 632 -54.07 -23.41 24.42
CA VAL F 632 -53.57 -24.29 25.45
C VAL F 632 -52.54 -25.20 24.82
N MET F 633 -51.29 -25.06 25.25
CA MET F 633 -50.22 -25.79 24.61
C MET F 633 -49.48 -26.62 25.63
N ASN F 634 -49.49 -27.94 25.41
CA ASN F 634 -48.93 -28.89 26.35
C ASN F 634 -47.53 -29.23 25.90
N HIS F 635 -46.54 -28.68 26.61
CA HIS F 635 -45.14 -28.91 26.26
C HIS F 635 -44.63 -30.25 26.77
N ASN F 636 -45.40 -30.87 27.67
CA ASN F 636 -45.04 -32.16 28.26
C ASN F 636 -45.16 -33.33 27.28
N ALA F 637 -44.38 -34.38 27.53
CA ALA F 637 -44.39 -35.55 26.68
C ALA F 637 -45.46 -36.56 27.07
N GLU F 638 -46.35 -36.17 28.00
CA GLU F 638 -47.50 -36.99 28.36
C GLU F 638 -48.78 -36.17 28.35
N GLU F 639 -49.91 -36.84 28.15
CA GLU F 639 -51.19 -36.16 28.22
C GLU F 639 -51.36 -35.58 29.61
N MET F 640 -51.97 -34.41 29.69
CA MET F 640 -52.13 -33.71 30.95
C MET F 640 -53.62 -33.38 31.11
N THR F 641 -54.06 -33.07 32.31
CA THR F 641 -55.45 -32.68 32.52
C THR F 641 -55.58 -31.37 33.28
N PHE F 642 -56.59 -30.59 32.96
CA PHE F 642 -56.76 -29.28 33.57
C PHE F 642 -58.23 -28.87 33.55
N ASP F 643 -58.59 -27.97 34.46
CA ASP F 643 -59.94 -27.44 34.52
C ASP F 643 -60.08 -26.30 33.52
N ALA F 644 -60.79 -26.55 32.42
CA ALA F 644 -60.98 -25.54 31.39
C ALA F 644 -61.98 -24.45 31.76
N GLY F 645 -62.65 -24.62 32.90
CA GLY F 645 -63.68 -23.68 33.33
C GLY F 645 -65.08 -24.18 33.07
N ALA F 646 -66.08 -23.44 33.54
CA ALA F 646 -67.47 -23.88 33.42
C ALA F 646 -68.13 -23.42 32.12
N SER F 647 -67.63 -22.30 31.58
CA SER F 647 -68.25 -21.67 30.42
C SER F 647 -68.43 -22.58 29.20
N ARG F 648 -69.30 -22.15 28.29
CA ARG F 648 -69.47 -22.82 27.01
C ARG F 648 -68.30 -22.44 26.12
N GLN F 649 -67.47 -23.42 25.78
CA GLN F 649 -66.36 -23.17 24.89
C GLN F 649 -66.05 -24.39 24.03
N ARG F 650 -65.78 -24.18 22.75
CA ARG F 650 -65.37 -25.28 21.90
C ARG F 650 -63.90 -25.18 21.52
N ASP F 651 -63.29 -26.34 21.29
CA ASP F 651 -61.92 -26.41 20.81
C ASP F 651 -61.96 -26.25 19.29
N LEU F 652 -61.40 -25.17 18.79
CA LEU F 652 -61.44 -24.88 17.36
C LEU F 652 -60.84 -26.01 16.53
N LEU F 653 -59.86 -26.70 17.10
CA LEU F 653 -59.11 -27.71 16.37
C LEU F 653 -59.81 -29.07 16.29
N THR F 654 -60.64 -29.39 17.27
CA THR F 654 -61.42 -30.62 17.21
C THR F 654 -62.91 -30.37 16.94
N GLY F 655 -63.38 -29.17 17.29
CA GLY F 655 -64.78 -28.83 17.12
C GLY F 655 -65.61 -29.23 18.33
N LYS F 656 -64.97 -29.91 19.26
CA LYS F 656 -65.64 -30.43 20.44
C LYS F 656 -66.01 -29.32 21.43
N THR F 657 -67.05 -29.55 22.21
CA THR F 657 -67.39 -28.63 23.28
C THR F 657 -66.63 -29.01 24.55
N ILE F 658 -65.94 -28.04 25.14
CA ILE F 658 -65.12 -28.29 26.31
C ILE F 658 -65.69 -27.59 27.55
N SER F 659 -65.68 -28.31 28.67
CA SER F 659 -66.23 -27.81 29.92
C SER F 659 -65.60 -28.58 31.07
N GLY F 660 -65.39 -27.92 32.19
CA GLY F 660 -64.75 -28.52 33.34
C GLY F 660 -63.46 -29.24 32.96
N GLN F 661 -63.20 -30.37 33.62
CA GLN F 661 -61.99 -31.13 33.36
C GLN F 661 -61.83 -31.50 31.89
N ALA F 662 -60.61 -31.37 31.38
CA ALA F 662 -60.32 -31.69 29.99
C ALA F 662 -58.90 -32.23 29.87
N THR F 663 -58.70 -33.22 29.00
CA THR F 663 -57.36 -33.72 28.75
C THR F 663 -56.78 -33.17 27.45
N ILE F 664 -55.47 -32.93 27.47
CA ILE F 664 -54.75 -32.51 26.28
C ILE F 664 -53.58 -33.46 26.08
N PRO F 665 -53.45 -34.01 24.86
CA PRO F 665 -52.42 -35.01 24.52
C PRO F 665 -51.01 -34.47 24.73
N ALA F 666 -50.02 -35.35 24.75
CA ALA F 666 -48.63 -34.90 24.76
C ALA F 666 -48.41 -34.01 23.53
N ARG F 667 -47.63 -32.94 23.69
CA ARG F 667 -47.35 -32.03 22.59
C ARG F 667 -48.64 -31.48 21.99
N GLY F 668 -49.73 -31.50 22.76
CA GLY F 668 -51.02 -31.12 22.24
C GLY F 668 -51.29 -29.62 22.21
N VAL F 669 -52.25 -29.23 21.39
CA VAL F 669 -52.67 -27.84 21.31
C VAL F 669 -54.18 -27.81 21.25
N MET F 670 -54.79 -26.97 22.09
CA MET F 670 -56.22 -26.68 21.98
C MET F 670 -56.41 -25.18 21.83
N ILE F 671 -57.40 -24.76 21.06
CA ILE F 671 -57.74 -23.34 20.98
C ILE F 671 -59.17 -23.14 21.44
N LEU F 672 -59.31 -22.68 22.68
CA LEU F 672 -60.61 -22.56 23.33
C LEU F 672 -61.31 -21.26 22.93
N GLU F 673 -62.38 -21.38 22.14
CA GLU F 673 -63.16 -20.21 21.75
C GLU F 673 -64.28 -19.93 22.74
N ARG F 674 -64.24 -18.77 23.37
CA ARG F 674 -65.24 -18.39 24.37
C ARG F 674 -65.63 -16.90 24.30
N ALA F 675 -66.67 -16.52 25.02
CA ALA F 675 -67.03 -15.10 25.11
C ALA F 675 -66.46 -14.48 26.39
#